data_7TBV
#
_entry.id   7TBV
#
_cell.length_a   77.682
_cell.length_b   89.239
_cell.length_c   270.708
_cell.angle_alpha   90.000
_cell.angle_beta   90.283
_cell.angle_gamma   90.000
#
_symmetry.space_group_name_H-M   'P 1 21 1'
#
loop_
_entity.id
_entity.type
_entity.pdbx_description
1 polymer 'Pentafunctional AROM polypeptide'
2 non-polymer 'MAGNESIUM ION'
3 non-polymer 'CHLORIDE ION'
4 non-polymer GLYCEROL
5 water water
#
_entity_poly.entity_id   1
_entity_poly.type   'polypeptide(L)'
_entity_poly.pdbx_seq_one_letter_code
;SSDKSIIVIGMRGTGKSTLSEWLASFLGFKMLDMDKYLEEKLGTGIKSLIKAKGWEYFRQEEAIVAKECFTKFSKGYVLS
TGGGIVEGEDARQQLKSYADNGGIVLHLHRDLDETVTFLAADTTRPAYSSEVQEVWLRREKWYHECSNYHFYSSHCSTED
EFNHLRRSFVNYIKLITGAERPVVPVGRSAAVVLTSPDLNEVVRDLESITIGADAVELRVDLFKDTSAEFVAAQIAVIRK
HADLPIIYTVRTMSQGGKFPDENVDELKSLLLLGIRLGVAYVDLQLTAPNELIEEISSKKGFTRVIGTYQDINGELKWNN
VEWKNKYNQGVSMNADIVRLVGKANSIQDNLDLENFKKQNTLKPLIAFNLGSQGKLSQVLNGTFTPISHKLLPNDEGFLT
IGELNQTYFDIGGFTAKKFWVIGSPIEHSRSPNLHNAGYKALNLPYQFGRFEATDVDVVYDNLINKPDFGGLAITMPLKL
DIMKFATKLSDAAETIGAVNTLIPIEGGYFGDNTDWVGISNSFIRAGVPPKLSSNGLVVGTGGTSRAAIYALHQMGCAKI
YLVNRTAAKLEELVKSFPKDYNLEIVETEQQADKASKVLLVVSCIPADKPLDGEVLKKIERILSNGSEQSAGFKPTLLEA
SYKPRVTPIMKLAEEQYKWKVIPGVEMLVNQGDRQFKLHTGFIAPYEIIHRALLEE
;
_entity_poly.pdbx_strand_id   A,B,C,D
#
# COMPACT_ATOMS: atom_id res chain seq x y z
N SER A 1 58.67 -54.00 23.87
CA SER A 1 59.48 -54.66 22.85
C SER A 1 60.20 -55.87 23.44
N SER A 2 60.07 -57.02 22.77
CA SER A 2 60.71 -58.25 23.22
C SER A 2 62.19 -58.24 22.89
N ASP A 3 63.00 -58.75 23.82
CA ASP A 3 64.42 -58.91 23.61
C ASP A 3 64.78 -60.29 23.07
N LYS A 4 63.83 -61.22 23.06
CA LYS A 4 64.12 -62.60 22.69
C LYS A 4 64.47 -62.69 21.21
N SER A 5 65.40 -63.58 20.89
CA SER A 5 65.83 -63.78 19.52
C SER A 5 64.68 -64.39 18.70
N ILE A 6 64.69 -64.09 17.40
CA ILE A 6 63.71 -64.65 16.47
C ILE A 6 64.41 -65.67 15.58
N ILE A 7 63.84 -66.87 15.52
CA ILE A 7 64.32 -67.92 14.63
C ILE A 7 63.46 -67.89 13.38
N VAL A 8 64.11 -67.72 12.22
CA VAL A 8 63.42 -67.77 10.93
C VAL A 8 63.65 -69.14 10.31
N ILE A 9 62.56 -69.78 9.87
CA ILE A 9 62.64 -71.01 9.11
C ILE A 9 61.87 -70.83 7.81
N GLY A 10 62.08 -71.77 6.89
CA GLY A 10 61.38 -71.74 5.61
C GLY A 10 62.26 -72.05 4.42
N MET A 11 61.63 -72.27 3.27
CA MET A 11 62.36 -72.63 2.07
C MET A 11 63.29 -71.51 1.63
N ARG A 12 64.47 -71.89 1.16
CA ARG A 12 65.50 -70.94 0.79
C ARG A 12 65.12 -70.22 -0.51
N GLY A 13 64.88 -68.91 -0.43
CA GLY A 13 64.92 -68.08 -1.60
C GLY A 13 66.30 -67.48 -1.78
N THR A 14 66.54 -66.92 -2.95
CA THR A 14 67.83 -66.25 -3.15
C THR A 14 67.92 -64.91 -2.44
N GLY A 15 66.94 -64.60 -1.59
CA GLY A 15 66.93 -63.34 -0.88
C GLY A 15 66.34 -63.44 0.51
N LYS A 16 66.10 -64.66 1.01
CA LYS A 16 65.64 -64.79 2.38
C LYS A 16 66.74 -64.52 3.39
N SER A 17 68.01 -64.52 2.95
CA SER A 17 69.07 -63.93 3.75
C SER A 17 68.88 -62.42 3.87
N THR A 18 68.45 -61.77 2.77
CA THR A 18 68.18 -60.34 2.81
C THR A 18 67.05 -60.02 3.78
N LEU A 19 66.00 -60.84 3.79
CA LEU A 19 64.85 -60.56 4.65
C LEU A 19 65.23 -60.67 6.12
N SER A 20 66.04 -61.67 6.48
CA SER A 20 66.48 -61.78 7.86
C SER A 20 67.37 -60.60 8.24
N GLU A 21 68.22 -60.14 7.31
CA GLU A 21 69.04 -58.97 7.55
C GLU A 21 68.17 -57.74 7.76
N TRP A 22 67.19 -57.55 6.88
CA TRP A 22 66.25 -56.44 7.00
C TRP A 22 65.58 -56.45 8.37
N LEU A 23 65.05 -57.61 8.77
CA LEU A 23 64.42 -57.74 10.08
C LEU A 23 65.38 -57.41 11.21
N ALA A 24 66.64 -57.88 11.10
CA ALA A 24 67.64 -57.55 12.11
C ALA A 24 67.89 -56.05 12.17
N SER A 25 67.97 -55.40 11.01
CA SER A 25 68.17 -53.95 10.99
C SER A 25 67.03 -53.24 11.69
N PHE A 26 65.80 -53.72 11.48
CA PHE A 26 64.64 -53.08 12.08
C PHE A 26 64.63 -53.24 13.60
N LEU A 27 65.00 -54.41 14.09
CA LEU A 27 64.94 -54.72 15.52
C LEU A 27 66.20 -54.33 16.28
N GLY A 28 67.23 -53.85 15.60
CA GLY A 28 68.52 -53.66 16.26
C GLY A 28 69.15 -54.97 16.68
N PHE A 29 68.82 -56.06 16.00
CA PHE A 29 69.36 -57.38 16.31
C PHE A 29 70.56 -57.67 15.42
N LYS A 30 71.34 -58.66 15.82
CA LYS A 30 72.40 -59.20 14.98
C LYS A 30 71.83 -60.31 14.10
N MET A 31 72.31 -60.38 12.87
CA MET A 31 71.91 -61.41 11.93
C MET A 31 72.92 -62.55 11.96
N LEU A 32 72.42 -63.78 12.15
CA LEU A 32 73.28 -64.96 12.20
C LEU A 32 72.83 -65.94 11.13
N ASP A 33 73.61 -66.03 10.05
CA ASP A 33 73.39 -67.05 9.01
C ASP A 33 73.90 -68.38 9.55
N MET A 34 72.97 -69.26 9.92
CA MET A 34 73.35 -70.50 10.56
C MET A 34 74.04 -71.47 9.62
N ASP A 35 73.81 -71.34 8.31
CA ASP A 35 74.56 -72.13 7.34
C ASP A 35 76.04 -71.75 7.34
N LYS A 36 76.33 -70.45 7.22
CA LYS A 36 77.71 -70.00 7.28
C LYS A 36 78.34 -70.29 8.63
N TYR A 37 77.53 -70.28 9.70
CA TYR A 37 78.06 -70.62 11.01
C TYR A 37 78.58 -72.06 11.02
N LEU A 38 77.82 -72.97 10.42
CA LEU A 38 78.28 -74.35 10.33
C LEU A 38 79.48 -74.47 9.41
N GLU A 39 79.45 -73.79 8.25
CA GLU A 39 80.56 -73.89 7.30
C GLU A 39 81.86 -73.38 7.90
N GLU A 40 81.80 -72.31 8.69
CA GLU A 40 83.02 -71.78 9.29
C GLU A 40 83.50 -72.67 10.44
N LYS A 41 82.59 -73.28 11.18
CA LYS A 41 83.00 -74.16 12.27
C LYS A 41 83.68 -75.42 11.74
N LEU A 42 83.12 -76.03 10.69
CA LEU A 42 83.64 -77.27 10.15
C LEU A 42 84.72 -77.07 9.10
N GLY A 43 84.94 -75.85 8.63
CA GLY A 43 85.98 -75.58 7.65
C GLY A 43 85.67 -76.01 6.24
N THR A 44 84.41 -76.24 5.89
CA THR A 44 84.08 -76.68 4.54
C THR A 44 82.69 -76.17 4.16
N GLY A 45 82.47 -76.06 2.86
CA GLY A 45 81.15 -75.73 2.37
C GLY A 45 80.14 -76.84 2.64
N ILE A 46 78.87 -76.44 2.77
CA ILE A 46 77.83 -77.41 3.10
C ILE A 46 77.68 -78.44 2.00
N LYS A 47 77.73 -78.01 0.74
CA LYS A 47 77.58 -78.95 -0.39
C LYS A 47 78.69 -79.99 -0.39
N SER A 48 79.94 -79.55 -0.22
CA SER A 48 81.06 -80.50 -0.16
C SER A 48 80.95 -81.41 1.05
N LEU A 49 80.44 -80.88 2.17
CA LEU A 49 80.33 -81.69 3.38
C LEU A 49 79.32 -82.82 3.21
N ILE A 50 78.19 -82.54 2.54
CA ILE A 50 77.15 -83.54 2.37
C ILE A 50 77.64 -84.68 1.48
N LYS A 51 78.26 -84.33 0.35
CA LYS A 51 78.73 -85.34 -0.58
C LYS A 51 79.90 -86.15 -0.04
N ALA A 52 80.58 -85.65 0.99
CA ALA A 52 81.72 -86.35 1.56
C ALA A 52 81.40 -87.09 2.85
N LYS A 53 80.44 -86.63 3.64
CA LYS A 53 80.15 -87.25 4.92
C LYS A 53 78.72 -87.76 5.05
N GLY A 54 77.82 -87.39 4.15
CA GLY A 54 76.49 -87.97 4.12
C GLY A 54 75.44 -87.07 4.75
N TRP A 55 74.18 -87.35 4.39
CA TRP A 55 73.06 -86.56 4.88
C TRP A 55 72.88 -86.69 6.38
N GLU A 56 73.01 -87.90 6.91
CA GLU A 56 72.80 -88.11 8.34
C GLU A 56 73.82 -87.34 9.17
N TYR A 57 75.08 -87.35 8.75
CA TYR A 57 76.10 -86.58 9.48
C TYR A 57 75.81 -85.09 9.41
N PHE A 58 75.42 -84.59 8.24
CA PHE A 58 75.16 -83.16 8.09
C PHE A 58 74.03 -82.71 9.00
N ARG A 59 72.95 -83.49 9.07
CA ARG A 59 71.84 -83.15 9.96
C ARG A 59 72.24 -83.22 11.42
N GLN A 60 73.14 -84.15 11.77
CA GLN A 60 73.66 -84.20 13.14
C GLN A 60 74.40 -82.91 13.48
N GLU A 61 75.29 -82.47 12.59
CA GLU A 61 76.04 -81.25 12.86
C GLU A 61 75.15 -80.01 12.78
N GLU A 62 74.16 -80.03 11.88
CA GLU A 62 73.18 -78.95 11.86
C GLU A 62 72.45 -78.86 13.20
N ALA A 63 72.03 -80.01 13.73
CA ALA A 63 71.33 -80.02 15.02
C ALA A 63 72.23 -79.53 16.14
N ILE A 64 73.53 -79.83 16.08
CA ILE A 64 74.46 -79.39 17.11
C ILE A 64 74.63 -77.89 17.06
N VAL A 65 74.72 -77.32 15.86
CA VAL A 65 74.80 -75.86 15.72
C VAL A 65 73.52 -75.22 16.24
N ALA A 66 72.36 -75.81 15.95
CA ALA A 66 71.10 -75.27 16.44
C ALA A 66 71.06 -75.25 17.96
N LYS A 67 71.50 -76.34 18.60
CA LYS A 67 71.48 -76.41 20.05
C LYS A 67 72.32 -75.30 20.68
N GLU A 68 73.50 -75.04 20.11
CA GLU A 68 74.35 -73.97 20.63
C GLU A 68 73.71 -72.60 20.41
N CYS A 69 73.21 -72.36 19.19
CA CYS A 69 72.70 -71.03 18.85
C CYS A 69 71.42 -70.71 19.61
N PHE A 70 70.56 -71.70 19.82
CA PHE A 70 69.26 -71.41 20.42
C PHE A 70 69.36 -71.07 21.90
N THR A 71 70.49 -71.39 22.54
CA THR A 71 70.71 -71.00 23.93
C THR A 71 71.78 -69.94 24.10
N LYS A 72 72.87 -70.00 23.31
CA LYS A 72 73.91 -68.99 23.42
C LYS A 72 73.48 -67.66 22.80
N PHE A 73 72.64 -67.68 21.77
CA PHE A 73 72.24 -66.48 21.06
C PHE A 73 70.74 -66.23 21.18
N SER A 74 70.15 -66.58 22.32
CA SER A 74 68.71 -66.49 22.50
C SER A 74 68.22 -65.06 22.77
N LYS A 75 69.12 -64.08 22.77
CA LYS A 75 68.74 -62.69 22.98
C LYS A 75 69.38 -61.82 21.89
N GLY A 76 68.55 -61.03 21.22
CA GLY A 76 69.07 -60.01 20.31
C GLY A 76 69.58 -60.50 18.97
N TYR A 77 69.07 -61.63 18.48
CA TYR A 77 69.56 -62.19 17.23
C TYR A 77 68.39 -62.56 16.34
N VAL A 78 68.61 -62.44 15.03
CA VAL A 78 67.76 -63.08 14.04
C VAL A 78 68.51 -64.34 13.59
N LEU A 79 68.03 -65.50 14.02
CA LEU A 79 68.70 -66.76 13.72
C LEU A 79 68.11 -67.30 12.42
N SER A 80 68.87 -67.13 11.34
CA SER A 80 68.44 -67.56 10.00
C SER A 80 68.87 -69.02 9.80
N THR A 81 67.92 -69.95 9.94
CA THR A 81 68.24 -71.36 9.78
C THR A 81 68.44 -71.72 8.30
N GLY A 82 69.20 -72.79 8.08
CA GLY A 82 69.23 -73.39 6.76
C GLY A 82 67.87 -73.94 6.38
N GLY A 83 67.56 -73.89 5.09
CA GLY A 83 66.23 -74.25 4.65
C GLY A 83 65.84 -75.66 5.02
N GLY A 84 66.79 -76.59 4.95
CA GLY A 84 66.56 -77.98 5.24
C GLY A 84 66.65 -78.38 6.70
N ILE A 85 66.71 -77.43 7.62
CA ILE A 85 66.87 -77.78 9.04
C ILE A 85 65.74 -78.68 9.51
N VAL A 86 64.53 -78.53 8.94
CA VAL A 86 63.39 -79.31 9.38
C VAL A 86 63.43 -80.75 8.89
N GLU A 87 64.46 -81.13 8.13
CA GLU A 87 64.57 -82.50 7.65
C GLU A 87 64.99 -83.48 8.74
N GLY A 88 65.55 -82.99 9.85
CA GLY A 88 65.95 -83.83 10.97
C GLY A 88 65.04 -83.63 12.16
N GLU A 89 64.56 -84.76 12.71
CA GLU A 89 63.62 -84.68 13.83
C GLU A 89 64.28 -84.09 15.08
N ASP A 90 65.59 -84.24 15.23
CA ASP A 90 66.30 -83.58 16.32
C ASP A 90 66.08 -82.06 16.26
N ALA A 91 66.41 -81.46 15.11
CA ALA A 91 66.22 -80.03 14.97
C ALA A 91 64.76 -79.63 15.09
N ARG A 92 63.85 -80.48 14.60
CA ARG A 92 62.43 -80.15 14.66
C ARG A 92 61.95 -80.00 16.09
N GLN A 93 62.39 -80.90 16.98
CA GLN A 93 61.97 -80.80 18.37
C GLN A 93 62.58 -79.58 19.05
N GLN A 94 63.79 -79.18 18.63
CA GLN A 94 64.39 -77.97 19.18
C GLN A 94 63.59 -76.74 18.79
N LEU A 95 63.10 -76.69 17.55
CA LEU A 95 62.27 -75.58 17.12
C LEU A 95 60.96 -75.56 17.90
N LYS A 96 60.32 -76.71 18.05
CA LYS A 96 59.09 -76.78 18.82
C LYS A 96 59.33 -76.37 20.26
N SER A 97 60.46 -76.79 20.84
CA SER A 97 60.76 -76.45 22.23
C SER A 97 61.00 -74.96 22.40
N TYR A 98 61.62 -74.33 21.40
CA TYR A 98 61.85 -72.90 21.47
C TYR A 98 60.54 -72.12 21.50
N ALA A 99 59.57 -72.53 20.67
CA ALA A 99 58.28 -71.86 20.68
C ALA A 99 57.50 -72.20 21.94
N ASP A 100 57.61 -73.44 22.43
CA ASP A 100 56.90 -73.80 23.66
C ASP A 100 57.39 -72.99 24.85
N ASN A 101 58.64 -72.53 24.82
CA ASN A 101 59.22 -71.75 25.91
C ASN A 101 59.05 -70.25 25.72
N GLY A 102 58.15 -69.82 24.84
CA GLY A 102 57.85 -68.41 24.70
C GLY A 102 58.66 -67.69 23.66
N GLY A 103 59.33 -68.40 22.76
CA GLY A 103 60.06 -67.78 21.68
C GLY A 103 59.28 -67.78 20.39
N ILE A 104 59.77 -66.99 19.44
CA ILE A 104 59.17 -66.87 18.11
C ILE A 104 59.96 -67.74 17.15
N VAL A 105 59.30 -68.73 16.56
CA VAL A 105 59.81 -69.41 15.38
C VAL A 105 58.93 -68.99 14.21
N LEU A 106 59.51 -68.22 13.29
CA LEU A 106 58.75 -67.57 12.23
C LEU A 106 58.99 -68.30 10.91
N HIS A 107 57.90 -68.83 10.34
CA HIS A 107 57.96 -69.45 9.02
C HIS A 107 57.76 -68.36 7.97
N LEU A 108 58.83 -68.01 7.28
CA LEU A 108 58.76 -67.07 6.16
C LEU A 108 58.48 -67.86 4.88
N HIS A 109 57.27 -67.73 4.36
CA HIS A 109 56.87 -68.44 3.15
C HIS A 109 57.16 -67.56 1.94
N ARG A 110 57.74 -68.17 0.91
CA ARG A 110 58.15 -67.46 -0.30
C ARG A 110 57.46 -68.09 -1.50
N ASP A 111 57.30 -67.29 -2.56
CA ASP A 111 56.64 -67.77 -3.77
C ASP A 111 57.57 -68.58 -4.66
N LEU A 112 58.89 -68.29 -4.62
CA LEU A 112 59.90 -69.00 -5.40
C LEU A 112 59.58 -68.94 -6.90
N ASP A 113 59.23 -67.75 -7.38
CA ASP A 113 58.80 -67.52 -8.76
C ASP A 113 57.75 -68.54 -9.19
N GLU A 114 56.57 -68.39 -8.57
CA GLU A 114 55.43 -69.26 -8.81
C GLU A 114 54.97 -69.20 -10.27
N SER A 129 62.93 -78.37 -13.57
CA SER A 129 63.25 -78.06 -12.19
C SER A 129 62.00 -78.04 -11.31
N SER A 130 61.24 -79.13 -11.34
CA SER A 130 60.13 -79.34 -10.43
C SER A 130 60.58 -79.85 -9.07
N GLU A 131 61.89 -79.91 -8.85
CA GLU A 131 62.42 -80.38 -7.57
C GLU A 131 62.07 -79.43 -6.43
N VAL A 132 61.87 -78.14 -6.73
CA VAL A 132 61.58 -77.17 -5.69
C VAL A 132 60.17 -77.37 -5.12
N GLN A 133 59.17 -77.46 -6.00
CA GLN A 133 57.79 -77.66 -5.58
C GLN A 133 57.69 -78.86 -4.66
N GLU A 134 58.61 -79.76 -4.80
CA GLU A 134 58.49 -81.08 -4.26
C GLU A 134 59.31 -81.32 -3.03
N VAL A 135 60.40 -80.58 -2.87
CA VAL A 135 60.95 -80.34 -1.54
C VAL A 135 59.93 -79.61 -0.68
N TRP A 136 59.20 -78.67 -1.29
CA TRP A 136 58.16 -77.95 -0.57
C TRP A 136 57.06 -78.90 -0.09
N LEU A 137 56.62 -79.81 -0.96
CA LEU A 137 55.58 -80.76 -0.56
C LEU A 137 56.03 -81.63 0.60
N ARG A 138 57.28 -82.08 0.57
CA ARG A 138 57.80 -82.92 1.65
C ARG A 138 57.94 -82.12 2.95
N ARG A 139 58.31 -80.84 2.86
CA ARG A 139 58.67 -80.07 4.04
C ARG A 139 57.54 -79.21 4.59
N GLU A 140 56.48 -78.95 3.81
CA GLU A 140 55.52 -77.92 4.20
C GLU A 140 54.89 -78.23 5.55
N LYS A 141 54.56 -79.50 5.80
CA LYS A 141 53.99 -79.84 7.11
C LYS A 141 55.00 -79.60 8.22
N TRP A 142 56.28 -79.91 7.98
CA TRP A 142 57.29 -79.69 9.00
C TRP A 142 57.41 -78.21 9.35
N TYR A 143 57.45 -77.35 8.32
CA TYR A 143 57.52 -75.91 8.55
C TYR A 143 56.36 -75.45 9.44
N HIS A 144 55.16 -75.95 9.19
CA HIS A 144 54.02 -75.55 9.99
C HIS A 144 54.16 -76.00 11.44
N GLU A 145 54.46 -77.28 11.66
CA GLU A 145 54.50 -77.82 13.01
C GLU A 145 55.64 -77.23 13.84
N CYS A 146 56.71 -76.77 13.20
CA CYS A 146 57.87 -76.27 13.91
C CYS A 146 57.83 -74.77 14.17
N SER A 147 56.80 -74.07 13.70
CA SER A 147 56.70 -72.63 13.84
C SER A 147 55.40 -72.27 14.54
N ASN A 148 55.42 -71.15 15.26
CA ASN A 148 54.21 -70.61 15.84
C ASN A 148 53.72 -69.35 15.14
N TYR A 149 54.47 -68.86 14.15
CA TYR A 149 54.10 -67.71 13.36
C TYR A 149 54.48 -67.89 11.88
N HIS A 150 53.65 -67.39 11.00
CA HIS A 150 53.78 -67.50 9.57
C HIS A 150 53.55 -66.15 8.88
N PHE A 151 54.33 -65.86 7.85
CA PHE A 151 54.20 -64.65 7.05
C PHE A 151 54.61 -64.94 5.61
N TYR A 152 53.80 -64.46 4.66
CA TYR A 152 54.06 -64.63 3.23
C TYR A 152 54.95 -63.49 2.74
N SER A 153 56.18 -63.82 2.32
CA SER A 153 57.01 -62.86 1.60
C SER A 153 56.65 -62.96 0.12
N SER A 154 55.51 -62.37 -0.22
CA SER A 154 54.95 -62.51 -1.55
C SER A 154 55.83 -61.84 -2.60
N HIS A 155 55.50 -62.10 -3.87
CA HIS A 155 56.17 -61.48 -5.00
C HIS A 155 55.41 -60.22 -5.40
N CYS A 156 56.11 -59.10 -5.46
CA CYS A 156 55.52 -57.83 -5.84
C CYS A 156 56.07 -57.37 -7.18
N SER A 157 55.22 -56.69 -7.95
CA SER A 157 55.58 -56.21 -9.27
C SER A 157 55.65 -54.69 -9.37
N THR A 158 55.20 -53.97 -8.34
CA THR A 158 55.27 -52.52 -8.30
C THR A 158 55.93 -52.07 -7.01
N GLU A 159 56.45 -50.84 -7.02
CA GLU A 159 57.03 -50.29 -5.80
C GLU A 159 55.97 -50.09 -4.72
N ASP A 160 54.73 -49.79 -5.12
CA ASP A 160 53.67 -49.60 -4.14
C ASP A 160 53.27 -50.92 -3.50
N GLU A 161 53.35 -52.02 -4.25
CA GLU A 161 53.10 -53.32 -3.63
C GLU A 161 54.19 -53.66 -2.64
N PHE A 162 55.46 -53.40 -2.99
CA PHE A 162 56.55 -53.64 -2.07
C PHE A 162 56.36 -52.83 -0.78
N ASN A 163 55.97 -51.57 -0.92
CA ASN A 163 55.78 -50.73 0.27
C ASN A 163 54.69 -51.29 1.17
N HIS A 164 53.58 -51.76 0.57
CA HIS A 164 52.50 -52.32 1.36
C HIS A 164 52.94 -53.58 2.10
N LEU A 165 53.68 -54.46 1.42
CA LEU A 165 54.12 -55.69 2.05
C LEU A 165 55.08 -55.43 3.20
N ARG A 166 56.04 -54.52 3.00
CA ARG A 166 57.00 -54.23 4.06
C ARG A 166 56.33 -53.55 5.24
N ARG A 167 55.42 -52.61 4.98
CA ARG A 167 54.68 -51.98 6.07
C ARG A 167 53.80 -52.99 6.79
N SER A 168 53.15 -53.88 6.03
CA SER A 168 52.40 -54.97 6.67
C SER A 168 53.34 -55.85 7.50
N PHE A 169 54.56 -56.06 7.01
CA PHE A 169 55.52 -56.89 7.74
C PHE A 169 55.95 -56.22 9.05
N VAL A 170 56.17 -54.90 8.99
CA VAL A 170 56.57 -54.17 10.19
C VAL A 170 55.49 -54.27 11.26
N ASN A 171 54.24 -53.96 10.89
CA ASN A 171 53.15 -54.04 11.87
C ASN A 171 53.01 -55.45 12.41
N TYR A 172 53.21 -56.44 11.56
CA TYR A 172 53.19 -57.85 11.97
C TYR A 172 54.25 -58.12 13.02
N ILE A 173 55.49 -57.72 12.75
CA ILE A 173 56.58 -57.96 13.69
C ILE A 173 56.35 -57.23 15.00
N LYS A 174 55.91 -55.98 14.93
CA LYS A 174 55.62 -55.23 16.15
C LYS A 174 54.51 -55.91 16.96
N LEU A 175 53.55 -56.54 16.29
CA LEU A 175 52.48 -57.24 17.00
C LEU A 175 53.00 -58.50 17.66
N ILE A 176 53.60 -59.41 16.88
CA ILE A 176 53.88 -60.74 17.42
C ILE A 176 55.00 -60.71 18.45
N THR A 177 55.89 -59.73 18.38
CA THR A 177 56.93 -59.57 19.40
C THR A 177 56.44 -58.85 20.64
N GLY A 178 55.20 -58.37 20.66
CA GLY A 178 54.73 -57.62 21.80
C GLY A 178 55.28 -56.21 21.90
N ALA A 179 55.89 -55.70 20.83
CA ALA A 179 56.45 -54.36 20.89
C ALA A 179 55.34 -53.31 20.94
N GLU A 180 54.25 -53.55 20.22
CA GLU A 180 53.19 -52.55 20.09
C GLU A 180 51.93 -53.18 19.54
N ARG A 181 50.87 -53.17 20.32
CA ARG A 181 49.59 -53.66 19.87
C ARG A 181 48.97 -52.66 18.88
N PRO A 182 48.05 -53.11 18.03
CA PRO A 182 47.27 -52.15 17.23
C PRO A 182 46.51 -51.20 18.15
N VAL A 183 46.70 -49.90 17.90
CA VAL A 183 46.04 -48.87 18.69
C VAL A 183 44.58 -48.77 18.26
N VAL A 184 43.67 -48.94 19.22
CA VAL A 184 42.24 -48.83 18.91
C VAL A 184 41.90 -47.38 18.60
N PRO A 185 41.29 -47.10 17.45
CA PRO A 185 41.01 -45.71 17.08
C PRO A 185 40.16 -45.01 18.13
N VAL A 186 40.55 -43.79 18.48
CA VAL A 186 39.83 -43.00 19.46
C VAL A 186 38.82 -42.08 18.79
N GLY A 187 39.15 -41.51 17.64
CA GLY A 187 38.21 -40.70 16.90
C GLY A 187 37.22 -41.56 16.14
N ARG A 188 36.57 -40.95 15.15
CA ARG A 188 35.76 -41.72 14.23
C ARG A 188 36.66 -42.56 13.33
N SER A 189 36.21 -43.77 13.02
CA SER A 189 36.99 -44.66 12.17
C SER A 189 36.05 -45.55 11.38
N ALA A 190 36.58 -46.16 10.32
CA ALA A 190 35.78 -46.99 9.45
C ALA A 190 36.57 -48.21 9.02
N ALA A 191 35.87 -49.28 8.70
CA ALA A 191 36.46 -50.54 8.27
C ALA A 191 35.74 -51.01 7.02
N VAL A 192 36.45 -51.08 5.90
CA VAL A 192 35.84 -51.58 4.68
C VAL A 192 35.70 -53.09 4.78
N VAL A 193 34.50 -53.59 4.49
CA VAL A 193 34.16 -55.00 4.66
C VAL A 193 34.48 -55.72 3.37
N LEU A 194 35.49 -56.58 3.40
CA LEU A 194 35.87 -57.36 2.22
C LEU A 194 35.02 -58.61 2.15
N THR A 195 34.11 -58.66 1.18
CA THR A 195 33.09 -59.70 1.05
C THR A 195 33.28 -60.54 -0.21
N SER A 196 34.41 -60.39 -0.89
CA SER A 196 34.60 -61.10 -2.14
C SER A 196 34.89 -62.58 -1.86
N PRO A 197 34.37 -63.48 -2.69
CA PRO A 197 34.74 -64.90 -2.53
C PRO A 197 36.20 -65.18 -2.87
N ASP A 198 36.88 -64.26 -3.56
CA ASP A 198 38.29 -64.43 -3.91
C ASP A 198 38.83 -63.07 -4.30
N LEU A 199 39.72 -62.52 -3.48
CA LEU A 199 40.18 -61.15 -3.68
C LEU A 199 40.96 -60.96 -4.97
N ASN A 200 41.42 -62.05 -5.61
CA ASN A 200 42.08 -61.90 -6.91
C ASN A 200 41.13 -61.32 -7.95
N GLU A 201 39.83 -61.36 -7.71
CA GLU A 201 38.87 -60.77 -8.64
C GLU A 201 38.85 -59.26 -8.58
N VAL A 202 39.35 -58.65 -7.50
CA VAL A 202 39.36 -57.19 -7.37
C VAL A 202 40.75 -56.72 -6.98
N VAL A 203 41.77 -57.52 -7.30
CA VAL A 203 43.12 -57.26 -6.79
C VAL A 203 43.61 -55.88 -7.22
N ARG A 204 43.34 -55.47 -8.45
CA ARG A 204 43.81 -54.18 -8.94
C ARG A 204 42.94 -53.02 -8.47
N ASP A 205 41.87 -53.29 -7.73
CA ASP A 205 41.00 -52.26 -7.21
C ASP A 205 41.15 -52.04 -5.72
N LEU A 206 42.03 -52.80 -5.06
CA LEU A 206 42.05 -52.83 -3.59
C LEU A 206 42.50 -51.50 -3.01
N GLU A 207 43.44 -50.82 -3.66
CA GLU A 207 43.88 -49.53 -3.17
C GLU A 207 42.74 -48.53 -3.17
N SER A 208 41.88 -48.59 -4.19
CA SER A 208 40.72 -47.71 -4.24
C SER A 208 39.62 -48.17 -3.29
N ILE A 209 39.46 -49.49 -3.15
CA ILE A 209 38.46 -50.02 -2.22
C ILE A 209 38.73 -49.56 -0.78
N THR A 210 40.01 -49.41 -0.40
CA THR A 210 40.38 -49.09 0.98
C THR A 210 40.45 -47.59 1.24
N ILE A 211 40.06 -46.75 0.28
CA ILE A 211 40.02 -45.31 0.51
C ILE A 211 39.07 -45.00 1.66
N GLY A 212 39.55 -44.21 2.62
CA GLY A 212 38.75 -43.83 3.76
C GLY A 212 38.72 -44.81 4.91
N ALA A 213 39.28 -46.02 4.75
CA ALA A 213 39.21 -47.04 5.77
C ALA A 213 40.41 -46.98 6.70
N ASP A 214 40.16 -47.25 7.98
CA ASP A 214 41.22 -47.40 8.97
C ASP A 214 41.54 -48.84 9.28
N ALA A 215 40.73 -49.77 8.76
CA ALA A 215 40.99 -51.19 8.84
C ALA A 215 40.23 -51.86 7.70
N VAL A 216 40.62 -53.10 7.38
CA VAL A 216 39.88 -53.95 6.48
C VAL A 216 39.30 -55.10 7.30
N GLU A 217 38.03 -55.39 7.10
CA GLU A 217 37.36 -56.51 7.78
C GLU A 217 37.24 -57.64 6.76
N LEU A 218 37.95 -58.73 7.00
CA LEU A 218 38.00 -59.85 6.08
C LEU A 218 36.95 -60.87 6.48
N ARG A 219 35.94 -61.07 5.62
CA ARG A 219 34.88 -62.04 5.90
C ARG A 219 35.31 -63.40 5.36
N VAL A 220 36.03 -64.15 6.20
CA VAL A 220 36.58 -65.43 5.77
C VAL A 220 35.48 -66.40 5.37
N ASP A 221 34.34 -66.35 6.07
CA ASP A 221 33.24 -67.26 5.78
C ASP A 221 32.67 -67.07 4.38
N LEU A 222 32.93 -65.94 3.74
CA LEU A 222 32.43 -65.69 2.39
C LEU A 222 33.40 -66.14 1.31
N PHE A 223 34.59 -66.61 1.68
CA PHE A 223 35.52 -67.18 0.70
C PHE A 223 34.88 -68.38 -0.01
N LYS A 224 35.26 -68.57 -1.27
CA LYS A 224 34.87 -69.77 -2.00
C LYS A 224 35.60 -71.01 -1.50
N ASP A 225 36.61 -70.83 -0.65
CA ASP A 225 37.41 -71.91 -0.11
C ASP A 225 37.89 -71.46 1.27
N THR A 226 37.62 -72.27 2.29
CA THR A 226 38.02 -71.91 3.65
C THR A 226 39.14 -72.81 4.17
N SER A 227 39.85 -73.49 3.29
CA SER A 227 41.05 -74.20 3.69
C SER A 227 42.10 -73.22 4.17
N ALA A 228 43.01 -73.71 5.03
CA ALA A 228 44.04 -72.84 5.58
C ALA A 228 44.89 -72.23 4.48
N GLU A 229 45.18 -72.99 3.43
CA GLU A 229 46.03 -72.48 2.35
C GLU A 229 45.34 -71.34 1.61
N PHE A 230 44.05 -71.48 1.31
CA PHE A 230 43.34 -70.41 0.61
C PHE A 230 43.21 -69.17 1.49
N VAL A 231 42.89 -69.35 2.77
CA VAL A 231 42.77 -68.21 3.67
C VAL A 231 44.08 -67.45 3.75
N ALA A 232 45.20 -68.16 3.87
CA ALA A 232 46.50 -67.52 3.98
C ALA A 232 46.87 -66.78 2.70
N ALA A 233 46.54 -67.35 1.53
CA ALA A 233 46.79 -66.65 0.28
C ALA A 233 45.96 -65.38 0.17
N GLN A 234 44.73 -65.40 0.71
CA GLN A 234 43.90 -64.20 0.65
C GLN A 234 44.49 -63.09 1.50
N ILE A 235 45.00 -63.43 2.68
CA ILE A 235 45.66 -62.43 3.51
C ILE A 235 46.93 -61.93 2.84
N ALA A 236 47.62 -62.79 2.08
CA ALA A 236 48.79 -62.33 1.34
C ALA A 236 48.41 -61.29 0.30
N VAL A 237 47.28 -61.49 -0.39
CA VAL A 237 46.84 -60.53 -1.39
C VAL A 237 46.59 -59.17 -0.75
N ILE A 238 45.96 -59.15 0.43
CA ILE A 238 45.69 -57.90 1.13
C ILE A 238 46.99 -57.19 1.46
N ARG A 239 47.93 -57.90 2.09
CA ARG A 239 49.15 -57.29 2.58
C ARG A 239 50.02 -56.73 1.46
N LYS A 240 49.73 -57.07 0.20
CA LYS A 240 50.40 -56.48 -0.94
C LYS A 240 49.73 -55.19 -1.42
N HIS A 241 48.57 -54.85 -0.88
CA HIS A 241 47.80 -53.72 -1.37
C HIS A 241 47.24 -52.82 -0.27
N ALA A 242 47.48 -53.14 0.99
CA ALA A 242 47.00 -52.34 2.11
C ALA A 242 47.83 -52.69 3.33
N ASP A 243 48.32 -51.68 4.05
CA ASP A 243 48.96 -51.92 5.33
C ASP A 243 48.02 -51.61 6.48
N LEU A 244 46.73 -51.47 6.20
CA LEU A 244 45.74 -51.30 7.23
C LEU A 244 45.65 -52.56 8.09
N PRO A 245 45.34 -52.40 9.38
CA PRO A 245 45.14 -53.59 10.22
C PRO A 245 43.96 -54.42 9.72
N ILE A 246 44.09 -55.73 9.86
CA ILE A 246 43.07 -56.67 9.39
C ILE A 246 42.17 -57.06 10.56
N ILE A 247 40.86 -57.01 10.34
CA ILE A 247 39.87 -57.62 11.23
C ILE A 247 39.44 -58.93 10.59
N TYR A 248 39.71 -60.03 11.28
CA TYR A 248 39.59 -61.38 10.73
C TYR A 248 38.31 -62.00 11.25
N THR A 249 37.35 -62.27 10.35
CA THR A 249 35.99 -62.60 10.76
C THR A 249 35.52 -63.87 10.08
N VAL A 250 35.08 -64.85 10.87
CA VAL A 250 34.47 -66.08 10.36
C VAL A 250 33.03 -66.09 10.87
N ARG A 251 32.13 -65.45 10.11
CA ARG A 251 30.74 -65.29 10.51
C ARG A 251 29.94 -66.58 10.26
N THR A 252 29.27 -67.09 11.31
CA THR A 252 28.54 -68.34 11.18
C THR A 252 27.11 -68.10 10.67
N MET A 253 26.46 -69.20 10.25
CA MET A 253 25.13 -69.11 9.66
C MET A 253 24.11 -68.54 10.64
N SER A 254 24.19 -68.92 11.91
CA SER A 254 23.26 -68.39 12.91
C SER A 254 23.49 -66.90 13.19
N GLN A 255 24.53 -66.30 12.63
CA GLN A 255 24.76 -64.87 12.77
C GLN A 255 24.82 -64.18 11.40
N GLY A 256 24.12 -64.74 10.42
CA GLY A 256 24.01 -64.10 9.13
C GLY A 256 25.13 -64.40 8.15
N GLY A 257 26.09 -65.24 8.53
CA GLY A 257 27.19 -65.60 7.68
C GLY A 257 26.98 -66.96 7.03
N LYS A 258 28.08 -67.54 6.54
CA LYS A 258 28.00 -68.78 5.81
C LYS A 258 28.69 -69.96 6.48
N PHE A 259 29.48 -69.74 7.52
CA PHE A 259 30.18 -70.86 8.14
C PHE A 259 29.22 -71.66 9.03
N PRO A 260 29.17 -72.98 8.90
CA PRO A 260 28.23 -73.76 9.72
C PRO A 260 28.58 -73.69 11.20
N ASP A 261 27.56 -73.50 12.03
CA ASP A 261 27.79 -73.37 13.47
C ASP A 261 28.27 -74.67 14.11
N GLU A 262 27.94 -75.80 13.52
CA GLU A 262 28.30 -77.09 14.11
C GLU A 262 29.76 -77.47 13.86
N ASN A 263 30.46 -76.79 12.96
CA ASN A 263 31.85 -77.14 12.64
C ASN A 263 32.79 -76.36 13.54
N VAL A 264 32.76 -76.73 14.82
CA VAL A 264 33.42 -75.93 15.85
C VAL A 264 34.93 -76.10 15.78
N ASP A 265 35.40 -77.33 15.57
CA ASP A 265 36.85 -77.56 15.43
C ASP A 265 37.41 -76.79 14.24
N GLU A 266 36.70 -76.82 13.11
CA GLU A 266 37.15 -76.08 11.94
C GLU A 266 37.12 -74.57 12.17
N LEU A 267 36.16 -74.08 12.95
CA LEU A 267 36.13 -72.67 13.28
C LEU A 267 37.30 -72.29 14.17
N LYS A 268 37.54 -73.08 15.22
CA LYS A 268 38.67 -72.81 16.11
C LYS A 268 39.98 -72.80 15.33
N SER A 269 40.15 -73.76 14.42
CA SER A 269 41.38 -73.83 13.64
C SER A 269 41.56 -72.57 12.78
N LEU A 270 40.48 -72.06 12.19
CA LEU A 270 40.59 -70.86 11.37
C LEU A 270 40.91 -69.64 12.22
N LEU A 271 40.30 -69.55 13.40
CA LEU A 271 40.59 -68.43 14.29
C LEU A 271 42.03 -68.49 14.79
N LEU A 272 42.54 -69.70 15.05
CA LEU A 272 43.93 -69.84 15.46
C LEU A 272 44.87 -69.55 14.31
N LEU A 273 44.43 -69.82 13.08
CA LEU A 273 45.22 -69.47 11.91
C LEU A 273 45.36 -67.96 11.78
N GLY A 274 44.31 -67.22 12.11
CA GLY A 274 44.42 -65.77 12.08
C GLY A 274 45.47 -65.25 13.05
N ILE A 275 45.50 -65.81 14.26
CA ILE A 275 46.50 -65.40 15.25
C ILE A 275 47.90 -65.74 14.77
N ARG A 276 48.07 -66.92 14.16
CA ARG A 276 49.37 -67.31 13.65
C ARG A 276 49.84 -66.39 12.53
N LEU A 277 48.91 -65.84 11.75
CA LEU A 277 49.25 -64.90 10.70
C LEU A 277 49.37 -63.46 11.21
N GLY A 278 49.29 -63.25 12.53
CA GLY A 278 49.44 -61.92 13.10
C GLY A 278 48.43 -60.89 12.64
N VAL A 279 47.17 -61.28 12.49
CA VAL A 279 46.15 -60.28 12.18
C VAL A 279 45.95 -59.37 13.39
N ALA A 280 45.57 -58.12 13.13
CA ALA A 280 45.45 -57.14 14.20
C ALA A 280 44.26 -57.44 15.11
N TYR A 281 43.14 -57.86 14.53
CA TYR A 281 41.93 -58.17 15.27
C TYR A 281 41.37 -59.50 14.80
N VAL A 282 40.88 -60.29 15.75
CA VAL A 282 40.10 -61.48 15.45
C VAL A 282 38.71 -61.29 16.04
N ASP A 283 37.70 -61.66 15.27
CA ASP A 283 36.32 -61.56 15.71
C ASP A 283 35.91 -62.85 16.41
N LEU A 284 35.24 -62.70 17.55
CA LEU A 284 34.68 -63.82 18.28
C LEU A 284 33.18 -63.57 18.48
N GLN A 285 32.37 -64.57 18.21
CA GLN A 285 30.92 -64.46 18.38
C GLN A 285 30.56 -64.78 19.82
N LEU A 286 29.81 -63.87 20.46
CA LEU A 286 29.48 -64.05 21.87
C LEU A 286 28.60 -65.28 22.09
N THR A 287 27.91 -65.76 21.06
CA THR A 287 27.10 -66.97 21.19
C THR A 287 27.90 -68.23 20.97
N ALA A 288 29.17 -68.13 20.58
CA ALA A 288 29.97 -69.32 20.34
C ALA A 288 30.15 -70.12 21.63
N PRO A 289 30.42 -71.42 21.53
CA PRO A 289 30.69 -72.21 22.73
C PRO A 289 31.82 -71.59 23.53
N ASN A 290 31.65 -71.52 24.85
CA ASN A 290 32.55 -70.72 25.67
C ASN A 290 33.96 -71.32 25.73
N GLU A 291 34.10 -72.62 25.54
CA GLU A 291 35.44 -73.21 25.51
C GLU A 291 36.22 -72.71 24.30
N LEU A 292 35.54 -72.52 23.16
CA LEU A 292 36.17 -71.94 21.99
C LEU A 292 36.60 -70.51 22.26
N ILE A 293 35.70 -69.71 22.84
CA ILE A 293 36.00 -68.32 23.16
C ILE A 293 37.22 -68.23 24.08
N GLU A 294 37.25 -69.07 25.12
CA GLU A 294 38.31 -68.96 26.10
C GLU A 294 39.65 -69.42 25.53
N GLU A 295 39.64 -70.44 24.68
CA GLU A 295 40.90 -70.90 24.10
C GLU A 295 41.50 -69.83 23.20
N ILE A 296 40.68 -69.23 22.33
CA ILE A 296 41.19 -68.18 21.45
C ILE A 296 41.72 -67.01 22.26
N SER A 297 40.97 -66.57 23.27
CA SER A 297 41.38 -65.42 24.07
C SER A 297 42.65 -65.70 24.85
N SER A 298 42.87 -66.95 25.26
CA SER A 298 44.09 -67.28 25.96
C SER A 298 45.28 -67.50 25.02
N LYS A 299 45.02 -67.66 23.72
CA LYS A 299 46.08 -67.81 22.74
C LYS A 299 46.19 -66.62 21.80
N LYS A 300 45.40 -65.56 22.03
CA LYS A 300 45.40 -64.42 21.13
C LYS A 300 46.74 -63.69 21.10
N GLY A 301 47.55 -63.83 22.14
CA GLY A 301 48.80 -63.09 22.20
C GLY A 301 48.51 -61.60 22.18
N PHE A 302 48.99 -60.93 21.13
CA PHE A 302 48.79 -59.50 20.99
C PHE A 302 47.80 -59.14 19.91
N THR A 303 47.19 -60.14 19.27
CA THR A 303 46.01 -59.90 18.47
C THR A 303 44.85 -59.49 19.37
N ARG A 304 44.13 -58.44 18.98
CA ARG A 304 42.99 -57.94 19.74
C ARG A 304 41.71 -58.68 19.37
N VAL A 305 40.76 -58.69 20.29
CA VAL A 305 39.51 -59.44 20.15
C VAL A 305 38.34 -58.47 20.04
N ILE A 306 37.49 -58.70 19.03
CA ILE A 306 36.19 -58.03 18.92
C ILE A 306 35.13 -59.08 19.22
N GLY A 307 34.42 -58.91 20.33
CA GLY A 307 33.33 -59.80 20.67
C GLY A 307 32.01 -59.29 20.09
N THR A 308 31.37 -60.09 19.25
CA THR A 308 30.29 -59.62 18.39
C THR A 308 29.02 -60.41 18.64
N TYR A 309 27.90 -59.69 18.75
CA TYR A 309 26.58 -60.31 18.71
C TYR A 309 25.68 -59.49 17.79
N GLN A 310 24.86 -60.20 17.02
CA GLN A 310 23.94 -59.56 16.08
C GLN A 310 22.55 -60.12 16.29
N ASP A 311 21.56 -59.22 16.37
CA ASP A 311 20.15 -59.61 16.49
C ASP A 311 19.60 -59.81 15.09
N ILE A 312 19.73 -61.03 14.59
CA ILE A 312 19.46 -61.30 13.17
C ILE A 312 17.99 -61.08 12.84
N ASN A 313 17.09 -61.64 13.66
CA ASN A 313 15.67 -61.45 13.42
C ASN A 313 15.23 -60.00 13.63
N GLY A 314 16.04 -59.20 14.31
CA GLY A 314 15.85 -57.77 14.36
C GLY A 314 14.71 -57.26 15.22
N GLU A 315 14.13 -58.10 16.07
CA GLU A 315 12.95 -57.69 16.82
C GLU A 315 13.29 -57.14 18.21
N LEU A 316 14.53 -57.30 18.67
CA LEU A 316 14.91 -56.72 19.95
C LEU A 316 14.89 -55.20 19.86
N LYS A 317 14.53 -54.56 20.96
CA LYS A 317 14.71 -53.14 21.13
C LYS A 317 15.97 -52.90 21.94
N TRP A 318 16.52 -51.69 21.81
CA TRP A 318 17.81 -51.44 22.43
C TRP A 318 17.73 -51.29 23.95
N ASN A 319 16.54 -51.29 24.53
CA ASN A 319 16.43 -51.35 25.98
C ASN A 319 16.26 -52.78 26.50
N ASN A 320 16.26 -53.77 25.60
CA ASN A 320 16.10 -55.15 26.02
C ASN A 320 17.30 -55.61 26.85
N VAL A 321 17.03 -56.46 27.84
CA VAL A 321 18.09 -56.92 28.75
C VAL A 321 19.14 -57.74 28.01
N GLU A 322 18.76 -58.35 26.88
CA GLU A 322 19.72 -59.17 26.14
C GLU A 322 20.95 -58.37 25.75
N TRP A 323 20.77 -57.11 25.35
CA TRP A 323 21.91 -56.27 24.95
C TRP A 323 22.83 -56.02 26.13
N LYS A 324 22.26 -55.80 27.32
CA LYS A 324 23.07 -55.60 28.51
C LYS A 324 23.86 -56.87 28.84
N ASN A 325 23.18 -58.02 28.81
CA ASN A 325 23.86 -59.29 29.06
C ASN A 325 24.98 -59.53 28.07
N LYS A 326 24.75 -59.20 26.80
CA LYS A 326 25.77 -59.42 25.78
C LYS A 326 26.95 -58.48 25.97
N TYR A 327 26.67 -57.20 26.25
CA TYR A 327 27.76 -56.27 26.46
C TYR A 327 28.58 -56.64 27.68
N ASN A 328 27.91 -57.06 28.76
CA ASN A 328 28.63 -57.46 29.97
C ASN A 328 29.44 -58.73 29.75
N GLN A 329 28.94 -59.64 28.90
CA GLN A 329 29.76 -60.79 28.52
C GLN A 329 31.03 -60.34 27.82
N GLY A 330 30.92 -59.35 26.93
CA GLY A 330 32.11 -58.84 26.26
C GLY A 330 33.10 -58.21 27.22
N VAL A 331 32.59 -57.49 28.22
CA VAL A 331 33.47 -56.93 29.24
C VAL A 331 34.12 -58.04 30.05
N SER A 332 33.33 -59.04 30.46
CA SER A 332 33.85 -60.08 31.36
C SER A 332 34.87 -60.97 30.66
N MET A 333 34.79 -61.12 29.34
CA MET A 333 35.79 -61.86 28.58
C MET A 333 37.00 -60.99 28.22
N ASN A 334 37.03 -59.74 28.69
CA ASN A 334 38.13 -58.81 28.39
C ASN A 334 38.36 -58.65 26.90
N ALA A 335 37.26 -58.64 26.13
CA ALA A 335 37.36 -58.27 24.73
C ALA A 335 37.90 -56.85 24.61
N ASP A 336 38.67 -56.61 23.56
CA ASP A 336 39.19 -55.27 23.33
C ASP A 336 38.12 -54.35 22.77
N ILE A 337 37.20 -54.89 21.97
CA ILE A 337 36.07 -54.15 21.42
C ILE A 337 34.84 -55.04 21.51
N VAL A 338 33.71 -54.44 21.89
CA VAL A 338 32.42 -55.11 21.84
C VAL A 338 31.66 -54.58 20.63
N ARG A 339 30.99 -55.47 19.90
CA ARG A 339 30.23 -55.09 18.72
C ARG A 339 28.83 -55.67 18.82
N LEU A 340 27.83 -54.79 18.82
CA LEU A 340 26.43 -55.19 18.89
C LEU A 340 25.69 -54.61 17.70
N VAL A 341 25.04 -55.47 16.93
CA VAL A 341 24.38 -55.08 15.69
C VAL A 341 22.91 -55.44 15.82
N GLY A 342 22.05 -54.43 15.77
CA GLY A 342 20.61 -54.64 15.72
C GLY A 342 20.06 -54.43 14.33
N LYS A 343 18.73 -54.44 14.26
CA LYS A 343 18.01 -54.09 13.04
C LYS A 343 17.02 -52.99 13.36
N ALA A 344 16.92 -51.99 12.49
CA ALA A 344 16.02 -50.87 12.70
C ALA A 344 14.71 -51.14 11.95
N ASN A 345 13.61 -51.16 12.70
CA ASN A 345 12.27 -51.17 12.12
C ASN A 345 11.62 -49.80 12.20
N SER A 346 12.37 -48.78 12.63
CA SER A 346 11.92 -47.39 12.69
C SER A 346 13.14 -46.54 12.98
N ILE A 347 13.02 -45.24 12.71
CA ILE A 347 14.13 -44.34 13.00
C ILE A 347 14.35 -44.18 14.49
N GLN A 348 13.32 -44.45 15.31
CA GLN A 348 13.48 -44.40 16.77
C GLN A 348 14.46 -45.46 17.27
N ASP A 349 14.63 -46.58 16.53
CA ASP A 349 15.60 -47.59 16.94
C ASP A 349 17.01 -47.03 17.01
N ASN A 350 17.32 -46.05 16.16
CA ASN A 350 18.64 -45.44 16.19
C ASN A 350 18.80 -44.53 17.40
N LEU A 351 17.74 -43.81 17.77
CA LEU A 351 17.82 -42.94 18.94
C LEU A 351 17.88 -43.76 20.23
N ASP A 352 17.14 -44.88 20.28
CA ASP A 352 17.26 -45.78 21.42
C ASP A 352 18.68 -46.31 21.56
N LEU A 353 19.34 -46.60 20.43
CA LEU A 353 20.70 -47.11 20.49
C LEU A 353 21.66 -46.08 21.04
N GLU A 354 21.45 -44.80 20.69
CA GLU A 354 22.30 -43.74 21.22
C GLU A 354 22.24 -43.70 22.74
N ASN A 355 21.05 -43.88 23.32
CA ASN A 355 20.95 -43.93 24.78
C ASN A 355 21.67 -45.15 25.35
N PHE A 356 21.65 -46.27 24.62
CA PHE A 356 22.40 -47.44 25.05
C PHE A 356 23.90 -47.17 25.01
N LYS A 357 24.39 -46.53 23.94
CA LYS A 357 25.82 -46.19 23.87
C LYS A 357 26.24 -45.33 25.04
N LYS A 358 25.37 -44.40 25.46
CA LYS A 358 25.69 -43.49 26.54
C LYS A 358 25.88 -44.21 27.87
N GLN A 359 25.25 -45.36 28.05
CA GLN A 359 25.23 -46.07 29.33
C GLN A 359 26.24 -47.21 29.43
N ASN A 360 26.97 -47.51 28.35
CA ASN A 360 27.89 -48.66 28.35
C ASN A 360 29.20 -48.22 27.71
N THR A 361 30.10 -47.68 28.54
CA THR A 361 31.33 -47.06 28.06
C THR A 361 32.59 -47.72 28.62
N LEU A 362 32.47 -48.87 29.29
CA LEU A 362 33.65 -49.52 29.85
C LEU A 362 34.60 -49.96 28.74
N LYS A 363 34.06 -50.53 27.67
CA LYS A 363 34.85 -50.95 26.53
C LYS A 363 34.52 -50.10 25.31
N PRO A 364 35.44 -49.98 24.36
CA PRO A 364 35.05 -49.47 23.04
C PRO A 364 33.92 -50.30 22.47
N LEU A 365 33.01 -49.65 21.76
CA LEU A 365 31.77 -50.30 21.33
C LEU A 365 31.49 -49.94 19.87
N ILE A 366 31.35 -50.96 19.04
CA ILE A 366 30.81 -50.81 17.69
C ILE A 366 29.34 -51.20 17.76
N ALA A 367 28.45 -50.26 17.48
CA ALA A 367 27.03 -50.56 17.56
C ALA A 367 26.30 -49.77 16.49
N PHE A 368 25.37 -50.43 15.81
CA PHE A 368 24.56 -49.80 14.78
C PHE A 368 23.39 -50.71 14.49
N ASN A 369 22.41 -50.17 13.76
CA ASN A 369 21.26 -50.93 13.28
C ASN A 369 21.43 -51.21 11.79
N LEU A 370 21.09 -52.43 11.38
CA LEU A 370 21.00 -52.78 9.97
C LEU A 370 19.65 -52.35 9.40
N GLY A 371 19.62 -52.19 8.09
CA GLY A 371 18.39 -51.85 7.38
C GLY A 371 18.41 -50.40 6.90
N SER A 372 17.57 -50.13 5.90
CA SER A 372 17.49 -48.77 5.36
C SER A 372 17.08 -47.76 6.43
N GLN A 373 16.27 -48.18 7.40
CA GLN A 373 15.90 -47.28 8.49
C GLN A 373 16.98 -47.17 9.55
N GLY A 374 18.10 -47.88 9.41
CA GLY A 374 19.18 -47.78 10.37
C GLY A 374 20.34 -46.93 9.93
N LYS A 375 20.24 -46.25 8.78
CA LYS A 375 21.34 -45.47 8.25
C LYS A 375 21.85 -44.46 9.26
N LEU A 376 20.95 -43.83 10.01
CA LEU A 376 21.36 -42.84 11.00
C LEU A 376 22.37 -43.42 11.99
N SER A 377 22.14 -44.67 12.44
CA SER A 377 23.03 -45.28 13.42
C SER A 377 24.40 -45.57 12.83
N GLN A 378 24.45 -45.93 11.54
CA GLN A 378 25.73 -46.16 10.91
C GLN A 378 26.49 -44.86 10.69
N VAL A 379 25.78 -43.77 10.42
CA VAL A 379 26.45 -42.47 10.26
C VAL A 379 27.00 -42.00 11.61
N LEU A 380 26.27 -42.24 12.71
CA LEU A 380 26.68 -41.76 14.02
C LEU A 380 27.66 -42.67 14.74
N ASN A 381 27.83 -43.91 14.27
CA ASN A 381 28.73 -44.86 14.92
C ASN A 381 30.16 -44.31 14.94
N GLY A 382 30.85 -44.50 16.07
CA GLY A 382 32.18 -43.94 16.25
C GLY A 382 33.35 -44.83 15.88
N THR A 383 33.23 -46.14 16.10
CA THR A 383 34.38 -47.03 15.98
C THR A 383 34.17 -48.03 14.86
N PHE A 384 35.10 -48.07 13.91
CA PHE A 384 35.16 -49.08 12.85
C PHE A 384 33.80 -49.25 12.18
N THR A 385 33.22 -48.15 11.77
CA THR A 385 31.97 -48.17 11.04
C THR A 385 32.12 -48.99 9.75
N PRO A 386 31.32 -50.04 9.56
CA PRO A 386 31.44 -50.85 8.34
C PRO A 386 31.04 -50.05 7.11
N ILE A 387 31.93 -50.03 6.12
CA ILE A 387 31.67 -49.39 4.83
C ILE A 387 31.90 -50.40 3.73
N SER A 388 31.30 -50.14 2.58
CA SER A 388 31.46 -51.00 1.42
C SER A 388 31.97 -50.20 0.23
N HIS A 389 31.82 -50.76 -0.96
CA HIS A 389 32.37 -50.21 -2.18
C HIS A 389 31.61 -50.83 -3.33
N LYS A 390 31.45 -50.06 -4.41
CA LYS A 390 30.62 -50.53 -5.52
C LYS A 390 31.14 -51.81 -6.16
N LEU A 391 32.41 -52.13 -5.96
CA LEU A 391 33.01 -53.33 -6.55
C LEU A 391 32.93 -54.56 -5.67
N LEU A 392 32.32 -54.45 -4.49
CA LEU A 392 32.20 -55.55 -3.54
C LEU A 392 30.72 -55.92 -3.36
N PRO A 393 30.43 -57.20 -3.14
CA PRO A 393 29.07 -57.56 -2.71
C PRO A 393 28.75 -56.87 -1.38
N ASN A 394 27.49 -56.46 -1.24
CA ASN A 394 27.09 -55.61 -0.13
C ASN A 394 25.65 -55.96 0.28
N ASP A 395 25.44 -57.24 0.59
CA ASP A 395 24.09 -57.69 0.97
C ASP A 395 23.59 -56.99 2.23
N GLU A 396 24.49 -56.64 3.14
CA GLU A 396 24.08 -55.96 4.36
C GLU A 396 23.73 -54.50 4.11
N GLY A 397 24.10 -53.93 2.96
CA GLY A 397 23.71 -52.57 2.63
C GLY A 397 24.48 -51.48 3.35
N PHE A 398 25.77 -51.67 3.57
CA PHE A 398 26.59 -50.65 4.20
C PHE A 398 26.83 -49.49 3.24
N LEU A 399 27.09 -48.32 3.81
CA LEU A 399 27.39 -47.13 3.02
C LEU A 399 28.81 -47.19 2.48
N THR A 400 29.02 -46.54 1.34
CA THR A 400 30.39 -46.28 0.89
C THR A 400 30.99 -45.13 1.71
N ILE A 401 32.29 -44.90 1.55
CA ILE A 401 32.92 -43.80 2.29
C ILE A 401 32.30 -42.47 1.86
N GLY A 402 31.98 -42.33 0.58
CA GLY A 402 31.41 -41.07 0.09
C GLY A 402 30.01 -40.82 0.61
N GLU A 403 29.18 -41.86 0.66
CA GLU A 403 27.84 -41.69 1.20
C GLU A 403 27.90 -41.42 2.70
N LEU A 404 28.76 -42.13 3.41
CA LEU A 404 28.93 -41.89 4.85
C LEU A 404 29.34 -40.44 5.10
N ASN A 405 30.33 -39.96 4.37
CA ASN A 405 30.79 -38.59 4.58
C ASN A 405 29.77 -37.57 4.10
N GLN A 406 29.00 -37.90 3.06
CA GLN A 406 27.95 -36.99 2.60
C GLN A 406 26.88 -36.80 3.67
N THR A 407 26.38 -37.89 4.23
CA THR A 407 25.33 -37.78 5.24
C THR A 407 25.84 -37.13 6.51
N TYR A 408 27.06 -37.47 6.94
CA TYR A 408 27.62 -36.85 8.14
C TYR A 408 27.68 -35.33 8.00
N PHE A 409 28.10 -34.84 6.83
CA PHE A 409 28.06 -33.40 6.60
C PHE A 409 26.62 -32.88 6.66
N ASP A 410 25.68 -33.61 6.07
CA ASP A 410 24.31 -33.11 5.94
C ASP A 410 23.57 -33.11 7.27
N ILE A 411 24.05 -33.83 8.28
CA ILE A 411 23.48 -33.75 9.61
C ILE A 411 24.30 -32.88 10.55
N GLY A 412 25.32 -32.19 10.04
CA GLY A 412 26.13 -31.31 10.84
C GLY A 412 27.35 -31.92 11.48
N GLY A 413 27.71 -33.16 11.11
CA GLY A 413 28.90 -33.78 11.69
C GLY A 413 30.19 -33.19 11.17
N PHE A 414 30.24 -32.85 9.89
CA PHE A 414 31.29 -32.02 9.31
C PHE A 414 30.75 -30.61 9.11
N THR A 415 31.67 -29.64 9.02
CA THR A 415 31.35 -28.28 8.62
C THR A 415 32.27 -27.87 7.48
N ALA A 416 31.79 -26.96 6.63
CA ALA A 416 32.58 -26.52 5.49
C ALA A 416 33.82 -25.77 5.95
N LYS A 417 34.96 -26.46 6.03
CA LYS A 417 36.20 -25.87 6.50
C LYS A 417 37.07 -25.43 5.34
N LYS A 418 37.92 -24.44 5.60
CA LYS A 418 38.82 -23.87 4.59
C LYS A 418 40.26 -24.05 5.03
N PHE A 419 41.09 -24.56 4.13
CA PHE A 419 42.51 -24.76 4.40
C PHE A 419 43.33 -23.99 3.38
N TRP A 420 44.52 -23.57 3.79
CA TRP A 420 45.32 -22.66 2.98
C TRP A 420 46.80 -23.03 3.07
N VAL A 421 47.51 -22.78 1.98
CA VAL A 421 48.97 -22.73 1.99
C VAL A 421 49.37 -21.26 1.90
N ILE A 422 50.32 -20.86 2.75
CA ILE A 422 50.74 -19.46 2.83
C ILE A 422 52.25 -19.39 2.67
N GLY A 423 52.70 -18.26 2.12
CA GLY A 423 54.10 -18.07 1.85
C GLY A 423 54.27 -17.06 0.73
N SER A 424 55.52 -16.93 0.29
CA SER A 424 55.86 -16.01 -0.79
C SER A 424 57.17 -16.41 -1.45
N PRO A 425 57.16 -16.81 -2.73
CA PRO A 425 55.97 -16.88 -3.59
C PRO A 425 55.11 -18.10 -3.31
N ILE A 426 53.89 -18.11 -3.86
CA ILE A 426 52.91 -19.13 -3.53
C ILE A 426 52.19 -19.60 -4.79
N GLU A 427 52.43 -18.90 -5.91
CA GLU A 427 51.66 -19.14 -7.13
C GLU A 427 51.84 -20.54 -7.68
N HIS A 428 53.05 -21.11 -7.55
CA HIS A 428 53.36 -22.41 -8.13
C HIS A 428 53.24 -23.55 -7.13
N SER A 429 52.62 -23.30 -5.97
CA SER A 429 52.46 -24.35 -4.98
C SER A 429 51.53 -25.46 -5.48
N ARG A 430 51.91 -26.70 -5.24
CA ARG A 430 51.10 -27.85 -5.60
C ARG A 430 50.32 -28.41 -4.41
N SER A 431 50.41 -27.76 -3.24
CA SER A 431 49.62 -28.20 -2.10
C SER A 431 48.12 -28.22 -2.37
N PRO A 432 47.50 -27.19 -2.98
CA PRO A 432 46.06 -27.27 -3.22
C PRO A 432 45.66 -28.46 -4.08
N ASN A 433 46.43 -28.78 -5.11
CA ASN A 433 46.10 -29.92 -5.97
C ASN A 433 46.13 -31.21 -5.17
N LEU A 434 47.12 -31.36 -4.29
CA LEU A 434 47.20 -32.55 -3.46
C LEU A 434 45.97 -32.67 -2.56
N HIS A 435 45.69 -31.63 -1.77
CA HIS A 435 44.68 -31.75 -0.73
C HIS A 435 43.28 -31.78 -1.31
N ASN A 436 43.02 -30.99 -2.37
CA ASN A 436 41.68 -31.00 -2.97
C ASN A 436 41.38 -32.34 -3.61
N ALA A 437 42.39 -33.02 -4.17
CA ALA A 437 42.15 -34.35 -4.71
C ALA A 437 41.82 -35.33 -3.58
N GLY A 438 42.43 -35.15 -2.41
CA GLY A 438 42.08 -36.00 -1.28
C GLY A 438 40.68 -35.75 -0.78
N TYR A 439 40.28 -34.49 -0.65
CA TYR A 439 38.91 -34.16 -0.24
C TYR A 439 37.89 -34.77 -1.21
N LYS A 440 38.15 -34.64 -2.51
CA LYS A 440 37.23 -35.13 -3.52
C LYS A 440 37.01 -36.63 -3.38
N ALA A 441 38.09 -37.39 -3.20
CA ALA A 441 37.98 -38.84 -3.14
C ALA A 441 37.32 -39.31 -1.85
N LEU A 442 37.46 -38.54 -0.78
CA LEU A 442 36.80 -38.84 0.48
C LEU A 442 35.43 -38.17 0.59
N ASN A 443 35.07 -37.34 -0.39
CA ASN A 443 33.84 -36.56 -0.35
C ASN A 443 33.75 -35.75 0.94
N LEU A 444 34.84 -35.05 1.24
CA LEU A 444 34.82 -34.15 2.38
C LEU A 444 34.43 -32.74 1.93
N PRO A 445 33.68 -31.98 2.76
CA PRO A 445 33.24 -30.64 2.38
C PRO A 445 34.29 -29.55 2.62
N TYR A 446 35.52 -29.83 2.23
CA TYR A 446 36.65 -28.94 2.45
C TYR A 446 37.15 -28.39 1.12
N GLN A 447 37.92 -27.32 1.20
CA GLN A 447 38.60 -26.81 0.02
C GLN A 447 39.91 -26.15 0.45
N PHE A 448 40.91 -26.26 -0.43
CA PHE A 448 42.27 -25.82 -0.15
C PHE A 448 42.66 -24.72 -1.13
N GLY A 449 43.11 -23.59 -0.59
CA GLY A 449 43.52 -22.45 -1.40
C GLY A 449 44.94 -22.01 -1.06
N ARG A 450 45.40 -21.01 -1.81
CA ARG A 450 46.71 -20.42 -1.59
C ARG A 450 46.52 -18.96 -1.17
N PHE A 451 47.52 -18.42 -0.47
CA PHE A 451 47.44 -17.05 0.02
C PHE A 451 48.86 -16.50 0.09
N GLU A 452 49.21 -15.65 -0.87
CA GLU A 452 50.51 -14.98 -0.84
C GLU A 452 50.56 -14.04 0.36
N ALA A 453 51.64 -14.12 1.13
CA ALA A 453 51.77 -13.29 2.32
C ALA A 453 53.22 -13.26 2.79
N THR A 454 53.63 -12.11 3.32
CA THR A 454 54.92 -11.96 3.98
C THR A 454 54.80 -11.65 5.47
N ASP A 455 53.59 -11.33 5.93
CA ASP A 455 53.32 -11.02 7.33
C ASP A 455 52.36 -12.05 7.88
N VAL A 456 52.70 -12.63 9.04
CA VAL A 456 51.80 -13.60 9.66
C VAL A 456 50.60 -12.96 10.32
N ASP A 457 50.60 -11.63 10.47
CA ASP A 457 49.48 -10.94 11.09
C ASP A 457 48.34 -10.73 10.10
N VAL A 458 48.65 -10.44 8.84
CA VAL A 458 47.60 -10.36 7.83
C VAL A 458 47.01 -11.74 7.58
N VAL A 459 47.83 -12.79 7.73
CA VAL A 459 47.32 -14.15 7.62
C VAL A 459 46.32 -14.43 8.73
N TYR A 460 46.60 -13.96 9.95
CA TYR A 460 45.71 -14.23 11.06
C TYR A 460 44.38 -13.50 10.90
N ASP A 461 44.41 -12.27 10.40
CA ASP A 461 43.18 -11.49 10.26
C ASP A 461 42.30 -12.01 9.14
N ASN A 462 42.90 -12.56 8.07
CA ASN A 462 42.14 -12.96 6.90
C ASN A 462 41.78 -14.43 6.89
N LEU A 463 42.60 -15.29 7.48
CA LEU A 463 42.44 -16.73 7.37
C LEU A 463 42.22 -17.41 8.71
N ILE A 464 43.10 -17.19 9.68
CA ILE A 464 43.04 -17.95 10.93
C ILE A 464 41.81 -17.56 11.73
N ASN A 465 41.66 -16.27 12.03
CA ASN A 465 40.56 -15.79 12.87
C ASN A 465 39.27 -15.67 12.06
N LYS A 466 38.83 -16.82 11.55
CA LYS A 466 37.62 -16.93 10.75
C LYS A 466 36.85 -18.15 11.23
N PRO A 467 35.52 -18.09 11.20
CA PRO A 467 34.73 -19.21 11.74
C PRO A 467 34.92 -20.52 10.98
N ASP A 468 35.30 -20.47 9.71
CA ASP A 468 35.47 -21.67 8.91
C ASP A 468 36.93 -22.05 8.72
N PHE A 469 37.82 -21.55 9.57
CA PHE A 469 39.24 -21.85 9.44
C PHE A 469 39.49 -23.34 9.73
N GLY A 470 40.07 -24.04 8.77
CA GLY A 470 40.35 -25.45 8.93
C GLY A 470 41.79 -25.74 9.33
N GLY A 471 42.73 -25.04 8.71
CA GLY A 471 44.14 -25.31 8.95
C GLY A 471 45.01 -24.61 7.95
N LEU A 472 46.31 -24.62 8.23
CA LEU A 472 47.30 -23.96 7.40
C LEU A 472 48.39 -24.93 6.98
N ALA A 473 48.89 -24.75 5.76
CA ALA A 473 50.17 -25.26 5.33
C ALA A 473 51.10 -24.06 5.12
N ILE A 474 52.26 -24.09 5.76
CA ILE A 474 53.14 -22.93 5.83
C ILE A 474 54.45 -23.26 5.11
N THR A 475 54.85 -22.38 4.20
CA THR A 475 56.13 -22.50 3.54
C THR A 475 56.90 -21.19 3.66
N MET A 476 58.03 -21.09 2.96
CA MET A 476 58.87 -19.90 3.06
C MET A 476 58.07 -18.66 2.66
N PRO A 477 58.27 -17.52 3.34
CA PRO A 477 59.24 -17.33 4.43
C PRO A 477 58.61 -17.22 5.81
N LEU A 478 57.57 -18.02 6.10
CA LEU A 478 56.78 -17.82 7.30
C LEU A 478 56.84 -18.99 8.29
N LYS A 479 57.80 -19.90 8.12
CA LYS A 479 57.84 -21.12 8.93
C LYS A 479 58.22 -20.86 10.38
N LEU A 480 58.90 -19.75 10.68
CA LEU A 480 59.18 -19.37 12.05
C LEU A 480 58.21 -18.31 12.56
N ASP A 481 57.83 -17.36 11.71
CA ASP A 481 56.90 -16.32 12.12
C ASP A 481 55.56 -16.89 12.55
N ILE A 482 55.15 -18.02 11.95
CA ILE A 482 53.86 -18.60 12.29
C ILE A 482 53.87 -19.24 13.67
N MET A 483 55.05 -19.57 14.21
CA MET A 483 55.11 -20.28 15.48
C MET A 483 54.57 -19.45 16.64
N LYS A 484 54.40 -18.15 16.47
CA LYS A 484 53.90 -17.33 17.56
C LYS A 484 52.41 -17.56 17.82
N PHE A 485 51.69 -18.15 16.87
CA PHE A 485 50.27 -18.44 17.05
C PHE A 485 50.00 -19.83 17.60
N ALA A 486 51.02 -20.65 17.80
CA ALA A 486 50.84 -22.01 18.27
C ALA A 486 50.86 -22.04 19.79
N THR A 487 49.75 -22.46 20.40
CA THR A 487 49.72 -22.65 21.84
C THR A 487 50.25 -24.02 22.25
N LYS A 488 50.25 -24.98 21.33
CA LYS A 488 50.86 -26.28 21.56
C LYS A 488 51.81 -26.57 20.40
N LEU A 489 53.07 -26.83 20.72
CA LEU A 489 54.11 -27.06 19.71
C LEU A 489 54.53 -28.52 19.74
N SER A 490 54.63 -29.12 18.57
CA SER A 490 55.17 -30.46 18.45
C SER A 490 56.63 -30.50 18.86
N ASP A 491 57.08 -31.67 19.30
CA ASP A 491 58.49 -31.83 19.68
C ASP A 491 59.39 -31.56 18.49
N ALA A 492 59.01 -32.05 17.31
CA ALA A 492 59.81 -31.82 16.11
C ALA A 492 59.80 -30.34 15.73
N ALA A 493 58.66 -29.67 15.92
CA ALA A 493 58.60 -28.24 15.64
C ALA A 493 59.54 -27.46 16.54
N GLU A 494 59.64 -27.86 17.81
CA GLU A 494 60.55 -27.19 18.73
C GLU A 494 62.00 -27.43 18.35
N THR A 495 62.35 -28.68 18.03
CA THR A 495 63.75 -29.01 17.76
C THR A 495 64.20 -28.42 16.44
N ILE A 496 63.42 -28.64 15.37
CA ILE A 496 63.76 -28.04 14.09
C ILE A 496 63.63 -26.52 14.17
N GLY A 497 62.69 -26.03 14.96
CA GLY A 497 62.49 -24.59 15.05
C GLY A 497 61.67 -24.00 13.92
N ALA A 498 60.74 -24.76 13.37
CA ALA A 498 59.90 -24.27 12.28
C ALA A 498 58.61 -25.07 12.25
N VAL A 499 57.52 -24.38 11.90
CA VAL A 499 56.20 -24.97 11.80
C VAL A 499 55.73 -24.86 10.35
N ASN A 500 55.30 -25.97 9.78
CA ASN A 500 54.71 -25.97 8.44
C ASN A 500 53.25 -26.38 8.43
N THR A 501 52.67 -26.67 9.60
CA THR A 501 51.27 -27.06 9.70
C THR A 501 50.68 -26.47 10.97
N LEU A 502 49.57 -25.75 10.83
CA LEU A 502 48.88 -25.15 11.96
C LEU A 502 47.41 -25.53 11.89
N ILE A 503 46.89 -26.12 12.96
CA ILE A 503 45.49 -26.51 13.02
C ILE A 503 44.87 -25.93 14.29
N PRO A 504 43.59 -25.58 14.28
CA PRO A 504 42.94 -25.16 15.51
C PRO A 504 42.70 -26.34 16.44
N ILE A 505 42.88 -26.11 17.74
CA ILE A 505 42.59 -27.08 18.77
C ILE A 505 41.88 -26.35 19.92
N GLU A 506 41.50 -27.11 20.94
CA GLU A 506 40.86 -26.53 22.10
C GLU A 506 41.80 -25.55 22.80
N GLY A 507 41.36 -24.30 22.92
CA GLY A 507 42.13 -23.30 23.61
C GLY A 507 43.22 -22.64 22.78
N GLY A 508 43.43 -23.06 21.54
CA GLY A 508 44.43 -22.44 20.71
C GLY A 508 44.71 -23.14 19.39
N TYR A 509 45.99 -23.33 19.08
CA TYR A 509 46.39 -23.91 17.82
C TYR A 509 47.59 -24.83 18.03
N PHE A 510 47.62 -25.92 17.26
CA PHE A 510 48.71 -26.87 17.30
C PHE A 510 49.65 -26.60 16.13
N GLY A 511 50.94 -26.40 16.44
CA GLY A 511 51.94 -26.21 15.41
C GLY A 511 52.80 -27.45 15.28
N ASP A 512 52.89 -27.99 14.07
CA ASP A 512 53.66 -29.20 13.84
C ASP A 512 54.61 -28.97 12.67
N ASN A 513 55.54 -29.92 12.50
CA ASN A 513 56.46 -29.92 11.37
C ASN A 513 56.38 -31.30 10.72
N THR A 514 55.88 -31.35 9.48
CA THR A 514 55.81 -32.58 8.72
C THR A 514 56.94 -32.72 7.70
N ASP A 515 57.82 -31.72 7.60
CA ASP A 515 58.94 -31.83 6.67
C ASP A 515 59.81 -33.05 6.99
N TRP A 516 60.02 -33.33 8.27
CA TRP A 516 60.83 -34.49 8.63
C TRP A 516 60.07 -35.79 8.39
N VAL A 517 58.74 -35.77 8.56
CA VAL A 517 57.94 -36.96 8.27
C VAL A 517 58.00 -37.29 6.78
N GLY A 518 58.00 -36.26 5.93
CA GLY A 518 58.13 -36.50 4.50
C GLY A 518 59.44 -37.17 4.15
N ILE A 519 60.51 -36.87 4.88
CA ILE A 519 61.81 -37.44 4.58
C ILE A 519 61.85 -38.92 4.97
N SER A 520 61.48 -39.24 6.22
CA SER A 520 61.59 -40.61 6.68
C SER A 520 60.64 -41.54 5.94
N ASN A 521 59.42 -41.07 5.65
CA ASN A 521 58.49 -41.89 4.90
C ASN A 521 58.92 -42.08 3.45
N SER A 522 59.64 -41.09 2.88
CA SER A 522 60.25 -41.32 1.57
C SER A 522 61.23 -42.48 1.62
N PHE A 523 62.09 -42.49 2.66
CA PHE A 523 63.02 -43.61 2.83
C PHE A 523 62.27 -44.91 3.04
N ILE A 524 61.29 -44.90 3.96
CA ILE A 524 60.53 -46.12 4.25
C ILE A 524 59.85 -46.65 3.00
N ARG A 525 59.20 -45.76 2.25
CA ARG A 525 58.52 -46.19 1.02
C ARG A 525 59.49 -46.69 -0.04
N ALA A 526 60.79 -46.43 0.11
CA ALA A 526 61.79 -46.92 -0.84
C ALA A 526 62.47 -48.20 -0.38
N GLY A 527 62.00 -48.82 0.71
CA GLY A 527 62.52 -50.10 1.16
C GLY A 527 63.35 -50.04 2.43
N VAL A 528 63.58 -48.85 3.00
CA VAL A 528 64.36 -48.71 4.22
C VAL A 528 63.46 -49.07 5.40
N PRO A 529 63.93 -49.84 6.38
CA PRO A 529 63.10 -50.11 7.55
C PRO A 529 62.87 -48.83 8.35
N PRO A 530 61.69 -48.71 8.98
CA PRO A 530 61.38 -47.45 9.68
C PRO A 530 62.27 -47.16 10.87
N LYS A 531 62.84 -48.19 11.49
CA LYS A 531 63.93 -48.04 12.44
C LYS A 531 65.11 -48.84 11.94
N LEU A 532 66.32 -48.33 12.15
CA LEU A 532 67.51 -49.01 11.67
C LEU A 532 68.66 -48.80 12.65
N SER A 533 69.80 -49.40 12.32
CA SER A 533 71.00 -49.30 13.13
C SER A 533 72.13 -48.57 12.44
N SER A 534 72.07 -48.45 11.11
CA SER A 534 73.13 -47.82 10.34
C SER A 534 73.17 -46.31 10.59
N ASN A 535 74.11 -45.64 9.93
CA ASN A 535 74.33 -44.21 10.07
C ASN A 535 73.81 -43.47 8.84
N GLY A 536 73.72 -42.15 8.98
CA GLY A 536 73.21 -41.29 7.92
C GLY A 536 74.19 -40.18 7.57
N LEU A 537 73.93 -39.55 6.43
CA LEU A 537 74.69 -38.43 5.95
C LEU A 537 73.75 -37.34 5.46
N VAL A 538 74.04 -36.10 5.82
CA VAL A 538 73.32 -34.94 5.31
C VAL A 538 74.33 -34.07 4.59
N VAL A 539 74.07 -33.76 3.32
CA VAL A 539 74.96 -32.98 2.48
C VAL A 539 74.32 -31.60 2.29
N GLY A 540 75.01 -30.57 2.76
CA GLY A 540 74.57 -29.20 2.54
C GLY A 540 73.80 -28.63 3.71
N THR A 541 73.39 -27.37 3.53
CA THR A 541 72.68 -26.62 4.55
C THR A 541 71.41 -25.98 3.99
N GLY A 542 70.79 -26.64 3.02
CA GLY A 542 69.54 -26.18 2.45
C GLY A 542 68.40 -26.09 3.45
N GLY A 543 67.23 -25.64 2.97
CA GLY A 543 66.12 -25.38 3.89
C GLY A 543 65.64 -26.60 4.65
N THR A 544 65.80 -27.79 4.07
CA THR A 544 65.33 -29.01 4.71
C THR A 544 66.45 -29.79 5.40
N SER A 545 67.60 -29.16 5.62
CA SER A 545 68.71 -29.87 6.25
C SER A 545 68.43 -30.12 7.73
N ARG A 546 67.76 -29.18 8.40
CA ARG A 546 67.37 -29.40 9.80
C ARG A 546 66.36 -30.53 9.91
N ALA A 547 65.35 -30.54 9.05
CA ALA A 547 64.38 -31.63 9.07
C ALA A 547 65.02 -32.96 8.67
N ALA A 548 66.06 -32.92 7.84
CA ALA A 548 66.75 -34.16 7.48
C ALA A 548 67.46 -34.76 8.68
N ILE A 549 68.15 -33.93 9.47
CA ILE A 549 68.82 -34.41 10.66
C ILE A 549 67.80 -35.00 11.64
N TYR A 550 66.72 -34.26 11.89
CA TYR A 550 65.72 -34.73 12.83
C TYR A 550 65.12 -36.05 12.37
N ALA A 551 64.89 -36.20 11.06
CA ALA A 551 64.32 -37.44 10.54
C ALA A 551 65.31 -38.60 10.68
N LEU A 552 66.58 -38.37 10.36
CA LEU A 552 67.58 -39.43 10.49
C LEU A 552 67.71 -39.88 11.93
N HIS A 553 67.63 -38.95 12.87
CA HIS A 553 67.71 -39.34 14.28
C HIS A 553 66.46 -40.10 14.71
N GLN A 554 65.28 -39.70 14.19
CA GLN A 554 64.06 -40.44 14.49
C GLN A 554 64.13 -41.87 13.99
N MET A 555 64.86 -42.11 12.91
CA MET A 555 64.95 -43.44 12.34
C MET A 555 65.95 -44.31 13.08
N GLY A 556 66.69 -43.75 14.02
CA GLY A 556 67.63 -44.50 14.82
C GLY A 556 69.06 -44.48 14.37
N CYS A 557 69.45 -43.51 13.55
CA CYS A 557 70.85 -43.42 13.11
C CYS A 557 71.75 -43.13 14.30
N ALA A 558 72.72 -44.01 14.55
CA ALA A 558 73.64 -43.83 15.64
C ALA A 558 74.50 -42.58 15.45
N LYS A 559 74.92 -42.34 14.21
CA LYS A 559 75.73 -41.17 13.86
C LYS A 559 75.10 -40.50 12.65
N ILE A 560 75.17 -39.18 12.61
CA ILE A 560 74.76 -38.41 11.44
C ILE A 560 75.95 -37.58 10.99
N TYR A 561 76.54 -37.95 9.87
CA TYR A 561 77.65 -37.20 9.32
C TYR A 561 77.15 -35.97 8.57
N LEU A 562 78.03 -34.98 8.44
CA LEU A 562 77.72 -33.74 7.75
C LEU A 562 78.84 -33.41 6.77
N VAL A 563 78.46 -33.07 5.54
CA VAL A 563 79.39 -32.62 4.51
C VAL A 563 78.89 -31.29 3.98
N ASN A 564 79.80 -30.33 3.82
CA ASN A 564 79.45 -29.04 3.27
C ASN A 564 80.71 -28.34 2.77
N ARG A 565 80.52 -27.30 1.97
CA ARG A 565 81.65 -26.51 1.48
C ARG A 565 82.29 -25.71 2.62
N THR A 566 81.47 -25.01 3.39
CA THR A 566 81.93 -24.21 4.52
C THR A 566 81.72 -25.00 5.81
N ALA A 567 82.69 -24.90 6.72
CA ALA A 567 82.61 -25.60 8.00
C ALA A 567 81.84 -24.81 9.05
N ALA A 568 81.87 -23.48 8.98
CA ALA A 568 81.21 -22.65 9.99
C ALA A 568 79.72 -22.96 10.08
N LYS A 569 79.07 -23.16 8.92
CA LYS A 569 77.66 -23.52 8.92
C LYS A 569 77.44 -24.85 9.62
N LEU A 570 78.35 -25.81 9.42
CA LEU A 570 78.22 -27.11 10.06
C LEU A 570 78.52 -27.04 11.56
N GLU A 571 79.49 -26.22 11.95
CA GLU A 571 79.81 -26.10 13.37
C GLU A 571 78.64 -25.50 14.15
N GLU A 572 77.90 -24.57 13.54
CA GLU A 572 76.69 -24.06 14.18
C GLU A 572 75.58 -25.10 14.18
N LEU A 573 75.54 -25.96 13.16
CA LEU A 573 74.52 -27.00 13.09
C LEU A 573 74.63 -27.97 14.27
N VAL A 574 75.87 -28.32 14.65
CA VAL A 574 76.08 -29.23 15.77
C VAL A 574 75.62 -28.58 17.07
N LYS A 575 75.82 -27.27 17.21
CA LYS A 575 75.42 -26.58 18.43
C LYS A 575 73.91 -26.50 18.57
N SER A 576 73.18 -26.53 17.47
CA SER A 576 71.74 -26.29 17.47
C SER A 576 70.91 -27.54 17.68
N PHE A 577 71.54 -28.70 17.85
CA PHE A 577 70.83 -29.94 18.08
C PHE A 577 71.33 -30.58 19.37
N PRO A 578 70.51 -31.43 20.01
CA PRO A 578 70.98 -32.11 21.22
C PRO A 578 72.21 -32.96 20.94
N LYS A 579 73.10 -33.02 21.94
CA LYS A 579 74.39 -33.69 21.75
C LYS A 579 74.22 -35.17 21.46
N ASP A 580 73.15 -35.79 21.94
CA ASP A 580 72.92 -37.21 21.71
C ASP A 580 72.51 -37.52 20.28
N TYR A 581 72.43 -36.52 19.39
CA TYR A 581 72.23 -36.79 17.98
C TYR A 581 73.50 -37.30 17.30
N ASN A 582 74.66 -37.10 17.93
CA ASN A 582 75.94 -37.56 17.40
C ASN A 582 76.17 -37.05 15.97
N LEU A 583 76.02 -35.74 15.81
CA LEU A 583 76.41 -35.11 14.56
C LEU A 583 77.93 -35.06 14.47
N GLU A 584 78.48 -35.46 13.33
CA GLU A 584 79.92 -35.46 13.11
C GLU A 584 80.22 -34.80 11.78
N ILE A 585 81.11 -33.80 11.81
CA ILE A 585 81.52 -33.10 10.61
C ILE A 585 82.58 -33.92 9.88
N VAL A 586 82.40 -34.10 8.58
CA VAL A 586 83.39 -34.77 7.75
C VAL A 586 84.37 -33.69 7.29
N GLU A 587 85.50 -33.58 8.01
CA GLU A 587 86.45 -32.51 7.77
C GLU A 587 87.34 -32.77 6.56
N THR A 588 87.60 -34.03 6.23
CA THR A 588 88.58 -34.38 5.21
C THR A 588 88.01 -35.47 4.32
N GLU A 589 88.68 -35.68 3.18
CA GLU A 589 88.34 -36.80 2.32
C GLU A 589 88.65 -38.12 3.01
N GLN A 590 89.75 -38.17 3.76
CA GLN A 590 90.09 -39.36 4.53
C GLN A 590 89.01 -39.70 5.55
N GLN A 591 88.49 -38.68 6.25
CA GLN A 591 87.39 -38.92 7.19
C GLN A 591 86.14 -39.42 6.49
N ALA A 592 85.90 -38.95 5.27
CA ALA A 592 84.76 -39.45 4.49
C ALA A 592 84.95 -40.93 4.17
N ASP A 593 86.18 -41.35 3.87
CA ASP A 593 86.45 -42.74 3.57
C ASP A 593 86.25 -43.64 4.77
N LYS A 594 86.33 -43.11 5.98
CA LYS A 594 86.20 -43.90 7.19
C LYS A 594 84.89 -43.64 7.93
N ALA A 595 83.98 -42.88 7.34
CA ALA A 595 82.63 -42.79 7.89
C ALA A 595 81.96 -44.16 7.83
N SER A 596 81.51 -44.67 8.97
CA SER A 596 81.06 -46.05 9.07
C SER A 596 79.56 -46.18 8.88
N LYS A 597 79.15 -47.22 8.15
CA LYS A 597 77.76 -47.68 8.08
C LYS A 597 76.81 -46.61 7.54
N VAL A 598 77.27 -45.84 6.58
CA VAL A 598 76.43 -44.80 5.98
C VAL A 598 75.59 -45.44 4.89
N LEU A 599 74.30 -45.62 5.17
CA LEU A 599 73.36 -46.15 4.19
C LEU A 599 72.26 -45.18 3.80
N LEU A 600 72.13 -44.06 4.49
CA LEU A 600 71.12 -43.06 4.19
C LEU A 600 71.81 -41.72 3.94
N VAL A 601 71.44 -41.07 2.84
CA VAL A 601 71.96 -39.76 2.48
C VAL A 601 70.79 -38.87 2.10
N VAL A 602 70.74 -37.67 2.69
CA VAL A 602 69.85 -36.62 2.25
C VAL A 602 70.71 -35.50 1.67
N SER A 603 70.51 -35.22 0.37
CA SER A 603 71.22 -34.13 -0.28
C SER A 603 70.41 -32.85 -0.14
N CYS A 604 70.99 -31.85 0.51
CA CYS A 604 70.36 -30.54 0.69
C CYS A 604 71.22 -29.43 0.09
N ILE A 605 71.97 -29.75 -0.96
CA ILE A 605 72.80 -28.77 -1.67
C ILE A 605 72.06 -28.31 -2.91
N PRO A 606 72.33 -27.09 -3.41
CA PRO A 606 71.75 -26.68 -4.69
C PRO A 606 72.11 -27.67 -5.79
N ALA A 607 71.11 -28.05 -6.58
CA ALA A 607 71.27 -29.04 -7.64
C ALA A 607 71.32 -28.40 -9.02
N ASP A 608 71.36 -27.07 -9.11
CA ASP A 608 71.44 -26.41 -10.41
C ASP A 608 72.85 -26.47 -10.99
N LYS A 609 73.86 -26.53 -10.15
CA LYS A 609 75.25 -26.62 -10.58
C LYS A 609 75.79 -28.02 -10.32
N PRO A 610 76.85 -28.43 -11.03
CA PRO A 610 77.44 -29.74 -10.79
C PRO A 610 78.20 -29.79 -9.47
N LEU A 611 78.48 -31.02 -9.03
CA LEU A 611 79.29 -31.24 -7.83
C LEU A 611 80.76 -31.04 -8.15
N ASP A 612 81.49 -30.45 -7.21
CA ASP A 612 82.92 -30.22 -7.40
C ASP A 612 83.59 -30.10 -6.04
N GLY A 613 84.91 -29.89 -6.08
CA GLY A 613 85.69 -29.57 -4.90
C GLY A 613 85.77 -30.70 -3.89
N GLU A 614 86.08 -30.31 -2.64
CA GLU A 614 86.20 -31.28 -1.57
C GLU A 614 84.86 -31.92 -1.25
N VAL A 615 83.75 -31.24 -1.53
CA VAL A 615 82.44 -31.83 -1.28
C VAL A 615 82.23 -33.06 -2.15
N LEU A 616 82.57 -32.95 -3.44
CA LEU A 616 82.42 -34.10 -4.34
C LEU A 616 83.34 -35.25 -3.91
N LYS A 617 84.58 -34.95 -3.52
CA LYS A 617 85.50 -36.02 -3.15
C LYS A 617 85.03 -36.74 -1.89
N LYS A 618 84.47 -36.00 -0.93
CA LYS A 618 83.94 -36.64 0.26
C LYS A 618 82.71 -37.48 -0.07
N ILE A 619 81.86 -36.99 -0.98
CA ILE A 619 80.67 -37.74 -1.34
C ILE A 619 81.03 -39.03 -2.05
N GLU A 620 82.03 -38.97 -2.95
CA GLU A 620 82.41 -40.17 -3.71
C GLU A 620 82.89 -41.28 -2.79
N ARG A 621 83.67 -40.94 -1.77
CA ARG A 621 84.17 -41.97 -0.86
C ARG A 621 83.04 -42.62 -0.08
N ILE A 622 82.08 -41.81 0.39
CA ILE A 622 80.97 -42.36 1.15
C ILE A 622 80.06 -43.19 0.25
N LEU A 623 79.81 -42.71 -0.97
CA LEU A 623 79.01 -43.49 -1.91
C LEU A 623 79.69 -44.80 -2.25
N SER A 624 81.03 -44.80 -2.33
CA SER A 624 81.75 -46.00 -2.71
C SER A 624 81.70 -47.07 -1.63
N ASN A 625 81.49 -46.68 -0.38
CA ASN A 625 81.48 -47.60 0.74
C ASN A 625 80.10 -48.19 1.04
N GLY A 626 79.08 -47.84 0.24
CA GLY A 626 77.75 -48.30 0.56
C GLY A 626 77.39 -49.69 0.08
N SER A 627 78.23 -50.31 -0.75
CA SER A 627 77.82 -51.52 -1.46
C SER A 627 77.93 -52.78 -0.61
N GLU A 628 78.83 -52.81 0.39
CA GLU A 628 79.02 -54.02 1.18
C GLU A 628 78.81 -53.69 2.67
N GLN A 629 77.55 -53.77 3.10
CA GLN A 629 77.23 -53.68 4.52
C GLN A 629 76.17 -54.67 4.97
N SER A 630 75.41 -55.28 4.07
CA SER A 630 74.51 -56.39 4.38
C SER A 630 73.50 -56.03 5.45
N ALA A 631 72.91 -54.84 5.34
CA ALA A 631 71.85 -54.42 6.25
C ALA A 631 70.46 -54.82 5.78
N GLY A 632 70.35 -55.48 4.62
CA GLY A 632 69.07 -55.94 4.12
C GLY A 632 68.36 -55.01 3.17
N PHE A 633 68.94 -53.86 2.85
CA PHE A 633 68.35 -52.91 1.92
C PHE A 633 69.47 -52.20 1.19
N LYS A 634 69.17 -51.73 -0.01
CA LYS A 634 70.15 -50.97 -0.78
C LYS A 634 70.45 -49.66 -0.05
N PRO A 635 71.69 -49.18 -0.09
CA PRO A 635 71.97 -47.81 0.37
C PRO A 635 71.13 -46.83 -0.44
N THR A 636 70.51 -45.87 0.26
CA THR A 636 69.46 -45.06 -0.34
C THR A 636 69.77 -43.58 -0.14
N LEU A 637 69.64 -42.82 -1.22
CA LEU A 637 69.86 -41.39 -1.22
C LEU A 637 68.54 -40.69 -1.52
N LEU A 638 68.20 -39.69 -0.73
CA LEU A 638 67.03 -38.86 -0.98
C LEU A 638 67.51 -37.46 -1.39
N GLU A 639 67.06 -37.00 -2.55
CA GLU A 639 67.32 -35.65 -2.99
C GLU A 639 66.20 -34.74 -2.50
N ALA A 640 66.57 -33.59 -1.95
CA ALA A 640 65.58 -32.66 -1.42
C ALA A 640 65.08 -31.69 -2.48
N SER A 641 65.89 -31.37 -3.47
CA SER A 641 65.49 -30.41 -4.50
C SER A 641 64.36 -30.98 -5.34
N TYR A 642 63.33 -30.17 -5.57
CA TYR A 642 62.22 -30.58 -6.42
C TYR A 642 62.60 -30.58 -7.90
N LYS A 643 63.46 -29.66 -8.32
CA LYS A 643 63.91 -29.55 -9.69
C LYS A 643 65.43 -29.51 -9.73
N PRO A 644 66.07 -30.18 -10.70
CA PRO A 644 65.41 -31.03 -11.71
C PRO A 644 65.06 -32.38 -11.12
N ARG A 645 64.30 -33.20 -11.85
CA ARG A 645 63.87 -34.49 -11.30
C ARG A 645 65.08 -35.37 -10.96
N VAL A 646 66.10 -35.36 -11.82
CA VAL A 646 67.32 -36.13 -11.60
C VAL A 646 68.49 -35.15 -11.44
N THR A 647 69.08 -35.13 -10.27
CA THR A 647 70.11 -34.17 -9.91
C THR A 647 71.49 -34.81 -10.01
N PRO A 648 72.55 -34.00 -10.06
CA PRO A 648 73.90 -34.60 -10.22
C PRO A 648 74.25 -35.62 -9.15
N ILE A 649 73.93 -35.35 -7.88
CA ILE A 649 74.24 -36.33 -6.85
C ILE A 649 73.42 -37.60 -7.05
N MET A 650 72.21 -37.46 -7.59
CA MET A 650 71.37 -38.62 -7.89
C MET A 650 72.00 -39.45 -9.02
N LYS A 651 72.43 -38.77 -10.08
CA LYS A 651 73.02 -39.48 -11.21
C LYS A 651 74.29 -40.21 -10.80
N LEU A 652 75.09 -39.59 -9.93
CA LEU A 652 76.34 -40.21 -9.50
C LEU A 652 76.07 -41.43 -8.62
N ALA A 653 75.25 -41.27 -7.58
CA ALA A 653 75.02 -42.36 -6.64
C ALA A 653 74.39 -43.56 -7.33
N GLU A 654 73.48 -43.31 -8.28
CA GLU A 654 72.77 -44.41 -8.93
C GLU A 654 73.62 -45.08 -10.00
N GLU A 655 74.22 -44.30 -10.90
CA GLU A 655 74.88 -44.90 -12.06
C GLU A 655 76.27 -45.40 -11.71
N GLN A 656 77.01 -44.65 -10.91
CA GLN A 656 78.38 -45.03 -10.57
C GLN A 656 78.46 -45.98 -9.38
N TYR A 657 77.60 -45.80 -8.37
CA TYR A 657 77.70 -46.58 -7.14
C TYR A 657 76.47 -47.42 -6.84
N LYS A 658 75.45 -47.38 -7.71
CA LYS A 658 74.30 -48.28 -7.62
C LYS A 658 73.57 -48.14 -6.28
N TRP A 659 73.43 -46.90 -5.82
CA TRP A 659 72.53 -46.61 -4.72
C TRP A 659 71.09 -46.56 -5.24
N LYS A 660 70.15 -46.73 -4.31
CA LYS A 660 68.76 -46.41 -4.59
C LYS A 660 68.55 -44.91 -4.42
N VAL A 661 67.79 -44.32 -5.32
CA VAL A 661 67.74 -42.87 -5.50
C VAL A 661 66.30 -42.40 -5.49
N ILE A 662 66.03 -41.33 -4.74
CA ILE A 662 64.68 -40.81 -4.54
C ILE A 662 64.63 -39.34 -4.96
N PRO A 663 63.77 -38.95 -5.89
CA PRO A 663 63.67 -37.53 -6.27
C PRO A 663 62.92 -36.71 -5.22
N GLY A 664 63.20 -35.40 -5.24
CA GLY A 664 62.62 -34.48 -4.28
C GLY A 664 61.10 -34.43 -4.29
N VAL A 665 60.48 -34.77 -5.42
CA VAL A 665 59.03 -34.74 -5.50
C VAL A 665 58.40 -35.76 -4.56
N GLU A 666 59.12 -36.84 -4.24
CA GLU A 666 58.60 -37.81 -3.28
C GLU A 666 58.52 -37.21 -1.89
N MET A 667 59.53 -36.44 -1.50
CA MET A 667 59.48 -35.79 -0.20
C MET A 667 58.28 -34.85 -0.11
N LEU A 668 57.94 -34.18 -1.22
CA LEU A 668 56.83 -33.25 -1.22
C LEU A 668 55.50 -33.97 -1.03
N VAL A 669 55.31 -35.11 -1.70
CA VAL A 669 54.07 -35.85 -1.56
C VAL A 669 53.91 -36.39 -0.15
N ASN A 670 55.01 -36.84 0.45
CA ASN A 670 54.93 -37.51 1.73
C ASN A 670 54.79 -36.53 2.89
N GLN A 671 55.31 -35.31 2.76
CA GLN A 671 55.03 -34.32 3.79
C GLN A 671 53.61 -33.79 3.67
N GLY A 672 53.10 -33.68 2.44
CA GLY A 672 51.69 -33.37 2.25
C GLY A 672 50.78 -34.47 2.73
N ASP A 673 51.20 -35.74 2.58
CA ASP A 673 50.42 -36.86 3.06
C ASP A 673 50.19 -36.76 4.56
N ARG A 674 51.25 -36.49 5.33
CA ARG A 674 51.11 -36.28 6.76
C ARG A 674 50.30 -35.03 7.05
N GLN A 675 50.52 -33.96 6.29
CA GLN A 675 49.74 -32.74 6.45
C GLN A 675 48.25 -33.02 6.25
N PHE A 676 47.91 -33.88 5.30
CA PHE A 676 46.50 -34.18 5.04
C PHE A 676 45.86 -34.86 6.25
N LYS A 677 46.61 -35.73 6.94
CA LYS A 677 46.08 -36.40 8.11
C LYS A 677 45.90 -35.42 9.27
N LEU A 678 46.83 -34.49 9.43
CA LEU A 678 46.71 -33.51 10.52
C LEU A 678 45.54 -32.56 10.27
N HIS A 679 45.30 -32.19 9.02
CA HIS A 679 44.22 -31.26 8.71
C HIS A 679 42.85 -31.91 8.86
N THR A 680 42.69 -33.11 8.28
CA THR A 680 41.38 -33.72 8.14
C THR A 680 41.11 -34.86 9.11
N GLY A 681 42.13 -35.45 9.72
CA GLY A 681 41.97 -36.65 10.50
C GLY A 681 41.89 -37.93 9.70
N PHE A 682 41.82 -37.85 8.37
CA PHE A 682 41.72 -39.02 7.50
C PHE A 682 43.08 -39.38 6.91
N ILE A 683 43.30 -40.67 6.71
CA ILE A 683 44.41 -41.12 5.89
C ILE A 683 44.16 -40.72 4.45
N ALA A 684 45.13 -40.03 3.85
CA ALA A 684 44.97 -39.59 2.47
C ALA A 684 44.99 -40.79 1.52
N PRO A 685 44.17 -40.77 0.46
CA PRO A 685 44.30 -41.78 -0.60
C PRO A 685 45.59 -41.57 -1.38
N TYR A 686 46.59 -42.44 -1.15
CA TYR A 686 47.95 -42.10 -1.55
C TYR A 686 48.11 -42.00 -3.05
N GLU A 687 47.59 -42.98 -3.79
CA GLU A 687 47.75 -42.97 -5.24
C GLU A 687 47.17 -41.70 -5.84
N ILE A 688 46.06 -41.22 -5.31
CA ILE A 688 45.38 -40.05 -5.89
C ILE A 688 46.15 -38.77 -5.57
N ILE A 689 46.63 -38.62 -4.34
CA ILE A 689 47.33 -37.38 -4.01
C ILE A 689 48.73 -37.38 -4.62
N HIS A 690 49.37 -38.54 -4.74
CA HIS A 690 50.66 -38.59 -5.42
C HIS A 690 50.52 -38.18 -6.88
N ARG A 691 49.50 -38.71 -7.55
CA ARG A 691 49.25 -38.34 -8.94
C ARG A 691 48.89 -36.87 -9.07
N ALA A 692 48.19 -36.31 -8.07
CA ALA A 692 47.75 -34.92 -8.19
C ALA A 692 48.90 -33.95 -8.05
N LEU A 693 49.90 -34.27 -7.23
CA LEU A 693 51.05 -33.37 -7.10
C LEU A 693 51.98 -33.46 -8.30
N LEU A 694 52.08 -34.64 -8.92
CA LEU A 694 52.96 -34.81 -10.07
C LEU A 694 52.38 -34.21 -11.35
N GLU A 695 51.07 -34.23 -11.49
CA GLU A 695 50.46 -33.86 -12.76
C GLU A 695 50.74 -32.40 -13.10
N GLU A 696 51.10 -32.16 -14.36
CA GLU A 696 51.27 -30.80 -14.85
C GLU A 696 50.21 -30.50 -15.89
N SER B 2 -21.05 -20.48 18.71
CA SER B 2 -21.08 -21.26 17.48
C SER B 2 -22.36 -20.98 16.71
N ASP B 3 -23.50 -21.12 17.39
CA ASP B 3 -24.79 -20.77 16.82
C ASP B 3 -25.18 -19.32 17.08
N LYS B 4 -24.33 -18.55 17.77
CA LYS B 4 -24.64 -17.16 18.04
C LYS B 4 -24.51 -16.33 16.76
N SER B 5 -25.40 -15.35 16.61
CA SER B 5 -25.44 -14.55 15.40
C SER B 5 -24.17 -13.74 15.24
N ILE B 6 -23.85 -13.43 13.99
CA ILE B 6 -22.67 -12.63 13.64
C ILE B 6 -23.16 -11.29 13.10
N ILE B 7 -22.73 -10.20 13.75
CA ILE B 7 -23.02 -8.85 13.29
C ILE B 7 -21.92 -8.41 12.34
N VAL B 8 -22.31 -7.86 11.19
CA VAL B 8 -21.37 -7.37 10.19
C VAL B 8 -21.52 -5.85 10.09
N ILE B 9 -20.40 -5.14 10.19
CA ILE B 9 -20.36 -3.70 9.96
C ILE B 9 -19.34 -3.41 8.87
N GLY B 10 -19.29 -2.16 8.44
CA GLY B 10 -18.45 -1.74 7.34
C GLY B 10 -19.24 -0.97 6.30
N MET B 11 -18.49 -0.36 5.38
CA MET B 11 -19.09 0.52 4.38
C MET B 11 -19.99 -0.26 3.42
N ARG B 12 -21.04 0.43 2.94
CA ARG B 12 -22.06 -0.16 2.08
C ARG B 12 -21.51 -0.26 0.65
N GLY B 13 -21.02 -1.44 0.28
CA GLY B 13 -20.53 -1.71 -1.05
C GLY B 13 -21.30 -2.84 -1.71
N THR B 14 -20.96 -3.08 -2.98
CA THR B 14 -21.66 -4.09 -3.76
C THR B 14 -21.27 -5.50 -3.34
N GLY B 15 -20.02 -5.70 -2.91
CA GLY B 15 -19.54 -7.01 -2.54
C GLY B 15 -19.72 -7.40 -1.09
N LYS B 16 -20.16 -6.46 -0.25
CA LYS B 16 -20.33 -6.76 1.18
C LYS B 16 -21.60 -7.57 1.42
N SER B 17 -22.73 -7.12 0.89
CA SER B 17 -23.99 -7.83 1.10
C SER B 17 -23.93 -9.23 0.49
N THR B 18 -23.26 -9.39 -0.65
CA THR B 18 -23.10 -10.72 -1.22
C THR B 18 -22.12 -11.56 -0.42
N LEU B 19 -21.11 -10.93 0.18
CA LEU B 19 -20.24 -11.65 1.11
C LEU B 19 -21.00 -12.03 2.37
N SER B 20 -21.93 -11.17 2.81
CA SER B 20 -22.77 -11.52 3.95
C SER B 20 -23.65 -12.72 3.61
N GLU B 21 -24.25 -12.73 2.42
CA GLU B 21 -25.06 -13.88 2.00
C GLU B 21 -24.20 -15.13 1.91
N TRP B 22 -22.99 -15.00 1.37
CA TRP B 22 -22.08 -16.14 1.33
C TRP B 22 -21.81 -16.68 2.73
N LEU B 23 -21.61 -15.79 3.70
CA LEU B 23 -21.37 -16.21 5.08
C LEU B 23 -22.60 -16.90 5.66
N ALA B 24 -23.80 -16.40 5.34
CA ALA B 24 -25.02 -17.06 5.81
C ALA B 24 -25.16 -18.46 5.20
N SER B 25 -24.95 -18.57 3.89
CA SER B 25 -25.07 -19.86 3.23
C SER B 25 -24.11 -20.88 3.82
N PHE B 26 -22.91 -20.43 4.19
CA PHE B 26 -21.90 -21.36 4.71
C PHE B 26 -22.26 -21.84 6.11
N LEU B 27 -22.78 -20.95 6.96
CA LEU B 27 -23.11 -21.28 8.33
C LEU B 27 -24.54 -21.80 8.50
N GLY B 28 -25.35 -21.78 7.46
CA GLY B 28 -26.74 -22.16 7.62
C GLY B 28 -27.58 -21.14 8.37
N PHE B 29 -27.16 -19.87 8.36
CA PHE B 29 -27.88 -18.79 9.03
C PHE B 29 -28.79 -18.07 8.04
N LYS B 30 -29.72 -17.30 8.60
CA LYS B 30 -30.55 -16.40 7.81
C LYS B 30 -29.87 -15.04 7.72
N MET B 31 -29.97 -14.42 6.55
CA MET B 31 -29.39 -13.11 6.31
C MET B 31 -30.44 -12.04 6.53
N LEU B 32 -30.09 -11.00 7.29
CA LEU B 32 -31.02 -9.93 7.63
C LEU B 32 -30.41 -8.58 7.27
N ASP B 33 -30.98 -7.92 6.26
CA ASP B 33 -30.61 -6.57 5.90
C ASP B 33 -31.30 -5.61 6.88
N MET B 34 -30.53 -5.04 7.80
CA MET B 34 -31.13 -4.20 8.83
C MET B 34 -31.60 -2.85 8.28
N ASP B 35 -31.06 -2.42 7.15
CA ASP B 35 -31.59 -1.23 6.48
C ASP B 35 -33.01 -1.47 5.98
N LYS B 36 -33.22 -2.59 5.28
CA LYS B 36 -34.57 -2.94 4.84
C LYS B 36 -35.49 -3.21 6.03
N TYR B 37 -34.95 -3.73 7.11
CA TYR B 37 -35.75 -4.00 8.30
C TYR B 37 -36.33 -2.71 8.86
N LEU B 38 -35.49 -1.67 8.98
CA LEU B 38 -35.98 -0.38 9.45
C LEU B 38 -37.02 0.19 8.50
N GLU B 39 -36.79 0.06 7.19
CA GLU B 39 -37.71 0.63 6.21
C GLU B 39 -39.07 -0.04 6.28
N GLU B 40 -39.10 -1.37 6.44
CA GLU B 40 -40.38 -2.06 6.56
C GLU B 40 -41.05 -1.75 7.90
N LYS B 41 -40.28 -1.42 8.93
CA LYS B 41 -40.87 -1.15 10.23
C LYS B 41 -41.53 0.22 10.28
N LEU B 42 -40.89 1.24 9.71
CA LEU B 42 -41.36 2.61 9.83
C LEU B 42 -42.23 3.06 8.67
N GLY B 43 -42.05 2.49 7.48
CA GLY B 43 -42.90 2.83 6.35
C GLY B 43 -42.20 3.46 5.17
N THR B 44 -41.29 4.39 5.43
CA THR B 44 -40.62 5.14 4.37
C THR B 44 -39.24 4.57 4.08
N GLY B 45 -38.61 5.12 3.05
CA GLY B 45 -37.23 4.79 2.76
C GLY B 45 -36.28 5.55 3.66
N ILE B 46 -35.03 5.10 3.67
CA ILE B 46 -34.02 5.71 4.53
C ILE B 46 -33.80 7.17 4.14
N LYS B 47 -33.50 7.41 2.86
CA LYS B 47 -33.14 8.76 2.43
C LYS B 47 -34.31 9.72 2.60
N SER B 48 -35.53 9.26 2.32
CA SER B 48 -36.69 10.13 2.52
C SER B 48 -36.95 10.37 4.00
N LEU B 49 -36.67 9.38 4.86
CA LEU B 49 -36.84 9.57 6.29
C LEU B 49 -35.85 10.61 6.83
N ILE B 50 -34.61 10.56 6.35
CA ILE B 50 -33.60 11.51 6.81
C ILE B 50 -34.00 12.94 6.42
N LYS B 51 -34.45 13.12 5.19
CA LYS B 51 -34.83 14.46 4.73
C LYS B 51 -36.06 14.97 5.48
N ALA B 52 -36.92 14.08 5.96
CA ALA B 52 -38.18 14.48 6.57
C ALA B 52 -38.04 14.74 8.07
N LYS B 53 -37.25 13.92 8.78
CA LYS B 53 -37.18 14.02 10.23
C LYS B 53 -35.78 14.30 10.78
N GLY B 54 -34.74 14.23 9.96
CA GLY B 54 -33.41 14.65 10.36
C GLY B 54 -32.51 13.48 10.73
N TRP B 55 -31.21 13.81 10.86
CA TRP B 55 -30.20 12.79 11.13
C TRP B 55 -30.29 12.26 12.55
N GLU B 56 -30.60 13.11 13.52
CA GLU B 56 -30.66 12.64 14.90
C GLU B 56 -31.80 11.65 15.09
N TYR B 57 -32.97 11.94 14.51
CA TYR B 57 -34.09 11.01 14.63
C TYR B 57 -33.77 9.70 13.95
N PHE B 58 -33.13 9.74 12.78
CA PHE B 58 -32.83 8.52 12.05
C PHE B 58 -31.86 7.62 12.83
N ARG B 59 -30.79 8.21 13.36
CA ARG B 59 -29.84 7.42 14.15
C ARG B 59 -30.51 6.86 15.39
N GLN B 60 -31.43 7.62 16.00
CA GLN B 60 -32.19 7.10 17.12
C GLN B 60 -32.96 5.84 16.73
N GLU B 61 -33.67 5.90 15.60
CA GLU B 61 -34.46 4.76 15.15
C GLU B 61 -33.57 3.59 14.75
N GLU B 62 -32.41 3.91 14.15
CA GLU B 62 -31.43 2.87 13.84
C GLU B 62 -31.00 2.14 15.10
N ALA B 63 -30.80 2.88 16.19
CA ALA B 63 -30.39 2.26 17.45
C ALA B 63 -31.49 1.41 18.05
N ILE B 64 -32.76 1.82 17.89
CA ILE B 64 -33.87 1.00 18.37
C ILE B 64 -33.92 -0.32 17.61
N VAL B 65 -33.78 -0.26 16.28
CA VAL B 65 -33.79 -1.48 15.47
C VAL B 65 -32.60 -2.37 15.84
N ALA B 66 -31.45 -1.78 16.13
CA ALA B 66 -30.29 -2.58 16.50
C ALA B 66 -30.49 -3.26 17.85
N LYS B 67 -31.05 -2.54 18.83
CA LYS B 67 -31.25 -3.14 20.14
C LYS B 67 -32.23 -4.30 20.09
N GLU B 68 -33.21 -4.23 19.19
CA GLU B 68 -34.17 -5.31 19.05
C GLU B 68 -33.57 -6.50 18.30
N CYS B 69 -32.84 -6.24 17.21
CA CYS B 69 -32.25 -7.33 16.44
C CYS B 69 -31.14 -8.04 17.21
N PHE B 70 -30.39 -7.30 18.03
CA PHE B 70 -29.27 -7.91 18.76
C PHE B 70 -29.73 -8.77 19.92
N THR B 71 -31.02 -8.79 20.23
CA THR B 71 -31.55 -9.64 21.28
C THR B 71 -32.53 -10.67 20.76
N LYS B 72 -33.43 -10.30 19.84
CA LYS B 72 -34.41 -11.25 19.33
C LYS B 72 -33.80 -12.17 18.27
N PHE B 73 -32.92 -11.65 17.43
CA PHE B 73 -32.22 -12.46 16.43
C PHE B 73 -30.80 -12.76 16.87
N SER B 74 -30.66 -13.17 18.13
CA SER B 74 -29.33 -13.38 18.71
C SER B 74 -28.63 -14.62 18.19
N LYS B 75 -29.37 -15.56 17.60
CA LYS B 75 -28.81 -16.83 17.16
C LYS B 75 -29.23 -17.13 15.73
N GLY B 76 -28.32 -17.75 14.99
CA GLY B 76 -28.63 -18.24 13.65
C GLY B 76 -28.84 -17.18 12.60
N TYR B 77 -28.19 -16.02 12.73
CA TYR B 77 -28.40 -14.91 11.81
C TYR B 77 -27.08 -14.26 11.45
N VAL B 78 -27.01 -13.74 10.24
CA VAL B 78 -25.99 -12.78 9.83
C VAL B 78 -26.71 -11.42 9.77
N LEU B 79 -26.45 -10.58 10.77
CA LEU B 79 -27.11 -9.28 10.87
C LEU B 79 -26.30 -8.24 10.09
N SER B 80 -26.85 -7.81 8.96
CA SER B 80 -26.17 -6.85 8.08
C SER B 80 -26.60 -5.46 8.47
N THR B 81 -25.76 -4.76 9.24
CA THR B 81 -26.05 -3.41 9.66
C THR B 81 -25.94 -2.45 8.49
N GLY B 82 -26.62 -1.30 8.62
CA GLY B 82 -26.42 -0.22 7.68
C GLY B 82 -25.01 0.34 7.78
N GLY B 83 -24.52 0.85 6.65
CA GLY B 83 -23.14 1.30 6.59
C GLY B 83 -22.80 2.34 7.64
N GLY B 84 -23.73 3.26 7.89
CA GLY B 84 -23.49 4.33 8.84
C GLY B 84 -24.02 4.08 10.23
N ILE B 85 -24.14 2.82 10.65
CA ILE B 85 -24.64 2.55 11.99
C ILE B 85 -23.67 3.07 13.04
N VAL B 86 -22.36 3.11 12.72
CA VAL B 86 -21.35 3.55 13.67
C VAL B 86 -21.37 5.07 13.83
N GLU B 87 -22.29 5.75 13.14
CA GLU B 87 -22.37 7.20 13.25
C GLU B 87 -23.04 7.66 14.55
N GLY B 88 -23.85 6.81 15.17
CA GLY B 88 -24.48 7.13 16.44
C GLY B 88 -23.75 6.41 17.59
N GLU B 89 -23.43 7.19 18.63
CA GLU B 89 -22.74 6.60 19.77
C GLU B 89 -23.61 5.56 20.48
N ASP B 90 -24.93 5.70 20.43
CA ASP B 90 -25.81 4.68 21.00
C ASP B 90 -25.56 3.33 20.35
N ALA B 91 -25.62 3.29 19.02
CA ALA B 91 -25.36 2.03 18.32
C ALA B 91 -23.93 1.55 18.52
N ARG B 92 -22.96 2.47 18.61
CA ARG B 92 -21.57 2.07 18.86
C ARG B 92 -21.46 1.29 20.16
N GLN B 93 -22.07 1.81 21.23
CA GLN B 93 -22.02 1.11 22.51
C GLN B 93 -22.72 -0.25 22.42
N GLN B 94 -23.79 -0.33 21.63
CA GLN B 94 -24.46 -1.62 21.43
C GLN B 94 -23.53 -2.60 20.74
N LEU B 95 -22.75 -2.13 19.76
CA LEU B 95 -21.83 -3.02 19.05
C LEU B 95 -20.71 -3.47 19.97
N LYS B 96 -20.13 -2.54 20.73
CA LYS B 96 -19.08 -2.93 21.67
C LYS B 96 -19.62 -3.90 22.71
N SER B 97 -20.84 -3.66 23.20
CA SER B 97 -21.42 -4.52 24.23
C SER B 97 -21.70 -5.93 23.70
N TYR B 98 -22.09 -6.06 22.44
CA TYR B 98 -22.29 -7.39 21.87
C TYR B 98 -20.98 -8.16 21.79
N ALA B 99 -19.91 -7.49 21.39
CA ALA B 99 -18.60 -8.13 21.31
C ALA B 99 -17.98 -8.32 22.68
N ASP B 100 -18.31 -7.45 23.65
CA ASP B 100 -17.68 -7.51 24.96
C ASP B 100 -18.05 -8.75 25.74
N ASN B 101 -19.11 -9.46 25.34
CA ASN B 101 -19.54 -10.65 26.05
C ASN B 101 -19.89 -11.78 25.07
N GLY B 102 -18.91 -12.16 24.25
CA GLY B 102 -18.95 -13.39 23.51
C GLY B 102 -19.33 -13.26 22.05
N GLY B 103 -20.00 -12.18 21.66
CA GLY B 103 -20.45 -12.04 20.29
C GLY B 103 -19.34 -11.64 19.34
N ILE B 104 -19.56 -11.93 18.06
CA ILE B 104 -18.67 -11.54 16.98
C ILE B 104 -19.27 -10.32 16.28
N VAL B 105 -18.50 -9.24 16.23
CA VAL B 105 -18.80 -8.09 15.39
C VAL B 105 -17.70 -8.02 14.34
N LEU B 106 -18.04 -8.39 13.11
CA LEU B 106 -17.06 -8.57 12.05
C LEU B 106 -17.03 -7.32 11.17
N HIS B 107 -15.89 -6.64 11.14
CA HIS B 107 -15.69 -5.53 10.23
C HIS B 107 -15.14 -6.07 8.92
N LEU B 108 -15.88 -5.85 7.83
CA LEU B 108 -15.49 -6.33 6.51
C LEU B 108 -14.96 -5.16 5.70
N HIS B 109 -13.65 -5.07 5.59
CA HIS B 109 -12.96 -4.02 4.83
C HIS B 109 -12.75 -4.48 3.40
N ARG B 110 -13.07 -3.60 2.45
CA ARG B 110 -12.92 -3.89 1.02
C ARG B 110 -11.93 -2.91 0.39
N ASP B 111 -11.68 -3.12 -0.91
CA ASP B 111 -10.72 -2.27 -1.62
C ASP B 111 -11.14 -0.81 -1.59
N LEU B 112 -12.44 -0.54 -1.72
CA LEU B 112 -12.97 0.81 -1.62
C LEU B 112 -12.32 1.76 -2.61
N SER B 129 -17.11 10.34 -6.30
CA SER B 129 -15.96 9.44 -6.14
C SER B 129 -15.13 9.84 -4.93
N SER B 130 -14.97 11.15 -4.73
CA SER B 130 -14.28 11.66 -3.56
C SER B 130 -15.15 11.66 -2.31
N GLU B 131 -16.46 11.43 -2.45
CA GLU B 131 -17.33 11.38 -1.29
C GLU B 131 -16.98 10.21 -0.38
N VAL B 132 -16.66 9.06 -0.96
CA VAL B 132 -16.55 7.84 -0.18
C VAL B 132 -15.26 7.80 0.64
N GLN B 133 -14.20 8.45 0.18
CA GLN B 133 -12.97 8.46 0.99
C GLN B 133 -13.13 9.35 2.21
N GLU B 134 -13.74 10.53 2.04
CA GLU B 134 -13.96 11.41 3.17
C GLU B 134 -14.93 10.81 4.19
N VAL B 135 -15.83 9.93 3.74
CA VAL B 135 -16.66 9.19 4.68
C VAL B 135 -15.87 8.10 5.38
N TRP B 136 -14.91 7.49 4.68
CA TRP B 136 -14.13 6.42 5.27
C TRP B 136 -13.23 6.93 6.39
N LEU B 137 -12.59 8.09 6.21
CA LEU B 137 -11.77 8.66 7.27
C LEU B 137 -12.60 8.97 8.50
N ARG B 138 -13.83 9.43 8.30
CA ARG B 138 -14.69 9.75 9.43
C ARG B 138 -14.99 8.50 10.25
N ARG B 139 -15.34 7.41 9.59
CA ARG B 139 -15.86 6.23 10.27
C ARG B 139 -14.80 5.18 10.61
N GLU B 140 -13.60 5.28 10.03
CA GLU B 140 -12.66 4.16 10.10
C GLU B 140 -12.32 3.79 11.54
N LYS B 141 -12.14 4.79 12.41
CA LYS B 141 -11.82 4.49 13.80
C LYS B 141 -13.02 3.88 14.52
N TRP B 142 -14.24 4.32 14.17
CA TRP B 142 -15.44 3.72 14.75
C TRP B 142 -15.57 2.26 14.37
N TYR B 143 -15.29 1.92 13.10
CA TYR B 143 -15.38 0.53 12.68
C TYR B 143 -14.43 -0.36 13.47
N HIS B 144 -13.21 0.14 13.72
CA HIS B 144 -12.23 -0.64 14.47
C HIS B 144 -12.62 -0.77 15.93
N GLU B 145 -13.13 0.32 16.52
CA GLU B 145 -13.50 0.28 17.93
C GLU B 145 -14.71 -0.61 18.18
N CYS B 146 -15.69 -0.60 17.26
CA CYS B 146 -16.93 -1.31 17.47
C CYS B 146 -16.88 -2.78 17.04
N SER B 147 -15.81 -3.21 16.38
CA SER B 147 -15.66 -4.60 15.96
C SER B 147 -14.51 -5.25 16.72
N ASN B 148 -14.66 -6.54 17.02
CA ASN B 148 -13.59 -7.31 17.64
C ASN B 148 -12.86 -8.19 16.64
N TYR B 149 -13.36 -8.34 15.42
CA TYR B 149 -12.72 -9.14 14.39
C TYR B 149 -12.76 -8.38 13.07
N HIS B 150 -11.79 -8.67 12.22
CA HIS B 150 -11.55 -7.87 11.02
C HIS B 150 -11.04 -8.78 9.92
N PHE B 151 -11.55 -8.57 8.71
CA PHE B 151 -11.11 -9.33 7.55
C PHE B 151 -11.08 -8.41 6.34
N TYR B 152 -9.90 -8.28 5.72
CA TYR B 152 -9.73 -7.47 4.52
C TYR B 152 -10.10 -8.31 3.30
N SER B 153 -11.20 -7.95 2.64
CA SER B 153 -11.59 -8.56 1.37
C SER B 153 -10.93 -7.77 0.24
N SER B 154 -9.64 -8.03 0.05
CA SER B 154 -8.83 -7.30 -0.92
C SER B 154 -9.32 -7.59 -2.35
N HIS B 155 -8.84 -6.79 -3.28
CA HIS B 155 -9.20 -6.92 -4.69
C HIS B 155 -8.29 -7.93 -5.36
N CYS B 156 -8.88 -9.00 -5.89
CA CYS B 156 -8.12 -10.03 -6.58
C CYS B 156 -8.11 -9.79 -8.08
N SER B 157 -7.11 -10.35 -8.74
CA SER B 157 -6.95 -10.26 -10.19
C SER B 157 -7.30 -11.56 -10.91
N THR B 158 -6.92 -12.70 -10.34
CA THR B 158 -7.29 -14.01 -10.86
C THR B 158 -8.23 -14.70 -9.89
N GLU B 159 -8.81 -15.81 -10.35
CA GLU B 159 -9.66 -16.62 -9.49
C GLU B 159 -8.88 -17.64 -8.68
N ASP B 160 -7.61 -17.88 -9.02
CA ASP B 160 -6.71 -18.53 -8.07
C ASP B 160 -6.58 -17.67 -6.81
N GLU B 161 -6.61 -16.34 -6.97
CA GLU B 161 -6.65 -15.46 -5.81
C GLU B 161 -8.02 -15.47 -5.15
N PHE B 162 -9.08 -15.55 -5.96
CA PHE B 162 -10.42 -15.73 -5.41
C PHE B 162 -10.52 -17.03 -4.61
N ASN B 163 -9.94 -18.12 -5.14
CA ASN B 163 -9.95 -19.38 -4.42
C ASN B 163 -9.27 -19.23 -3.07
N HIS B 164 -8.04 -18.72 -3.05
CA HIS B 164 -7.31 -18.60 -1.79
C HIS B 164 -8.03 -17.68 -0.82
N LEU B 165 -8.51 -16.53 -1.29
CA LEU B 165 -9.13 -15.57 -0.38
C LEU B 165 -10.43 -16.10 0.18
N ARG B 166 -11.24 -16.78 -0.64
CA ARG B 166 -12.47 -17.37 -0.13
C ARG B 166 -12.18 -18.50 0.86
N ARG B 167 -11.22 -19.37 0.53
CA ARG B 167 -10.86 -20.45 1.46
C ARG B 167 -10.14 -19.91 2.69
N SER B 168 -9.37 -18.84 2.54
CA SER B 168 -8.82 -18.18 3.72
C SER B 168 -9.94 -17.66 4.61
N PHE B 169 -10.95 -17.05 3.99
CA PHE B 169 -12.11 -16.58 4.74
C PHE B 169 -12.80 -17.73 5.47
N VAL B 170 -12.90 -18.88 4.81
CA VAL B 170 -13.55 -20.05 5.41
C VAL B 170 -12.85 -20.44 6.71
N ASN B 171 -11.54 -20.70 6.63
CA ASN B 171 -10.79 -21.06 7.82
C ASN B 171 -10.86 -19.95 8.86
N TYR B 172 -10.78 -18.69 8.40
CA TYR B 172 -10.94 -17.57 9.31
C TYR B 172 -12.27 -17.63 10.05
N ILE B 173 -13.36 -17.89 9.32
CA ILE B 173 -14.67 -17.98 9.95
C ILE B 173 -14.75 -19.20 10.87
N LYS B 174 -14.25 -20.35 10.41
CA LYS B 174 -14.22 -21.53 11.26
C LYS B 174 -13.45 -21.26 12.55
N LEU B 175 -12.38 -20.47 12.46
CA LEU B 175 -11.58 -20.15 13.64
C LEU B 175 -12.35 -19.28 14.62
N ILE B 176 -12.71 -18.06 14.20
CA ILE B 176 -13.25 -17.09 15.15
C ILE B 176 -14.62 -17.50 15.68
N THR B 177 -15.32 -18.41 15.01
CA THR B 177 -16.59 -18.93 15.52
C THR B 177 -16.39 -20.11 16.46
N GLY B 178 -15.16 -20.58 16.64
CA GLY B 178 -14.93 -21.71 17.50
C GLY B 178 -15.36 -23.04 16.94
N ALA B 179 -15.71 -23.11 15.66
CA ALA B 179 -16.14 -24.37 15.08
C ALA B 179 -15.00 -25.36 14.99
N GLU B 180 -13.81 -24.87 14.64
CA GLU B 180 -12.65 -25.75 14.45
C GLU B 180 -11.41 -24.85 14.45
N ARG B 181 -10.85 -24.66 15.64
CA ARG B 181 -9.57 -23.98 15.75
C ARG B 181 -8.48 -24.88 15.16
N PRO B 182 -7.48 -24.30 14.49
CA PRO B 182 -6.53 -25.12 13.72
C PRO B 182 -5.82 -26.14 14.60
N VAL B 183 -6.09 -27.42 14.33
CA VAL B 183 -5.58 -28.51 15.15
C VAL B 183 -4.10 -28.73 14.86
N VAL B 184 -3.33 -28.96 15.92
CA VAL B 184 -1.89 -29.19 15.81
C VAL B 184 -1.64 -30.45 14.99
N PRO B 185 -0.77 -30.41 13.97
CA PRO B 185 -0.63 -31.57 13.08
C PRO B 185 -0.12 -32.80 13.79
N VAL B 186 -0.60 -33.96 13.32
CA VAL B 186 -0.33 -35.23 14.02
C VAL B 186 1.12 -35.67 13.79
N GLY B 187 1.47 -35.89 12.52
CA GLY B 187 2.80 -36.40 12.21
C GLY B 187 3.83 -35.31 12.07
N ARG B 188 4.72 -35.46 11.08
CA ARG B 188 5.71 -34.44 10.80
C ARG B 188 5.08 -33.27 10.05
N SER B 189 5.49 -32.06 10.39
CA SER B 189 4.98 -30.87 9.73
C SER B 189 6.08 -29.82 9.61
N ALA B 190 5.94 -28.95 8.61
CA ALA B 190 6.90 -27.90 8.34
C ALA B 190 6.18 -26.57 8.18
N ALA B 191 6.89 -25.48 8.49
CA ALA B 191 6.37 -24.13 8.34
C ALA B 191 7.42 -23.27 7.66
N VAL B 192 7.10 -22.77 6.47
CA VAL B 192 8.03 -21.90 5.76
C VAL B 192 8.07 -20.54 6.45
N VAL B 193 9.28 -20.05 6.72
CA VAL B 193 9.48 -18.80 7.43
C VAL B 193 9.52 -17.68 6.40
N LEU B 194 8.47 -16.86 6.38
CA LEU B 194 8.42 -15.71 5.48
C LEU B 194 9.22 -14.57 6.11
N THR B 195 10.35 -14.24 5.51
CA THR B 195 11.30 -13.28 6.06
C THR B 195 11.44 -12.03 5.19
N SER B 196 10.58 -11.86 4.20
CA SER B 196 10.70 -10.76 3.26
C SER B 196 10.22 -9.46 3.90
N PRO B 197 10.87 -8.33 3.59
CA PRO B 197 10.36 -7.05 4.11
C PRO B 197 9.03 -6.65 3.52
N ASP B 198 8.72 -7.10 2.30
CA ASP B 198 7.44 -6.81 1.68
C ASP B 198 7.11 -7.96 0.74
N LEU B 199 6.03 -8.68 1.03
CA LEU B 199 5.69 -9.89 0.29
C LEU B 199 5.31 -9.62 -1.16
N ASN B 200 5.14 -8.36 -1.55
CA ASN B 200 4.85 -8.06 -2.95
C ASN B 200 6.05 -8.31 -3.85
N GLU B 201 7.26 -8.37 -3.28
CA GLU B 201 8.46 -8.61 -4.08
C GLU B 201 8.60 -10.06 -4.52
N VAL B 202 7.88 -10.99 -3.89
CA VAL B 202 7.94 -12.39 -4.27
C VAL B 202 6.52 -12.87 -4.52
N VAL B 203 5.65 -11.94 -4.96
CA VAL B 203 4.22 -12.24 -5.02
C VAL B 203 3.91 -13.29 -6.07
N ARG B 204 4.67 -13.32 -7.18
CA ARG B 204 4.41 -14.29 -8.24
C ARG B 204 5.04 -15.65 -7.97
N ASP B 205 5.83 -15.77 -6.91
CA ASP B 205 6.44 -17.04 -6.53
C ASP B 205 5.91 -17.54 -5.19
N LEU B 206 4.92 -16.86 -4.62
CA LEU B 206 4.46 -17.18 -3.28
C LEU B 206 3.90 -18.60 -3.18
N GLU B 207 3.21 -19.06 -4.24
CA GLU B 207 2.65 -20.39 -4.21
C GLU B 207 3.72 -21.46 -4.31
N SER B 208 4.82 -21.17 -4.99
CA SER B 208 5.94 -22.10 -5.05
C SER B 208 6.73 -22.08 -3.74
N ILE B 209 6.74 -20.95 -3.03
CA ILE B 209 7.49 -20.84 -1.79
C ILE B 209 6.87 -21.73 -0.71
N THR B 210 5.56 -21.91 -0.73
CA THR B 210 4.87 -22.67 0.29
C THR B 210 4.80 -24.17 0.00
N ILE B 211 5.43 -24.63 -1.09
CA ILE B 211 5.49 -26.05 -1.38
C ILE B 211 6.08 -26.80 -0.19
N GLY B 212 5.36 -27.81 0.28
CA GLY B 212 5.83 -28.62 1.39
C GLY B 212 5.52 -28.09 2.76
N ALA B 213 4.95 -26.88 2.87
CA ALA B 213 4.68 -26.28 4.17
C ALA B 213 3.26 -26.60 4.62
N ASP B 214 3.10 -26.80 5.93
CA ASP B 214 1.79 -26.96 6.52
C ASP B 214 1.29 -25.68 7.16
N ALA B 215 2.19 -24.71 7.34
CA ALA B 215 1.85 -23.39 7.84
C ALA B 215 2.88 -22.42 7.28
N VAL B 216 2.59 -21.13 7.41
CA VAL B 216 3.55 -20.08 7.10
C VAL B 216 3.80 -19.29 8.38
N GLU B 217 5.07 -19.06 8.69
CA GLU B 217 5.45 -18.24 9.84
C GLU B 217 5.84 -16.87 9.33
N LEU B 218 5.04 -15.87 9.66
CA LEU B 218 5.22 -14.51 9.17
C LEU B 218 6.08 -13.75 10.17
N ARG B 219 7.30 -13.41 9.76
CA ARG B 219 8.21 -12.62 10.60
C ARG B 219 7.83 -11.14 10.46
N VAL B 220 6.91 -10.70 11.33
CA VAL B 220 6.41 -9.33 11.25
C VAL B 220 7.52 -8.33 11.58
N ASP B 221 8.40 -8.67 12.51
CA ASP B 221 9.50 -7.77 12.88
C ASP B 221 10.48 -7.53 11.75
N LEU B 222 10.42 -8.32 10.68
CA LEU B 222 11.26 -8.14 9.51
C LEU B 222 10.59 -7.37 8.40
N PHE B 223 9.40 -6.80 8.66
CA PHE B 223 8.71 -6.02 7.64
C PHE B 223 9.45 -4.71 7.37
N LYS B 224 9.07 -4.07 6.28
CA LYS B 224 9.57 -2.73 5.98
C LYS B 224 8.90 -1.68 6.87
N ASP B 225 7.65 -1.91 7.25
CA ASP B 225 6.89 -0.98 8.07
C ASP B 225 6.02 -1.78 9.04
N THR B 226 6.13 -1.47 10.33
CA THR B 226 5.40 -2.18 11.37
C THR B 226 4.04 -1.56 11.67
N SER B 227 3.56 -0.66 10.81
CA SER B 227 2.26 -0.04 11.04
C SER B 227 1.14 -1.06 10.88
N ALA B 228 0.05 -0.85 11.62
CA ALA B 228 -1.06 -1.79 11.62
C ALA B 228 -1.63 -1.99 10.22
N GLU B 229 -1.60 -0.95 9.39
CA GLU B 229 -2.12 -1.06 8.03
C GLU B 229 -1.22 -1.91 7.15
N PHE B 230 0.10 -1.80 7.33
CA PHE B 230 1.02 -2.60 6.54
C PHE B 230 0.93 -4.08 6.90
N VAL B 231 0.86 -4.39 8.19
CA VAL B 231 0.76 -5.79 8.62
C VAL B 231 -0.49 -6.44 8.06
N ALA B 232 -1.63 -5.75 8.16
CA ALA B 232 -2.88 -6.30 7.64
C ALA B 232 -2.82 -6.44 6.13
N ALA B 233 -2.15 -5.52 5.44
CA ALA B 233 -2.01 -5.64 3.99
C ALA B 233 -1.13 -6.83 3.62
N GLN B 234 -0.08 -7.08 4.40
CA GLN B 234 0.76 -8.25 4.15
C GLN B 234 -0.03 -9.54 4.33
N ILE B 235 -0.84 -9.60 5.39
CA ILE B 235 -1.66 -10.79 5.63
C ILE B 235 -2.65 -10.99 4.49
N ALA B 236 -3.22 -9.88 3.98
CA ALA B 236 -4.11 -9.97 2.83
C ALA B 236 -3.39 -10.54 1.62
N VAL B 237 -2.14 -10.10 1.39
CA VAL B 237 -1.35 -10.65 0.30
C VAL B 237 -1.20 -12.16 0.43
N ILE B 238 -0.92 -12.63 1.66
CA ILE B 238 -0.79 -14.06 1.90
C ILE B 238 -2.08 -14.77 1.57
N ARG B 239 -3.20 -14.26 2.11
CA ARG B 239 -4.46 -14.98 2.00
C ARG B 239 -5.00 -15.02 0.58
N LYS B 240 -4.44 -14.22 -0.34
CA LYS B 240 -4.78 -14.33 -1.75
C LYS B 240 -3.89 -15.31 -2.50
N HIS B 241 -2.94 -15.94 -1.82
CA HIS B 241 -2.04 -16.87 -2.49
C HIS B 241 -1.81 -18.17 -1.74
N ALA B 242 -2.32 -18.34 -0.52
CA ALA B 242 -2.07 -19.55 0.25
C ALA B 242 -3.25 -19.83 1.18
N ASP B 243 -3.55 -21.11 1.35
CA ASP B 243 -4.55 -21.56 2.31
C ASP B 243 -3.96 -21.98 3.64
N LEU B 244 -2.64 -21.90 3.79
CA LEU B 244 -1.99 -22.43 4.99
C LEU B 244 -2.30 -21.55 6.20
N PRO B 245 -2.43 -22.15 7.38
CA PRO B 245 -2.57 -21.33 8.60
C PRO B 245 -1.35 -20.47 8.82
N ILE B 246 -1.57 -19.32 9.44
CA ILE B 246 -0.52 -18.32 9.64
C ILE B 246 0.00 -18.41 11.07
N ILE B 247 1.33 -18.37 11.22
CA ILE B 247 1.98 -18.25 12.52
C ILE B 247 2.50 -16.81 12.61
N TYR B 248 1.91 -16.03 13.52
CA TYR B 248 2.15 -14.59 13.62
C TYR B 248 3.26 -14.34 14.64
N THR B 249 4.40 -13.82 14.19
CA THR B 249 5.59 -13.71 15.02
C THR B 249 6.18 -12.31 14.94
N VAL B 250 6.39 -11.69 16.10
CA VAL B 250 7.06 -10.40 16.20
C VAL B 250 8.31 -10.57 17.06
N ARG B 251 9.41 -11.00 16.44
CA ARG B 251 10.63 -11.38 17.16
C ARG B 251 11.37 -10.14 17.62
N THR B 252 11.65 -10.06 18.92
CA THR B 252 12.33 -8.88 19.45
C THR B 252 13.85 -9.04 19.35
N MET B 253 14.56 -7.92 19.54
CA MET B 253 16.01 -7.95 19.41
C MET B 253 16.65 -8.86 20.44
N SER B 254 16.09 -8.91 21.65
CA SER B 254 16.63 -9.80 22.68
C SER B 254 16.50 -11.27 22.30
N GLN B 255 15.66 -11.59 21.30
CA GLN B 255 15.48 -12.96 20.86
C GLN B 255 15.93 -13.15 19.41
N GLY B 256 16.85 -12.30 18.93
CA GLY B 256 17.42 -12.43 17.61
C GLY B 256 16.67 -11.72 16.50
N GLY B 257 15.55 -11.08 16.80
CA GLY B 257 14.77 -10.36 15.81
C GLY B 257 15.18 -8.91 15.72
N LYS B 258 14.30 -8.11 15.11
CA LYS B 258 14.56 -6.70 14.89
C LYS B 258 13.63 -5.78 15.66
N PHE B 259 12.60 -6.30 16.31
CA PHE B 259 11.70 -5.43 17.05
C PHE B 259 12.32 -5.03 18.38
N PRO B 260 12.25 -3.74 18.75
CA PRO B 260 12.84 -3.32 20.03
C PRO B 260 12.06 -3.86 21.21
N ASP B 261 12.80 -4.38 22.19
CA ASP B 261 12.16 -4.92 23.40
C ASP B 261 11.47 -3.84 24.22
N GLU B 262 11.94 -2.59 24.14
CA GLU B 262 11.34 -1.52 24.93
C GLU B 262 9.98 -1.09 24.40
N ASN B 263 9.65 -1.42 23.15
CA ASN B 263 8.38 -1.05 22.56
C ASN B 263 7.28 -2.02 23.00
N VAL B 264 7.01 -2.02 24.31
CA VAL B 264 6.08 -2.98 24.88
C VAL B 264 4.66 -2.72 24.42
N ASP B 265 4.23 -1.45 24.45
CA ASP B 265 2.89 -1.12 23.96
C ASP B 265 2.77 -1.42 22.47
N GLU B 266 3.79 -1.08 21.69
CA GLU B 266 3.76 -1.36 20.26
C GLU B 266 3.68 -2.86 19.99
N LEU B 267 4.40 -3.64 20.79
CA LEU B 267 4.33 -5.10 20.65
C LEU B 267 2.96 -5.63 21.04
N LYS B 268 2.40 -5.12 22.15
CA LYS B 268 1.06 -5.56 22.55
C LYS B 268 0.04 -5.31 21.44
N SER B 269 0.09 -4.13 20.82
CA SER B 269 -0.85 -3.82 19.76
C SER B 269 -0.68 -4.74 18.55
N LEU B 270 0.56 -5.12 18.23
CA LEU B 270 0.78 -5.95 17.05
C LEU B 270 0.27 -7.36 17.27
N LEU B 271 0.49 -7.93 18.46
CA LEU B 271 -0.02 -9.27 18.74
C LEU B 271 -1.54 -9.28 18.86
N LEU B 272 -2.13 -8.20 19.37
CA LEU B 272 -3.58 -8.10 19.38
C LEU B 272 -4.13 -7.88 17.97
N LEU B 273 -3.33 -7.29 17.08
CA LEU B 273 -3.75 -7.17 15.69
C LEU B 273 -3.88 -8.53 15.03
N GLY B 274 -2.92 -9.43 15.28
CA GLY B 274 -2.98 -10.76 14.70
C GLY B 274 -4.19 -11.54 15.18
N ILE B 275 -4.54 -11.40 16.46
CA ILE B 275 -5.76 -12.04 16.98
C ILE B 275 -6.99 -11.52 16.26
N ARG B 276 -7.10 -10.19 16.16
CA ARG B 276 -8.23 -9.58 15.48
C ARG B 276 -8.33 -10.01 14.02
N LEU B 277 -7.19 -10.25 13.37
CA LEU B 277 -7.17 -10.73 12.00
C LEU B 277 -7.32 -12.25 11.90
N GLY B 278 -7.58 -12.92 13.02
CA GLY B 278 -7.87 -14.35 12.99
C GLY B 278 -6.72 -15.22 12.51
N VAL B 279 -5.49 -14.91 12.89
CA VAL B 279 -4.38 -15.79 12.54
C VAL B 279 -4.52 -17.09 13.34
N ALA B 280 -3.98 -18.16 12.77
CA ALA B 280 -4.11 -19.46 13.43
C ALA B 280 -3.27 -19.53 14.70
N TYR B 281 -2.02 -19.08 14.62
CA TYR B 281 -1.12 -19.10 15.76
C TYR B 281 -0.51 -17.72 15.94
N VAL B 282 -0.29 -17.33 17.19
CA VAL B 282 0.41 -16.10 17.52
C VAL B 282 1.59 -16.48 18.42
N ASP B 283 2.77 -15.98 18.08
CA ASP B 283 3.98 -16.29 18.83
C ASP B 283 4.10 -15.36 20.03
N LEU B 284 4.38 -15.95 21.19
CA LEU B 284 4.58 -15.21 22.43
C LEU B 284 5.95 -15.58 23.00
N GLN B 285 6.76 -14.57 23.30
CA GLN B 285 8.08 -14.82 23.84
C GLN B 285 7.98 -15.09 25.34
N LEU B 286 8.58 -16.20 25.78
CA LEU B 286 8.47 -16.60 27.17
C LEU B 286 9.12 -15.61 28.13
N THR B 287 10.01 -14.75 27.64
CA THR B 287 10.62 -13.72 28.47
C THR B 287 9.84 -12.41 28.49
N ALA B 288 8.70 -12.35 27.78
CA ALA B 288 7.90 -11.12 27.73
C ALA B 288 7.44 -10.74 29.13
N PRO B 289 7.14 -9.45 29.34
CA PRO B 289 6.62 -9.02 30.64
C PRO B 289 5.35 -9.78 31.00
N ASN B 290 5.23 -10.12 32.29
CA ASN B 290 4.12 -10.94 32.76
C ASN B 290 2.77 -10.32 32.43
N GLU B 291 2.70 -8.98 32.37
CA GLU B 291 1.45 -8.33 32.00
C GLU B 291 1.11 -8.57 30.53
N LEU B 292 2.12 -8.62 29.67
CA LEU B 292 1.87 -8.83 28.25
C LEU B 292 1.36 -10.24 27.99
N ILE B 293 2.00 -11.24 28.61
CA ILE B 293 1.57 -12.62 28.43
C ILE B 293 0.17 -12.82 28.99
N GLU B 294 -0.16 -12.13 30.09
CA GLU B 294 -1.46 -12.32 30.72
C GLU B 294 -2.60 -11.74 29.87
N GLU B 295 -2.34 -10.63 29.17
CA GLU B 295 -3.40 -10.02 28.36
C GLU B 295 -3.62 -10.75 27.04
N ILE B 296 -2.53 -11.14 26.38
CA ILE B 296 -2.64 -11.87 25.11
C ILE B 296 -3.30 -13.22 25.34
N SER B 297 -2.84 -13.95 26.37
CA SER B 297 -3.40 -15.27 26.64
C SER B 297 -4.87 -15.20 27.01
N SER B 298 -5.30 -14.10 27.63
CA SER B 298 -6.70 -13.94 28.00
C SER B 298 -7.55 -13.34 26.89
N LYS B 299 -6.93 -12.88 25.80
CA LYS B 299 -7.65 -12.31 24.67
C LYS B 299 -7.40 -13.06 23.37
N LYS B 300 -6.75 -14.23 23.43
CA LYS B 300 -6.42 -14.96 22.22
C LYS B 300 -7.66 -15.49 21.50
N GLY B 301 -8.77 -15.64 22.21
CA GLY B 301 -9.94 -16.25 21.60
C GLY B 301 -9.61 -17.66 21.14
N PHE B 302 -9.83 -17.94 19.86
CA PHE B 302 -9.53 -19.26 19.31
C PHE B 302 -8.19 -19.31 18.58
N THR B 303 -7.45 -18.20 18.53
CA THR B 303 -6.07 -18.27 18.08
C THR B 303 -5.23 -19.00 19.12
N ARG B 304 -4.34 -19.86 18.65
CA ARG B 304 -3.49 -20.63 19.54
C ARG B 304 -2.17 -19.91 19.78
N VAL B 305 -1.61 -20.12 20.97
CA VAL B 305 -0.40 -19.44 21.41
C VAL B 305 0.78 -20.40 21.31
N ILE B 306 1.86 -19.94 20.69
CA ILE B 306 3.13 -20.63 20.67
C ILE B 306 4.07 -19.86 21.58
N GLY B 307 4.44 -20.47 22.71
CA GLY B 307 5.39 -19.88 23.63
C GLY B 307 6.82 -20.24 23.29
N THR B 308 7.61 -19.25 22.92
CA THR B 308 8.93 -19.45 22.33
C THR B 308 10.01 -18.85 23.22
N TYR B 309 11.11 -19.59 23.37
CA TYR B 309 12.34 -19.04 23.92
C TYR B 309 13.51 -19.59 23.12
N GLN B 310 14.44 -18.71 22.75
CA GLN B 310 15.64 -19.09 22.02
C GLN B 310 16.85 -18.74 22.87
N ASP B 311 17.80 -19.67 22.95
CA ASP B 311 19.07 -19.45 23.66
C ASP B 311 20.01 -18.75 22.68
N ILE B 312 19.92 -17.42 22.63
CA ILE B 312 20.65 -16.65 21.63
C ILE B 312 22.15 -16.78 21.84
N ASN B 313 22.61 -16.74 23.10
CA ASN B 313 24.02 -16.91 23.38
C ASN B 313 24.52 -18.29 22.96
N GLY B 314 23.67 -19.31 23.07
CA GLY B 314 23.95 -20.60 22.51
C GLY B 314 24.76 -21.54 23.38
N GLU B 315 25.19 -21.11 24.55
CA GLU B 315 26.08 -21.93 25.37
C GLU B 315 25.34 -22.90 26.27
N LEU B 316 24.01 -22.92 26.23
CA LEU B 316 23.26 -23.83 27.08
C LEU B 316 23.34 -25.26 26.55
N LYS B 317 23.37 -26.22 27.47
CA LYS B 317 23.16 -27.63 27.13
C LYS B 317 21.71 -28.00 27.38
N TRP B 318 21.26 -29.08 26.74
CA TRP B 318 19.86 -29.44 26.80
C TRP B 318 19.45 -30.10 28.11
N ASN B 319 20.40 -30.39 28.99
CA ASN B 319 20.07 -30.85 30.34
C ASN B 319 20.09 -29.71 31.36
N ASN B 320 20.32 -28.47 30.92
CA ASN B 320 20.30 -27.35 31.83
C ASN B 320 18.89 -27.10 32.36
N VAL B 321 18.81 -26.73 33.64
CA VAL B 321 17.52 -26.52 34.30
C VAL B 321 16.72 -25.41 33.62
N GLU B 322 17.39 -24.50 32.90
CA GLU B 322 16.69 -23.39 32.28
C GLU B 322 15.67 -23.86 31.24
N TRP B 323 16.00 -24.93 30.52
CA TRP B 323 15.07 -25.45 29.52
C TRP B 323 13.82 -26.01 30.18
N LYS B 324 13.97 -26.66 31.34
CA LYS B 324 12.81 -27.15 32.07
C LYS B 324 11.98 -25.99 32.63
N ASN B 325 12.66 -24.94 33.08
CA ASN B 325 11.94 -23.76 33.58
C ASN B 325 11.14 -23.09 32.48
N LYS B 326 11.75 -22.93 31.30
CA LYS B 326 11.04 -22.32 30.19
C LYS B 326 9.88 -23.19 29.73
N TYR B 327 10.08 -24.50 29.70
CA TYR B 327 9.02 -25.41 29.28
C TYR B 327 7.86 -25.41 30.27
N ASN B 328 8.18 -25.50 31.56
CA ASN B 328 7.13 -25.46 32.58
C ASN B 328 6.40 -24.14 32.58
N GLN B 329 7.09 -23.05 32.24
CA GLN B 329 6.42 -21.76 32.12
C GLN B 329 5.41 -21.77 30.98
N GLY B 330 5.79 -22.34 29.83
CA GLY B 330 4.85 -22.47 28.74
C GLY B 330 3.65 -23.33 29.10
N VAL B 331 3.86 -24.35 29.93
CA VAL B 331 2.76 -25.19 30.38
C VAL B 331 1.83 -24.41 31.31
N SER B 332 2.41 -23.66 32.25
CA SER B 332 1.62 -22.97 33.25
C SER B 332 0.86 -21.77 32.69
N MET B 333 1.26 -21.27 31.52
CA MET B 333 0.53 -20.22 30.83
C MET B 333 -0.42 -20.76 29.76
N ASN B 334 -0.61 -22.08 29.72
CA ASN B 334 -1.58 -22.73 28.84
C ASN B 334 -1.29 -22.42 27.38
N ALA B 335 -0.01 -22.30 27.04
CA ALA B 335 0.37 -22.20 25.64
C ALA B 335 0.02 -23.50 24.92
N ASP B 336 -0.51 -23.36 23.70
CA ASP B 336 -0.88 -24.55 22.95
C ASP B 336 0.33 -25.29 22.43
N ILE B 337 1.39 -24.56 22.07
CA ILE B 337 2.63 -25.15 21.61
C ILE B 337 3.77 -24.44 22.32
N VAL B 338 4.74 -25.21 22.80
CA VAL B 338 5.98 -24.69 23.37
C VAL B 338 7.08 -24.84 22.32
N ARG B 339 7.83 -23.77 22.09
CA ARG B 339 8.95 -23.81 21.16
C ARG B 339 10.22 -23.42 21.91
N LEU B 340 11.23 -24.30 21.84
CA LEU B 340 12.52 -24.05 22.47
C LEU B 340 13.61 -24.23 21.43
N VAL B 341 14.37 -23.17 21.17
CA VAL B 341 15.38 -23.16 20.12
C VAL B 341 16.74 -22.96 20.77
N GLY B 342 17.62 -23.96 20.63
CA GLY B 342 18.98 -23.86 21.09
C GLY B 342 19.95 -23.59 19.96
N LYS B 343 21.25 -23.65 20.30
CA LYS B 343 22.32 -23.58 19.33
C LYS B 343 23.24 -24.78 19.55
N ALA B 344 23.54 -25.50 18.47
CA ALA B 344 24.41 -26.67 18.54
C ALA B 344 25.87 -26.26 18.37
N ASN B 345 26.71 -26.64 19.33
CA ASN B 345 28.16 -26.49 19.22
C ASN B 345 28.84 -27.81 18.97
N SER B 346 28.07 -28.89 18.85
CA SER B 346 28.57 -30.21 18.49
C SER B 346 27.37 -31.04 18.06
N ILE B 347 27.66 -32.16 17.41
CA ILE B 347 26.61 -33.09 17.03
C ILE B 347 25.87 -33.61 18.26
N GLN B 348 26.57 -33.74 19.39
CA GLN B 348 25.96 -34.28 20.60
C GLN B 348 24.82 -33.41 21.12
N ASP B 349 24.83 -32.11 20.80
CA ASP B 349 23.72 -31.23 21.21
C ASP B 349 22.40 -31.71 20.64
N ASN B 350 22.42 -32.32 19.45
CA ASN B 350 21.17 -32.78 18.85
C ASN B 350 20.67 -34.05 19.53
N LEU B 351 21.60 -34.94 19.93
CA LEU B 351 21.20 -36.14 20.65
C LEU B 351 20.68 -35.81 22.03
N ASP B 352 21.30 -34.86 22.73
CA ASP B 352 20.79 -34.44 24.03
C ASP B 352 19.38 -33.90 23.91
N LEU B 353 19.14 -33.05 22.92
CA LEU B 353 17.80 -32.51 22.72
C LEU B 353 16.78 -33.63 22.52
N GLU B 354 17.16 -34.70 21.82
CA GLU B 354 16.25 -35.81 21.62
C GLU B 354 15.79 -36.39 22.95
N ASN B 355 16.69 -36.46 23.93
CA ASN B 355 16.30 -36.93 25.25
C ASN B 355 15.44 -35.91 25.97
N PHE B 356 15.67 -34.61 25.75
CA PHE B 356 14.81 -33.60 26.35
C PHE B 356 13.40 -33.69 25.81
N LYS B 357 13.24 -33.86 24.49
CA LYS B 357 11.92 -34.03 23.92
C LYS B 357 11.22 -35.25 24.51
N LYS B 358 11.98 -36.32 24.74
CA LYS B 358 11.41 -37.54 25.28
C LYS B 358 10.78 -37.31 26.65
N GLN B 359 11.39 -36.45 27.47
CA GLN B 359 11.00 -36.27 28.86
C GLN B 359 9.94 -35.18 29.06
N ASN B 360 9.57 -34.45 28.01
CA ASN B 360 8.62 -33.33 28.12
C ASN B 360 7.58 -33.44 27.00
N THR B 361 6.50 -34.16 27.28
CA THR B 361 5.47 -34.44 26.28
C THR B 361 4.09 -33.94 26.70
N LEU B 362 4.00 -33.11 27.73
CA LEU B 362 2.70 -32.61 28.16
C LEU B 362 2.09 -31.69 27.10
N LYS B 363 2.87 -30.76 26.59
CA LYS B 363 2.46 -29.88 25.51
C LYS B 363 3.17 -30.28 24.22
N PRO B 364 2.56 -30.01 23.07
CA PRO B 364 3.31 -30.13 21.81
C PRO B 364 4.55 -29.26 21.86
N LEU B 365 5.66 -29.78 21.32
CA LEU B 365 6.97 -29.15 21.50
C LEU B 365 7.67 -29.04 20.16
N ILE B 366 7.97 -27.81 19.76
CA ILE B 366 8.87 -27.53 18.65
C ILE B 366 10.24 -27.25 19.27
N ALA B 367 11.24 -28.02 18.87
CA ALA B 367 12.57 -27.81 19.44
C ALA B 367 13.65 -28.26 18.45
N PHE B 368 14.70 -27.47 18.35
CA PHE B 368 15.81 -27.78 17.46
C PHE B 368 17.00 -26.90 17.84
N ASN B 369 18.13 -27.13 17.18
CA ASN B 369 19.34 -26.33 17.37
C ASN B 369 19.61 -25.54 16.10
N LEU B 370 19.98 -24.27 16.28
CA LEU B 370 20.45 -23.49 15.16
C LEU B 370 21.93 -23.75 14.92
N GLY B 371 22.40 -23.36 13.74
CA GLY B 371 23.78 -23.54 13.35
C GLY B 371 23.95 -24.73 12.42
N SER B 372 25.12 -24.78 11.78
CA SER B 372 25.40 -25.85 10.83
C SER B 372 25.47 -27.21 11.51
N GLN B 373 25.89 -27.25 12.77
CA GLN B 373 25.94 -28.52 13.50
C GLN B 373 24.58 -28.93 14.07
N GLY B 374 23.54 -28.12 13.88
CA GLY B 374 22.20 -28.44 14.34
C GLY B 374 21.29 -29.04 13.29
N LYS B 375 21.82 -29.38 12.11
CA LYS B 375 20.98 -29.88 11.01
C LYS B 375 20.19 -31.12 11.42
N LEU B 376 20.82 -32.05 12.16
CA LEU B 376 20.12 -33.26 12.53
C LEU B 376 18.86 -32.96 13.36
N SER B 377 18.95 -32.02 14.29
CA SER B 377 17.80 -31.69 15.13
C SER B 377 16.66 -31.13 14.29
N GLN B 378 16.98 -30.32 13.28
CA GLN B 378 15.94 -29.77 12.43
C GLN B 378 15.31 -30.85 11.56
N VAL B 379 16.12 -31.81 11.11
CA VAL B 379 15.59 -32.93 10.32
C VAL B 379 14.69 -33.81 11.17
N LEU B 380 15.07 -34.02 12.44
CA LEU B 380 14.32 -34.91 13.31
C LEU B 380 13.12 -34.25 13.97
N ASN B 381 13.03 -32.92 13.95
CA ASN B 381 11.93 -32.22 14.61
C ASN B 381 10.61 -32.57 13.95
N GLY B 382 9.59 -32.80 14.77
CA GLY B 382 8.30 -33.28 14.29
C GLY B 382 7.27 -32.21 13.98
N THR B 383 7.26 -31.11 14.73
CA THR B 383 6.16 -30.14 14.67
C THR B 383 6.65 -28.82 14.08
N PHE B 384 6.03 -28.41 12.97
CA PHE B 384 6.26 -27.10 12.35
C PHE B 384 7.75 -26.79 12.20
N THR B 385 8.46 -27.71 11.57
CA THR B 385 9.88 -27.50 11.31
C THR B 385 10.06 -26.27 10.43
N PRO B 386 10.83 -25.27 10.86
CA PRO B 386 11.06 -24.09 10.02
C PRO B 386 11.84 -24.47 8.76
N ILE B 387 11.36 -24.00 7.61
CA ILE B 387 12.05 -24.20 6.35
C ILE B 387 12.12 -22.87 5.61
N SER B 388 13.10 -22.76 4.72
CA SER B 388 13.30 -21.55 3.93
C SER B 388 13.09 -21.86 2.46
N HIS B 389 13.37 -20.86 1.63
CA HIS B 389 13.27 -20.95 0.18
C HIS B 389 14.37 -20.09 -0.42
N LYS B 390 14.81 -20.47 -1.63
CA LYS B 390 15.91 -19.76 -2.27
C LYS B 390 15.61 -18.30 -2.53
N LEU B 391 14.33 -17.91 -2.52
CA LEU B 391 13.93 -16.54 -2.83
C LEU B 391 13.76 -15.67 -1.59
N LEU B 392 13.95 -16.20 -0.39
CA LEU B 392 13.79 -15.42 0.82
C LEU B 392 15.11 -15.32 1.58
N PRO B 393 15.32 -14.23 2.32
CA PRO B 393 16.48 -14.18 3.22
C PRO B 393 16.39 -15.29 4.27
N ASN B 394 17.53 -15.96 4.49
CA ASN B 394 17.60 -17.12 5.37
C ASN B 394 18.82 -16.98 6.27
N ASP B 395 18.81 -15.98 7.14
CA ASP B 395 19.94 -15.74 8.03
C ASP B 395 20.08 -16.87 9.05
N GLU B 396 18.95 -17.38 9.56
CA GLU B 396 19.00 -18.50 10.50
C GLU B 396 19.40 -19.81 9.84
N GLY B 397 19.59 -19.83 8.52
CA GLY B 397 20.11 -21.01 7.83
C GLY B 397 19.22 -22.24 7.82
N PHE B 398 17.90 -22.05 7.70
CA PHE B 398 17.00 -23.20 7.66
C PHE B 398 17.15 -23.95 6.34
N LEU B 399 16.77 -25.23 6.37
CA LEU B 399 16.77 -26.04 5.16
C LEU B 399 15.57 -25.70 4.27
N THR B 400 15.70 -26.01 2.98
CA THR B 400 14.55 -26.03 2.10
C THR B 400 13.80 -27.34 2.26
N ILE B 401 12.61 -27.42 1.65
CA ILE B 401 11.84 -28.66 1.71
C ILE B 401 12.62 -29.79 1.03
N GLY B 402 13.29 -29.49 -0.08
CA GLY B 402 14.02 -30.52 -0.78
C GLY B 402 15.23 -31.00 0.00
N GLU B 403 15.90 -30.07 0.72
CA GLU B 403 17.00 -30.47 1.57
C GLU B 403 16.51 -31.28 2.77
N LEU B 404 15.42 -30.82 3.39
CA LEU B 404 14.86 -31.53 4.53
C LEU B 404 14.51 -32.98 4.17
N ASN B 405 13.77 -33.17 3.08
CA ASN B 405 13.35 -34.53 2.71
C ASN B 405 14.52 -35.35 2.17
N GLN B 406 15.49 -34.71 1.53
CA GLN B 406 16.68 -35.43 1.10
C GLN B 406 17.41 -36.02 2.29
N THR B 407 17.71 -35.20 3.29
CA THR B 407 18.44 -35.68 4.46
C THR B 407 17.60 -36.66 5.28
N TYR B 408 16.27 -36.48 5.30
CA TYR B 408 15.43 -37.40 6.05
C TYR B 408 15.41 -38.77 5.39
N PHE B 409 15.45 -38.81 4.07
CA PHE B 409 15.65 -40.09 3.39
C PHE B 409 17.01 -40.68 3.73
N ASP B 410 18.06 -39.84 3.67
CA ASP B 410 19.42 -40.32 3.82
C ASP B 410 19.73 -40.84 5.22
N ILE B 411 18.93 -40.49 6.23
CA ILE B 411 19.12 -41.07 7.55
C ILE B 411 18.11 -42.18 7.83
N GLY B 412 17.29 -42.54 6.85
CA GLY B 412 16.34 -43.62 7.01
C GLY B 412 14.96 -43.22 7.47
N GLY B 413 14.64 -41.92 7.44
CA GLY B 413 13.31 -41.48 7.86
C GLY B 413 12.22 -41.78 6.83
N PHE B 414 12.55 -41.62 5.55
CA PHE B 414 11.73 -42.15 4.46
C PHE B 414 12.37 -43.44 3.95
N THR B 415 11.55 -44.26 3.30
CA THR B 415 12.04 -45.40 2.53
C THR B 415 11.46 -45.33 1.12
N ALA B 416 12.17 -45.94 0.18
CA ALA B 416 11.79 -45.88 -1.23
C ALA B 416 10.51 -46.69 -1.42
N LYS B 417 9.39 -45.99 -1.55
CA LYS B 417 8.09 -46.61 -1.74
C LYS B 417 7.65 -46.50 -3.20
N LYS B 418 6.93 -47.51 -3.66
CA LYS B 418 6.43 -47.56 -5.02
C LYS B 418 4.90 -47.51 -5.00
N PHE B 419 4.34 -46.62 -5.82
CA PHE B 419 2.90 -46.44 -5.90
C PHE B 419 2.42 -46.76 -7.31
N TRP B 420 1.18 -47.22 -7.43
CA TRP B 420 0.69 -47.77 -8.68
C TRP B 420 -0.75 -47.36 -8.93
N VAL B 421 -1.07 -47.09 -10.19
CA VAL B 421 -2.45 -47.03 -10.66
C VAL B 421 -2.75 -48.33 -11.39
N ILE B 422 -3.91 -48.92 -11.09
CA ILE B 422 -4.27 -50.23 -11.62
C ILE B 422 -5.61 -50.13 -12.31
N GLY B 423 -5.82 -50.98 -13.31
CA GLY B 423 -7.07 -51.01 -14.03
C GLY B 423 -6.85 -51.42 -15.48
N SER B 424 -7.95 -51.43 -16.23
CA SER B 424 -7.92 -51.74 -17.65
C SER B 424 -9.00 -50.92 -18.36
N PRO B 425 -8.62 -50.01 -19.26
CA PRO B 425 -7.24 -49.81 -19.69
C PRO B 425 -6.45 -48.89 -18.77
N ILE B 426 -5.13 -48.87 -18.94
CA ILE B 426 -4.24 -48.02 -18.16
C ILE B 426 -3.28 -47.24 -19.04
N GLU B 427 -3.34 -47.41 -20.36
CA GLU B 427 -2.37 -46.82 -21.27
C GLU B 427 -2.37 -45.30 -21.19
N HIS B 428 -3.54 -44.68 -21.03
CA HIS B 428 -3.68 -43.23 -21.09
C HIS B 428 -4.01 -42.62 -19.73
N SER B 429 -3.59 -43.26 -18.65
CA SER B 429 -3.81 -42.72 -17.32
C SER B 429 -2.83 -41.59 -17.04
N ARG B 430 -3.36 -40.43 -16.65
CA ARG B 430 -2.54 -39.29 -16.28
C ARG B 430 -2.10 -39.33 -14.82
N SER B 431 -2.47 -40.38 -14.08
CA SER B 431 -2.14 -40.45 -12.66
C SER B 431 -0.64 -40.51 -12.38
N PRO B 432 0.16 -41.32 -13.08
CA PRO B 432 1.60 -41.33 -12.77
C PRO B 432 2.28 -39.99 -13.00
N ASN B 433 1.81 -39.20 -13.96
CA ASN B 433 2.42 -37.90 -14.20
C ASN B 433 2.05 -36.88 -13.14
N LEU B 434 0.83 -36.95 -12.60
CA LEU B 434 0.46 -36.08 -11.50
C LEU B 434 1.29 -36.36 -10.27
N HIS B 435 1.39 -37.64 -9.89
CA HIS B 435 2.02 -38.00 -8.63
C HIS B 435 3.54 -37.89 -8.70
N ASN B 436 4.14 -38.24 -9.85
CA ASN B 436 5.59 -38.15 -9.96
C ASN B 436 6.05 -36.69 -9.93
N ALA B 437 5.29 -35.80 -10.55
CA ALA B 437 5.60 -34.38 -10.44
C ALA B 437 5.48 -33.91 -9.00
N GLY B 438 4.56 -34.50 -8.23
CA GLY B 438 4.47 -34.16 -6.82
C GLY B 438 5.68 -34.63 -6.03
N TYR B 439 6.19 -35.83 -6.33
CA TYR B 439 7.39 -36.30 -5.65
C TYR B 439 8.58 -35.41 -5.98
N LYS B 440 8.74 -35.05 -7.26
CA LYS B 440 9.87 -34.23 -7.68
C LYS B 440 9.86 -32.87 -6.99
N ALA B 441 8.71 -32.20 -6.95
CA ALA B 441 8.65 -30.89 -6.30
C ALA B 441 8.98 -30.99 -4.82
N LEU B 442 8.63 -32.11 -4.19
CA LEU B 442 8.87 -32.33 -2.77
C LEU B 442 10.15 -33.11 -2.48
N ASN B 443 10.86 -33.56 -3.52
CA ASN B 443 12.05 -34.40 -3.37
C ASN B 443 11.75 -35.62 -2.52
N LEU B 444 10.72 -36.37 -2.91
CA LEU B 444 10.42 -37.57 -2.16
C LEU B 444 10.96 -38.80 -2.87
N PRO B 445 11.47 -39.78 -2.12
CA PRO B 445 12.04 -40.98 -2.74
C PRO B 445 11.01 -41.97 -3.24
N TYR B 446 9.94 -41.48 -3.86
CA TYR B 446 8.84 -42.31 -4.33
C TYR B 446 8.76 -42.28 -5.85
N GLN B 447 8.12 -43.31 -6.41
CA GLN B 447 7.87 -43.35 -7.85
C GLN B 447 6.51 -43.97 -8.11
N PHE B 448 5.77 -43.38 -9.05
CA PHE B 448 4.42 -43.80 -9.39
C PHE B 448 4.44 -44.37 -10.81
N GLY B 449 3.81 -45.53 -10.98
CA GLY B 449 3.70 -46.13 -12.29
C GLY B 449 2.32 -46.68 -12.56
N ARG B 450 2.15 -47.33 -13.70
CA ARG B 450 0.89 -47.96 -14.09
C ARG B 450 1.08 -49.46 -14.21
N PHE B 451 -0.04 -50.19 -14.16
CA PHE B 451 -0.01 -51.64 -14.25
C PHE B 451 -1.36 -52.10 -14.78
N GLU B 452 -1.37 -52.63 -16.01
CA GLU B 452 -2.60 -53.17 -16.58
C GLU B 452 -2.96 -54.49 -15.91
N ALA B 453 -4.19 -54.58 -15.42
CA ALA B 453 -4.65 -55.81 -14.79
C ALA B 453 -6.17 -55.80 -14.69
N THR B 454 -6.76 -56.99 -14.73
CA THR B 454 -8.18 -57.17 -14.49
C THR B 454 -8.47 -58.07 -13.30
N ASP B 455 -7.46 -58.68 -12.69
CA ASP B 455 -7.61 -59.54 -11.52
C ASP B 455 -6.88 -58.88 -10.35
N VAL B 456 -7.61 -58.63 -9.26
CA VAL B 456 -7.03 -57.99 -8.10
C VAL B 456 -6.08 -58.90 -7.33
N ASP B 457 -6.09 -60.20 -7.62
CA ASP B 457 -5.15 -61.10 -6.96
C ASP B 457 -3.80 -61.10 -7.64
N VAL B 458 -3.75 -60.81 -8.95
CA VAL B 458 -2.47 -60.63 -9.62
C VAL B 458 -1.77 -59.37 -9.10
N VAL B 459 -2.52 -58.28 -8.94
CA VAL B 459 -1.94 -57.04 -8.43
C VAL B 459 -1.54 -57.19 -6.96
N TYR B 460 -2.11 -58.15 -6.24
CA TYR B 460 -1.72 -58.37 -4.85
C TYR B 460 -0.37 -59.07 -4.77
N ASP B 461 -0.20 -60.17 -5.50
CA ASP B 461 1.07 -60.89 -5.50
C ASP B 461 2.18 -60.11 -6.17
N ASN B 462 1.84 -59.11 -7.00
CA ASN B 462 2.83 -58.38 -7.78
C ASN B 462 3.14 -57.00 -7.22
N LEU B 463 2.19 -56.37 -6.54
CA LEU B 463 2.37 -54.98 -6.09
C LEU B 463 2.13 -54.82 -4.60
N ILE B 464 0.97 -55.28 -4.12
CA ILE B 464 0.61 -55.05 -2.72
C ILE B 464 1.51 -55.86 -1.79
N ASN B 465 1.65 -57.16 -2.05
CA ASN B 465 2.50 -58.04 -1.23
C ASN B 465 3.96 -57.84 -1.65
N LYS B 466 4.50 -56.68 -1.26
CA LYS B 466 5.87 -56.30 -1.57
C LYS B 466 6.42 -55.50 -0.40
N PRO B 467 7.73 -55.57 -0.17
CA PRO B 467 8.30 -54.80 0.96
C PRO B 467 8.32 -53.30 0.71
N ASP B 468 8.23 -52.84 -0.53
CA ASP B 468 8.27 -51.42 -0.85
C ASP B 468 6.93 -50.89 -1.35
N PHE B 469 5.84 -51.57 -1.02
CA PHE B 469 4.52 -51.10 -1.45
C PHE B 469 4.16 -49.80 -0.73
N GLY B 470 3.80 -48.79 -1.52
CA GLY B 470 3.47 -47.50 -0.95
C GLY B 470 1.98 -47.24 -0.92
N GLY B 471 1.28 -47.57 -2.00
CA GLY B 471 -0.14 -47.31 -2.06
C GLY B 471 -0.66 -47.59 -3.46
N LEU B 472 -1.99 -47.52 -3.57
CA LEU B 472 -2.69 -47.86 -4.80
C LEU B 472 -3.67 -46.75 -5.17
N ALA B 473 -3.69 -46.40 -6.45
CA ALA B 473 -4.77 -45.64 -7.06
C ALA B 473 -5.53 -46.58 -7.97
N ILE B 474 -6.80 -46.84 -7.66
CA ILE B 474 -7.58 -47.87 -8.32
C ILE B 474 -8.61 -47.21 -9.23
N THR B 475 -8.62 -47.63 -10.49
CA THR B 475 -9.68 -47.28 -11.43
C THR B 475 -10.43 -48.54 -11.85
N MET B 476 -11.65 -48.35 -12.32
CA MET B 476 -12.49 -49.45 -12.75
C MET B 476 -11.78 -50.20 -13.89
N PRO B 477 -12.04 -51.51 -14.06
CA PRO B 477 -13.02 -52.42 -13.42
C PRO B 477 -12.57 -53.10 -12.14
N LEU B 478 -11.84 -52.40 -11.26
CA LEU B 478 -11.31 -53.01 -10.05
C LEU B 478 -11.67 -52.24 -8.78
N LYS B 479 -12.51 -51.19 -8.88
CA LYS B 479 -12.78 -50.36 -7.72
C LYS B 479 -13.67 -51.03 -6.68
N LEU B 480 -14.31 -52.15 -7.02
CA LEU B 480 -15.08 -52.93 -6.06
C LEU B 480 -14.37 -54.22 -5.67
N ASP B 481 -13.70 -54.88 -6.61
CA ASP B 481 -12.99 -56.12 -6.28
C ASP B 481 -11.77 -55.87 -5.40
N ILE B 482 -11.25 -54.63 -5.39
CA ILE B 482 -10.09 -54.32 -4.54
C ILE B 482 -10.48 -54.10 -3.09
N MET B 483 -11.78 -54.00 -2.79
CA MET B 483 -12.21 -53.74 -1.42
C MET B 483 -11.99 -54.93 -0.49
N LYS B 484 -11.78 -56.13 -1.04
CA LYS B 484 -11.55 -57.31 -0.20
C LYS B 484 -10.23 -57.23 0.56
N PHE B 485 -9.30 -56.38 0.12
CA PHE B 485 -8.03 -56.22 0.81
C PHE B 485 -8.07 -55.20 1.94
N ALA B 486 -9.02 -54.28 1.91
CA ALA B 486 -9.10 -53.24 2.93
C ALA B 486 -9.58 -53.84 4.24
N THR B 487 -8.71 -53.79 5.26
CA THR B 487 -9.13 -54.17 6.61
C THR B 487 -9.95 -53.09 7.30
N LYS B 488 -9.78 -51.84 6.88
CA LYS B 488 -10.58 -50.73 7.38
C LYS B 488 -11.02 -49.87 6.20
N LEU B 489 -12.31 -49.55 6.15
CA LEU B 489 -12.89 -48.78 5.06
C LEU B 489 -13.46 -47.47 5.58
N SER B 490 -13.20 -46.39 4.86
CA SER B 490 -13.78 -45.10 5.20
C SER B 490 -15.29 -45.11 4.97
N ASP B 491 -15.98 -44.18 5.63
CA ASP B 491 -17.44 -44.12 5.51
C ASP B 491 -17.87 -43.85 4.07
N ALA B 492 -17.09 -43.06 3.33
CA ALA B 492 -17.43 -42.80 1.93
C ALA B 492 -17.27 -44.05 1.06
N ALA B 493 -16.20 -44.81 1.30
CA ALA B 493 -15.93 -45.99 0.48
C ALA B 493 -17.07 -46.99 0.59
N GLU B 494 -17.61 -47.17 1.79
CA GLU B 494 -18.69 -48.14 1.98
C GLU B 494 -20.01 -47.63 1.42
N THR B 495 -20.29 -46.34 1.59
CA THR B 495 -21.53 -45.77 1.08
C THR B 495 -21.56 -45.80 -0.44
N ILE B 496 -20.53 -45.22 -1.07
CA ILE B 496 -20.44 -45.27 -2.53
C ILE B 496 -20.29 -46.70 -3.01
N GLY B 497 -19.66 -47.56 -2.22
CA GLY B 497 -19.44 -48.93 -2.61
C GLY B 497 -18.29 -49.12 -3.57
N ALA B 498 -17.26 -48.27 -3.49
CA ALA B 498 -16.11 -48.37 -4.39
C ALA B 498 -14.91 -47.74 -3.71
N VAL B 499 -13.72 -48.28 -4.02
CA VAL B 499 -12.46 -47.85 -3.45
C VAL B 499 -11.52 -47.48 -4.59
N ASN B 500 -11.09 -46.22 -4.63
CA ASN B 500 -10.12 -45.78 -5.62
C ASN B 500 -8.75 -45.51 -5.02
N THR B 501 -8.59 -45.71 -3.70
CA THR B 501 -7.32 -45.49 -3.02
C THR B 501 -7.14 -46.53 -1.93
N LEU B 502 -5.98 -47.19 -1.92
CA LEU B 502 -5.67 -48.21 -0.93
C LEU B 502 -4.25 -48.00 -0.45
N ILE B 503 -4.07 -47.88 0.87
CA ILE B 503 -2.74 -47.65 1.44
C ILE B 503 -2.49 -48.65 2.57
N PRO B 504 -1.24 -49.03 2.81
CA PRO B 504 -0.95 -49.94 3.93
C PRO B 504 -1.03 -49.23 5.26
N ILE B 505 -1.50 -49.97 6.26
CA ILE B 505 -1.60 -49.50 7.64
C ILE B 505 -1.20 -50.66 8.56
N GLU B 506 -0.97 -50.32 9.83
CA GLU B 506 -0.58 -51.32 10.80
C GLU B 506 -1.76 -52.24 11.09
N GLY B 507 -1.67 -53.48 10.61
CA GLY B 507 -2.73 -54.46 10.75
C GLY B 507 -3.40 -54.83 9.45
N GLY B 508 -3.20 -54.07 8.39
CA GLY B 508 -3.81 -54.38 7.11
C GLY B 508 -3.70 -53.25 6.10
N TYR B 509 -4.83 -52.87 5.49
CA TYR B 509 -4.83 -51.86 4.44
C TYR B 509 -6.07 -50.98 4.59
N PHE B 510 -5.90 -49.70 4.30
CA PHE B 510 -6.98 -48.72 4.39
C PHE B 510 -7.53 -48.47 2.98
N GLY B 511 -8.82 -48.69 2.80
CA GLY B 511 -9.50 -48.38 1.55
C GLY B 511 -10.30 -47.10 1.71
N ASP B 512 -10.21 -46.24 0.71
CA ASP B 512 -10.88 -44.94 0.76
C ASP B 512 -11.31 -44.54 -0.64
N ASN B 513 -12.26 -43.60 -0.70
CA ASN B 513 -12.79 -43.07 -1.95
C ASN B 513 -12.51 -41.57 -1.99
N THR B 514 -11.67 -41.15 -2.93
CA THR B 514 -11.40 -39.73 -3.16
C THR B 514 -12.17 -39.17 -4.34
N ASP B 515 -13.09 -39.96 -4.91
CA ASP B 515 -13.84 -39.49 -6.07
C ASP B 515 -14.80 -38.37 -5.68
N TRP B 516 -15.46 -38.50 -4.54
CA TRP B 516 -16.38 -37.46 -4.09
C TRP B 516 -15.62 -36.22 -3.63
N VAL B 517 -14.40 -36.38 -3.13
CA VAL B 517 -13.61 -35.23 -2.71
C VAL B 517 -13.23 -34.39 -3.93
N GLY B 518 -12.88 -35.04 -5.03
CA GLY B 518 -12.58 -34.32 -6.26
C GLY B 518 -13.75 -33.52 -6.79
N ILE B 519 -14.98 -33.93 -6.46
CA ILE B 519 -16.15 -33.17 -6.87
C ILE B 519 -16.35 -31.97 -5.97
N SER B 520 -16.42 -32.20 -4.65
CA SER B 520 -16.68 -31.11 -3.72
C SER B 520 -15.58 -30.06 -3.78
N ASN B 521 -14.32 -30.48 -3.88
CA ASN B 521 -13.23 -29.53 -3.99
C ASN B 521 -13.26 -28.80 -5.33
N SER B 522 -13.74 -29.45 -6.38
CA SER B 522 -13.98 -28.74 -7.63
C SER B 522 -14.97 -27.59 -7.43
N PHE B 523 -16.02 -27.83 -6.64
CA PHE B 523 -17.00 -26.78 -6.37
C PHE B 523 -16.42 -25.71 -5.45
N ILE B 524 -15.67 -26.12 -4.42
CA ILE B 524 -15.12 -25.15 -3.48
C ILE B 524 -14.13 -24.23 -4.18
N ARG B 525 -13.26 -24.80 -5.01
CA ARG B 525 -12.30 -23.99 -5.75
C ARG B 525 -12.97 -23.02 -6.72
N ALA B 526 -14.20 -23.32 -7.15
CA ALA B 526 -14.95 -22.43 -8.02
C ALA B 526 -15.71 -21.35 -7.27
N GLY B 527 -15.63 -21.32 -5.94
CA GLY B 527 -16.28 -20.29 -5.15
C GLY B 527 -17.47 -20.74 -4.34
N VAL B 528 -17.84 -22.01 -4.41
CA VAL B 528 -18.96 -22.51 -3.62
C VAL B 528 -18.51 -22.71 -2.19
N PRO B 529 -19.27 -22.24 -1.20
CA PRO B 529 -18.93 -22.52 0.20
C PRO B 529 -18.90 -24.01 0.47
N PRO B 530 -17.95 -24.48 1.27
CA PRO B 530 -17.85 -25.93 1.52
C PRO B 530 -19.07 -26.53 2.20
N LYS B 531 -19.83 -25.74 2.95
CA LYS B 531 -21.11 -26.17 3.50
C LYS B 531 -22.19 -25.23 3.01
N LEU B 532 -23.36 -25.79 2.72
CA LEU B 532 -24.39 -25.12 1.94
C LEU B 532 -25.76 -25.27 2.59
N SER B 533 -26.68 -24.40 2.15
CA SER B 533 -28.07 -24.44 2.58
C SER B 533 -29.02 -24.54 1.39
N SER B 534 -28.51 -24.92 0.23
CA SER B 534 -29.27 -25.01 -1.01
C SER B 534 -29.43 -26.48 -1.41
N ASN B 535 -29.79 -26.72 -2.66
CA ASN B 535 -30.00 -28.07 -3.17
C ASN B 535 -29.13 -28.28 -4.40
N GLY B 536 -28.98 -29.54 -4.79
CA GLY B 536 -28.18 -29.91 -5.94
C GLY B 536 -28.96 -30.79 -6.90
N LEU B 537 -28.31 -31.08 -8.03
CA LEU B 537 -28.90 -31.92 -9.06
C LEU B 537 -27.81 -32.76 -9.71
N VAL B 538 -28.08 -34.05 -9.89
CA VAL B 538 -27.20 -34.96 -10.60
C VAL B 538 -27.90 -35.38 -11.89
N VAL B 539 -27.26 -35.10 -13.02
CA VAL B 539 -27.80 -35.40 -14.34
C VAL B 539 -27.10 -36.64 -14.87
N GLY B 540 -27.86 -37.72 -15.08
CA GLY B 540 -27.31 -38.94 -15.63
C GLY B 540 -27.00 -39.97 -14.57
N THR B 541 -26.58 -41.14 -15.04
CA THR B 541 -26.25 -42.28 -14.19
C THR B 541 -24.85 -42.80 -14.52
N GLY B 542 -23.92 -41.89 -14.78
CA GLY B 542 -22.57 -42.26 -15.13
C GLY B 542 -21.82 -42.87 -13.95
N GLY B 543 -20.52 -43.04 -14.15
CA GLY B 543 -19.70 -43.65 -13.11
C GLY B 543 -19.56 -42.78 -11.88
N THR B 544 -19.33 -41.49 -12.08
CA THR B 544 -19.17 -40.55 -10.96
C THR B 544 -20.51 -40.12 -10.36
N SER B 545 -21.63 -40.71 -10.78
CA SER B 545 -22.91 -40.29 -10.25
C SER B 545 -23.04 -40.65 -8.78
N ARG B 546 -22.57 -41.84 -8.40
CA ARG B 546 -22.62 -42.23 -6.98
C ARG B 546 -21.75 -41.34 -6.11
N ALA B 547 -20.61 -40.89 -6.64
CA ALA B 547 -19.75 -39.98 -5.90
C ALA B 547 -20.31 -38.56 -5.88
N ALA B 548 -21.02 -38.18 -6.95
CA ALA B 548 -21.66 -36.87 -6.99
C ALA B 548 -22.74 -36.75 -5.91
N ILE B 549 -23.57 -37.78 -5.77
CA ILE B 549 -24.60 -37.77 -4.74
C ILE B 549 -23.96 -37.69 -3.35
N TYR B 550 -22.93 -38.50 -3.12
CA TYR B 550 -22.24 -38.46 -1.84
C TYR B 550 -21.63 -37.09 -1.58
N ALA B 551 -20.99 -36.50 -2.60
CA ALA B 551 -20.37 -35.20 -2.42
C ALA B 551 -21.41 -34.12 -2.15
N LEU B 552 -22.52 -34.14 -2.89
CA LEU B 552 -23.54 -33.12 -2.69
C LEU B 552 -24.17 -33.22 -1.31
N HIS B 553 -24.28 -34.43 -0.76
CA HIS B 553 -24.81 -34.58 0.59
C HIS B 553 -23.79 -34.12 1.63
N GLN B 554 -22.50 -34.36 1.38
CA GLN B 554 -21.47 -33.89 2.29
C GLN B 554 -21.44 -32.37 2.37
N MET B 555 -21.68 -31.70 1.25
CA MET B 555 -21.70 -30.24 1.22
C MET B 555 -22.93 -29.67 1.90
N GLY B 556 -23.90 -30.50 2.29
CA GLY B 556 -25.04 -30.04 3.04
C GLY B 556 -26.32 -29.81 2.25
N CYS B 557 -26.41 -30.30 1.01
CA CYS B 557 -27.63 -30.14 0.23
C CYS B 557 -28.79 -30.84 0.91
N ALA B 558 -29.85 -30.08 1.20
CA ALA B 558 -30.99 -30.66 1.88
C ALA B 558 -31.68 -31.71 1.01
N LYS B 559 -31.72 -31.48 -0.30
CA LYS B 559 -32.31 -32.42 -1.25
C LYS B 559 -31.44 -32.46 -2.49
N ILE B 560 -31.39 -33.63 -3.13
CA ILE B 560 -30.62 -33.84 -4.34
C ILE B 560 -31.57 -34.35 -5.42
N TYR B 561 -31.71 -33.56 -6.48
CA TYR B 561 -32.61 -33.90 -7.57
C TYR B 561 -31.89 -34.79 -8.60
N LEU B 562 -32.66 -35.67 -9.23
CA LEU B 562 -32.14 -36.63 -10.19
C LEU B 562 -32.89 -36.50 -11.50
N VAL B 563 -32.14 -36.38 -12.61
CA VAL B 563 -32.71 -36.23 -13.94
C VAL B 563 -32.05 -37.24 -14.86
N ASN B 564 -32.85 -38.09 -15.50
CA ASN B 564 -32.37 -39.05 -16.48
C ASN B 564 -33.54 -39.47 -17.37
N ARG B 565 -33.21 -40.20 -18.43
CA ARG B 565 -34.25 -40.72 -19.32
C ARG B 565 -35.06 -41.81 -18.62
N THR B 566 -34.40 -42.90 -18.24
CA THR B 566 -35.06 -43.99 -17.52
C THR B 566 -34.98 -43.74 -16.02
N ALA B 567 -36.07 -44.08 -15.33
CA ALA B 567 -36.12 -43.94 -13.88
C ALA B 567 -35.98 -45.25 -13.13
N ALA B 568 -36.20 -46.38 -13.80
CA ALA B 568 -36.14 -47.68 -13.11
C ALA B 568 -34.77 -47.91 -12.48
N LYS B 569 -33.70 -47.79 -13.28
CA LYS B 569 -32.37 -47.83 -12.72
C LYS B 569 -32.09 -46.61 -11.84
N LEU B 570 -32.86 -45.54 -12.02
CA LEU B 570 -32.74 -44.36 -11.17
C LEU B 570 -33.48 -44.55 -9.85
N GLU B 571 -34.55 -45.35 -9.84
CA GLU B 571 -35.21 -45.68 -8.58
C GLU B 571 -34.34 -46.56 -7.70
N GLU B 572 -33.54 -47.44 -8.29
CA GLU B 572 -32.57 -48.19 -7.50
C GLU B 572 -31.46 -47.29 -6.98
N LEU B 573 -31.11 -46.25 -7.73
CA LEU B 573 -30.19 -45.23 -7.25
C LEU B 573 -30.72 -44.57 -5.97
N VAL B 574 -32.04 -44.61 -5.75
CA VAL B 574 -32.60 -43.99 -4.56
C VAL B 574 -32.43 -44.89 -3.33
N LYS B 575 -32.73 -46.18 -3.47
CA LYS B 575 -32.63 -47.09 -2.33
C LYS B 575 -31.19 -47.45 -1.98
N SER B 576 -30.25 -47.28 -2.89
CA SER B 576 -28.86 -47.61 -2.60
C SER B 576 -28.21 -46.60 -1.66
N PHE B 577 -28.84 -45.45 -1.43
CA PHE B 577 -28.38 -44.44 -0.49
C PHE B 577 -29.33 -44.35 0.70
N PRO B 578 -28.86 -43.90 1.86
CA PRO B 578 -29.77 -43.70 2.99
C PRO B 578 -30.87 -42.70 2.66
N LYS B 579 -31.98 -42.81 3.39
CA LYS B 579 -33.15 -42.00 3.06
C LYS B 579 -32.95 -40.54 3.41
N ASP B 580 -32.14 -40.25 4.43
CA ASP B 580 -31.91 -38.86 4.83
C ASP B 580 -31.10 -38.08 3.80
N TYR B 581 -30.58 -38.73 2.76
CA TYR B 581 -29.97 -38.00 1.65
C TYR B 581 -31.01 -37.22 0.86
N ASN B 582 -32.29 -37.60 0.97
CA ASN B 582 -33.40 -36.87 0.35
C ASN B 582 -33.22 -36.75 -1.16
N LEU B 583 -33.13 -37.90 -1.82
CA LEU B 583 -33.03 -37.95 -3.27
C LEU B 583 -34.41 -37.90 -3.89
N GLU B 584 -34.58 -37.04 -4.89
CA GLU B 584 -35.89 -36.82 -5.51
C GLU B 584 -35.78 -36.93 -7.02
N ILE B 585 -36.66 -37.73 -7.62
CA ILE B 585 -36.71 -37.89 -9.06
C ILE B 585 -37.48 -36.73 -9.67
N VAL B 586 -36.93 -36.13 -10.72
CA VAL B 586 -37.65 -35.11 -11.49
C VAL B 586 -38.48 -35.87 -12.52
N GLU B 587 -39.66 -36.31 -12.09
CA GLU B 587 -40.49 -37.19 -12.91
C GLU B 587 -41.03 -36.49 -14.14
N THR B 588 -41.12 -35.17 -14.14
CA THR B 588 -41.81 -34.45 -15.19
C THR B 588 -41.17 -33.08 -15.38
N GLU B 589 -41.62 -32.37 -16.43
CA GLU B 589 -41.04 -31.08 -16.75
C GLU B 589 -41.51 -30.00 -15.78
N GLN B 590 -42.77 -30.08 -15.33
CA GLN B 590 -43.24 -29.09 -14.36
C GLN B 590 -42.54 -29.28 -13.02
N GLN B 591 -42.11 -30.52 -12.71
CA GLN B 591 -41.32 -30.74 -11.51
C GLN B 591 -39.93 -30.11 -11.64
N ALA B 592 -39.42 -30.00 -12.86
CA ALA B 592 -38.15 -29.31 -13.07
C ALA B 592 -38.27 -27.82 -12.78
N ASP B 593 -39.43 -27.23 -13.08
CA ASP B 593 -39.64 -25.82 -12.77
C ASP B 593 -39.80 -25.60 -11.28
N LYS B 594 -40.50 -26.49 -10.59
CA LYS B 594 -40.69 -26.37 -9.15
C LYS B 594 -39.48 -26.84 -8.35
N ALA B 595 -38.42 -27.31 -9.02
CA ALA B 595 -37.21 -27.69 -8.32
C ALA B 595 -36.68 -26.52 -7.50
N SER B 596 -36.55 -26.72 -6.20
CA SER B 596 -36.33 -25.63 -5.25
C SER B 596 -34.85 -25.47 -4.93
N LYS B 597 -34.35 -24.25 -5.11
CA LYS B 597 -33.01 -23.85 -4.63
C LYS B 597 -31.91 -24.73 -5.21
N VAL B 598 -31.99 -24.98 -6.52
CA VAL B 598 -30.98 -25.78 -7.20
C VAL B 598 -29.88 -24.84 -7.68
N LEU B 599 -28.73 -24.89 -7.01
CA LEU B 599 -27.58 -24.09 -7.40
C LEU B 599 -26.34 -24.91 -7.72
N LEU B 600 -26.37 -26.22 -7.52
CA LEU B 600 -25.27 -27.10 -7.85
C LEU B 600 -25.76 -28.18 -8.81
N VAL B 601 -25.00 -28.42 -9.86
CA VAL B 601 -25.33 -29.45 -10.85
C VAL B 601 -24.06 -30.21 -11.20
N VAL B 602 -24.10 -31.54 -11.08
CA VAL B 602 -23.02 -32.41 -11.54
C VAL B 602 -23.57 -33.22 -12.71
N SER B 603 -23.07 -32.95 -13.91
CA SER B 603 -23.54 -33.62 -15.12
C SER B 603 -22.76 -34.91 -15.31
N CYS B 604 -23.44 -36.05 -15.19
CA CYS B 604 -22.85 -37.36 -15.43
C CYS B 604 -23.42 -38.03 -16.68
N ILE B 605 -23.97 -37.24 -17.60
CA ILE B 605 -24.56 -37.78 -18.83
C ILE B 605 -23.46 -37.98 -19.86
N PRO B 606 -23.62 -38.92 -20.80
CA PRO B 606 -22.65 -39.03 -21.88
C PRO B 606 -22.58 -37.74 -22.69
N ALA B 607 -21.35 -37.22 -22.83
CA ALA B 607 -21.12 -35.94 -23.49
C ALA B 607 -20.77 -36.08 -24.96
N ASP B 608 -20.66 -37.29 -25.49
CA ASP B 608 -20.37 -37.46 -26.91
C ASP B 608 -21.60 -37.20 -27.76
N LYS B 609 -22.78 -37.67 -27.32
CA LYS B 609 -24.01 -37.31 -28.03
C LYS B 609 -24.74 -36.18 -27.29
N PRO B 610 -25.49 -35.35 -28.00
CA PRO B 610 -26.16 -34.23 -27.35
C PRO B 610 -27.38 -34.67 -26.56
N LEU B 611 -27.93 -33.74 -25.79
CA LEU B 611 -29.02 -34.05 -24.87
C LEU B 611 -30.27 -34.45 -25.64
N ASP B 612 -30.92 -35.52 -25.16
CA ASP B 612 -31.82 -36.30 -26.01
C ASP B 612 -33.14 -35.60 -26.30
N GLY B 613 -33.70 -34.87 -25.33
CA GLY B 613 -34.97 -34.20 -25.61
C GLY B 613 -35.78 -33.80 -24.39
N GLU B 614 -36.32 -34.78 -23.67
CA GLU B 614 -37.03 -34.47 -22.43
C GLU B 614 -36.05 -34.11 -21.32
N VAL B 615 -34.91 -34.80 -21.27
CA VAL B 615 -33.85 -34.44 -20.32
C VAL B 615 -33.42 -33.00 -20.54
N LEU B 616 -33.39 -32.56 -21.81
CA LEU B 616 -33.02 -31.18 -22.12
C LEU B 616 -34.02 -30.20 -21.54
N LYS B 617 -35.30 -30.36 -21.85
CA LYS B 617 -36.30 -29.40 -21.39
C LYS B 617 -36.43 -29.40 -19.87
N LYS B 618 -36.23 -30.54 -19.21
CA LYS B 618 -36.18 -30.56 -17.76
C LYS B 618 -34.99 -29.76 -17.25
N ILE B 619 -33.85 -29.86 -17.95
CA ILE B 619 -32.65 -29.16 -17.53
C ILE B 619 -32.81 -27.65 -17.72
N GLU B 620 -33.38 -27.25 -18.86
CA GLU B 620 -33.50 -25.82 -19.17
C GLU B 620 -34.27 -25.08 -18.08
N ARG B 621 -35.40 -25.63 -17.64
CA ARG B 621 -36.18 -24.96 -16.61
C ARG B 621 -35.46 -24.97 -15.26
N ILE B 622 -34.58 -25.94 -15.03
CA ILE B 622 -33.81 -25.96 -13.79
C ILE B 622 -32.69 -24.92 -13.84
N LEU B 623 -32.05 -24.76 -15.00
CA LEU B 623 -31.04 -23.73 -15.13
C LEU B 623 -31.64 -22.33 -15.06
N SER B 624 -32.84 -22.15 -15.61
CA SER B 624 -33.46 -20.83 -15.63
C SER B 624 -33.73 -20.31 -14.23
N ASN B 625 -33.96 -21.20 -13.27
CA ASN B 625 -34.34 -20.80 -11.92
C ASN B 625 -33.15 -20.59 -10.99
N GLY B 626 -31.93 -20.82 -11.46
CA GLY B 626 -30.76 -20.69 -10.61
C GLY B 626 -30.28 -19.28 -10.36
N SER B 627 -30.90 -18.28 -10.98
CA SER B 627 -30.43 -16.90 -10.89
C SER B 627 -31.24 -16.05 -9.93
N GLU B 628 -32.22 -16.63 -9.22
CA GLU B 628 -33.10 -15.88 -8.33
C GLU B 628 -32.87 -16.22 -6.87
N GLN B 629 -31.66 -16.65 -6.51
CA GLN B 629 -31.38 -17.16 -5.16
C GLN B 629 -30.67 -16.16 -4.27
N SER B 630 -29.64 -15.48 -4.79
CA SER B 630 -28.80 -14.58 -3.99
C SER B 630 -28.25 -15.29 -2.76
N ALA B 631 -27.66 -16.47 -3.00
CA ALA B 631 -27.05 -17.27 -1.94
C ALA B 631 -25.61 -16.89 -1.67
N GLY B 632 -25.10 -15.81 -2.26
CA GLY B 632 -23.73 -15.39 -2.09
C GLY B 632 -22.76 -15.96 -3.09
N PHE B 633 -23.21 -16.77 -4.03
CA PHE B 633 -22.35 -17.35 -5.05
C PHE B 633 -23.19 -17.63 -6.28
N LYS B 634 -22.50 -17.90 -7.39
CA LYS B 634 -23.24 -18.15 -8.62
C LYS B 634 -23.57 -19.64 -8.75
N PRO B 635 -24.69 -19.97 -9.40
CA PRO B 635 -24.99 -21.37 -9.66
C PRO B 635 -23.91 -22.00 -10.50
N THR B 636 -23.41 -23.16 -10.06
CA THR B 636 -22.22 -23.77 -10.62
C THR B 636 -22.51 -25.19 -11.09
N LEU B 637 -22.10 -25.48 -12.32
CA LEU B 637 -22.20 -26.81 -12.91
C LEU B 637 -20.81 -27.44 -13.01
N LEU B 638 -20.72 -28.72 -12.71
CA LEU B 638 -19.50 -29.50 -12.88
C LEU B 638 -19.78 -30.65 -13.84
N GLU B 639 -18.96 -30.76 -14.88
CA GLU B 639 -19.07 -31.88 -15.81
C GLU B 639 -18.18 -33.02 -15.34
N ALA B 640 -18.70 -34.24 -15.43
CA ALA B 640 -17.94 -35.40 -14.98
C ALA B 640 -17.04 -35.96 -16.05
N SER B 641 -17.28 -35.64 -17.32
CA SER B 641 -16.53 -36.20 -18.44
C SER B 641 -15.28 -35.39 -18.73
N TYR B 642 -14.17 -36.09 -18.95
CA TYR B 642 -12.91 -35.45 -19.29
C TYR B 642 -12.91 -34.92 -20.72
N LYS B 643 -13.55 -35.65 -21.64
CA LYS B 643 -13.60 -35.29 -23.05
C LYS B 643 -15.05 -35.26 -23.49
N PRO B 644 -15.49 -34.22 -24.21
CA PRO B 644 -14.70 -33.05 -24.59
C PRO B 644 -14.57 -32.05 -23.44
N ARG B 645 -13.77 -31.00 -23.62
CA ARG B 645 -13.55 -30.06 -22.52
C ARG B 645 -14.80 -29.26 -22.21
N VAL B 646 -15.52 -28.81 -23.24
CA VAL B 646 -16.75 -28.05 -23.09
C VAL B 646 -17.87 -28.88 -23.70
N THR B 647 -18.64 -29.56 -22.84
CA THR B 647 -19.69 -30.48 -23.24
C THR B 647 -21.00 -29.73 -23.47
N PRO B 648 -21.95 -30.31 -24.21
CA PRO B 648 -23.18 -29.57 -24.56
C PRO B 648 -23.90 -28.95 -23.37
N ILE B 649 -23.91 -29.62 -22.22
CA ILE B 649 -24.63 -29.08 -21.08
C ILE B 649 -23.88 -27.89 -20.49
N MET B 650 -22.54 -27.86 -20.59
CA MET B 650 -21.79 -26.70 -20.11
C MET B 650 -22.01 -25.49 -20.98
N LYS B 651 -21.98 -25.67 -22.31
CA LYS B 651 -22.20 -24.56 -23.22
C LYS B 651 -23.61 -23.99 -23.05
N LEU B 652 -24.59 -24.85 -22.77
CA LEU B 652 -25.95 -24.38 -22.61
C LEU B 652 -26.13 -23.63 -21.30
N ALA B 653 -25.46 -24.08 -20.24
CA ALA B 653 -25.65 -23.51 -18.91
C ALA B 653 -24.92 -22.17 -18.75
N GLU B 654 -23.78 -22.00 -19.40
CA GLU B 654 -22.98 -20.79 -19.20
C GLU B 654 -23.37 -19.66 -20.13
N GLU B 655 -23.73 -19.97 -21.37
CA GLU B 655 -24.06 -18.93 -22.34
C GLU B 655 -25.51 -18.50 -22.27
N GLN B 656 -26.44 -19.45 -22.15
CA GLN B 656 -27.85 -19.14 -22.16
C GLN B 656 -28.43 -18.88 -20.78
N TYR B 657 -27.75 -19.34 -19.72
CA TYR B 657 -28.27 -19.15 -18.37
C TYR B 657 -27.23 -18.57 -17.41
N LYS B 658 -26.04 -18.23 -17.89
CA LYS B 658 -25.03 -17.49 -17.13
C LYS B 658 -24.65 -18.21 -15.83
N TRP B 659 -24.53 -19.53 -15.91
CA TRP B 659 -24.00 -20.31 -14.81
C TRP B 659 -22.47 -20.29 -14.86
N LYS B 660 -21.87 -20.78 -13.77
CA LYS B 660 -20.43 -21.04 -13.74
C LYS B 660 -20.21 -22.52 -14.02
N VAL B 661 -19.32 -22.82 -14.96
CA VAL B 661 -19.11 -24.19 -15.40
C VAL B 661 -17.69 -24.63 -15.09
N ILE B 662 -17.54 -25.91 -14.76
CA ILE B 662 -16.26 -26.51 -14.43
C ILE B 662 -16.04 -27.72 -15.32
N PRO B 663 -14.96 -27.78 -16.12
CA PRO B 663 -14.74 -28.94 -16.97
C PRO B 663 -14.33 -30.16 -16.16
N GLY B 664 -14.54 -31.33 -16.76
CA GLY B 664 -14.25 -32.59 -16.10
C GLY B 664 -12.79 -32.76 -15.70
N VAL B 665 -11.88 -32.04 -16.34
CA VAL B 665 -10.47 -32.19 -16.02
C VAL B 665 -10.14 -31.61 -14.65
N GLU B 666 -10.93 -30.65 -14.16
CA GLU B 666 -10.71 -30.14 -12.81
C GLU B 666 -11.04 -31.18 -11.76
N MET B 667 -11.98 -32.08 -12.05
CA MET B 667 -12.29 -33.15 -11.12
C MET B 667 -11.07 -34.05 -10.90
N LEU B 668 -10.51 -34.59 -12.00
CA LEU B 668 -9.37 -35.50 -11.89
C LEU B 668 -8.23 -34.90 -11.10
N VAL B 669 -7.91 -33.63 -11.36
CA VAL B 669 -6.83 -32.97 -10.62
C VAL B 669 -7.15 -32.95 -9.13
N ASN B 670 -8.42 -32.77 -8.77
CA ASN B 670 -8.79 -32.68 -7.37
C ASN B 670 -8.90 -34.05 -6.71
N GLN B 671 -9.24 -35.10 -7.47
CA GLN B 671 -9.22 -36.45 -6.91
C GLN B 671 -7.78 -36.91 -6.69
N GLY B 672 -6.89 -36.57 -7.62
CA GLY B 672 -5.48 -36.91 -7.43
C GLY B 672 -4.82 -36.09 -6.34
N ASP B 673 -5.22 -34.82 -6.19
CA ASP B 673 -4.70 -33.99 -5.11
C ASP B 673 -4.98 -34.64 -3.75
N ARG B 674 -6.20 -35.15 -3.56
CA ARG B 674 -6.51 -35.86 -2.32
C ARG B 674 -5.78 -37.19 -2.25
N GLN B 675 -5.69 -37.89 -3.39
CA GLN B 675 -4.99 -39.17 -3.42
C GLN B 675 -3.51 -39.01 -3.07
N PHE B 676 -2.91 -37.89 -3.50
CA PHE B 676 -1.52 -37.63 -3.18
C PHE B 676 -1.31 -37.51 -1.67
N LYS B 677 -2.22 -36.80 -1.00
CA LYS B 677 -2.09 -36.59 0.44
C LYS B 677 -2.27 -37.89 1.21
N LEU B 678 -3.17 -38.75 0.76
CA LEU B 678 -3.36 -40.03 1.42
C LEU B 678 -2.18 -40.96 1.16
N HIS B 679 -1.52 -40.80 0.01
CA HIS B 679 -0.41 -41.67 -0.33
C HIS B 679 0.86 -41.26 0.40
N THR B 680 1.20 -39.97 0.35
CA THR B 680 2.46 -39.47 0.87
C THR B 680 2.35 -38.82 2.24
N GLY B 681 1.16 -38.38 2.64
CA GLY B 681 1.01 -37.57 3.83
C GLY B 681 1.34 -36.10 3.63
N PHE B 682 1.75 -35.71 2.43
CA PHE B 682 2.09 -34.33 2.12
C PHE B 682 0.96 -33.67 1.34
N ILE B 683 0.79 -32.37 1.58
CA ILE B 683 -0.10 -31.57 0.73
C ILE B 683 0.56 -31.42 -0.64
N ALA B 684 -0.20 -31.75 -1.69
CA ALA B 684 0.36 -31.68 -3.03
C ALA B 684 0.63 -30.23 -3.42
N PRO B 685 1.74 -29.94 -4.11
CA PRO B 685 1.93 -28.61 -4.69
C PRO B 685 0.95 -28.41 -5.83
N TYR B 686 -0.18 -27.75 -5.54
CA TYR B 686 -1.35 -27.85 -6.40
C TYR B 686 -1.04 -27.51 -7.85
N GLU B 687 -0.46 -26.33 -8.09
CA GLU B 687 -0.29 -25.93 -9.49
C GLU B 687 0.76 -26.74 -10.22
N ILE B 688 1.56 -27.54 -9.52
CA ILE B 688 2.51 -28.42 -10.21
C ILE B 688 1.83 -29.72 -10.62
N ILE B 689 1.07 -30.33 -9.71
CA ILE B 689 0.33 -31.53 -10.07
C ILE B 689 -0.83 -31.21 -11.01
N HIS B 690 -1.33 -29.97 -10.97
CA HIS B 690 -2.37 -29.55 -11.90
C HIS B 690 -1.85 -29.52 -13.34
N ARG B 691 -0.73 -28.82 -13.56
CA ARG B 691 -0.21 -28.71 -14.91
C ARG B 691 0.36 -30.03 -15.41
N ALA B 692 0.88 -30.87 -14.50
CA ALA B 692 1.42 -32.16 -14.90
C ALA B 692 0.34 -33.09 -15.45
N LEU B 693 -0.93 -32.80 -15.19
CA LEU B 693 -2.03 -33.58 -15.74
C LEU B 693 -2.64 -32.94 -16.98
N LEU B 694 -2.75 -31.62 -17.01
CA LEU B 694 -3.34 -30.93 -18.16
C LEU B 694 -2.41 -30.88 -19.36
N GLU B 695 -1.12 -31.13 -19.16
CA GLU B 695 -0.16 -31.03 -20.26
C GLU B 695 -0.32 -32.20 -21.22
N GLU B 696 -0.41 -31.90 -22.51
CA GLU B 696 -0.52 -32.92 -23.53
C GLU B 696 0.83 -33.19 -24.19
N SER C 2 1.65 8.22 -12.53
CA SER C 2 2.57 9.35 -12.53
C SER C 2 3.93 8.95 -11.98
N ASP C 3 3.93 8.04 -11.01
CA ASP C 3 5.17 7.54 -10.44
C ASP C 3 5.69 6.31 -11.16
N LYS C 4 4.81 5.54 -11.81
CA LYS C 4 5.21 4.27 -12.40
C LYS C 4 6.07 4.50 -13.64
N SER C 5 7.04 3.61 -13.83
CA SER C 5 7.95 3.69 -14.97
C SER C 5 7.22 3.34 -16.27
N ILE C 6 7.68 3.93 -17.36
CA ILE C 6 7.11 3.71 -18.68
C ILE C 6 8.07 2.84 -19.48
N ILE C 7 7.58 1.70 -19.96
CA ILE C 7 8.36 0.81 -20.80
C ILE C 7 8.09 1.17 -22.26
N VAL C 8 9.15 1.43 -23.02
CA VAL C 8 9.05 1.78 -24.42
C VAL C 8 9.48 0.59 -25.26
N ILE C 9 8.60 0.16 -26.17
CA ILE C 9 8.93 -0.87 -27.15
C ILE C 9 8.72 -0.32 -28.55
N GLY C 10 9.29 -1.00 -29.53
CA GLY C 10 9.18 -0.59 -30.91
C GLY C 10 10.48 -0.72 -31.68
N MET C 11 10.42 -0.55 -33.00
CA MET C 11 11.61 -0.63 -33.84
C MET C 11 12.66 0.38 -33.41
N ARG C 12 13.64 -0.09 -32.66
CA ARG C 12 14.72 0.76 -32.18
C ARG C 12 15.77 0.96 -33.28
N GLY C 13 16.25 2.19 -33.41
CA GLY C 13 17.29 2.45 -34.40
C GLY C 13 17.66 3.89 -34.62
N THR C 14 16.75 4.67 -35.20
CA THR C 14 17.10 5.99 -35.73
C THR C 14 16.49 7.13 -34.94
N GLY C 15 16.60 7.08 -33.61
CA GLY C 15 16.11 8.17 -32.79
C GLY C 15 14.98 7.77 -31.86
N LYS C 16 14.85 6.48 -31.57
CA LYS C 16 13.89 6.06 -30.56
C LYS C 16 14.44 6.21 -29.16
N SER C 17 15.76 6.03 -28.99
CA SER C 17 16.39 6.33 -27.71
CA SER C 17 16.38 6.34 -27.71
C SER C 17 16.48 7.84 -27.49
N THR C 18 16.61 8.62 -28.57
CA THR C 18 16.49 10.07 -28.46
C THR C 18 15.08 10.45 -28.04
N LEU C 19 14.09 9.72 -28.54
CA LEU C 19 12.71 9.91 -28.11
C LEU C 19 12.54 9.55 -26.64
N SER C 20 13.16 8.45 -26.20
CA SER C 20 13.07 8.07 -24.80
C SER C 20 13.79 9.07 -23.91
N GLU C 21 14.86 9.69 -24.41
CA GLU C 21 15.53 10.73 -23.65
C GLU C 21 14.65 11.96 -23.53
N TRP C 22 14.03 12.37 -24.64
CA TRP C 22 13.09 13.49 -24.62
C TRP C 22 11.97 13.24 -23.64
N LEU C 23 11.40 12.04 -23.66
CA LEU C 23 10.32 11.70 -22.73
C LEU C 23 10.80 11.71 -21.29
N ALA C 24 12.00 11.17 -21.04
CA ALA C 24 12.53 11.15 -19.67
C ALA C 24 12.72 12.56 -19.13
N SER C 25 13.27 13.46 -19.95
CA SER C 25 13.43 14.83 -19.51
C SER C 25 12.10 15.49 -19.21
N PHE C 26 11.05 15.12 -19.97
CA PHE C 26 9.75 15.72 -19.75
C PHE C 26 9.15 15.32 -18.41
N LEU C 27 9.22 14.03 -18.07
CA LEU C 27 8.63 13.51 -16.86
C LEU C 27 9.57 13.58 -15.66
N GLY C 28 10.81 14.03 -15.84
CA GLY C 28 11.77 13.96 -14.77
C GLY C 28 12.22 12.56 -14.45
N PHE C 29 11.97 11.60 -15.35
CA PHE C 29 12.37 10.22 -15.17
C PHE C 29 13.82 10.03 -15.62
N LYS C 30 14.37 8.88 -15.24
CA LYS C 30 15.70 8.49 -15.69
C LYS C 30 15.58 7.53 -16.87
N MET C 31 16.46 7.70 -17.84
CA MET C 31 16.46 6.87 -19.03
C MET C 31 17.41 5.70 -18.85
N LEU C 32 16.91 4.48 -19.08
CA LEU C 32 17.71 3.27 -19.01
C LEU C 32 17.72 2.62 -20.39
N ASP C 33 18.91 2.55 -21.00
CA ASP C 33 19.11 1.83 -22.25
C ASP C 33 19.36 0.37 -21.91
N MET C 34 18.33 -0.46 -22.08
CA MET C 34 18.46 -1.85 -21.65
C MET C 34 19.38 -2.67 -22.55
N ASP C 35 19.59 -2.23 -23.79
CA ASP C 35 20.59 -2.90 -24.62
C ASP C 35 21.99 -2.66 -24.06
N LYS C 36 22.31 -1.41 -23.72
CA LYS C 36 23.60 -1.11 -23.12
C LYS C 36 23.68 -1.61 -21.68
N TYR C 37 22.53 -1.74 -21.01
CA TYR C 37 22.54 -2.32 -19.67
C TYR C 37 22.98 -3.78 -19.71
N LEU C 38 22.50 -4.54 -20.70
CA LEU C 38 22.92 -5.93 -20.84
C LEU C 38 24.37 -6.03 -21.29
N GLU C 39 24.82 -5.11 -22.14
CA GLU C 39 26.19 -5.16 -22.63
C GLU C 39 27.18 -4.93 -21.51
N GLU C 40 26.88 -3.99 -20.60
CA GLU C 40 27.74 -3.77 -19.44
C GLU C 40 27.68 -4.95 -18.47
N LYS C 41 26.54 -5.63 -18.38
CA LYS C 41 26.41 -6.74 -17.45
C LYS C 41 27.26 -7.94 -17.88
N LEU C 42 27.40 -8.17 -19.18
CA LEU C 42 28.12 -9.32 -19.69
C LEU C 42 29.45 -8.98 -20.35
N GLY C 43 29.79 -7.70 -20.42
CA GLY C 43 31.08 -7.28 -20.96
C GLY C 43 31.31 -7.61 -22.43
N THR C 44 30.27 -7.53 -23.25
CA THR C 44 30.42 -7.79 -24.67
C THR C 44 29.32 -7.06 -25.43
N GLY C 45 29.59 -6.80 -26.71
CA GLY C 45 28.58 -6.23 -27.57
C GLY C 45 27.48 -7.24 -27.88
N ILE C 46 26.31 -6.71 -28.24
CA ILE C 46 25.17 -7.57 -28.53
C ILE C 46 25.41 -8.36 -29.81
N LYS C 47 25.93 -7.69 -30.85
CA LYS C 47 26.19 -8.38 -32.11
C LYS C 47 27.17 -9.52 -31.92
N SER C 48 28.22 -9.31 -31.14
CA SER C 48 29.17 -10.39 -30.90
C SER C 48 28.63 -11.44 -29.93
N LEU C 49 27.67 -11.07 -29.08
CA LEU C 49 27.09 -12.06 -28.17
C LEU C 49 26.19 -13.03 -28.92
N ILE C 50 25.35 -12.51 -29.82
CA ILE C 50 24.56 -13.36 -30.69
C ILE C 50 25.45 -14.28 -31.52
N LYS C 51 26.58 -13.81 -31.98
CA LYS C 51 27.42 -14.61 -32.85
C LYS C 51 28.14 -15.75 -32.20
N ALA C 52 28.52 -15.58 -30.96
CA ALA C 52 29.24 -16.60 -30.22
C ALA C 52 28.32 -17.57 -29.50
N LYS C 53 27.13 -17.12 -29.10
CA LYS C 53 26.27 -17.95 -28.26
C LYS C 53 24.91 -18.27 -28.86
N GLY C 54 24.49 -17.60 -29.93
CA GLY C 54 23.25 -17.93 -30.60
C GLY C 54 22.09 -17.08 -30.13
N TRP C 55 21.04 -17.05 -30.97
CA TRP C 55 19.87 -16.23 -30.68
C TRP C 55 19.17 -16.70 -29.41
N GLU C 56 19.06 -18.02 -29.21
CA GLU C 56 18.31 -18.53 -28.06
C GLU C 56 18.96 -18.09 -26.76
N TYR C 57 20.29 -18.15 -26.68
CA TYR C 57 20.97 -17.68 -25.47
C TYR C 57 20.74 -16.18 -25.28
N PHE C 58 20.83 -15.40 -26.35
CA PHE C 58 20.66 -13.96 -26.24
C PHE C 58 19.28 -13.62 -25.70
N ARG C 59 18.23 -14.22 -26.26
CA ARG C 59 16.87 -13.94 -25.79
C ARG C 59 16.67 -14.40 -24.36
N GLN C 60 17.45 -15.39 -23.91
CA GLN C 60 17.41 -15.77 -22.50
C GLN C 60 17.96 -14.65 -21.63
N GLU C 61 19.12 -14.08 -22.01
CA GLU C 61 19.72 -13.01 -21.22
C GLU C 61 18.88 -11.74 -21.29
N GLU C 62 18.29 -11.46 -22.46
CA GLU C 62 17.39 -10.33 -22.57
C GLU C 62 16.22 -10.46 -21.59
N ALA C 63 15.65 -11.67 -21.51
CA ALA C 63 14.55 -11.88 -20.57
C ALA C 63 15.02 -11.73 -19.13
N ILE C 64 16.26 -12.14 -18.84
CA ILE C 64 16.81 -11.99 -17.50
C ILE C 64 16.91 -10.50 -17.14
N VAL C 65 17.47 -9.70 -18.05
CA VAL C 65 17.63 -8.27 -17.79
C VAL C 65 16.25 -7.61 -17.68
N ALA C 66 15.31 -8.04 -18.52
CA ALA C 66 13.97 -7.46 -18.48
C ALA C 66 13.29 -7.71 -17.14
N LYS C 67 13.47 -8.91 -16.58
CA LYS C 67 12.82 -9.22 -15.31
C LYS C 67 13.40 -8.38 -14.18
N GLU C 68 14.71 -8.16 -14.19
CA GLU C 68 15.34 -7.39 -13.13
C GLU C 68 15.14 -5.88 -13.31
N CYS C 69 14.92 -5.41 -14.53
CA CYS C 69 14.67 -3.99 -14.73
C CYS C 69 13.22 -3.63 -14.44
N PHE C 70 12.28 -4.52 -14.78
CA PHE C 70 10.88 -4.29 -14.51
C PHE C 70 10.57 -4.35 -13.02
N THR C 71 11.50 -4.81 -12.20
CA THR C 71 11.35 -4.87 -10.75
C THR C 71 12.14 -3.77 -10.04
N LYS C 72 13.45 -3.67 -10.35
CA LYS C 72 14.30 -2.71 -9.64
C LYS C 72 14.06 -1.28 -10.10
N PHE C 73 13.53 -1.07 -11.29
CA PHE C 73 13.36 0.26 -11.87
C PHE C 73 11.90 0.50 -12.25
N SER C 74 10.98 0.01 -11.43
CA SER C 74 9.55 0.14 -11.72
C SER C 74 9.01 1.54 -11.50
N LYS C 75 9.78 2.44 -10.90
CA LYS C 75 9.33 3.80 -10.62
C LYS C 75 10.32 4.82 -11.15
N GLY C 76 9.81 5.86 -11.81
CA GLY C 76 10.62 6.97 -12.24
C GLY C 76 11.64 6.67 -13.32
N TYR C 77 11.36 5.72 -14.21
CA TYR C 77 12.28 5.37 -15.27
C TYR C 77 11.55 5.31 -16.61
N VAL C 78 12.26 5.68 -17.67
CA VAL C 78 11.87 5.36 -19.02
C VAL C 78 12.74 4.18 -19.46
N LEU C 79 12.15 3.00 -19.51
CA LEU C 79 12.88 1.76 -19.82
C LEU C 79 12.86 1.53 -21.32
N SER C 80 13.97 1.85 -21.99
CA SER C 80 14.07 1.74 -23.43
C SER C 80 14.53 0.32 -23.78
N THR C 81 13.58 -0.52 -24.19
CA THR C 81 13.91 -1.91 -24.49
C THR C 81 14.67 -2.01 -25.81
N GLY C 82 15.33 -3.15 -25.99
CA GLY C 82 15.90 -3.46 -27.29
C GLY C 82 14.81 -3.65 -28.33
N GLY C 83 15.13 -3.25 -29.56
CA GLY C 83 14.15 -3.34 -30.64
C GLY C 83 13.56 -4.72 -30.79
N GLY C 84 14.39 -5.76 -30.67
CA GLY C 84 13.93 -7.11 -30.88
C GLY C 84 13.52 -7.86 -29.63
N ILE C 85 13.22 -7.14 -28.55
CA ILE C 85 12.84 -7.79 -27.30
C ILE C 85 11.59 -8.65 -27.49
N VAL C 86 10.70 -8.26 -28.41
CA VAL C 86 9.43 -8.96 -28.62
C VAL C 86 9.64 -10.26 -29.38
N GLU C 87 10.91 -10.60 -29.68
CA GLU C 87 11.19 -11.82 -30.42
C GLU C 87 11.11 -13.07 -29.56
N GLY C 88 11.26 -12.94 -28.24
CA GLY C 88 11.20 -14.07 -27.33
C GLY C 88 9.92 -14.05 -26.52
N GLU C 89 9.24 -15.21 -26.48
CA GLU C 89 7.95 -15.29 -25.81
C GLU C 89 8.06 -15.00 -24.31
N ASP C 90 9.22 -15.25 -23.71
CA ASP C 90 9.42 -14.91 -22.30
C ASP C 90 9.28 -13.42 -22.08
N ALA C 91 10.01 -12.61 -22.87
CA ALA C 91 9.93 -11.17 -22.72
C ALA C 91 8.54 -10.65 -23.07
N ARG C 92 7.89 -11.26 -24.07
CA ARG C 92 6.54 -10.84 -24.45
C ARG C 92 5.56 -11.04 -23.31
N GLN C 93 5.65 -12.17 -22.61
CA GLN C 93 4.79 -12.41 -21.45
C GLN C 93 5.05 -11.38 -20.37
N GLN C 94 6.32 -11.03 -20.14
CA GLN C 94 6.65 -10.03 -19.13
C GLN C 94 6.07 -8.68 -19.49
N LEU C 95 6.17 -8.28 -20.76
CA LEU C 95 5.58 -7.02 -21.21
C LEU C 95 4.07 -7.03 -21.00
N LYS C 96 3.42 -8.13 -21.39
CA LYS C 96 1.98 -8.23 -21.21
C LYS C 96 1.61 -8.16 -19.73
N SER C 97 2.41 -8.79 -18.87
CA SER C 97 2.12 -8.78 -17.44
C SER C 97 2.30 -7.39 -16.85
N TYR C 98 3.31 -6.65 -17.31
CA TYR C 98 3.54 -5.30 -16.78
C TYR C 98 2.39 -4.36 -17.12
N ALA C 99 1.84 -4.48 -18.34
CA ALA C 99 0.72 -3.62 -18.69
C ALA C 99 -0.54 -4.00 -17.93
N ASP C 100 -0.71 -5.28 -17.61
CA ASP C 100 -1.91 -5.74 -16.92
C ASP C 100 -1.88 -5.43 -15.43
N ASN C 101 -0.73 -5.06 -14.87
CA ASN C 101 -0.64 -4.63 -13.48
C ASN C 101 -0.61 -3.11 -13.36
N GLY C 102 -1.22 -2.40 -14.30
CA GLY C 102 -1.31 -0.96 -14.24
C GLY C 102 -0.14 -0.21 -14.84
N GLY C 103 0.79 -0.90 -15.50
CA GLY C 103 1.92 -0.23 -16.10
C GLY C 103 1.67 0.20 -17.54
N ILE C 104 2.47 1.16 -17.99
CA ILE C 104 2.41 1.65 -19.36
C ILE C 104 3.51 0.97 -20.16
N VAL C 105 3.11 0.19 -21.16
CA VAL C 105 4.03 -0.29 -22.19
C VAL C 105 3.69 0.47 -23.46
N LEU C 106 4.49 1.46 -23.79
CA LEU C 106 4.21 2.35 -24.91
C LEU C 106 4.94 1.85 -26.15
N HIS C 107 4.20 1.61 -27.22
CA HIS C 107 4.76 1.23 -28.51
C HIS C 107 4.91 2.49 -29.37
N LEU C 108 6.16 2.90 -29.58
CA LEU C 108 6.45 4.06 -30.43
C LEU C 108 6.68 3.59 -31.85
N HIS C 109 5.83 4.05 -32.77
CA HIS C 109 5.87 3.65 -34.17
C HIS C 109 6.36 4.83 -35.00
N ARG C 110 7.31 4.56 -35.90
CA ARG C 110 7.79 5.57 -36.85
C ARG C 110 7.38 5.24 -38.27
N ASP C 111 7.85 4.12 -38.81
CA ASP C 111 7.50 3.71 -40.16
C ASP C 111 7.07 2.25 -40.21
N SER C 129 16.79 -1.24 -45.82
CA SER C 129 16.18 -1.36 -47.14
C SER C 129 14.86 -2.14 -47.06
N SER C 130 14.80 -3.25 -47.78
CA SER C 130 13.64 -4.14 -47.68
C SER C 130 13.76 -5.13 -46.54
N GLU C 131 14.96 -5.27 -45.94
CA GLU C 131 15.10 -6.08 -44.74
C GLU C 131 14.44 -5.43 -43.53
N VAL C 132 14.28 -4.11 -43.56
CA VAL C 132 13.61 -3.41 -42.47
C VAL C 132 12.10 -3.70 -42.49
N GLN C 133 11.52 -3.77 -43.69
CA GLN C 133 10.10 -4.13 -43.79
C GLN C 133 9.87 -5.56 -43.32
N GLU C 134 10.82 -6.46 -43.64
CA GLU C 134 10.74 -7.83 -43.17
C GLU C 134 10.59 -7.90 -41.66
N VAL C 135 11.45 -7.18 -40.93
CA VAL C 135 11.43 -7.18 -39.47
C VAL C 135 10.13 -6.60 -38.97
N TRP C 136 9.65 -5.52 -39.59
CA TRP C 136 8.42 -4.89 -39.13
C TRP C 136 7.22 -5.81 -39.30
N LEU C 137 7.09 -6.42 -40.48
CA LEU C 137 5.95 -7.31 -40.72
C LEU C 137 5.96 -8.50 -39.77
N ARG C 138 7.14 -9.01 -39.44
CA ARG C 138 7.23 -10.14 -38.52
C ARG C 138 6.89 -9.72 -37.09
N ARG C 139 7.23 -8.50 -36.69
CA ARG C 139 7.11 -8.07 -35.30
C ARG C 139 5.87 -7.25 -35.00
N GLU C 140 5.13 -6.81 -36.03
CA GLU C 140 4.13 -5.76 -35.81
C GLU C 140 3.02 -6.22 -34.85
N LYS C 141 2.55 -7.47 -34.99
CA LYS C 141 1.49 -7.89 -34.08
C LYS C 141 2.04 -8.18 -32.68
N TRP C 142 3.30 -8.59 -32.57
CA TRP C 142 3.92 -8.70 -31.26
C TRP C 142 3.93 -7.35 -30.55
N TYR C 143 4.32 -6.30 -31.26
CA TYR C 143 4.30 -4.95 -30.71
C TYR C 143 2.90 -4.58 -30.22
N HIS C 144 1.87 -4.94 -31.00
CA HIS C 144 0.51 -4.56 -30.62
C HIS C 144 0.04 -5.34 -29.39
N GLU C 145 0.33 -6.64 -29.34
CA GLU C 145 -0.15 -7.45 -28.23
C GLU C 145 0.55 -7.12 -26.92
N CYS C 146 1.82 -6.72 -26.97
CA CYS C 146 2.60 -6.49 -25.76
C CYS C 146 2.47 -5.08 -25.20
N SER C 147 1.88 -4.16 -25.96
CA SER C 147 1.70 -2.79 -25.50
C SER C 147 0.22 -2.49 -25.30
N ASN C 148 -0.06 -1.61 -24.34
CA ASN C 148 -1.42 -1.12 -24.12
C ASN C 148 -1.62 0.31 -24.62
N TYR C 149 -0.56 0.96 -25.10
CA TYR C 149 -0.65 2.33 -25.61
C TYR C 149 0.22 2.44 -26.85
N HIS C 150 -0.24 3.26 -27.80
CA HIS C 150 0.37 3.33 -29.11
C HIS C 150 0.41 4.78 -29.57
N PHE C 151 1.46 5.13 -30.31
CA PHE C 151 1.62 6.50 -30.80
C PHE C 151 2.49 6.49 -32.06
N TYR C 152 2.08 7.27 -33.06
CA TYR C 152 2.81 7.39 -34.32
C TYR C 152 3.79 8.55 -34.22
N SER C 153 5.08 8.25 -34.23
CA SER C 153 6.11 9.27 -34.36
C SER C 153 6.40 9.56 -35.83
N SER C 154 5.34 9.79 -36.60
CA SER C 154 5.46 10.03 -38.03
C SER C 154 6.33 11.26 -38.30
N HIS C 155 6.98 11.26 -39.45
CA HIS C 155 7.87 12.36 -39.79
C HIS C 155 7.13 13.44 -40.56
N CYS C 156 7.62 14.66 -40.41
CA CYS C 156 6.93 15.85 -40.90
C CYS C 156 7.88 16.67 -41.77
N SER C 157 7.29 17.47 -42.66
CA SER C 157 8.07 18.23 -43.63
C SER C 157 8.45 19.61 -43.12
N THR C 158 7.57 20.28 -42.38
CA THR C 158 7.84 21.62 -41.89
C THR C 158 7.91 21.61 -40.36
N GLU C 159 8.40 22.73 -39.82
CA GLU C 159 8.56 22.85 -38.37
C GLU C 159 7.21 23.02 -37.67
N ASP C 160 6.25 23.71 -38.30
CA ASP C 160 4.91 23.79 -37.75
C ASP C 160 4.29 22.39 -37.63
N GLU C 161 4.56 21.54 -38.61
CA GLU C 161 4.13 20.14 -38.50
C GLU C 161 4.85 19.44 -37.36
N PHE C 162 6.13 19.74 -37.17
CA PHE C 162 6.89 19.15 -36.07
C PHE C 162 6.33 19.58 -34.73
N ASN C 163 6.13 20.88 -34.55
CA ASN C 163 5.55 21.39 -33.31
C ASN C 163 4.18 20.76 -33.05
N HIS C 164 3.38 20.59 -34.10
CA HIS C 164 2.05 20.00 -33.95
C HIS C 164 2.15 18.58 -33.39
N LEU C 165 3.02 17.75 -33.99
CA LEU C 165 3.19 16.39 -33.51
C LEU C 165 3.81 16.37 -32.11
N ARG C 166 4.70 17.32 -31.81
CA ARG C 166 5.35 17.33 -30.51
C ARG C 166 4.34 17.66 -29.40
N ARG C 167 3.54 18.70 -29.59
CA ARG C 167 2.54 19.03 -28.58
C ARG C 167 1.47 17.95 -28.48
N SER C 168 1.13 17.31 -29.60
CA SER C 168 0.20 16.19 -29.55
C SER C 168 0.78 15.05 -28.71
N PHE C 169 2.10 14.86 -28.78
CA PHE C 169 2.74 13.84 -27.96
C PHE C 169 2.71 14.24 -26.49
N VAL C 170 2.97 15.51 -26.19
CA VAL C 170 2.91 15.99 -24.81
C VAL C 170 1.55 15.71 -24.20
N ASN C 171 0.48 16.14 -24.88
CA ASN C 171 -0.86 15.89 -24.37
C ASN C 171 -1.16 14.41 -24.31
N TYR C 172 -0.68 13.65 -25.29
CA TYR C 172 -0.82 12.20 -25.25
C TYR C 172 -0.26 11.63 -23.96
N ILE C 173 0.98 11.99 -23.64
CA ILE C 173 1.64 11.43 -22.45
C ILE C 173 0.93 11.90 -21.18
N LYS C 174 0.62 13.19 -21.10
CA LYS C 174 -0.10 13.72 -19.94
C LYS C 174 -1.39 12.95 -19.70
N LEU C 175 -2.10 12.59 -20.77
CA LEU C 175 -3.35 11.85 -20.61
C LEU C 175 -3.10 10.43 -20.09
N ILE C 176 -2.23 9.68 -20.76
CA ILE C 176 -2.10 8.27 -20.42
C ILE C 176 -1.32 8.06 -19.12
N THR C 177 -0.49 9.01 -18.71
CA THR C 177 0.17 8.94 -17.41
C THR C 177 -0.71 9.44 -16.28
N GLY C 178 -1.95 9.82 -16.57
CA GLY C 178 -2.87 10.30 -15.55
C GLY C 178 -2.45 11.60 -14.90
N ALA C 179 -1.44 12.28 -15.42
CA ALA C 179 -1.03 13.57 -14.86
C ALA C 179 -2.22 14.53 -14.83
N GLU C 180 -2.89 14.68 -15.98
CA GLU C 180 -4.12 15.46 -16.05
C GLU C 180 -4.78 15.24 -17.41
N ARG C 181 -6.09 15.01 -17.40
CA ARG C 181 -6.88 14.65 -18.58
C ARG C 181 -7.15 15.88 -19.44
N PRO C 182 -7.94 15.77 -20.51
CA PRO C 182 -8.44 16.99 -21.16
C PRO C 182 -9.43 17.71 -20.26
N VAL C 183 -9.12 18.96 -19.92
CA VAL C 183 -10.04 19.79 -19.16
C VAL C 183 -11.18 20.23 -20.07
N VAL C 184 -12.41 20.02 -19.62
CA VAL C 184 -13.58 20.49 -20.38
C VAL C 184 -13.56 22.02 -20.42
N PRO C 185 -13.61 22.64 -21.59
CA PRO C 185 -13.44 24.10 -21.65
C PRO C 185 -14.54 24.83 -20.89
N VAL C 186 -14.18 25.98 -20.33
CA VAL C 186 -15.08 26.71 -19.45
C VAL C 186 -15.99 27.66 -20.22
N GLY C 187 -15.41 28.52 -21.05
CA GLY C 187 -16.18 29.48 -21.81
C GLY C 187 -16.92 28.84 -22.96
N ARG C 188 -17.11 29.61 -24.03
CA ARG C 188 -17.68 29.05 -25.24
C ARG C 188 -16.58 28.35 -26.02
N SER C 189 -16.86 27.13 -26.47
CA SER C 189 -15.89 26.35 -27.23
C SER C 189 -16.58 25.73 -28.42
N ALA C 190 -15.78 25.37 -29.40
CA ALA C 190 -16.26 24.79 -30.64
C ALA C 190 -15.42 23.58 -31.01
N ALA C 191 -16.01 22.66 -31.75
CA ALA C 191 -15.32 21.46 -32.21
C ALA C 191 -15.59 21.27 -33.70
N VAL C 192 -14.53 21.35 -34.50
CA VAL C 192 -14.69 21.18 -35.95
C VAL C 192 -14.92 19.71 -36.27
N VAL C 193 -15.93 19.43 -37.07
CA VAL C 193 -16.34 18.06 -37.37
C VAL C 193 -15.62 17.60 -38.64
N LEU C 194 -14.64 16.71 -38.47
CA LEU C 194 -13.89 16.16 -39.60
C LEU C 194 -14.71 15.02 -40.22
N THR C 195 -15.23 15.27 -41.42
CA THR C 195 -16.13 14.34 -42.08
C THR C 195 -15.55 13.77 -43.36
N SER C 196 -14.24 13.93 -43.58
CA SER C 196 -13.66 13.49 -44.83
C SER C 196 -13.46 11.97 -44.83
N PRO C 197 -13.76 11.30 -45.94
CA PRO C 197 -13.42 9.87 -46.04
C PRO C 197 -11.92 9.61 -45.95
N ASP C 198 -11.10 10.61 -46.26
CA ASP C 198 -9.65 10.49 -46.15
C ASP C 198 -9.10 11.89 -45.95
N LEU C 199 -8.53 12.15 -44.76
CA LEU C 199 -8.02 13.47 -44.46
C LEU C 199 -6.81 13.84 -45.30
N ASN C 200 -6.25 12.88 -46.05
CA ASN C 200 -5.17 13.20 -46.97
C ASN C 200 -5.65 14.08 -48.12
N GLU C 201 -6.95 14.03 -48.44
CA GLU C 201 -7.51 14.88 -49.49
C GLU C 201 -7.63 16.34 -49.06
N VAL C 202 -7.43 16.65 -47.79
CA VAL C 202 -7.53 18.01 -47.30
C VAL C 202 -6.35 18.30 -46.38
N VAL C 203 -5.30 17.47 -46.49
CA VAL C 203 -4.14 17.61 -45.62
C VAL C 203 -3.47 18.96 -45.80
N ARG C 204 -3.63 19.60 -46.95
CA ARG C 204 -3.03 20.90 -47.19
C ARG C 204 -3.74 22.03 -46.47
N ASP C 205 -5.05 21.86 -46.20
CA ASP C 205 -5.84 22.89 -45.55
C ASP C 205 -6.30 22.46 -44.15
N LEU C 206 -5.59 21.54 -43.51
CA LEU C 206 -6.02 21.05 -42.20
C LEU C 206 -5.88 22.12 -41.14
N GLU C 207 -4.78 22.90 -41.17
CA GLU C 207 -4.61 23.96 -40.18
C GLU C 207 -5.67 25.04 -40.33
N SER C 208 -6.04 25.37 -41.57
CA SER C 208 -7.11 26.33 -41.79
C SER C 208 -8.46 25.79 -41.34
N ILE C 209 -8.67 24.48 -41.46
CA ILE C 209 -9.95 23.88 -41.08
C ILE C 209 -10.16 23.96 -39.57
N THR C 210 -9.09 23.87 -38.79
CA THR C 210 -9.19 23.91 -37.33
C THR C 210 -9.21 25.32 -36.77
N ILE C 211 -9.23 26.35 -37.62
CA ILE C 211 -9.30 27.73 -37.14
C ILE C 211 -10.57 27.90 -36.32
N GLY C 212 -10.43 28.47 -35.13
CA GLY C 212 -11.56 28.69 -34.25
C GLY C 212 -11.99 27.51 -33.42
N ALA C 213 -11.44 26.32 -33.65
CA ALA C 213 -11.86 25.14 -32.92
C ALA C 213 -11.02 24.94 -31.66
N ASP C 214 -11.65 24.41 -30.62
CA ASP C 214 -10.97 23.95 -29.42
C ASP C 214 -10.82 22.43 -29.40
N ALA C 215 -11.38 21.73 -30.38
CA ALA C 215 -11.24 20.29 -30.49
C ALA C 215 -11.58 19.90 -31.92
N VAL C 216 -11.20 18.69 -32.29
CA VAL C 216 -11.60 18.09 -33.56
C VAL C 216 -12.45 16.86 -33.24
N GLU C 217 -13.59 16.75 -33.93
CA GLU C 217 -14.45 15.59 -33.78
C GLU C 217 -14.25 14.72 -35.02
N LEU C 218 -13.63 13.56 -34.83
CA LEU C 218 -13.31 12.66 -35.93
C LEU C 218 -14.49 11.72 -36.14
N ARG C 219 -15.13 11.84 -37.31
CA ARG C 219 -16.25 10.97 -37.65
C ARG C 219 -15.69 9.71 -38.32
N VAL C 220 -15.20 8.81 -37.47
CA VAL C 220 -14.54 7.59 -37.95
C VAL C 220 -15.48 6.79 -38.85
N ASP C 221 -16.78 6.79 -38.52
CA ASP C 221 -17.73 6.02 -39.33
C ASP C 221 -17.83 6.54 -40.76
N LEU C 222 -17.46 7.81 -41.01
CA LEU C 222 -17.46 8.39 -42.34
C LEU C 222 -16.17 8.12 -43.11
N PHE C 223 -15.27 7.32 -42.55
CA PHE C 223 -14.06 6.94 -43.29
C PHE C 223 -14.39 5.93 -44.39
N LYS C 224 -13.59 5.97 -45.45
CA LYS C 224 -13.74 4.98 -46.51
C LYS C 224 -13.30 3.59 -46.05
N ASP C 225 -12.39 3.54 -45.07
CA ASP C 225 -11.89 2.28 -44.53
C ASP C 225 -11.91 2.38 -43.01
N THR C 226 -12.61 1.46 -42.36
CA THR C 226 -12.69 1.42 -40.90
C THR C 226 -11.75 0.39 -40.28
N SER C 227 -10.71 -0.02 -41.01
CA SER C 227 -9.73 -0.91 -40.41
C SER C 227 -8.86 -0.13 -39.43
N ALA C 228 -8.25 -0.86 -38.49
CA ALA C 228 -7.43 -0.22 -37.48
C ALA C 228 -6.20 0.46 -38.08
N GLU C 229 -5.69 -0.07 -39.19
CA GLU C 229 -4.53 0.55 -39.84
C GLU C 229 -4.91 1.91 -40.42
N PHE C 230 -6.03 1.97 -41.13
CA PHE C 230 -6.46 3.21 -41.75
C PHE C 230 -6.83 4.24 -40.68
N VAL C 231 -7.58 3.83 -39.66
CA VAL C 231 -8.04 4.77 -38.64
C VAL C 231 -6.86 5.36 -37.89
N ALA C 232 -5.89 4.53 -37.51
CA ALA C 232 -4.70 5.05 -36.85
C ALA C 232 -3.91 5.98 -37.76
N ALA C 233 -3.89 5.68 -39.07
CA ALA C 233 -3.21 6.56 -40.01
C ALA C 233 -3.91 7.90 -40.12
N GLN C 234 -5.25 7.91 -40.04
CA GLN C 234 -5.99 9.17 -40.05
C GLN C 234 -5.64 10.02 -38.83
N ILE C 235 -5.55 9.40 -37.65
CA ILE C 235 -5.18 10.13 -36.44
C ILE C 235 -3.75 10.63 -36.55
N ALA C 236 -2.88 9.88 -37.22
CA ALA C 236 -1.52 10.36 -37.46
C ALA C 236 -1.52 11.60 -38.34
N VAL C 237 -2.45 11.70 -39.28
CA VAL C 237 -2.57 12.89 -40.12
C VAL C 237 -2.96 14.10 -39.26
N ILE C 238 -3.98 13.93 -38.42
CA ILE C 238 -4.46 15.04 -37.59
C ILE C 238 -3.37 15.54 -36.66
N ARG C 239 -2.56 14.61 -36.12
CA ARG C 239 -1.65 14.99 -35.06
C ARG C 239 -0.44 15.76 -35.54
N LYS C 240 -0.09 15.66 -36.82
CA LYS C 240 0.95 16.52 -37.38
C LYS C 240 0.36 17.79 -38.00
N HIS C 241 -0.91 18.09 -37.75
CA HIS C 241 -1.49 19.34 -38.22
C HIS C 241 -2.32 20.06 -37.18
N ALA C 242 -2.48 19.50 -35.97
CA ALA C 242 -3.30 20.14 -34.95
C ALA C 242 -2.91 19.61 -33.57
N ASP C 243 -2.85 20.52 -32.59
CA ASP C 243 -2.62 20.16 -31.20
C ASP C 243 -3.92 19.88 -30.45
N LEU C 244 -5.06 20.15 -31.07
CA LEU C 244 -6.33 20.13 -30.35
C LEU C 244 -6.68 18.73 -29.88
N PRO C 245 -7.38 18.62 -28.76
CA PRO C 245 -7.88 17.30 -28.33
C PRO C 245 -8.80 16.69 -29.37
N ILE C 246 -8.85 15.36 -29.40
CA ILE C 246 -9.59 14.61 -30.40
C ILE C 246 -10.81 13.97 -29.75
N ILE C 247 -11.98 14.16 -30.38
CA ILE C 247 -13.22 13.49 -29.99
C ILE C 247 -13.43 12.34 -30.96
N TYR C 248 -13.30 11.12 -30.46
CA TYR C 248 -13.34 9.91 -31.28
C TYR C 248 -14.77 9.40 -31.36
N THR C 249 -15.34 9.41 -32.57
CA THR C 249 -16.77 9.13 -32.75
C THR C 249 -16.98 8.15 -33.89
N VAL C 250 -17.75 7.10 -33.62
CA VAL C 250 -18.14 6.11 -34.62
C VAL C 250 -19.67 6.08 -34.61
N ARG C 251 -20.28 6.97 -35.39
CA ARG C 251 -21.73 7.12 -35.39
C ARG C 251 -22.38 5.99 -36.18
N THR C 252 -23.30 5.28 -35.54
CA THR C 252 -23.98 4.17 -36.18
C THR C 252 -25.18 4.66 -36.99
N MET C 253 -25.73 3.75 -37.81
CA MET C 253 -26.81 4.11 -38.72
C MET C 253 -28.04 4.60 -37.97
N SER C 254 -28.43 3.91 -36.89
CA SER C 254 -29.62 4.29 -36.14
C SER C 254 -29.49 5.66 -35.49
N GLN C 255 -28.28 6.22 -35.42
CA GLN C 255 -28.08 7.57 -34.91
C GLN C 255 -27.61 8.52 -36.01
N GLY C 256 -27.99 8.24 -37.25
CA GLY C 256 -27.69 9.13 -38.35
C GLY C 256 -26.32 8.97 -38.96
N GLY C 257 -25.54 7.98 -38.53
CA GLY C 257 -24.23 7.72 -39.08
C GLY C 257 -24.24 6.63 -40.13
N LYS C 258 -23.05 6.10 -40.41
CA LYS C 258 -22.87 5.11 -41.46
C LYS C 258 -22.44 3.74 -40.94
N PHE C 259 -22.07 3.63 -39.66
CA PHE C 259 -21.59 2.34 -39.16
C PHE C 259 -22.77 1.41 -38.90
N PRO C 260 -22.64 0.12 -39.25
CA PRO C 260 -23.74 -0.83 -39.02
C PRO C 260 -23.95 -1.06 -37.54
N ASP C 261 -25.21 -0.95 -37.11
CA ASP C 261 -25.52 -1.14 -35.69
C ASP C 261 -25.27 -2.57 -35.23
N GLU C 262 -25.45 -3.55 -36.13
CA GLU C 262 -25.25 -4.95 -35.76
C GLU C 262 -23.79 -5.30 -35.54
N ASN C 263 -22.86 -4.52 -36.11
CA ASN C 263 -21.44 -4.80 -35.93
C ASN C 263 -20.99 -4.41 -34.53
N VAL C 264 -21.49 -5.13 -33.52
CA VAL C 264 -21.27 -4.74 -32.14
C VAL C 264 -19.80 -4.93 -31.75
N ASP C 265 -19.18 -6.01 -32.24
CA ASP C 265 -17.78 -6.26 -31.89
C ASP C 265 -16.83 -5.38 -32.69
N GLU C 266 -17.17 -5.05 -33.93
CA GLU C 266 -16.34 -4.14 -34.71
C GLU C 266 -16.37 -2.73 -34.13
N LEU C 267 -17.55 -2.29 -33.68
CA LEU C 267 -17.65 -0.99 -33.02
C LEU C 267 -16.86 -0.98 -31.71
N LYS C 268 -17.00 -2.04 -30.90
CA LYS C 268 -16.26 -2.12 -29.65
C LYS C 268 -14.75 -2.08 -29.89
N SER C 269 -14.28 -2.84 -30.87
CA SER C 269 -12.85 -2.85 -31.18
C SER C 269 -12.35 -1.47 -31.59
N LEU C 270 -13.16 -0.73 -32.35
CA LEU C 270 -12.75 0.60 -32.78
C LEU C 270 -12.65 1.57 -31.62
N LEU C 271 -13.57 1.45 -30.65
CA LEU C 271 -13.56 2.36 -29.51
C LEU C 271 -12.34 2.12 -28.63
N LEU C 272 -12.01 0.86 -28.36
CA LEU C 272 -10.79 0.56 -27.62
C LEU C 272 -9.54 0.93 -28.40
N LEU C 273 -9.62 0.98 -29.73
CA LEU C 273 -8.51 1.48 -30.52
C LEU C 273 -8.26 2.96 -30.24
N GLY C 274 -9.33 3.76 -30.18
CA GLY C 274 -9.17 5.16 -29.82
C GLY C 274 -8.55 5.35 -28.45
N ILE C 275 -8.98 4.53 -27.47
CA ILE C 275 -8.36 4.57 -26.15
C ILE C 275 -6.87 4.27 -26.26
N ARG C 276 -6.52 3.23 -27.02
CA ARG C 276 -5.12 2.86 -27.21
C ARG C 276 -4.31 3.99 -27.84
N LEU C 277 -4.92 4.78 -28.71
CA LEU C 277 -4.23 5.89 -29.34
C LEU C 277 -4.25 7.16 -28.50
N GLY C 278 -4.81 7.10 -27.29
CA GLY C 278 -4.76 8.24 -26.39
C GLY C 278 -5.59 9.43 -26.80
N VAL C 279 -6.74 9.21 -27.45
CA VAL C 279 -7.61 10.34 -27.79
C VAL C 279 -8.19 10.94 -26.52
N ALA C 280 -8.49 12.24 -26.58
CA ALA C 280 -8.97 12.94 -25.41
C ALA C 280 -10.38 12.51 -25.03
N TYR C 281 -11.23 12.28 -26.03
CA TYR C 281 -12.61 11.91 -25.79
C TYR C 281 -12.98 10.77 -26.73
N VAL C 282 -13.78 9.84 -26.21
CA VAL C 282 -14.41 8.80 -27.03
C VAL C 282 -15.91 8.98 -26.92
N ASP C 283 -16.60 8.94 -28.05
CA ASP C 283 -18.05 9.10 -28.09
C ASP C 283 -18.72 7.75 -27.86
N LEU C 284 -19.67 7.72 -26.93
CA LEU C 284 -20.44 6.52 -26.61
C LEU C 284 -21.92 6.79 -26.85
N GLN C 285 -22.58 5.90 -27.58
CA GLN C 285 -23.99 6.07 -27.87
C GLN C 285 -24.82 5.53 -26.71
N LEU C 286 -25.72 6.37 -26.18
CA LEU C 286 -26.53 5.99 -25.03
C LEU C 286 -27.48 4.84 -25.33
N THR C 287 -27.75 4.55 -26.60
CA THR C 287 -28.58 3.40 -26.98
C THR C 287 -27.75 2.16 -27.31
N ALA C 288 -26.44 2.19 -27.04
CA ALA C 288 -25.61 1.02 -27.29
C ALA C 288 -25.99 -0.11 -26.34
N PRO C 289 -25.71 -1.36 -26.70
CA PRO C 289 -25.97 -2.46 -25.78
C PRO C 289 -25.21 -2.28 -24.47
N ASN C 290 -25.84 -2.72 -23.38
CA ASN C 290 -25.33 -2.40 -22.05
C ASN C 290 -23.95 -2.98 -21.81
N GLU C 291 -23.63 -4.12 -22.43
CA GLU C 291 -22.31 -4.71 -22.24
C GLU C 291 -21.23 -3.88 -22.94
N LEU C 292 -21.59 -3.18 -24.02
CA LEU C 292 -20.62 -2.31 -24.69
C LEU C 292 -20.31 -1.10 -23.83
N ILE C 293 -21.33 -0.47 -23.25
CA ILE C 293 -21.11 0.71 -22.41
C ILE C 293 -20.27 0.36 -21.20
N GLU C 294 -20.52 -0.82 -20.62
CA GLU C 294 -19.83 -1.19 -19.38
C GLU C 294 -18.36 -1.49 -19.64
N GLU C 295 -18.04 -2.20 -20.72
CA GLU C 295 -16.66 -2.56 -20.99
C GLU C 295 -15.83 -1.34 -21.36
N ILE C 296 -16.37 -0.47 -22.21
CA ILE C 296 -15.64 0.74 -22.59
C ILE C 296 -15.45 1.66 -21.38
N SER C 297 -16.46 1.76 -20.52
CA SER C 297 -16.33 2.58 -19.32
C SER C 297 -15.28 2.03 -18.37
N SER C 298 -15.10 0.71 -18.34
CA SER C 298 -14.10 0.10 -17.47
C SER C 298 -12.69 0.18 -18.04
N LYS C 299 -12.55 0.32 -19.35
CA LYS C 299 -11.24 0.35 -20.00
C LYS C 299 -10.90 1.71 -20.61
N LYS C 300 -11.68 2.75 -20.32
CA LYS C 300 -11.41 4.06 -20.88
C LYS C 300 -10.11 4.67 -20.35
N GLY C 301 -9.61 4.19 -19.22
CA GLY C 301 -8.43 4.79 -18.64
C GLY C 301 -8.68 6.25 -18.29
N PHE C 302 -7.94 7.15 -18.93
CA PHE C 302 -8.12 8.57 -18.75
C PHE C 302 -8.73 9.25 -19.97
N THR C 303 -9.02 8.51 -21.02
CA THR C 303 -9.84 9.06 -22.10
C THR C 303 -11.23 9.38 -21.58
N ARG C 304 -11.67 10.61 -21.78
CA ARG C 304 -13.00 10.97 -21.30
C ARG C 304 -14.07 10.44 -22.26
N VAL C 305 -15.28 10.29 -21.74
CA VAL C 305 -16.39 9.69 -22.48
C VAL C 305 -17.48 10.74 -22.67
N ILE C 306 -17.88 10.94 -23.92
CA ILE C 306 -19.04 11.76 -24.27
C ILE C 306 -20.19 10.81 -24.60
N GLY C 307 -21.25 10.86 -23.79
CA GLY C 307 -22.42 10.04 -24.04
C GLY C 307 -23.45 10.77 -24.89
N THR C 308 -23.76 10.22 -26.06
CA THR C 308 -24.54 10.92 -27.06
C THR C 308 -25.81 10.16 -27.42
N TYR C 309 -26.93 10.87 -27.49
CA TYR C 309 -28.16 10.38 -28.08
C TYR C 309 -28.74 11.47 -28.98
N GLN C 310 -29.20 11.07 -30.16
CA GLN C 310 -29.77 12.00 -31.13
C GLN C 310 -31.18 11.55 -31.48
N ASP C 311 -32.13 12.49 -31.45
CA ASP C 311 -33.50 12.26 -31.88
C ASP C 311 -33.55 12.44 -33.39
N ILE C 312 -33.30 11.34 -34.11
CA ILE C 312 -33.18 11.42 -35.56
C ILE C 312 -34.50 11.83 -36.20
N ASN C 313 -35.61 11.20 -35.77
CA ASN C 313 -36.92 11.59 -36.29
C ASN C 313 -37.33 12.98 -35.83
N GLY C 314 -36.73 13.48 -34.75
CA GLY C 314 -36.86 14.88 -34.40
C GLY C 314 -38.23 15.34 -33.96
N GLU C 315 -39.14 14.42 -33.66
CA GLU C 315 -40.49 14.78 -33.24
C GLU C 315 -40.67 14.74 -31.73
N LEU C 316 -39.58 14.88 -30.98
CA LEU C 316 -39.65 15.04 -29.53
C LEU C 316 -39.59 16.53 -29.18
N LYS C 317 -40.11 16.85 -27.99
CA LYS C 317 -40.03 18.20 -27.44
C LYS C 317 -39.09 18.19 -26.24
N TRP C 318 -38.43 19.32 -26.01
CA TRP C 318 -37.36 19.34 -25.02
C TRP C 318 -37.87 19.29 -23.58
N ASN C 319 -39.18 19.32 -23.36
CA ASN C 319 -39.73 19.08 -22.03
C ASN C 319 -40.27 17.67 -21.87
N ASN C 320 -40.07 16.81 -22.87
CA ASN C 320 -40.51 15.42 -22.78
C ASN C 320 -39.62 14.63 -21.83
N VAL C 321 -40.22 13.62 -21.18
CA VAL C 321 -39.54 12.86 -20.15
C VAL C 321 -38.37 12.07 -20.71
N GLU C 322 -38.44 11.68 -22.00
CA GLU C 322 -37.37 10.86 -22.58
C GLU C 322 -36.03 11.58 -22.52
N TRP C 323 -36.03 12.89 -22.72
CA TRP C 323 -34.78 13.66 -22.65
C TRP C 323 -34.18 13.60 -21.26
N LYS C 324 -35.02 13.70 -20.22
CA LYS C 324 -34.51 13.63 -18.86
C LYS C 324 -33.97 12.24 -18.54
N ASN C 325 -34.63 11.19 -19.03
CA ASN C 325 -34.13 9.84 -18.84
C ASN C 325 -32.79 9.65 -19.54
N LYS C 326 -32.62 10.26 -20.71
CA LYS C 326 -31.35 10.15 -21.43
C LYS C 326 -30.23 10.87 -20.69
N TYR C 327 -30.50 12.10 -20.21
CA TYR C 327 -29.51 12.81 -19.40
C TYR C 327 -29.17 12.03 -18.15
N ASN C 328 -30.18 11.49 -17.45
CA ASN C 328 -29.91 10.71 -16.26
C ASN C 328 -29.17 9.43 -16.57
N GLN C 329 -29.36 8.88 -17.78
CA GLN C 329 -28.59 7.71 -18.18
C GLN C 329 -27.12 8.06 -18.37
N GLY C 330 -26.84 9.26 -18.87
CA GLY C 330 -25.45 9.69 -18.99
C GLY C 330 -24.81 9.93 -17.63
N VAL C 331 -25.56 10.49 -16.69
CA VAL C 331 -25.07 10.63 -15.33
C VAL C 331 -24.89 9.26 -14.69
N SER C 332 -25.74 8.29 -15.06
CA SER C 332 -25.68 6.96 -14.45
C SER C 332 -24.37 6.25 -14.79
N MET C 333 -24.01 6.20 -16.07
CA MET C 333 -22.77 5.56 -16.50
C MET C 333 -21.53 6.41 -16.24
N ASN C 334 -21.68 7.53 -15.55
CA ASN C 334 -20.56 8.41 -15.19
C ASN C 334 -19.77 8.84 -16.43
N ALA C 335 -20.50 9.35 -17.42
CA ALA C 335 -19.86 9.97 -18.57
C ALA C 335 -19.37 11.36 -18.20
N ASP C 336 -18.36 11.83 -18.95
CA ASP C 336 -17.76 13.12 -18.63
C ASP C 336 -18.58 14.26 -19.21
N ILE C 337 -19.12 14.08 -20.41
CA ILE C 337 -20.03 15.01 -21.03
C ILE C 337 -21.21 14.23 -21.61
N VAL C 338 -22.41 14.75 -21.41
CA VAL C 338 -23.62 14.23 -22.03
C VAL C 338 -23.91 15.07 -23.25
N ARG C 339 -24.22 14.42 -24.38
CA ARG C 339 -24.56 15.12 -25.61
C ARG C 339 -25.96 14.70 -26.05
N LEU C 340 -26.86 15.68 -26.17
CA LEU C 340 -28.25 15.44 -26.55
C LEU C 340 -28.59 16.32 -27.75
N VAL C 341 -28.81 15.69 -28.90
CA VAL C 341 -29.08 16.41 -30.14
C VAL C 341 -30.53 16.19 -30.52
N GLY C 342 -31.23 17.29 -30.79
CA GLY C 342 -32.60 17.23 -31.26
C GLY C 342 -32.74 17.80 -32.65
N LYS C 343 -33.98 17.95 -33.12
CA LYS C 343 -34.28 18.63 -34.36
C LYS C 343 -35.27 19.75 -34.09
N ALA C 344 -35.08 20.87 -34.75
CA ALA C 344 -35.94 22.03 -34.55
C ALA C 344 -36.99 22.08 -35.65
N ASN C 345 -38.26 22.12 -35.26
CA ASN C 345 -39.36 22.39 -36.16
C ASN C 345 -39.98 23.76 -35.92
N SER C 346 -39.42 24.54 -35.00
CA SER C 346 -39.84 25.90 -34.74
C SER C 346 -38.72 26.61 -34.00
N ILE C 347 -38.77 27.94 -34.00
CA ILE C 347 -37.82 28.72 -33.22
C ILE C 347 -37.94 28.37 -31.74
N GLN C 348 -39.17 28.19 -31.26
CA GLN C 348 -39.42 27.93 -29.84
C GLN C 348 -38.70 26.67 -29.37
N ASP C 349 -38.46 25.72 -30.28
CA ASP C 349 -37.74 24.49 -29.91
C ASP C 349 -36.39 24.79 -29.27
N ASN C 350 -35.67 25.78 -29.81
CA ASN C 350 -34.37 26.16 -29.24
C ASN C 350 -34.53 26.74 -27.84
N LEU C 351 -35.63 27.43 -27.57
CA LEU C 351 -35.80 28.03 -26.25
C LEU C 351 -36.24 27.00 -25.22
N ASP C 352 -37.08 26.03 -25.62
CA ASP C 352 -37.37 24.91 -24.75
C ASP C 352 -36.09 24.22 -24.31
N LEU C 353 -35.16 24.03 -25.25
CA LEU C 353 -33.88 23.40 -24.91
C LEU C 353 -33.11 24.23 -23.90
N GLU C 354 -33.08 25.55 -24.08
CA GLU C 354 -32.37 26.41 -23.13
C GLU C 354 -32.94 26.24 -21.72
N ASN C 355 -34.26 26.13 -21.61
CA ASN C 355 -34.86 25.87 -20.31
C ASN C 355 -34.54 24.47 -19.82
N PHE C 356 -34.42 23.50 -20.72
CA PHE C 356 -34.00 22.16 -20.33
C PHE C 356 -32.58 22.19 -19.78
N LYS C 357 -31.68 22.92 -20.44
CA LYS C 357 -30.28 22.96 -20.00
C LYS C 357 -30.17 23.45 -18.56
N LYS C 358 -30.98 24.44 -18.17
CA LYS C 358 -30.92 24.98 -16.82
C LYS C 358 -31.37 23.95 -15.78
N GLN C 359 -32.23 23.02 -16.17
CA GLN C 359 -32.71 21.99 -15.24
C GLN C 359 -31.74 20.84 -15.07
N ASN C 360 -30.71 20.72 -15.90
CA ASN C 360 -29.79 19.58 -15.91
C ASN C 360 -28.36 20.10 -15.98
N THR C 361 -27.75 20.29 -14.81
CA THR C 361 -26.44 20.91 -14.70
C THR C 361 -25.40 20.05 -14.00
N LEU C 362 -25.75 18.82 -13.60
CA LEU C 362 -24.81 18.01 -12.82
C LEU C 362 -23.63 17.54 -13.65
N LYS C 363 -23.81 17.43 -14.96
CA LYS C 363 -22.74 17.09 -15.87
C LYS C 363 -22.69 18.10 -17.00
N PRO C 364 -21.52 18.30 -17.60
CA PRO C 364 -21.47 19.13 -18.82
C PRO C 364 -22.42 18.58 -19.88
N LEU C 365 -23.00 19.48 -20.66
CA LEU C 365 -24.08 19.12 -21.59
C LEU C 365 -23.86 19.82 -22.92
N ILE C 366 -23.63 19.03 -23.96
CA ILE C 366 -23.65 19.52 -25.33
C ILE C 366 -25.04 19.25 -25.88
N ALA C 367 -25.81 20.30 -26.15
CA ALA C 367 -27.17 20.13 -26.63
C ALA C 367 -27.51 21.24 -27.62
N PHE C 368 -28.11 20.86 -28.74
CA PHE C 368 -28.52 21.81 -29.76
C PHE C 368 -29.58 21.13 -30.62
N ASN C 369 -30.13 21.91 -31.55
CA ASN C 369 -31.12 21.40 -32.48
C ASN C 369 -30.53 21.40 -33.88
N LEU C 370 -30.76 20.30 -34.60
CA LEU C 370 -30.42 20.27 -36.01
C LEU C 370 -31.49 20.98 -36.83
N GLY C 371 -31.13 21.36 -38.04
CA GLY C 371 -32.07 22.02 -38.92
C GLY C 371 -31.81 23.50 -39.06
N SER C 372 -32.34 24.08 -40.14
CA SER C 372 -32.21 25.51 -40.36
C SER C 372 -32.84 26.32 -39.24
N GLN C 373 -33.89 25.78 -38.62
CA GLN C 373 -34.56 26.46 -37.51
C GLN C 373 -33.88 26.19 -36.17
N GLY C 374 -32.86 25.35 -36.14
CA GLY C 374 -32.07 25.14 -34.95
C GLY C 374 -30.85 26.02 -34.83
N LYS C 375 -30.67 26.95 -35.79
CA LYS C 375 -29.46 27.77 -35.83
C LYS C 375 -29.21 28.47 -34.50
N LEU C 376 -30.25 29.06 -33.91
CA LEU C 376 -30.10 29.76 -32.63
C LEU C 376 -29.53 28.85 -31.56
N SER C 377 -29.97 27.59 -31.53
CA SER C 377 -29.51 26.68 -30.48
C SER C 377 -28.03 26.34 -30.63
N GLN C 378 -27.54 26.27 -31.86
CA GLN C 378 -26.12 26.04 -32.07
C GLN C 378 -25.31 27.30 -31.78
N VAL C 379 -25.84 28.46 -32.14
CA VAL C 379 -25.14 29.72 -31.84
C VAL C 379 -25.06 29.94 -30.34
N LEU C 380 -26.08 29.54 -29.58
CA LEU C 380 -26.10 29.73 -28.13
C LEU C 380 -25.39 28.62 -27.37
N ASN C 381 -25.09 27.49 -28.02
CA ASN C 381 -24.50 26.36 -27.31
C ASN C 381 -23.12 26.69 -26.78
N GLY C 382 -22.86 26.28 -25.54
CA GLY C 382 -21.64 26.67 -24.85
C GLY C 382 -20.42 25.78 -25.06
N THR C 383 -20.60 24.46 -25.08
CA THR C 383 -19.48 23.54 -25.06
C THR C 383 -19.40 22.75 -26.36
N PHE C 384 -18.25 22.84 -27.02
CA PHE C 384 -17.93 22.00 -28.18
C PHE C 384 -19.01 22.09 -29.25
N THR C 385 -19.42 23.31 -29.56
CA THR C 385 -20.37 23.53 -30.63
C THR C 385 -19.82 22.98 -31.93
N PRO C 386 -20.53 22.07 -32.61
CA PRO C 386 -20.00 21.51 -33.85
C PRO C 386 -19.96 22.57 -34.94
N ILE C 387 -18.83 22.66 -35.62
CA ILE C 387 -18.67 23.59 -36.73
C ILE C 387 -18.08 22.83 -37.92
N SER C 388 -18.25 23.41 -39.10
CA SER C 388 -17.79 22.76 -40.32
C SER C 388 -16.88 23.71 -41.10
N HIS C 389 -16.59 23.34 -42.34
CA HIS C 389 -15.70 24.09 -43.21
C HIS C 389 -16.17 23.93 -44.64
N LYS C 390 -15.77 24.87 -45.49
CA LYS C 390 -16.17 24.83 -46.90
C LYS C 390 -15.60 23.60 -47.60
N LEU C 391 -14.44 23.12 -47.17
CA LEU C 391 -13.77 21.98 -47.80
C LEU C 391 -14.19 20.65 -47.20
N LEU C 392 -15.18 20.64 -46.30
CA LEU C 392 -15.62 19.41 -45.66
C LEU C 392 -17.06 19.10 -46.02
N PRO C 393 -17.40 17.82 -46.25
CA PRO C 393 -18.80 17.44 -46.38
C PRO C 393 -19.57 17.76 -45.11
N ASN C 394 -20.62 18.57 -45.25
CA ASN C 394 -21.38 19.09 -44.12
C ASN C 394 -22.84 18.65 -44.25
N ASP C 395 -23.07 17.34 -44.12
CA ASP C 395 -24.42 16.81 -44.26
C ASP C 395 -25.35 17.33 -43.18
N GLU C 396 -24.84 17.52 -41.97
CA GLU C 396 -25.67 17.99 -40.88
C GLU C 396 -25.90 19.50 -40.90
N GLY C 397 -25.28 20.22 -41.84
CA GLY C 397 -25.54 21.63 -41.97
C GLY C 397 -25.00 22.48 -40.85
N PHE C 398 -23.87 22.09 -40.25
CA PHE C 398 -23.26 22.89 -39.20
C PHE C 398 -22.71 24.19 -39.77
N LEU C 399 -22.60 25.19 -38.91
CA LEU C 399 -22.06 26.48 -39.31
C LEU C 399 -20.54 26.43 -39.36
N THR C 400 -19.96 27.37 -40.10
CA THR C 400 -18.53 27.62 -40.01
C THR C 400 -18.25 28.56 -38.83
N ILE C 401 -16.97 28.64 -38.46
CA ILE C 401 -16.57 29.55 -37.39
C ILE C 401 -16.93 30.98 -37.75
N GLY C 402 -16.83 31.34 -39.03
CA GLY C 402 -17.20 32.68 -39.44
C GLY C 402 -18.68 32.95 -39.35
N GLU C 403 -19.50 31.96 -39.71
CA GLU C 403 -20.95 32.12 -39.59
C GLU C 403 -21.38 32.11 -38.12
N LEU C 404 -20.78 31.24 -37.31
CA LEU C 404 -21.13 31.17 -35.90
C LEU C 404 -20.85 32.51 -35.21
N ASN C 405 -19.65 33.05 -35.40
CA ASN C 405 -19.31 34.31 -34.76
C ASN C 405 -20.07 35.48 -35.36
N GLN C 406 -20.49 35.36 -36.62
CA GLN C 406 -21.27 36.43 -37.23
C GLN C 406 -22.66 36.52 -36.58
N THR C 407 -23.32 35.38 -36.40
CA THR C 407 -24.65 35.40 -35.81
C THR C 407 -24.57 35.76 -34.33
N TYR C 408 -23.54 35.29 -33.63
CA TYR C 408 -23.40 35.66 -32.23
C TYR C 408 -23.26 37.17 -32.09
N PHE C 409 -22.52 37.81 -32.99
CA PHE C 409 -22.45 39.26 -33.01
C PHE C 409 -23.80 39.87 -33.38
N ASP C 410 -24.55 39.22 -34.27
CA ASP C 410 -25.80 39.78 -34.74
C ASP C 410 -26.84 39.82 -33.62
N ILE C 411 -26.81 38.86 -32.69
CA ILE C 411 -27.79 38.80 -31.61
C ILE C 411 -27.26 39.44 -30.31
N GLY C 412 -26.13 40.13 -30.37
CA GLY C 412 -25.62 40.81 -29.20
C GLY C 412 -24.68 40.02 -28.33
N GLY C 413 -24.16 38.88 -28.81
CA GLY C 413 -23.21 38.10 -28.05
C GLY C 413 -21.82 38.71 -27.98
N PHE C 414 -21.35 39.28 -29.09
CA PHE C 414 -20.14 40.09 -29.12
C PHE C 414 -20.51 41.57 -29.17
N THR C 415 -19.58 42.41 -28.72
CA THR C 415 -19.63 43.85 -28.94
C THR C 415 -18.38 44.27 -29.68
N ALA C 416 -18.51 45.32 -30.50
CA ALA C 416 -17.36 45.80 -31.27
C ALA C 416 -16.32 46.44 -30.36
N LYS C 417 -15.60 45.62 -29.60
CA LYS C 417 -14.63 46.14 -28.65
C LYS C 417 -13.37 46.61 -29.38
N LYS C 418 -12.61 47.47 -28.70
CA LYS C 418 -11.41 48.08 -29.25
C LYS C 418 -10.20 47.70 -28.41
N PHE C 419 -9.11 47.33 -29.09
CA PHE C 419 -7.86 46.95 -28.45
C PHE C 419 -6.74 47.86 -28.94
N TRP C 420 -5.77 48.12 -28.07
CA TRP C 420 -4.70 49.05 -28.38
C TRP C 420 -3.37 48.55 -27.80
N VAL C 421 -2.28 48.97 -28.41
CA VAL C 421 -0.94 48.80 -27.87
C VAL C 421 -0.43 50.19 -27.49
N ILE C 422 -0.04 50.35 -26.23
CA ILE C 422 0.37 51.64 -25.70
C ILE C 422 1.86 51.61 -25.37
N GLY C 423 2.48 52.79 -25.44
CA GLY C 423 3.90 52.93 -25.20
C GLY C 423 4.54 53.94 -26.11
N SER C 424 5.80 54.29 -25.85
CA SER C 424 6.54 55.22 -26.69
C SER C 424 7.98 54.74 -26.83
N PRO C 425 8.46 54.49 -28.05
CA PRO C 425 7.73 54.63 -29.31
C PRO C 425 6.80 53.44 -29.58
N ILE C 426 5.84 53.61 -30.49
CA ILE C 426 4.86 52.57 -30.76
C ILE C 426 4.50 52.55 -32.24
N GLU C 427 4.83 53.61 -32.96
CA GLU C 427 4.45 53.71 -34.37
C GLU C 427 5.12 52.67 -35.24
N HIS C 428 6.17 52.01 -34.76
CA HIS C 428 6.80 50.91 -35.47
C HIS C 428 6.42 49.55 -34.89
N SER C 429 5.46 49.51 -33.95
CA SER C 429 5.02 48.25 -33.39
C SER C 429 4.17 47.49 -34.39
N ARG C 430 4.39 46.18 -34.44
CA ARG C 430 3.70 45.29 -35.37
C ARG C 430 2.53 44.58 -34.72
N SER C 431 2.21 44.87 -33.46
CA SER C 431 1.13 44.20 -32.77
C SER C 431 -0.23 44.35 -33.45
N PRO C 432 -0.62 45.52 -33.99
CA PRO C 432 -1.92 45.59 -34.67
C PRO C 432 -2.03 44.66 -35.87
N ASN C 433 -0.92 44.41 -36.58
CA ASN C 433 -0.98 43.54 -37.75
C ASN C 433 -1.24 42.09 -37.37
N LEU C 434 -0.71 41.64 -36.23
CA LEU C 434 -0.96 40.27 -35.78
C LEU C 434 -2.40 40.10 -35.33
N HIS C 435 -2.89 41.01 -34.48
CA HIS C 435 -4.18 40.80 -33.84
C HIS C 435 -5.34 41.01 -34.81
N ASN C 436 -5.23 41.99 -35.70
CA ASN C 436 -6.31 42.19 -36.67
C ASN C 436 -6.42 41.02 -37.62
N ALA C 437 -5.29 40.40 -37.98
CA ALA C 437 -5.34 39.21 -38.82
C ALA C 437 -6.05 38.06 -38.11
N GLY C 438 -5.83 37.93 -36.79
CA GLY C 438 -6.58 36.96 -36.02
C GLY C 438 -8.07 37.26 -35.98
N TYR C 439 -8.43 38.54 -35.80
CA TYR C 439 -9.84 38.94 -35.84
C TYR C 439 -10.47 38.54 -37.17
N LYS C 440 -9.83 38.91 -38.28
CA LYS C 440 -10.40 38.64 -39.60
C LYS C 440 -10.56 37.15 -39.84
N ALA C 441 -9.54 36.35 -39.47
CA ALA C 441 -9.62 34.90 -39.64
C ALA C 441 -10.80 34.32 -38.88
N LEU C 442 -11.12 34.87 -37.72
CA LEU C 442 -12.20 34.39 -36.88
C LEU C 442 -13.50 35.16 -37.04
N ASN C 443 -13.52 36.16 -37.93
CA ASN C 443 -14.68 37.05 -38.08
C ASN C 443 -15.04 37.69 -36.74
N LEU C 444 -14.03 38.10 -35.99
CA LEU C 444 -14.43 38.77 -34.77
C LEU C 444 -14.60 40.26 -35.03
N PRO C 445 -15.58 40.90 -34.39
CA PRO C 445 -15.84 42.33 -34.64
C PRO C 445 -14.92 43.24 -33.84
N TYR C 446 -13.64 42.92 -33.77
CA TYR C 446 -12.67 43.68 -32.99
C TYR C 446 -11.74 44.46 -33.91
N GLN C 447 -11.02 45.41 -33.31
CA GLN C 447 -10.02 46.19 -34.03
C GLN C 447 -8.86 46.50 -33.09
N PHE C 448 -7.64 46.33 -33.58
CA PHE C 448 -6.44 46.59 -32.82
C PHE C 448 -5.74 47.82 -33.40
N GLY C 449 -5.41 48.79 -32.54
CA GLY C 449 -4.84 50.04 -32.97
C GLY C 449 -3.61 50.41 -32.15
N ARG C 450 -3.10 51.60 -32.46
CA ARG C 450 -1.91 52.14 -31.81
C ARG C 450 -2.28 53.38 -31.01
N PHE C 451 -1.54 53.60 -29.92
CA PHE C 451 -1.68 54.82 -29.13
C PHE C 451 -0.35 55.11 -28.45
N GLU C 452 0.34 56.15 -28.91
CA GLU C 452 1.57 56.58 -28.26
C GLU C 452 1.24 57.45 -27.06
N ALA C 453 1.86 57.14 -25.92
CA ALA C 453 1.65 57.89 -24.70
C ALA C 453 2.75 57.54 -23.71
N THR C 454 2.98 58.44 -22.75
CA THR C 454 3.94 58.23 -21.69
C THR C 454 3.33 58.24 -20.30
N ASP C 455 2.05 58.58 -20.18
CA ASP C 455 1.37 58.63 -18.88
C ASP C 455 0.27 57.58 -18.85
N VAL C 456 -0.07 57.13 -17.63
CA VAL C 456 -1.13 56.13 -17.46
C VAL C 456 -2.50 56.77 -17.25
N ASP C 457 -2.56 58.06 -16.96
CA ASP C 457 -3.84 58.74 -16.82
C ASP C 457 -4.34 59.33 -18.13
N VAL C 458 -3.48 59.46 -19.13
CA VAL C 458 -3.94 59.87 -20.45
C VAL C 458 -4.55 58.68 -21.20
N VAL C 459 -4.05 57.48 -20.94
CA VAL C 459 -4.59 56.30 -21.60
C VAL C 459 -5.83 55.78 -20.86
N TYR C 460 -5.92 56.02 -19.54
CA TYR C 460 -7.10 55.58 -18.80
C TYR C 460 -8.34 56.36 -19.23
N ASP C 461 -8.23 57.69 -19.27
CA ASP C 461 -9.39 58.52 -19.57
C ASP C 461 -9.75 58.52 -21.06
N ASN C 462 -8.91 57.97 -21.93
CA ASN C 462 -9.18 57.94 -23.35
C ASN C 462 -9.35 56.54 -23.93
N LEU C 463 -8.82 55.50 -23.30
CA LEU C 463 -8.92 54.14 -23.80
C LEU C 463 -9.64 53.21 -22.83
N ILE C 464 -9.27 53.23 -21.56
CA ILE C 464 -9.74 52.21 -20.62
C ILE C 464 -11.10 52.55 -20.05
N ASN C 465 -11.33 53.82 -19.68
CA ASN C 465 -12.60 54.25 -19.10
C ASN C 465 -13.70 54.46 -20.15
N LYS C 466 -13.82 53.54 -21.11
CA LYS C 466 -14.77 53.62 -22.19
C LYS C 466 -15.60 52.35 -22.26
N PRO C 467 -16.84 52.42 -22.77
CA PRO C 467 -17.70 51.23 -22.74
C PRO C 467 -17.36 50.18 -23.78
N ASP C 468 -16.55 50.52 -24.79
CA ASP C 468 -16.15 49.58 -25.82
C ASP C 468 -14.69 49.16 -25.67
N PHE C 469 -14.11 49.35 -24.49
CA PHE C 469 -12.72 48.95 -24.26
C PHE C 469 -12.61 47.43 -24.27
N GLY C 470 -11.65 46.93 -25.04
CA GLY C 470 -11.44 45.49 -25.12
C GLY C 470 -10.25 45.03 -24.31
N GLY C 471 -9.09 45.63 -24.55
CA GLY C 471 -7.88 45.20 -23.88
C GLY C 471 -6.71 46.06 -24.31
N LEU C 472 -5.61 45.91 -23.58
CA LEU C 472 -4.42 46.71 -23.80
C LEU C 472 -3.20 45.80 -23.88
N ALA C 473 -2.34 46.04 -24.88
CA ALA C 473 -1.01 45.46 -24.93
C ALA C 473 -0.02 46.55 -24.56
N ILE C 474 0.72 46.34 -23.48
CA ILE C 474 1.50 47.40 -22.85
C ILE C 474 2.98 47.17 -23.13
N THR C 475 3.63 48.20 -23.67
CA THR C 475 5.07 48.22 -23.90
C THR C 475 5.70 49.31 -23.04
N MET C 476 7.00 49.16 -22.78
CA MET C 476 7.74 50.20 -22.08
C MET C 476 7.64 51.52 -22.85
N PRO C 477 7.68 52.67 -22.15
CA PRO C 477 7.93 52.87 -20.72
C PRO C 477 6.69 52.89 -19.84
N LEU C 478 5.80 51.90 -19.96
CA LEU C 478 4.57 51.91 -19.18
C LEU C 478 4.22 50.58 -18.54
N LYS C 479 5.03 49.54 -18.72
CA LYS C 479 4.74 48.26 -18.08
C LYS C 479 4.75 48.37 -16.56
N LEU C 480 5.53 49.31 -16.02
CA LEU C 480 5.57 49.52 -14.58
C LEU C 480 4.38 50.34 -14.10
N ASP C 481 4.14 51.49 -14.73
CA ASP C 481 3.11 52.41 -14.24
C ASP C 481 1.70 51.91 -14.51
N ILE C 482 1.51 50.97 -15.44
CA ILE C 482 0.17 50.51 -15.75
C ILE C 482 -0.38 49.56 -14.70
N MET C 483 0.47 49.00 -13.83
CA MET C 483 0.00 48.07 -12.81
C MET C 483 -0.90 48.71 -11.77
N LYS C 484 -0.98 50.05 -11.74
CA LYS C 484 -1.85 50.74 -10.79
C LYS C 484 -3.32 50.35 -10.98
N PHE C 485 -3.73 50.08 -12.21
CA PHE C 485 -5.13 49.81 -12.52
C PHE C 485 -5.52 48.36 -12.34
N ALA C 486 -4.57 47.46 -12.11
CA ALA C 486 -4.88 46.03 -12.04
C ALA C 486 -5.44 45.71 -10.66
N THR C 487 -6.71 45.33 -10.60
CA THR C 487 -7.29 44.86 -9.35
C THR C 487 -6.94 43.40 -9.08
N LYS C 488 -6.69 42.63 -10.14
CA LYS C 488 -6.23 41.25 -10.05
C LYS C 488 -4.93 41.13 -10.83
N LEU C 489 -3.92 40.51 -10.22
CA LEU C 489 -2.62 40.34 -10.85
C LEU C 489 -2.27 38.86 -10.86
N SER C 490 -1.78 38.38 -12.00
CA SER C 490 -1.32 37.00 -12.08
C SER C 490 0.00 36.85 -11.31
N ASP C 491 0.36 35.60 -11.04
CA ASP C 491 1.61 35.33 -10.32
C ASP C 491 2.81 35.87 -11.09
N ALA C 492 2.81 35.69 -12.42
CA ALA C 492 3.91 36.20 -13.23
C ALA C 492 3.99 37.72 -13.16
N ALA C 493 2.83 38.39 -13.26
CA ALA C 493 2.83 39.85 -13.32
C ALA C 493 3.48 40.46 -12.09
N GLU C 494 3.17 39.92 -10.91
CA GLU C 494 3.71 40.51 -9.68
C GLU C 494 5.13 40.03 -9.39
N THR C 495 5.49 38.83 -9.85
CA THR C 495 6.85 38.33 -9.62
C THR C 495 7.85 39.04 -10.52
N ILE C 496 7.57 39.07 -11.82
CA ILE C 496 8.40 39.84 -12.74
C ILE C 496 8.31 41.33 -12.45
N GLY C 497 7.17 41.79 -11.96
CA GLY C 497 6.99 43.21 -11.69
C GLY C 497 6.67 44.05 -12.90
N ALA C 498 5.99 43.48 -13.90
CA ALA C 498 5.68 44.22 -15.11
C ALA C 498 4.44 43.59 -15.76
N VAL C 499 3.57 44.45 -16.29
CA VAL C 499 2.31 44.02 -16.89
C VAL C 499 2.31 44.49 -18.34
N ASN C 500 2.18 43.55 -19.28
CA ASN C 500 2.10 43.87 -20.70
C ASN C 500 0.72 43.64 -21.29
N THR C 501 -0.23 43.14 -20.49
CA THR C 501 -1.58 42.87 -20.98
C THR C 501 -2.58 43.28 -19.91
N LEU C 502 -3.58 44.05 -20.32
CA LEU C 502 -4.60 44.57 -19.41
C LEU C 502 -5.97 44.34 -20.04
N ILE C 503 -6.81 43.55 -19.37
CA ILE C 503 -8.16 43.30 -19.85
C ILE C 503 -9.14 43.59 -18.72
N PRO C 504 -10.37 44.00 -19.04
CA PRO C 504 -11.34 44.26 -17.97
C PRO C 504 -12.01 42.97 -17.51
N ILE C 505 -12.21 42.89 -16.20
CA ILE C 505 -13.00 41.84 -15.58
C ILE C 505 -14.10 42.50 -14.76
N GLU C 506 -15.10 41.71 -14.37
CA GLU C 506 -16.16 42.25 -13.54
C GLU C 506 -15.67 42.30 -12.11
N GLY C 507 -15.52 43.52 -11.59
CA GLY C 507 -14.91 43.76 -10.29
C GLY C 507 -13.62 44.54 -10.35
N GLY C 508 -13.14 44.88 -11.53
CA GLY C 508 -11.89 45.60 -11.70
C GLY C 508 -11.20 45.18 -12.99
N TYR C 509 -9.87 45.20 -12.96
CA TYR C 509 -9.07 44.89 -14.13
C TYR C 509 -8.12 43.75 -13.81
N PHE C 510 -7.60 43.12 -14.86
CA PHE C 510 -6.67 42.00 -14.74
C PHE C 510 -5.38 42.33 -15.50
N GLY C 511 -4.27 42.38 -14.78
CA GLY C 511 -2.96 42.59 -15.36
C GLY C 511 -2.16 41.29 -15.37
N ASP C 512 -1.61 40.97 -16.53
CA ASP C 512 -0.84 39.74 -16.72
C ASP C 512 0.43 40.06 -17.51
N ASN C 513 1.34 39.10 -17.51
CA ASN C 513 2.56 39.19 -18.30
C ASN C 513 2.63 38.00 -19.24
N THR C 514 2.75 38.29 -20.54
CA THR C 514 2.88 37.25 -21.56
C THR C 514 4.28 37.14 -22.13
N ASP C 515 5.21 38.02 -21.70
CA ASP C 515 6.57 37.96 -22.21
C ASP C 515 7.26 36.67 -21.79
N TRP C 516 6.95 36.17 -20.59
CA TRP C 516 7.53 34.90 -20.16
C TRP C 516 6.95 33.73 -20.94
N VAL C 517 5.67 33.80 -21.30
CA VAL C 517 5.08 32.74 -22.11
C VAL C 517 5.68 32.74 -23.51
N GLY C 518 5.95 33.93 -24.06
CA GLY C 518 6.61 34.01 -25.35
C GLY C 518 7.98 33.35 -25.35
N ILE C 519 8.70 33.46 -24.24
CA ILE C 519 10.01 32.81 -24.14
C ILE C 519 9.84 31.30 -24.05
N SER C 520 8.98 30.82 -23.16
CA SER C 520 8.79 29.40 -22.98
C SER C 520 8.27 28.74 -24.26
N ASN C 521 7.28 29.35 -24.90
CA ASN C 521 6.67 28.74 -26.08
C ASN C 521 7.62 28.75 -27.27
N SER C 522 8.47 29.77 -27.39
CA SER C 522 9.48 29.75 -28.44
C SER C 522 10.43 28.57 -28.26
N PHE C 523 10.78 28.26 -27.00
CA PHE C 523 11.60 27.09 -26.73
C PHE C 523 10.85 25.80 -27.07
N ILE C 524 9.58 25.71 -26.65
CA ILE C 524 8.78 24.52 -26.93
C ILE C 524 8.58 24.34 -28.42
N ARG C 525 8.35 25.44 -29.14
CA ARG C 525 8.16 25.36 -30.58
C ARG C 525 9.45 24.98 -31.32
N ALA C 526 10.60 25.13 -30.68
CA ALA C 526 11.88 24.75 -31.27
C ALA C 526 12.31 23.34 -30.91
N GLY C 527 11.51 22.61 -30.13
CA GLY C 527 11.79 21.21 -29.83
C GLY C 527 12.09 20.92 -28.38
N VAL C 528 12.09 21.93 -27.52
CA VAL C 528 12.40 21.72 -26.11
C VAL C 528 11.14 21.24 -25.38
N PRO C 529 11.22 20.17 -24.59
CA PRO C 529 10.06 19.72 -23.83
C PRO C 529 9.55 20.81 -22.91
N PRO C 530 8.22 20.94 -22.75
CA PRO C 530 7.68 22.03 -21.92
C PRO C 530 8.08 21.93 -20.46
N LYS C 531 8.42 20.74 -19.98
CA LYS C 531 8.98 20.56 -18.65
C LYS C 531 10.28 19.77 -18.80
N LEU C 532 11.24 20.07 -17.93
CA LEU C 532 12.54 19.41 -17.99
C LEU C 532 13.20 19.47 -16.62
N SER C 533 14.44 18.99 -16.55
CA SER C 533 15.22 19.02 -15.32
C SER C 533 16.64 19.51 -15.56
N SER C 534 16.95 19.99 -16.75
CA SER C 534 18.26 20.59 -17.03
C SER C 534 18.31 21.99 -16.40
N ASN C 535 19.34 22.75 -16.76
CA ASN C 535 19.53 24.09 -16.21
C ASN C 535 19.56 25.11 -17.34
N GLY C 536 19.37 26.38 -16.96
CA GLY C 536 19.33 27.47 -17.91
C GLY C 536 20.34 28.56 -17.57
N LEU C 537 20.56 29.44 -18.54
CA LEU C 537 21.43 30.59 -18.39
C LEU C 537 20.78 31.80 -19.03
N VAL C 538 20.85 32.94 -18.34
CA VAL C 538 20.41 34.22 -18.87
C VAL C 538 21.64 35.11 -19.01
N VAL C 539 21.81 35.69 -20.19
CA VAL C 539 22.95 36.55 -20.48
C VAL C 539 22.44 37.99 -20.51
N GLY C 540 22.87 38.79 -19.54
CA GLY C 540 22.57 40.22 -19.53
C GLY C 540 21.41 40.58 -18.61
N THR C 541 21.09 41.87 -18.64
CA THR C 541 20.06 42.45 -17.78
C THR C 541 19.11 43.32 -18.59
N GLY C 542 18.74 42.87 -19.79
CA GLY C 542 17.88 43.65 -20.65
C GLY C 542 16.44 43.73 -20.20
N GLY C 543 15.55 44.15 -21.11
CA GLY C 543 14.16 44.35 -20.74
C GLY C 543 13.42 43.04 -20.47
N THR C 544 13.73 42.00 -21.23
CA THR C 544 13.09 40.70 -21.05
C THR C 544 13.89 39.78 -20.14
N SER C 545 14.89 40.31 -19.43
CA SER C 545 15.75 39.46 -18.60
C SER C 545 14.98 38.85 -17.44
N ARG C 546 14.09 39.61 -16.81
CA ARG C 546 13.30 39.07 -15.71
C ARG C 546 12.29 38.06 -16.21
N ALA C 547 11.72 38.29 -17.40
CA ALA C 547 10.80 37.31 -17.97
C ALA C 547 11.51 36.01 -18.32
N ALA C 548 12.76 36.10 -18.78
CA ALA C 548 13.54 34.90 -19.05
C ALA C 548 13.76 34.09 -17.78
N ILE C 549 14.03 34.77 -16.65
CA ILE C 549 14.19 34.07 -15.39
C ILE C 549 12.91 33.35 -15.01
N TYR C 550 11.78 34.08 -15.05
CA TYR C 550 10.49 33.48 -14.72
C TYR C 550 10.16 32.33 -15.64
N ALA C 551 10.42 32.49 -16.95
CA ALA C 551 10.11 31.42 -17.91
C ALA C 551 10.95 30.18 -17.64
N LEU C 552 12.25 30.36 -17.39
CA LEU C 552 13.12 29.20 -17.19
C LEU C 552 12.76 28.44 -15.91
N HIS C 553 12.36 29.17 -14.86
CA HIS C 553 11.91 28.50 -13.65
C HIS C 553 10.59 27.76 -13.87
N GLN C 554 9.71 28.30 -14.72
CA GLN C 554 8.44 27.62 -14.98
C GLN C 554 8.63 26.31 -15.72
N MET C 555 9.68 26.21 -16.54
CA MET C 555 9.95 24.99 -17.29
C MET C 555 10.67 23.93 -16.46
N GLY C 556 10.97 24.22 -15.20
CA GLY C 556 11.58 23.23 -14.33
C GLY C 556 13.09 23.27 -14.23
N CYS C 557 13.73 24.36 -14.64
CA CYS C 557 15.18 24.45 -14.57
C CYS C 557 15.64 24.42 -13.12
N ALA C 558 16.45 23.43 -12.76
CA ALA C 558 16.91 23.30 -11.38
C ALA C 558 17.78 24.48 -10.98
N LYS C 559 18.63 24.95 -11.89
CA LYS C 559 19.51 26.08 -11.65
C LYS C 559 19.42 27.06 -12.81
N ILE C 560 19.51 28.35 -12.49
CA ILE C 560 19.50 29.40 -13.49
C ILE C 560 20.78 30.21 -13.31
N TYR C 561 21.72 30.05 -14.23
CA TYR C 561 22.96 30.78 -14.18
C TYR C 561 22.82 32.16 -14.80
N LEU C 562 23.58 33.12 -14.27
CA LEU C 562 23.54 34.50 -14.73
C LEU C 562 24.94 34.95 -15.14
N VAL C 563 25.04 35.57 -16.31
CA VAL C 563 26.30 36.10 -16.80
C VAL C 563 26.06 37.55 -17.25
N ASN C 564 26.91 38.45 -16.79
CA ASN C 564 26.87 39.85 -17.18
C ASN C 564 28.21 40.47 -16.80
N ARG C 565 28.49 41.65 -17.34
CA ARG C 565 29.76 42.31 -17.09
C ARG C 565 29.83 42.88 -15.68
N THR C 566 28.80 43.63 -15.27
CA THR C 566 28.86 44.37 -14.02
C THR C 566 28.56 43.46 -12.84
N ALA C 567 29.36 43.61 -11.78
CA ALA C 567 29.16 42.81 -10.58
C ALA C 567 27.92 43.22 -9.81
N ALA C 568 27.56 44.50 -9.86
CA ALA C 568 26.52 45.02 -8.98
C ALA C 568 25.12 44.57 -9.40
N LYS C 569 24.89 44.40 -10.70
CA LYS C 569 23.52 44.21 -11.18
C LYS C 569 23.00 42.80 -10.93
N LEU C 570 23.76 41.78 -11.33
CA LEU C 570 23.31 40.41 -11.14
C LEU C 570 23.07 40.12 -9.66
N GLU C 571 23.91 40.68 -8.79
CA GLU C 571 23.76 40.48 -7.36
C GLU C 571 22.39 40.92 -6.86
N GLU C 572 21.86 42.00 -7.44
CA GLU C 572 20.53 42.46 -7.07
C GLU C 572 19.43 41.60 -7.69
N LEU C 573 19.69 41.01 -8.86
CA LEU C 573 18.70 40.15 -9.49
C LEU C 573 18.36 38.95 -8.62
N VAL C 574 19.38 38.36 -7.98
CA VAL C 574 19.16 37.21 -7.10
C VAL C 574 18.26 37.60 -5.93
N LYS C 575 18.35 38.84 -5.46
CA LYS C 575 17.54 39.27 -4.32
C LYS C 575 16.10 39.51 -4.71
N SER C 576 15.84 39.89 -5.96
CA SER C 576 14.48 40.25 -6.40
C SER C 576 13.61 39.05 -6.71
N PHE C 577 14.16 37.84 -6.68
CA PHE C 577 13.41 36.62 -6.93
C PHE C 577 13.44 35.73 -5.71
N PRO C 578 12.48 34.80 -5.58
CA PRO C 578 12.51 33.86 -4.45
C PRO C 578 13.77 33.01 -4.45
N LYS C 579 14.08 32.46 -3.27
CA LYS C 579 15.32 31.69 -3.12
C LYS C 579 15.26 30.37 -3.85
N ASP C 580 14.09 29.75 -3.98
CA ASP C 580 13.97 28.46 -4.63
C ASP C 580 14.07 28.55 -6.15
N TYR C 581 14.27 29.75 -6.71
CA TYR C 581 14.60 29.86 -8.12
C TYR C 581 16.01 29.37 -8.43
N ASN C 582 16.88 29.32 -7.41
CA ASN C 582 18.24 28.82 -7.55
C ASN C 582 19.03 29.58 -8.60
N LEU C 583 19.03 30.91 -8.47
CA LEU C 583 19.84 31.75 -9.34
C LEU C 583 21.28 31.75 -8.85
N GLU C 584 22.22 31.64 -9.79
CA GLU C 584 23.64 31.55 -9.46
C GLU C 584 24.45 32.42 -10.40
N ILE C 585 25.36 33.21 -9.83
CA ILE C 585 26.19 34.14 -10.59
C ILE C 585 27.45 33.40 -11.04
N VAL C 586 27.73 33.47 -12.35
CA VAL C 586 28.97 32.94 -12.90
C VAL C 586 30.02 34.04 -12.75
N GLU C 587 30.85 33.92 -11.71
CA GLU C 587 31.83 34.96 -11.41
C GLU C 587 33.07 34.87 -12.29
N THR C 588 33.48 33.67 -12.67
CA THR C 588 34.76 33.44 -13.33
C THR C 588 34.56 32.56 -14.56
N GLU C 589 35.61 32.47 -15.37
CA GLU C 589 35.58 31.57 -16.52
C GLU C 589 35.58 30.12 -16.06
N GLN C 590 36.22 29.82 -14.93
CA GLN C 590 36.20 28.47 -14.37
C GLN C 590 34.77 28.06 -14.00
N GLN C 591 34.04 28.95 -13.32
CA GLN C 591 32.67 28.62 -12.95
C GLN C 591 31.78 28.45 -14.18
N ALA C 592 32.11 29.12 -15.28
CA ALA C 592 31.34 28.92 -16.51
C ALA C 592 31.55 27.53 -17.06
N ASP C 593 32.78 27.01 -16.99
CA ASP C 593 33.04 25.65 -17.46
C ASP C 593 32.43 24.61 -16.53
N LYS C 594 32.29 24.94 -15.24
CA LYS C 594 31.70 24.01 -14.29
C LYS C 594 30.18 24.14 -14.17
N ALA C 595 29.56 25.03 -14.96
CA ALA C 595 28.11 25.16 -14.92
C ALA C 595 27.47 23.88 -15.42
N SER C 596 26.51 23.37 -14.64
CA SER C 596 25.99 22.01 -14.84
C SER C 596 24.74 22.02 -15.72
N LYS C 597 24.75 21.16 -16.74
CA LYS C 597 23.54 20.81 -17.51
C LYS C 597 22.85 22.02 -18.12
N VAL C 598 23.63 23.00 -18.56
CA VAL C 598 23.07 24.20 -19.18
C VAL C 598 22.70 23.85 -20.61
N LEU C 599 21.41 23.72 -20.88
CA LEU C 599 20.90 23.42 -22.21
C LEU C 599 20.04 24.54 -22.79
N LEU C 600 19.58 25.48 -21.99
CA LEU C 600 18.79 26.61 -22.45
C LEU C 600 19.50 27.89 -22.08
N VAL C 601 19.63 28.79 -23.05
CA VAL C 601 20.19 30.11 -22.80
C VAL C 601 19.25 31.14 -23.38
N VAL C 602 19.08 32.25 -22.68
CA VAL C 602 18.33 33.41 -23.18
C VAL C 602 19.28 34.60 -23.15
N SER C 603 19.63 35.12 -24.33
CA SER C 603 20.56 36.24 -24.41
C SER C 603 19.76 37.54 -24.36
N CYS C 604 20.01 38.35 -23.33
CA CYS C 604 19.39 39.65 -23.18
C CYS C 604 20.41 40.78 -23.14
N ILE C 605 21.59 40.57 -23.73
CA ILE C 605 22.60 41.62 -23.85
C ILE C 605 22.32 42.37 -25.14
N PRO C 606 22.74 43.64 -25.26
CA PRO C 606 22.47 44.38 -26.49
C PRO C 606 23.20 43.76 -27.68
N ALA C 607 22.49 43.64 -28.79
CA ALA C 607 23.00 42.96 -29.98
C ALA C 607 23.72 43.90 -30.94
N ASP C 608 23.93 45.16 -30.56
CA ASP C 608 24.55 46.14 -31.44
C ASP C 608 26.08 46.13 -31.36
N LYS C 609 26.64 45.62 -30.26
CA LYS C 609 28.07 45.57 -30.04
C LYS C 609 28.48 44.11 -29.88
N PRO C 610 29.76 43.77 -29.80
CA PRO C 610 30.14 42.36 -29.71
C PRO C 610 30.12 41.82 -28.29
N LEU C 611 30.19 40.50 -28.19
CA LEU C 611 30.52 39.87 -26.93
C LEU C 611 32.01 40.08 -26.69
N ASP C 612 32.35 40.99 -25.79
CA ASP C 612 33.73 41.39 -25.59
C ASP C 612 34.15 41.09 -24.16
N GLY C 613 35.36 40.55 -24.01
CA GLY C 613 35.98 40.40 -22.70
C GLY C 613 35.56 39.19 -21.91
N GLU C 614 35.32 39.40 -20.62
CA GLU C 614 35.01 38.29 -19.71
CA GLU C 614 35.02 38.28 -19.73
C GLU C 614 33.69 37.62 -20.06
N VAL C 615 32.75 38.36 -20.65
CA VAL C 615 31.44 37.79 -20.94
C VAL C 615 31.54 36.75 -22.05
N LEU C 616 32.25 37.06 -23.13
CA LEU C 616 32.43 36.09 -24.20
C LEU C 616 33.14 34.84 -23.68
N LYS C 617 34.18 35.03 -22.86
CA LYS C 617 34.94 33.89 -22.36
C LYS C 617 34.06 32.94 -21.56
N LYS C 618 33.09 33.47 -20.82
CA LYS C 618 32.20 32.60 -20.05
C LYS C 618 31.19 31.90 -20.95
N ILE C 619 30.65 32.61 -21.94
CA ILE C 619 29.67 32.02 -22.84
C ILE C 619 30.28 30.89 -23.65
N GLU C 620 31.52 31.07 -24.13
CA GLU C 620 32.15 30.05 -24.95
C GLU C 620 32.36 28.76 -24.18
N ARG C 621 32.63 28.84 -22.88
CA ARG C 621 32.78 27.62 -22.09
C ARG C 621 31.43 26.96 -21.85
N ILE C 622 30.37 27.73 -21.66
CA ILE C 622 29.06 27.15 -21.43
C ILE C 622 28.50 26.57 -22.72
N LEU C 623 28.69 27.26 -23.84
CA LEU C 623 28.29 26.71 -25.14
C LEU C 623 29.07 25.44 -25.45
N SER C 624 30.33 25.37 -25.03
CA SER C 624 31.16 24.21 -25.33
C SER C 624 30.62 22.95 -24.68
N ASN C 625 30.01 23.06 -23.49
CA ASN C 625 29.59 21.89 -22.73
C ASN C 625 28.21 21.39 -23.12
N GLY C 626 27.44 22.16 -23.89
CA GLY C 626 26.10 21.72 -24.26
C GLY C 626 26.04 20.60 -25.26
N SER C 627 27.19 20.15 -25.78
CA SER C 627 27.19 19.17 -26.87
C SER C 627 26.65 17.82 -26.41
N GLU C 628 27.32 17.19 -25.45
CA GLU C 628 27.01 15.80 -25.13
C GLU C 628 26.31 15.66 -23.78
N GLN C 629 25.27 16.46 -23.54
CA GLN C 629 24.47 16.29 -22.34
C GLN C 629 23.35 15.28 -22.50
N SER C 630 22.93 15.02 -23.74
CA SER C 630 22.05 13.89 -24.08
C SER C 630 20.72 13.96 -23.31
N ALA C 631 19.92 14.95 -23.67
CA ALA C 631 18.61 15.15 -23.05
C ALA C 631 17.47 15.01 -24.04
N GLY C 632 17.71 14.40 -25.20
CA GLY C 632 16.67 14.21 -26.19
C GLY C 632 16.31 15.45 -26.99
N PHE C 633 17.08 16.52 -26.87
CA PHE C 633 16.85 17.72 -27.67
C PHE C 633 18.16 18.48 -27.78
N LYS C 634 18.32 19.20 -28.88
CA LYS C 634 19.52 20.00 -29.08
C LYS C 634 19.57 21.15 -28.08
N PRO C 635 20.76 21.51 -27.59
CA PRO C 635 20.87 22.71 -26.76
C PRO C 635 20.46 23.94 -27.55
N THR C 636 19.61 24.76 -26.94
CA THR C 636 18.89 25.80 -27.65
C THR C 636 19.12 27.16 -26.99
N LEU C 637 19.45 28.15 -27.82
CA LEU C 637 19.60 29.54 -27.42
C LEU C 637 18.48 30.37 -28.01
N LEU C 638 17.87 31.22 -27.18
CA LEU C 638 16.85 32.17 -27.62
C LEU C 638 17.36 33.58 -27.44
N GLU C 639 17.41 34.34 -28.53
CA GLU C 639 17.77 35.76 -28.47
C GLU C 639 16.52 36.59 -28.23
N ALA C 640 16.67 37.63 -27.42
CA ALA C 640 15.53 38.50 -27.09
C ALA C 640 15.42 39.71 -28.02
N SER C 641 16.52 40.14 -28.63
CA SER C 641 16.48 41.30 -29.51
C SER C 641 15.78 40.96 -30.82
N TYR C 642 14.85 41.82 -31.23
CA TYR C 642 14.19 41.63 -32.52
C TYR C 642 15.16 41.88 -33.67
N LYS C 643 15.95 42.95 -33.58
CA LYS C 643 16.95 43.24 -34.61
C LYS C 643 18.35 43.19 -33.99
N PRO C 644 19.34 42.67 -34.73
CA PRO C 644 19.20 42.13 -36.10
C PRO C 644 18.61 40.72 -36.12
N ARG C 645 18.53 40.13 -37.32
CA ARG C 645 17.93 38.80 -37.43
C ARG C 645 18.81 37.74 -36.77
N VAL C 646 20.12 37.83 -36.95
CA VAL C 646 21.09 36.90 -36.35
C VAL C 646 22.11 37.74 -35.58
N THR C 647 22.03 37.68 -34.24
CA THR C 647 22.92 38.43 -33.36
C THR C 647 24.26 37.69 -33.25
N PRO C 648 25.34 38.39 -32.87
CA PRO C 648 26.63 37.70 -32.71
C PRO C 648 26.60 36.45 -31.84
N ILE C 649 25.76 36.42 -30.80
CA ILE C 649 25.74 35.23 -29.95
C ILE C 649 24.99 34.07 -30.63
N MET C 650 24.03 34.36 -31.50
CA MET C 650 23.40 33.28 -32.27
C MET C 650 24.40 32.65 -33.24
N LYS C 651 25.17 33.48 -33.96
CA LYS C 651 26.12 32.95 -34.91
C LYS C 651 27.21 32.15 -34.21
N LEU C 652 27.64 32.61 -33.03
CA LEU C 652 28.66 31.88 -32.28
C LEU C 652 28.12 30.54 -31.79
N ALA C 653 26.89 30.52 -31.28
CA ALA C 653 26.35 29.28 -30.73
C ALA C 653 26.00 28.28 -31.82
N GLU C 654 25.54 28.75 -32.97
CA GLU C 654 25.12 27.84 -34.03
C GLU C 654 26.31 27.34 -34.85
N GLU C 655 27.15 28.27 -35.33
CA GLU C 655 28.23 27.87 -36.23
C GLU C 655 29.38 27.20 -35.48
N GLN C 656 29.69 27.66 -34.27
CA GLN C 656 30.84 27.17 -33.55
C GLN C 656 30.53 26.07 -32.55
N TYR C 657 29.26 25.89 -32.17
CA TYR C 657 28.93 24.91 -31.14
C TYR C 657 27.69 24.09 -31.45
N LYS C 658 27.11 24.23 -32.64
CA LYS C 658 26.01 23.38 -33.10
C LYS C 658 24.78 23.48 -32.20
N TRP C 659 24.56 24.66 -31.61
CA TRP C 659 23.35 24.91 -30.84
C TRP C 659 22.20 25.26 -31.78
N LYS C 660 20.99 24.91 -31.36
CA LYS C 660 19.80 25.44 -32.02
C LYS C 660 19.57 26.87 -31.57
N VAL C 661 19.24 27.74 -32.52
CA VAL C 661 19.08 29.16 -32.26
C VAL C 661 17.67 29.59 -32.64
N ILE C 662 17.11 30.52 -31.86
CA ILE C 662 15.78 31.07 -32.10
C ILE C 662 15.92 32.59 -32.21
N PRO C 663 15.49 33.21 -33.30
CA PRO C 663 15.55 34.67 -33.40
C PRO C 663 14.49 35.33 -32.54
N GLY C 664 14.78 36.58 -32.15
CA GLY C 664 13.89 37.33 -31.28
C GLY C 664 12.52 37.60 -31.86
N VAL C 665 12.32 37.36 -33.16
CA VAL C 665 11.00 37.60 -33.75
C VAL C 665 10.02 36.51 -33.34
N GLU C 666 10.50 35.30 -33.06
CA GLU C 666 9.62 34.24 -32.58
C GLU C 666 9.06 34.58 -31.20
N MET C 667 9.86 35.26 -30.37
CA MET C 667 9.36 35.69 -29.07
C MET C 667 8.17 36.64 -29.21
N LEU C 668 8.19 37.51 -30.22
CA LEU C 668 7.11 38.46 -30.42
C LEU C 668 5.83 37.77 -30.88
N VAL C 669 5.95 36.78 -31.76
CA VAL C 669 4.77 36.04 -32.19
C VAL C 669 4.17 35.28 -31.03
N ASN C 670 5.01 34.69 -30.17
CA ASN C 670 4.50 33.81 -29.13
C ASN C 670 3.95 34.59 -27.94
N GLN C 671 4.44 35.80 -27.70
CA GLN C 671 3.82 36.63 -26.66
C GLN C 671 2.49 37.21 -27.15
N GLY C 672 2.44 37.64 -28.41
CA GLY C 672 1.18 38.06 -28.98
C GLY C 672 0.18 36.93 -29.12
N ASP C 673 0.67 35.70 -29.30
CA ASP C 673 -0.20 34.54 -29.33
C ASP C 673 -0.96 34.41 -28.01
N ARG C 674 -0.23 34.44 -26.89
CA ARG C 674 -0.89 34.44 -25.58
C ARG C 674 -1.73 35.70 -25.39
N GLN C 675 -1.24 36.85 -25.88
CA GLN C 675 -2.00 38.08 -25.79
C GLN C 675 -3.35 37.96 -26.49
N PHE C 676 -3.37 37.34 -27.67
CA PHE C 676 -4.60 37.17 -28.42
C PHE C 676 -5.62 36.36 -27.62
N LYS C 677 -5.18 35.26 -27.01
CA LYS C 677 -6.10 34.41 -26.24
C LYS C 677 -6.66 35.14 -25.03
N LEU C 678 -5.85 35.99 -24.39
CA LEU C 678 -6.36 36.73 -23.24
C LEU C 678 -7.30 37.85 -23.65
N HIS C 679 -7.05 38.46 -24.81
CA HIS C 679 -7.90 39.54 -25.28
C HIS C 679 -9.25 39.03 -25.73
N THR C 680 -9.28 37.92 -26.48
CA THR C 680 -10.48 37.48 -27.16
C THR C 680 -11.07 36.19 -26.61
N GLY C 681 -10.30 35.43 -25.84
CA GLY C 681 -10.73 34.10 -25.44
C GLY C 681 -10.61 33.04 -26.50
N PHE C 682 -10.18 33.40 -27.72
CA PHE C 682 -10.00 32.45 -28.80
C PHE C 682 -8.52 32.10 -28.95
N ILE C 683 -8.24 30.84 -29.29
CA ILE C 683 -6.90 30.47 -29.71
C ILE C 683 -6.61 31.12 -31.06
N ALA C 684 -5.47 31.78 -31.17
CA ALA C 684 -5.14 32.46 -32.41
C ALA C 684 -4.82 31.44 -33.51
N PRO C 685 -5.17 31.75 -34.76
CA PRO C 685 -4.68 30.92 -35.87
C PRO C 685 -3.20 31.17 -36.08
N TYR C 686 -2.36 30.24 -35.62
CA TYR C 686 -0.94 30.55 -35.45
C TYR C 686 -0.28 30.94 -36.77
N GLU C 687 -0.45 30.12 -37.81
CA GLU C 687 0.25 30.39 -39.07
C GLU C 687 -0.16 31.72 -39.67
N ILE C 688 -1.42 32.13 -39.47
CA ILE C 688 -1.86 33.42 -39.99
C ILE C 688 -1.24 34.57 -39.21
N ILE C 689 -1.31 34.51 -37.88
CA ILE C 689 -0.78 35.60 -37.08
C ILE C 689 0.74 35.61 -37.12
N HIS C 690 1.38 34.45 -37.32
CA HIS C 690 2.83 34.41 -37.46
C HIS C 690 3.26 35.02 -38.79
N ARG C 691 2.53 34.71 -39.87
CA ARG C 691 2.85 35.30 -41.17
C ARG C 691 2.44 36.77 -41.22
N ALA C 692 1.33 37.13 -40.57
CA ALA C 692 0.89 38.52 -40.54
C ALA C 692 1.90 39.41 -39.84
N LEU C 693 2.81 38.83 -39.06
CA LEU C 693 3.85 39.60 -38.39
C LEU C 693 5.05 39.81 -39.31
N LEU C 694 5.57 38.71 -39.88
CA LEU C 694 6.81 38.72 -40.63
C LEU C 694 6.70 39.46 -41.96
N GLU C 695 5.60 40.18 -42.18
CA GLU C 695 5.37 40.89 -43.43
C GLU C 695 5.48 42.39 -43.18
N GLU C 696 6.30 43.05 -44.00
CA GLU C 696 6.56 44.47 -43.86
C GLU C 696 5.68 45.30 -44.81
N SER D 1 -37.37 48.88 30.15
CA SER D 1 -36.66 48.01 29.21
C SER D 1 -35.94 46.89 29.95
N SER D 2 -35.86 45.72 29.32
CA SER D 2 -35.21 44.57 29.94
C SER D 2 -33.74 44.50 29.56
N ASP D 3 -32.92 44.05 30.50
CA ASP D 3 -31.51 43.82 30.26
C ASP D 3 -31.23 42.47 29.61
N LYS D 4 -32.21 41.57 29.60
CA LYS D 4 -31.96 40.19 29.25
C LYS D 4 -31.62 40.02 27.77
N SER D 5 -30.76 39.05 27.49
CA SER D 5 -30.33 38.79 26.13
C SER D 5 -31.46 38.16 25.32
N ILE D 6 -31.41 38.34 24.00
CA ILE D 6 -32.40 37.82 23.08
C ILE D 6 -31.76 36.78 22.19
N ILE D 7 -32.36 35.60 22.12
CA ILE D 7 -31.90 34.52 21.25
C ILE D 7 -32.70 34.57 19.96
N VAL D 8 -32.02 34.60 18.82
CA VAL D 8 -32.65 34.59 17.51
C VAL D 8 -32.44 33.22 16.90
N ILE D 9 -33.53 32.60 16.44
CA ILE D 9 -33.47 31.36 15.67
C ILE D 9 -34.21 31.58 14.35
N GLY D 10 -34.07 30.60 13.47
CA GLY D 10 -34.66 30.67 12.14
C GLY D 10 -33.67 30.26 11.07
N MET D 11 -34.21 30.12 9.85
CA MET D 11 -33.42 29.64 8.73
C MET D 11 -32.31 30.62 8.38
N ARG D 12 -31.14 30.08 8.05
CA ARG D 12 -30.02 30.90 7.63
C ARG D 12 -30.35 31.65 6.35
N GLY D 13 -30.30 32.98 6.42
CA GLY D 13 -30.49 33.81 5.25
C GLY D 13 -29.40 34.86 5.18
N THR D 14 -29.26 35.44 3.99
CA THR D 14 -28.30 36.54 3.82
C THR D 14 -28.69 37.76 4.65
N GLY D 15 -29.96 37.88 5.04
CA GLY D 15 -30.42 39.05 5.76
C GLY D 15 -30.82 38.80 7.19
N LYS D 16 -30.79 37.55 7.65
CA LYS D 16 -31.12 37.28 9.05
C LYS D 16 -30.00 37.75 9.98
N SER D 17 -28.75 37.56 9.57
CA SER D 17 -27.64 38.08 10.37
C SER D 17 -27.57 39.59 10.32
N THR D 18 -28.04 40.20 9.22
CA THR D 18 -28.06 41.65 9.15
C THR D 18 -29.10 42.22 10.12
N LEU D 19 -30.27 41.59 10.22
CA LEU D 19 -31.29 42.08 11.14
C LEU D 19 -30.90 41.83 12.59
N SER D 20 -30.12 40.77 12.87
CA SER D 20 -29.61 40.57 14.22
C SER D 20 -28.69 41.72 14.63
N GLU D 21 -27.78 42.12 13.73
CA GLU D 21 -26.95 43.29 13.99
C GLU D 21 -27.80 44.55 14.12
N TRP D 22 -28.82 44.68 13.25
CA TRP D 22 -29.72 45.82 13.32
C TRP D 22 -30.44 45.87 14.66
N LEU D 23 -30.93 44.72 15.12
CA LEU D 23 -31.56 44.64 16.42
C LEU D 23 -30.59 44.99 17.55
N ALA D 24 -29.34 44.51 17.45
CA ALA D 24 -28.35 44.82 18.49
C ALA D 24 -28.06 46.31 18.55
N SER D 25 -27.92 46.97 17.39
CA SER D 25 -27.67 48.39 17.39
C SER D 25 -28.81 49.16 18.04
N PHE D 26 -30.05 48.72 17.78
CA PHE D 26 -31.20 49.41 18.34
C PHE D 26 -31.25 49.26 19.85
N LEU D 27 -30.90 48.08 20.36
CA LEU D 27 -30.97 47.82 21.80
C LEU D 27 -29.70 48.18 22.55
N GLY D 28 -28.62 48.52 21.85
CA GLY D 28 -27.36 48.72 22.53
C GLY D 28 -26.73 47.43 23.00
N PHE D 29 -27.13 46.30 22.43
CA PHE D 29 -26.60 45.00 22.78
C PHE D 29 -25.40 44.67 21.91
N LYS D 30 -24.67 43.63 22.32
CA LYS D 30 -23.63 43.06 21.49
C LYS D 30 -24.22 41.93 20.65
N MET D 31 -23.72 41.77 19.44
CA MET D 31 -24.17 40.73 18.54
C MET D 31 -23.18 39.57 18.59
N LEU D 32 -23.68 38.37 18.86
CA LEU D 32 -22.86 37.17 18.93
C LEU D 32 -23.29 36.20 17.83
N ASP D 33 -22.40 35.96 16.88
CA ASP D 33 -22.58 34.94 15.85
C ASP D 33 -22.14 33.61 16.47
N MET D 34 -23.10 32.79 16.87
CA MET D 34 -22.75 31.54 17.55
C MET D 34 -22.08 30.56 16.61
N ASP D 35 -22.35 30.65 15.31
CA ASP D 35 -21.62 29.83 14.34
C ASP D 35 -20.13 30.18 14.36
N LYS D 36 -19.80 31.46 14.20
CA LYS D 36 -18.39 31.87 14.24
C LYS D 36 -17.78 31.62 15.61
N TYR D 37 -18.60 31.72 16.67
CA TYR D 37 -18.11 31.44 18.01
C TYR D 37 -17.62 30.00 18.13
N LEU D 38 -18.39 29.06 17.58
CA LEU D 38 -17.99 27.66 17.66
C LEU D 38 -16.77 27.39 16.81
N GLU D 39 -16.67 28.03 15.65
CA GLU D 39 -15.54 27.78 14.76
C GLU D 39 -14.24 28.27 15.36
N GLU D 40 -14.31 29.28 16.23
CA GLU D 40 -13.09 29.77 16.88
C GLU D 40 -12.76 28.95 18.12
N LYS D 41 -13.77 28.42 18.82
CA LYS D 41 -13.48 27.55 19.96
C LYS D 41 -12.80 26.26 19.52
N LEU D 42 -13.38 25.57 18.53
CA LEU D 42 -12.87 24.30 18.08
C LEU D 42 -11.77 24.42 17.01
N GLY D 43 -11.63 25.60 16.40
CA GLY D 43 -10.52 25.83 15.49
C GLY D 43 -10.71 25.33 14.08
N THR D 44 -11.94 25.24 13.60
CA THR D 44 -12.18 24.75 12.24
C THR D 44 -13.50 25.27 11.74
N GLY D 45 -13.65 25.28 10.42
CA GLY D 45 -14.92 25.64 9.81
C GLY D 45 -15.98 24.60 10.09
N ILE D 46 -17.23 25.05 10.12
CA ILE D 46 -18.34 24.16 10.45
C ILE D 46 -18.46 23.04 9.42
N LYS D 47 -18.44 23.40 8.13
CA LYS D 47 -18.60 22.38 7.09
C LYS D 47 -17.43 21.40 7.11
N SER D 48 -16.22 21.89 7.39
CA SER D 48 -15.09 20.99 7.52
C SER D 48 -15.26 20.04 8.70
N LEU D 49 -15.80 20.56 9.82
CA LEU D 49 -15.96 19.75 11.02
C LEU D 49 -17.01 18.66 10.82
N ILE D 50 -18.07 18.97 10.09
CA ILE D 50 -19.15 17.99 9.89
C ILE D 50 -18.64 16.81 9.06
N LYS D 51 -17.89 17.09 7.99
CA LYS D 51 -17.37 16.01 7.16
C LYS D 51 -16.29 15.20 7.89
N ALA D 52 -15.61 15.79 8.87
CA ALA D 52 -14.51 15.11 9.53
C ALA D 52 -14.94 14.34 10.77
N LYS D 53 -15.96 14.82 11.50
CA LYS D 53 -16.35 14.21 12.76
C LYS D 53 -17.81 13.76 12.82
N GLY D 54 -18.65 14.19 11.88
CA GLY D 54 -20.00 13.66 11.81
C GLY D 54 -21.03 14.62 12.38
N TRP D 55 -22.29 14.39 12.00
CA TRP D 55 -23.37 15.27 12.40
C TRP D 55 -23.60 15.22 13.91
N GLU D 56 -23.65 14.01 14.48
CA GLU D 56 -23.93 13.87 15.91
C GLU D 56 -22.92 14.62 16.75
N TYR D 57 -21.65 14.54 16.39
CA TYR D 57 -20.62 15.27 17.12
C TYR D 57 -20.83 16.77 17.01
N PHE D 58 -21.14 17.25 15.80
CA PHE D 58 -21.34 18.69 15.59
C PHE D 58 -22.47 19.21 16.46
N ARG D 59 -23.60 18.50 16.49
CA ARG D 59 -24.72 18.93 17.33
C ARG D 59 -24.36 18.86 18.81
N GLN D 60 -23.44 17.97 19.19
CA GLN D 60 -22.97 17.94 20.57
C GLN D 60 -22.19 19.19 20.92
N GLU D 61 -21.33 19.65 20.01
CA GLU D 61 -20.55 20.85 20.28
C GLU D 61 -21.40 22.10 20.13
N GLU D 62 -22.36 22.08 19.20
CA GLU D 62 -23.34 23.17 19.15
C GLU D 62 -24.07 23.30 20.48
N ALA D 63 -24.53 22.17 21.04
CA ALA D 63 -25.22 22.21 22.33
C ALA D 63 -24.32 22.74 23.43
N ILE D 64 -23.02 22.38 23.39
CA ILE D 64 -22.10 22.84 24.42
C ILE D 64 -21.86 24.34 24.30
N VAL D 65 -21.80 24.86 23.08
CA VAL D 65 -21.64 26.29 22.87
C VAL D 65 -22.90 27.03 23.33
N ALA D 66 -24.08 26.48 23.00
CA ALA D 66 -25.33 27.11 23.45
C ALA D 66 -25.40 27.16 24.97
N LYS D 67 -25.00 26.08 25.64
CA LYS D 67 -25.01 26.05 27.10
C LYS D 67 -24.17 27.18 27.67
N GLU D 68 -22.95 27.33 27.16
CA GLU D 68 -22.07 28.38 27.65
C GLU D 68 -22.64 29.77 27.34
N CYS D 69 -23.15 29.95 26.13
CA CYS D 69 -23.60 31.28 25.72
C CYS D 69 -24.87 31.70 26.45
N PHE D 70 -25.80 30.76 26.65
CA PHE D 70 -27.07 31.11 27.26
C PHE D 70 -26.95 31.48 28.73
N THR D 71 -25.81 31.21 29.37
CA THR D 71 -25.57 31.65 30.74
C THR D 71 -24.49 32.71 30.86
N LYS D 72 -23.38 32.54 30.13
CA LYS D 72 -22.29 33.52 30.22
C LYS D 72 -22.69 34.86 29.64
N PHE D 73 -23.47 34.86 28.57
CA PHE D 73 -23.88 36.06 27.86
C PHE D 73 -25.40 36.26 27.94
N SER D 74 -25.97 36.02 29.13
CA SER D 74 -27.41 36.08 29.33
C SER D 74 -27.96 37.50 29.37
N LYS D 75 -27.10 38.52 29.38
CA LYS D 75 -27.54 39.91 29.46
C LYS D 75 -26.78 40.74 28.43
N GLY D 76 -27.52 41.59 27.72
CA GLY D 76 -26.92 42.54 26.82
C GLY D 76 -26.44 42.00 25.50
N TYR D 77 -26.98 40.88 25.04
CA TYR D 77 -26.50 40.23 23.83
C TYR D 77 -27.67 39.86 22.92
N VAL D 78 -27.43 39.93 21.61
CA VAL D 78 -28.27 39.25 20.64
C VAL D 78 -27.52 37.99 20.22
N LEU D 79 -28.01 36.83 20.67
CA LEU D 79 -27.39 35.55 20.39
C LEU D 79 -27.99 35.00 19.09
N SER D 80 -27.22 35.07 18.01
CA SER D 80 -27.66 34.61 16.70
C SER D 80 -27.25 33.15 16.53
N THR D 81 -28.20 32.24 16.73
CA THR D 81 -27.90 30.83 16.62
C THR D 81 -27.64 30.43 15.17
N GLY D 82 -26.90 29.34 14.99
CA GLY D 82 -26.87 28.69 13.69
C GLY D 82 -28.25 28.21 13.30
N GLY D 83 -28.52 28.25 11.99
CA GLY D 83 -29.86 27.93 11.52
C GLY D 83 -30.31 26.54 11.93
N GLY D 84 -29.41 25.57 11.91
CA GLY D 84 -29.71 24.19 12.23
C GLY D 84 -29.69 23.83 13.71
N ILE D 85 -29.63 24.81 14.61
CA ILE D 85 -29.53 24.50 16.03
C ILE D 85 -30.70 23.65 16.50
N VAL D 86 -31.88 23.80 15.87
CA VAL D 86 -33.04 23.01 16.28
C VAL D 86 -32.98 21.57 15.82
N GLU D 87 -31.95 21.18 15.06
CA GLU D 87 -31.84 19.81 14.59
C GLU D 87 -31.52 18.82 15.71
N GLY D 88 -30.98 19.29 16.83
CA GLY D 88 -30.64 18.42 17.95
C GLY D 88 -31.57 18.69 19.13
N GLU D 89 -32.07 17.61 19.73
CA GLU D 89 -33.02 17.75 20.82
C GLU D 89 -32.40 18.36 22.08
N ASP D 90 -31.08 18.24 22.26
CA ASP D 90 -30.43 18.90 23.39
C ASP D 90 -30.58 20.40 23.30
N ALA D 91 -30.14 20.99 22.18
CA ALA D 91 -30.28 22.41 21.97
C ALA D 91 -31.75 22.84 22.04
N ARG D 92 -32.65 22.02 21.49
CA ARG D 92 -34.07 22.39 21.50
C ARG D 92 -34.57 22.59 22.92
N GLN D 93 -34.20 21.68 23.83
CA GLN D 93 -34.62 21.79 25.22
C GLN D 93 -34.01 23.01 25.89
N GLN D 94 -32.76 23.32 25.54
CA GLN D 94 -32.13 24.54 26.08
C GLN D 94 -32.89 25.79 25.64
N LEU D 95 -33.35 25.82 24.39
CA LEU D 95 -34.10 26.97 23.92
C LEU D 95 -35.43 27.08 24.64
N LYS D 96 -36.14 25.97 24.79
CA LYS D 96 -37.39 25.99 25.53
C LYS D 96 -37.18 26.42 26.97
N SER D 97 -36.08 25.95 27.59
CA SER D 97 -35.79 26.30 28.97
C SER D 97 -35.46 27.78 29.11
N TYR D 98 -34.77 28.36 28.13
CA TYR D 98 -34.46 29.78 28.19
C TYR D 98 -35.71 30.64 28.15
N ALA D 99 -36.73 30.19 27.42
CA ALA D 99 -37.98 30.95 27.34
C ALA D 99 -38.88 30.67 28.54
N ASP D 100 -38.86 29.45 29.05
CA ASP D 100 -39.63 29.14 30.26
C ASP D 100 -39.10 29.93 31.45
N ASN D 101 -37.82 30.25 31.47
CA ASN D 101 -37.20 30.99 32.56
C ASN D 101 -37.33 32.50 32.39
N GLY D 102 -38.15 32.95 31.45
CA GLY D 102 -38.41 34.36 31.29
C GLY D 102 -37.63 35.06 30.18
N GLY D 103 -36.99 34.31 29.28
CA GLY D 103 -36.23 34.89 28.21
C GLY D 103 -36.99 34.91 26.89
N ILE D 104 -36.50 35.72 25.96
CA ILE D 104 -37.06 35.80 24.62
C ILE D 104 -36.26 34.90 23.70
N VAL D 105 -36.93 33.95 23.07
CA VAL D 105 -36.39 33.20 21.94
C VAL D 105 -37.23 33.58 20.73
N LEU D 106 -36.63 34.29 19.80
CA LEU D 106 -37.36 34.95 18.72
C LEU D 106 -37.12 34.19 17.42
N HIS D 107 -38.19 33.70 16.81
CA HIS D 107 -38.10 33.06 15.51
C HIS D 107 -38.30 34.11 14.43
N LEU D 108 -37.22 34.43 13.71
CA LEU D 108 -37.29 35.36 12.59
C LEU D 108 -37.51 34.54 11.32
N HIS D 109 -38.69 34.71 10.71
CA HIS D 109 -39.07 33.97 9.52
C HIS D 109 -38.91 34.87 8.30
N ARG D 110 -38.20 34.37 7.28
CA ARG D 110 -37.86 35.17 6.11
C ARG D 110 -38.60 34.64 4.88
N ASP D 111 -38.06 34.94 3.71
CA ASP D 111 -38.67 34.60 2.40
C ASP D 111 -39.99 35.35 2.29
N LEU D 112 -40.92 34.82 1.50
CA LEU D 112 -42.27 35.36 1.39
C LEU D 112 -42.28 36.86 1.06
N SER D 129 -33.12 25.90 -3.93
CA SER D 129 -34.52 25.92 -4.33
C SER D 129 -35.31 24.82 -3.61
N SER D 130 -35.35 23.63 -4.23
CA SER D 130 -36.03 22.51 -3.62
C SER D 130 -35.32 22.04 -2.35
N GLU D 131 -33.99 22.19 -2.30
CA GLU D 131 -33.23 21.78 -1.12
C GLU D 131 -33.53 22.68 0.08
N VAL D 132 -33.89 23.94 -0.15
CA VAL D 132 -34.21 24.84 0.95
C VAL D 132 -35.58 24.52 1.52
N GLN D 133 -36.53 24.15 0.66
CA GLN D 133 -37.89 23.84 1.12
C GLN D 133 -37.91 22.56 1.96
N GLU D 134 -37.09 21.57 1.58
CA GLU D 134 -37.00 20.35 2.39
C GLU D 134 -36.54 20.67 3.81
N VAL D 135 -35.49 21.48 3.93
CA VAL D 135 -34.97 21.83 5.25
C VAL D 135 -36.03 22.58 6.05
N TRP D 136 -36.72 23.54 5.42
CA TRP D 136 -37.74 24.32 6.10
C TRP D 136 -38.88 23.42 6.58
N LEU D 137 -39.38 22.54 5.71
CA LEU D 137 -40.47 21.66 6.10
C LEU D 137 -40.07 20.76 7.26
N ARG D 138 -38.81 20.32 7.26
CA ARG D 138 -38.34 19.47 8.36
C ARG D 138 -38.25 20.24 9.66
N ARG D 139 -37.84 21.51 9.61
CA ARG D 139 -37.52 22.27 10.82
C ARG D 139 -38.67 23.14 11.30
N GLU D 140 -39.76 23.26 10.52
CA GLU D 140 -40.80 24.24 10.80
C GLU D 140 -41.35 24.09 12.22
N LYS D 141 -41.82 22.89 12.57
CA LYS D 141 -42.39 22.68 13.89
C LYS D 141 -41.38 22.95 14.99
N TRP D 142 -40.11 22.60 14.76
CA TRP D 142 -39.08 22.84 15.77
C TRP D 142 -38.90 24.32 16.05
N TYR D 143 -38.87 25.15 14.99
CA TYR D 143 -38.73 26.58 15.19
C TYR D 143 -39.88 27.14 16.02
N HIS D 144 -41.10 26.67 15.77
CA HIS D 144 -42.24 27.15 16.54
C HIS D 144 -42.18 26.65 17.97
N GLU D 145 -41.85 25.37 18.17
CA GLU D 145 -41.83 24.79 19.50
C GLU D 145 -40.69 25.33 20.36
N CYS D 146 -39.62 25.85 19.76
CA CYS D 146 -38.46 26.31 20.50
C CYS D 146 -38.44 27.83 20.70
N SER D 147 -39.40 28.55 20.13
CA SER D 147 -39.50 29.99 20.28
C SER D 147 -40.80 30.34 20.97
N ASN D 148 -40.78 31.44 21.72
CA ASN D 148 -42.01 32.00 22.29
C ASN D 148 -42.48 33.25 21.56
N TYR D 149 -41.71 33.78 20.60
CA TYR D 149 -42.12 34.94 19.84
C TYR D 149 -41.72 34.75 18.38
N HIS D 150 -42.49 35.37 17.48
CA HIS D 150 -42.41 35.12 16.05
C HIS D 150 -42.56 36.44 15.31
N PHE D 151 -41.73 36.67 14.29
CA PHE D 151 -41.85 37.86 13.47
C PHE D 151 -41.47 37.54 12.03
N TYR D 152 -42.31 37.98 11.09
CA TYR D 152 -42.07 37.77 9.65
C TYR D 152 -41.22 38.92 9.12
N SER D 153 -39.96 38.63 8.79
CA SER D 153 -39.12 39.59 8.08
C SER D 153 -39.42 39.46 6.59
N SER D 154 -40.56 40.01 6.20
CA SER D 154 -41.09 39.80 4.86
C SER D 154 -40.26 40.56 3.82
N HIS D 155 -40.57 40.30 2.54
CA HIS D 155 -39.86 40.88 1.42
C HIS D 155 -40.63 42.09 0.93
N CYS D 156 -39.95 43.24 0.87
CA CYS D 156 -40.59 44.50 0.52
C CYS D 156 -40.17 44.93 -0.88
N SER D 157 -41.08 45.63 -1.56
CA SER D 157 -40.85 46.09 -2.93
C SER D 157 -40.53 47.56 -3.02
N THR D 158 -40.87 48.36 -2.01
CA THR D 158 -40.63 49.80 -2.02
C THR D 158 -39.97 50.20 -0.71
N GLU D 159 -39.47 51.44 -0.70
CA GLU D 159 -38.88 51.98 0.52
C GLU D 159 -39.96 52.31 1.55
N ASP D 160 -41.18 52.59 1.09
CA ASP D 160 -42.27 52.80 2.03
C ASP D 160 -42.66 51.50 2.72
N GLU D 161 -42.55 50.37 2.02
CA GLU D 161 -42.85 49.08 2.65
C GLU D 161 -41.78 48.71 3.67
N PHE D 162 -40.51 48.88 3.31
CA PHE D 162 -39.42 48.66 4.26
C PHE D 162 -39.60 49.51 5.51
N ASN D 163 -39.98 50.77 5.35
CA ASN D 163 -40.14 51.65 6.51
C ASN D 163 -41.25 51.14 7.42
N HIS D 164 -42.39 50.78 6.85
CA HIS D 164 -43.47 50.21 7.64
C HIS D 164 -43.01 48.96 8.38
N LEU D 165 -42.31 48.06 7.67
CA LEU D 165 -41.87 46.82 8.29
C LEU D 165 -40.92 47.08 9.45
N ARG D 166 -39.89 47.89 9.22
CA ARG D 166 -38.92 48.17 10.27
C ARG D 166 -39.57 48.86 11.46
N ARG D 167 -40.52 49.76 11.20
CA ARG D 167 -41.23 50.45 12.27
C ARG D 167 -42.14 49.49 13.02
N SER D 168 -42.84 48.61 12.30
CA SER D 168 -43.56 47.53 12.95
C SER D 168 -42.61 46.69 13.81
N PHE D 169 -41.40 46.46 13.33
CA PHE D 169 -40.44 45.63 14.07
C PHE D 169 -39.98 46.32 15.35
N VAL D 170 -39.69 47.62 15.27
CA VAL D 170 -39.32 48.38 16.47
C VAL D 170 -40.43 48.33 17.52
N ASN D 171 -41.66 48.61 17.10
CA ASN D 171 -42.78 48.59 18.06
C ASN D 171 -42.99 47.19 18.62
N TYR D 172 -42.80 46.18 17.77
CA TYR D 172 -42.87 44.79 18.21
C TYR D 172 -41.79 44.50 19.26
N ILE D 173 -40.55 44.89 18.98
CA ILE D 173 -39.46 44.61 19.92
C ILE D 173 -39.66 45.38 21.22
N LYS D 174 -40.10 46.64 21.15
CA LYS D 174 -40.38 47.41 22.36
C LYS D 174 -41.44 46.73 23.21
N LEU D 175 -42.44 46.14 22.56
CA LEU D 175 -43.51 45.47 23.29
C LEU D 175 -43.01 44.21 24.00
N ILE D 176 -42.45 43.26 23.24
CA ILE D 176 -42.17 41.95 23.82
C ILE D 176 -41.03 41.99 24.81
N THR D 177 -40.08 42.92 24.67
CA THR D 177 -39.05 43.07 25.69
C THR D 177 -39.56 43.81 26.93
N GLY D 178 -40.76 44.40 26.85
CA GLY D 178 -41.31 45.09 28.00
C GLY D 178 -40.83 46.50 28.18
N ALA D 179 -40.26 47.11 27.14
CA ALA D 179 -39.75 48.47 27.28
C ALA D 179 -40.87 49.49 27.21
N GLU D 180 -41.92 49.20 26.45
CA GLU D 180 -42.99 50.18 26.22
C GLU D 180 -44.21 49.46 25.70
N ARG D 181 -45.28 49.49 26.46
CA ARG D 181 -46.55 48.98 26.00
C ARG D 181 -47.18 49.96 25.01
N PRO D 182 -48.16 49.52 24.22
CA PRO D 182 -48.93 50.48 23.42
C PRO D 182 -49.72 51.42 24.31
N VAL D 183 -49.44 52.71 24.18
CA VAL D 183 -50.08 53.71 25.04
C VAL D 183 -51.52 53.94 24.60
N VAL D 184 -52.45 53.79 25.54
CA VAL D 184 -53.88 53.91 25.22
C VAL D 184 -54.19 55.36 24.86
N PRO D 185 -54.79 55.62 23.71
CA PRO D 185 -55.02 57.02 23.30
C PRO D 185 -55.87 57.77 24.32
N VAL D 186 -55.53 59.03 24.52
CA VAL D 186 -56.19 59.85 25.54
C VAL D 186 -57.31 60.70 24.94
N GLY D 187 -57.10 61.26 23.75
CA GLY D 187 -58.14 62.03 23.09
C GLY D 187 -59.08 61.15 22.30
N ARG D 188 -59.75 61.76 21.33
CA ARG D 188 -60.52 60.99 20.36
C ARG D 188 -59.57 60.14 19.51
N SER D 189 -60.03 58.95 19.12
CA SER D 189 -59.18 58.10 18.31
C SER D 189 -60.05 57.12 17.54
N ALA D 190 -59.51 56.63 16.43
CA ALA D 190 -60.23 55.72 15.57
C ALA D 190 -59.38 54.50 15.26
N ALA D 191 -60.06 53.40 14.92
CA ALA D 191 -59.41 52.16 14.51
C ALA D 191 -60.14 51.62 13.30
N VAL D 192 -59.46 51.54 12.16
CA VAL D 192 -60.11 51.03 10.96
C VAL D 192 -60.25 49.52 11.09
N VAL D 193 -61.43 49.01 10.75
CA VAL D 193 -61.74 47.59 10.94
C VAL D 193 -61.42 46.86 9.63
N LEU D 194 -60.39 46.01 9.67
CA LEU D 194 -60.02 45.22 8.51
C LEU D 194 -60.93 43.99 8.44
N THR D 195 -61.87 43.99 7.50
CA THR D 195 -62.88 42.94 7.36
C THR D 195 -62.67 42.09 6.11
N SER D 196 -61.51 42.19 5.48
CA SER D 196 -61.29 41.47 4.24
C SER D 196 -61.06 39.99 4.52
N PRO D 197 -61.58 39.09 3.67
CA PRO D 197 -61.21 37.67 3.79
C PRO D 197 -59.75 37.40 3.46
N ASP D 198 -59.08 38.29 2.73
CA ASP D 198 -57.67 38.12 2.42
C ASP D 198 -57.12 39.49 2.04
N LEU D 199 -56.25 40.04 2.88
CA LEU D 199 -55.74 41.39 2.67
C LEU D 199 -54.96 41.54 1.37
N ASN D 200 -54.55 40.44 0.74
CA ASN D 200 -53.90 40.53 -0.56
C ASN D 200 -54.82 41.12 -1.62
N GLU D 201 -56.14 41.08 -1.40
CA GLU D 201 -57.09 41.68 -2.33
C GLU D 201 -57.07 43.21 -2.29
N VAL D 202 -56.53 43.81 -1.24
CA VAL D 202 -56.52 45.27 -1.11
C VAL D 202 -55.13 45.76 -0.73
N VAL D 203 -54.10 44.97 -1.06
CA VAL D 203 -52.77 45.22 -0.51
C VAL D 203 -52.26 46.60 -0.95
N ARG D 204 -52.54 47.00 -2.19
CA ARG D 204 -52.06 48.29 -2.68
C ARG D 204 -52.92 49.46 -2.21
N ASP D 205 -54.03 49.22 -1.53
CA ASP D 205 -54.90 50.25 -1.01
C ASP D 205 -54.76 50.44 0.50
N LEU D 206 -53.95 49.61 1.16
CA LEU D 206 -53.90 49.61 2.62
C LEU D 206 -53.45 50.96 3.17
N GLU D 207 -52.52 51.62 2.49
CA GLU D 207 -52.07 52.94 2.94
C GLU D 207 -53.22 53.93 2.94
N SER D 208 -54.09 53.88 1.92
CA SER D 208 -55.23 54.76 1.90
C SER D 208 -56.33 54.30 2.85
N ILE D 209 -56.40 52.99 3.12
CA ILE D 209 -57.42 52.49 4.04
C ILE D 209 -57.13 52.93 5.46
N THR D 210 -55.86 53.12 5.82
CA THR D 210 -55.50 53.48 7.19
C THR D 210 -55.47 55.00 7.43
N ILE D 211 -55.89 55.80 6.45
CA ILE D 211 -55.92 57.25 6.63
C ILE D 211 -56.89 57.60 7.75
N GLY D 212 -56.40 58.35 8.74
CA GLY D 212 -57.20 58.76 9.87
C GLY D 212 -57.23 57.79 11.04
N ALA D 213 -56.64 56.60 10.89
CA ALA D 213 -56.72 55.57 11.92
C ALA D 213 -55.53 55.65 12.88
N ASP D 214 -55.81 55.41 14.16
CA ASP D 214 -54.77 55.30 15.17
C ASP D 214 -54.43 53.85 15.50
N ALA D 215 -55.21 52.91 14.98
CA ALA D 215 -55.00 51.48 15.11
C ALA D 215 -55.70 50.81 13.94
N VAL D 216 -55.26 49.59 13.64
CA VAL D 216 -56.00 48.71 12.74
C VAL D 216 -56.56 47.58 13.58
N GLU D 217 -57.82 47.24 13.33
CA GLU D 217 -58.47 46.13 14.04
C GLU D 217 -58.67 44.99 13.04
N LEU D 218 -58.00 43.88 13.30
CA LEU D 218 -57.98 42.75 12.38
C LEU D 218 -59.05 41.75 12.81
N ARG D 219 -60.03 41.53 11.94
CA ARG D 219 -61.12 40.60 12.21
C ARG D 219 -60.74 39.22 11.66
N VAL D 220 -59.98 38.48 12.49
CA VAL D 220 -59.42 37.20 12.11
C VAL D 220 -60.52 36.21 11.74
N ASP D 221 -61.68 36.28 12.41
CA ASP D 221 -62.76 35.36 12.11
C ASP D 221 -63.32 35.54 10.71
N LEU D 222 -63.04 36.67 10.07
CA LEU D 222 -63.52 36.93 8.71
C LEU D 222 -62.54 36.46 7.64
N PHE D 223 -61.37 35.96 8.01
CA PHE D 223 -60.45 35.39 7.05
C PHE D 223 -61.08 34.19 6.36
N LYS D 224 -60.70 33.98 5.10
CA LYS D 224 -61.11 32.77 4.39
C LYS D 224 -60.41 31.52 4.92
N ASP D 225 -59.47 31.67 5.85
CA ASP D 225 -58.70 30.57 6.41
C ASP D 225 -58.18 31.05 7.76
N THR D 226 -58.40 30.26 8.81
CA THR D 226 -57.97 30.65 10.14
C THR D 226 -56.85 29.77 10.68
N SER D 227 -56.12 29.12 9.79
CA SER D 227 -54.89 28.44 10.19
C SER D 227 -53.84 29.45 10.64
N ALA D 228 -52.97 29.02 11.54
CA ALA D 228 -51.91 29.90 12.03
C ALA D 228 -51.04 30.43 10.92
N GLU D 229 -50.81 29.63 9.88
CA GLU D 229 -50.00 30.08 8.75
C GLU D 229 -50.66 31.23 8.02
N PHE D 230 -51.96 31.12 7.73
CA PHE D 230 -52.66 32.17 7.02
C PHE D 230 -52.76 33.44 7.86
N VAL D 231 -53.09 33.30 9.15
CA VAL D 231 -53.22 34.45 10.03
C VAL D 231 -51.89 35.20 10.11
N ALA D 232 -50.79 34.46 10.34
CA ALA D 232 -49.48 35.08 10.44
C ALA D 232 -49.11 35.78 9.14
N ALA D 233 -49.46 35.19 7.99
CA ALA D 233 -49.19 35.86 6.72
C ALA D 233 -50.02 37.13 6.57
N GLN D 234 -51.26 37.13 7.06
CA GLN D 234 -52.07 38.34 6.99
C GLN D 234 -51.47 39.45 7.84
N ILE D 235 -50.95 39.11 9.02
CA ILE D 235 -50.31 40.11 9.86
C ILE D 235 -49.03 40.63 9.19
N ALA D 236 -48.33 39.76 8.45
CA ALA D 236 -47.14 40.23 7.74
C ALA D 236 -47.51 41.19 6.61
N VAL D 237 -48.66 40.99 5.97
CA VAL D 237 -49.12 41.94 4.95
C VAL D 237 -49.38 43.29 5.58
N ILE D 238 -50.04 43.31 6.74
CA ILE D 238 -50.32 44.56 7.44
C ILE D 238 -49.04 45.33 7.72
N ARG D 239 -48.05 44.63 8.30
CA ARG D 239 -46.85 45.29 8.81
C ARG D 239 -45.96 45.86 7.72
N LYS D 240 -46.18 45.47 6.46
CA LYS D 240 -45.48 46.08 5.35
C LYS D 240 -46.17 47.34 4.83
N HIS D 241 -47.39 47.64 5.31
CA HIS D 241 -48.15 48.78 4.81
C HIS D 241 -48.68 49.68 5.91
N ALA D 242 -48.49 49.33 7.17
CA ALA D 242 -48.94 50.16 8.28
C ALA D 242 -48.17 49.76 9.53
N ASP D 243 -47.65 50.75 10.26
CA ASP D 243 -47.02 50.51 11.55
C ASP D 243 -47.92 50.93 12.71
N LEU D 244 -49.21 51.07 12.47
CA LEU D 244 -50.14 51.32 13.54
C LEU D 244 -50.24 50.08 14.44
N PRO D 245 -50.58 50.27 15.72
CA PRO D 245 -50.87 49.11 16.57
C PRO D 245 -51.98 48.26 15.97
N ILE D 246 -51.88 46.96 16.21
CA ILE D 246 -52.86 45.98 15.72
C ILE D 246 -53.78 45.59 16.87
N ILE D 247 -55.10 45.65 16.64
CA ILE D 247 -56.08 45.06 17.53
C ILE D 247 -56.51 43.74 16.91
N TYR D 248 -56.27 42.64 17.61
CA TYR D 248 -56.38 41.29 17.08
C TYR D 248 -57.68 40.67 17.60
N THR D 249 -58.64 40.44 16.70
CA THR D 249 -59.99 40.08 17.11
C THR D 249 -60.47 38.82 16.41
N VAL D 250 -60.91 37.84 17.20
CA VAL D 250 -61.57 36.64 16.67
C VAL D 250 -63.02 36.61 17.16
N ARG D 251 -63.90 37.28 16.44
CA ARG D 251 -65.29 37.45 16.85
C ARG D 251 -66.07 36.16 16.61
N THR D 252 -66.72 35.63 17.65
CA THR D 252 -67.46 34.39 17.49
C THR D 252 -68.88 34.64 16.97
N MET D 253 -69.54 33.55 16.58
CA MET D 253 -70.87 33.64 15.97
C MET D 253 -71.90 34.19 16.95
N SER D 254 -71.78 33.87 18.24
CA SER D 254 -72.72 34.41 19.22
C SER D 254 -72.54 35.90 19.45
N GLN D 255 -71.51 36.51 18.86
CA GLN D 255 -71.27 37.95 18.95
C GLN D 255 -71.24 38.60 17.57
N GLY D 256 -71.90 37.99 16.60
CA GLY D 256 -72.03 38.56 15.28
C GLY D 256 -70.90 38.24 14.32
N GLY D 257 -69.90 37.47 14.75
CA GLY D 257 -68.79 37.09 13.92
C GLY D 257 -69.02 35.74 13.27
N LYS D 258 -67.94 35.14 12.80
CA LYS D 258 -68.04 33.88 12.09
C LYS D 258 -67.33 32.72 12.78
N PHE D 259 -66.55 32.97 13.83
CA PHE D 259 -65.88 31.87 14.50
C PHE D 259 -66.87 31.10 15.37
N PRO D 260 -66.92 29.77 15.27
CA PRO D 260 -67.90 29.02 16.07
C PRO D 260 -67.53 29.05 17.53
N ASP D 261 -68.55 29.26 18.38
CA ASP D 261 -68.33 29.40 19.82
C ASP D 261 -67.84 28.11 20.45
N GLU D 262 -68.20 26.95 19.88
CA GLU D 262 -67.85 25.67 20.47
C GLU D 262 -66.39 25.28 20.25
N ASN D 263 -65.70 25.92 19.29
CA ASN D 263 -64.31 25.57 19.00
C ASN D 263 -63.38 26.38 19.92
N VAL D 264 -63.41 26.01 21.20
CA VAL D 264 -62.76 26.81 22.23
C VAL D 264 -61.24 26.64 22.19
N ASP D 265 -60.78 25.40 21.97
CA ASP D 265 -59.33 25.17 21.90
C ASP D 265 -58.72 25.90 20.71
N GLU D 266 -59.41 25.89 19.57
CA GLU D 266 -58.90 26.59 18.38
C GLU D 266 -58.92 28.10 18.57
N LEU D 267 -59.95 28.62 19.26
CA LEU D 267 -59.96 30.04 19.57
C LEU D 267 -58.80 30.42 20.48
N LYS D 268 -58.61 29.65 21.56
CA LYS D 268 -57.50 29.91 22.47
C LYS D 268 -56.17 29.91 21.72
N SER D 269 -55.99 28.93 20.83
CA SER D 269 -54.76 28.86 20.04
C SER D 269 -54.57 30.10 19.18
N LEU D 270 -55.63 30.58 18.54
CA LEU D 270 -55.50 31.77 17.71
C LEU D 270 -55.16 33.00 18.55
N LEU D 271 -55.69 33.07 19.77
CA LEU D 271 -55.42 34.22 20.63
C LEU D 271 -53.99 34.18 21.15
N LEU D 272 -53.50 33.00 21.50
CA LEU D 272 -52.09 32.87 21.85
C LEU D 272 -51.19 33.17 20.67
N LEU D 273 -51.63 32.82 19.46
CA LEU D 273 -50.86 33.18 18.27
C LEU D 273 -50.69 34.70 18.17
N GLY D 274 -51.75 35.47 18.43
CA GLY D 274 -51.64 36.92 18.40
C GLY D 274 -50.61 37.45 19.37
N ILE D 275 -50.55 36.88 20.57
CA ILE D 275 -49.57 37.29 21.56
C ILE D 275 -48.15 36.93 21.11
N ARG D 276 -47.99 35.74 20.52
CA ARG D 276 -46.68 35.33 20.02
C ARG D 276 -46.21 36.23 18.90
N LEU D 277 -47.13 36.83 18.14
CA LEU D 277 -46.80 37.75 17.07
C LEU D 277 -46.71 39.19 17.54
N GLY D 278 -46.81 39.43 18.84
CA GLY D 278 -46.60 40.76 19.40
C GLY D 278 -47.62 41.81 18.99
N VAL D 279 -48.90 41.41 18.83
CA VAL D 279 -49.93 42.39 18.53
C VAL D 279 -50.10 43.33 19.72
N ALA D 280 -50.48 44.58 19.43
CA ALA D 280 -50.59 45.59 20.48
C ALA D 280 -51.77 45.30 21.41
N TYR D 281 -52.89 44.88 20.87
CA TYR D 281 -54.09 44.59 21.65
C TYR D 281 -54.67 43.26 21.23
N VAL D 282 -55.16 42.50 22.18
CA VAL D 282 -55.93 41.30 21.90
C VAL D 282 -57.34 41.51 22.44
N ASP D 283 -58.33 41.18 21.63
CA ASP D 283 -59.72 41.26 22.02
C ASP D 283 -60.13 39.97 22.69
N LEU D 284 -60.79 40.09 23.84
CA LEU D 284 -61.37 38.95 24.55
C LEU D 284 -62.86 39.20 24.76
N GLN D 285 -63.66 38.17 24.54
CA GLN D 285 -65.10 38.28 24.68
C GLN D 285 -65.50 37.97 26.13
N LEU D 286 -66.32 38.85 26.71
CA LEU D 286 -66.68 38.72 28.12
C LEU D 286 -67.56 37.51 28.39
N THR D 287 -68.23 36.99 27.37
CA THR D 287 -69.05 35.78 27.54
C THR D 287 -68.26 34.50 27.29
N ALA D 288 -66.97 34.59 26.93
CA ALA D 288 -66.18 33.40 26.70
C ALA D 288 -66.03 32.61 28.01
N PRO D 289 -65.73 31.32 27.92
CA PRO D 289 -65.46 30.55 29.14
C PRO D 289 -64.33 31.17 29.93
N ASN D 290 -64.52 31.28 31.25
CA ASN D 290 -63.61 32.08 32.05
C ASN D 290 -62.20 31.51 32.07
N GLU D 291 -62.07 30.19 31.96
CA GLU D 291 -60.73 29.58 31.91
C GLU D 291 -59.96 30.09 30.69
N LEU D 292 -60.66 30.32 29.58
CA LEU D 292 -60.01 30.88 28.40
C LEU D 292 -59.57 32.32 28.65
N ILE D 293 -60.45 33.13 29.24
CA ILE D 293 -60.13 34.53 29.52
C ILE D 293 -58.92 34.65 30.42
N GLU D 294 -58.88 33.84 31.48
CA GLU D 294 -57.80 33.94 32.45
C GLU D 294 -56.49 33.39 31.90
N GLU D 295 -56.56 32.33 31.09
CA GLU D 295 -55.34 31.83 30.46
C GLU D 295 -54.70 32.89 29.57
N ILE D 296 -55.49 33.51 28.69
CA ILE D 296 -54.95 34.56 27.82
C ILE D 296 -54.41 35.70 28.66
N SER D 297 -55.20 36.15 29.66
CA SER D 297 -54.81 37.28 30.49
C SER D 297 -53.49 37.03 31.22
N SER D 298 -53.21 35.78 31.58
CA SER D 298 -51.97 35.48 32.29
C SER D 298 -50.79 35.28 31.35
N LYS D 299 -51.04 35.08 30.06
CA LYS D 299 -49.99 34.92 29.07
C LYS D 299 -49.89 36.11 28.13
N LYS D 300 -50.62 37.21 28.39
CA LYS D 300 -50.63 38.34 27.48
C LYS D 300 -49.31 39.09 27.46
N GLY D 301 -48.52 38.98 28.51
CA GLY D 301 -47.27 39.73 28.58
C GLY D 301 -47.54 41.22 28.56
N PHE D 302 -47.00 41.89 27.56
CA PHE D 302 -47.19 43.32 27.41
C PHE D 302 -48.21 43.67 26.32
N THR D 303 -48.80 42.66 25.68
CA THR D 303 -49.98 42.90 24.86
C THR D 303 -51.15 43.31 25.75
N ARG D 304 -51.89 44.31 25.31
CA ARG D 304 -53.03 44.79 26.07
C ARG D 304 -54.31 44.05 25.68
N VAL D 305 -55.30 44.13 26.56
CA VAL D 305 -56.53 43.35 26.44
C VAL D 305 -57.71 44.32 26.33
N ILE D 306 -58.56 44.10 25.35
CA ILE D 306 -59.84 44.79 25.22
C ILE D 306 -60.92 43.76 25.52
N GLY D 307 -61.65 43.95 26.61
CA GLY D 307 -62.76 43.07 26.95
C GLY D 307 -64.06 43.58 26.33
N THR D 308 -64.70 42.76 25.50
CA THR D 308 -65.79 43.22 24.66
C THR D 308 -67.06 42.44 24.92
N TYR D 309 -68.19 43.16 24.96
CA TYR D 309 -69.49 42.53 24.94
C TYR D 309 -70.41 43.31 24.01
N GLN D 310 -71.15 42.60 23.18
CA GLN D 310 -72.06 43.20 22.21
C GLN D 310 -73.47 42.65 22.40
N ASP D 311 -74.45 43.55 22.51
CA ASP D 311 -75.86 43.19 22.60
C ASP D 311 -76.38 43.09 21.18
N ILE D 312 -76.26 41.90 20.60
CA ILE D 312 -76.51 41.73 19.17
C ILE D 312 -78.00 41.91 18.85
N ASN D 313 -78.87 41.26 19.62
CA ASN D 313 -80.31 41.41 19.41
C ASN D 313 -80.80 42.82 19.69
N GLY D 314 -80.07 43.58 20.50
CA GLY D 314 -80.34 45.00 20.65
C GLY D 314 -81.54 45.38 21.45
N GLU D 315 -81.97 44.53 22.39
CA GLU D 315 -83.13 44.83 23.23
C GLU D 315 -82.74 45.13 24.67
N LEU D 316 -81.44 45.22 24.97
CA LEU D 316 -81.00 45.75 26.26
C LEU D 316 -80.94 47.27 26.18
N LYS D 317 -81.55 47.93 27.15
CA LYS D 317 -81.39 49.37 27.29
C LYS D 317 -80.16 49.67 28.13
N TRP D 318 -79.63 50.88 27.97
CA TRP D 318 -78.35 51.18 28.60
C TRP D 318 -78.46 51.36 30.11
N ASN D 319 -79.67 51.36 30.67
CA ASN D 319 -79.83 51.33 32.12
C ASN D 319 -79.96 49.92 32.67
N ASN D 320 -79.96 48.91 31.80
CA ASN D 320 -80.09 47.52 32.24
C ASN D 320 -78.87 47.10 33.05
N VAL D 321 -79.11 46.37 34.14
CA VAL D 321 -78.06 45.95 35.05
C VAL D 321 -77.00 45.12 34.35
N GLU D 322 -77.35 44.47 33.24
CA GLU D 322 -76.40 43.59 32.57
C GLU D 322 -75.19 44.36 32.05
N TRP D 323 -75.40 45.60 31.58
CA TRP D 323 -74.28 46.42 31.15
C TRP D 323 -73.34 46.72 32.30
N LYS D 324 -73.90 46.99 33.48
CA LYS D 324 -73.08 47.23 34.67
C LYS D 324 -72.25 46.00 35.01
N ASN D 325 -72.87 44.82 35.00
CA ASN D 325 -72.14 43.60 35.29
C ASN D 325 -71.03 43.36 34.27
N LYS D 326 -71.30 43.63 33.00
CA LYS D 326 -70.29 43.42 31.97
C LYS D 326 -69.13 44.40 32.14
N TYR D 327 -69.43 45.67 32.45
CA TYR D 327 -68.38 46.63 32.70
C TYR D 327 -67.53 46.22 33.90
N ASN D 328 -68.18 45.80 34.98
CA ASN D 328 -67.44 45.40 36.17
C ASN D 328 -66.64 44.12 35.94
N GLN D 329 -67.12 43.24 35.07
CA GLN D 329 -66.32 42.08 34.69
C GLN D 329 -65.03 42.52 33.99
N GLY D 330 -65.13 43.52 33.11
CA GLY D 330 -63.94 44.05 32.49
C GLY D 330 -62.98 44.69 33.47
N VAL D 331 -63.52 45.33 34.51
CA VAL D 331 -62.66 45.88 35.56
C VAL D 331 -61.98 44.76 36.35
N SER D 332 -62.73 43.72 36.69
CA SER D 332 -62.20 42.68 37.57
C SER D 332 -61.10 41.88 36.88
N MET D 333 -61.26 41.61 35.58
CA MET D 333 -60.23 40.93 34.80
C MET D 333 -59.06 41.83 34.46
N ASN D 334 -59.09 43.09 34.91
CA ASN D 334 -58.01 44.06 34.67
C ASN D 334 -57.75 44.26 33.19
N ALA D 335 -58.82 44.36 32.41
CA ALA D 335 -58.66 44.65 31.00
C ALA D 335 -58.19 46.09 30.82
N ASP D 336 -57.37 46.31 29.80
CA ASP D 336 -56.85 47.65 29.55
C ASP D 336 -57.96 48.57 29.01
N ILE D 337 -58.86 48.04 28.20
CA ILE D 337 -60.00 48.78 27.69
C ILE D 337 -61.23 47.89 27.77
N VAL D 338 -62.38 48.49 28.13
CA VAL D 338 -63.67 47.80 28.06
C VAL D 338 -64.41 48.30 26.84
N ARG D 339 -65.06 47.37 26.11
CA ARG D 339 -65.79 47.71 24.90
C ARG D 339 -67.19 47.13 24.99
N LEU D 340 -68.20 48.00 24.92
CA LEU D 340 -69.60 47.61 25.03
C LEU D 340 -70.35 48.17 23.82
N VAL D 341 -71.05 47.30 23.10
CA VAL D 341 -71.70 47.65 21.85
C VAL D 341 -73.16 47.27 21.93
N GLY D 342 -74.05 48.25 21.77
CA GLY D 342 -75.47 48.02 21.70
C GLY D 342 -76.01 48.28 20.30
N LYS D 343 -77.33 48.15 20.18
CA LYS D 343 -78.04 48.47 18.96
C LYS D 343 -79.05 49.56 19.26
N ALA D 344 -78.98 50.67 18.53
CA ALA D 344 -79.91 51.76 18.75
C ALA D 344 -81.19 51.50 17.94
N ASN D 345 -82.33 51.59 18.63
CA ASN D 345 -83.63 51.59 17.98
C ASN D 345 -84.24 52.98 17.88
N SER D 346 -83.57 53.97 18.45
CA SER D 346 -83.99 55.36 18.40
C SER D 346 -82.78 56.22 18.75
N ILE D 347 -82.90 57.51 18.51
CA ILE D 347 -81.79 58.40 18.85
C ILE D 347 -81.62 58.48 20.36
N GLN D 348 -82.70 58.27 21.12
CA GLN D 348 -82.62 58.29 22.58
C GLN D 348 -81.68 57.23 23.11
N ASP D 349 -81.55 56.09 22.42
CA ASP D 349 -80.63 55.05 22.85
C ASP D 349 -79.21 55.59 23.00
N ASN D 350 -78.81 56.52 22.13
CA ASN D 350 -77.50 57.13 22.24
C ASN D 350 -77.40 58.02 23.47
N LEU D 351 -78.48 58.73 23.80
CA LEU D 351 -78.47 59.58 24.98
C LEU D 351 -78.39 58.76 26.26
N ASP D 352 -79.08 57.61 26.29
CA ASP D 352 -78.98 56.73 27.45
C ASP D 352 -77.55 56.22 27.65
N LEU D 353 -76.87 55.90 26.55
CA LEU D 353 -75.48 55.46 26.65
C LEU D 353 -74.59 56.55 27.23
N GLU D 354 -74.82 57.81 26.85
CA GLU D 354 -74.02 58.90 27.40
C GLU D 354 -74.22 59.03 28.91
N ASN D 355 -75.40 58.71 29.41
CA ASN D 355 -75.60 58.62 30.86
C ASN D 355 -74.78 57.49 31.47
N PHE D 356 -74.74 56.34 30.79
CA PHE D 356 -73.97 55.21 31.29
C PHE D 356 -72.47 55.51 31.30
N LYS D 357 -71.99 56.23 30.29
CA LYS D 357 -70.57 56.54 30.22
C LYS D 357 -70.12 57.38 31.41
N LYS D 358 -70.95 58.32 31.85
CA LYS D 358 -70.54 59.20 32.95
C LYS D 358 -70.49 58.48 34.29
N GLN D 359 -71.18 57.36 34.43
CA GLN D 359 -71.22 56.62 35.69
C GLN D 359 -70.20 55.49 35.76
N ASN D 360 -69.43 55.27 34.70
CA ASN D 360 -68.48 54.15 34.65
C ASN D 360 -67.19 54.65 34.01
N THR D 361 -66.21 55.02 34.85
CA THR D 361 -64.99 55.66 34.36
C THR D 361 -63.72 55.03 34.92
N LEU D 362 -63.80 53.88 35.58
CA LEU D 362 -62.59 53.26 36.13
C LEU D 362 -61.61 52.85 35.04
N LYS D 363 -62.10 52.54 33.85
CA LYS D 363 -61.24 52.07 32.77
C LYS D 363 -61.64 52.77 31.48
N PRO D 364 -60.72 52.88 30.53
CA PRO D 364 -61.09 53.39 29.19
C PRO D 364 -62.21 52.55 28.60
N LEU D 365 -63.17 53.22 27.98
CA LEU D 365 -64.40 52.58 27.52
C LEU D 365 -64.64 52.89 26.05
N ILE D 366 -64.77 51.86 25.24
CA ILE D 366 -65.29 51.96 23.87
C ILE D 366 -66.76 51.59 23.93
N ALA D 367 -67.64 52.53 23.62
CA ALA D 367 -69.07 52.26 23.71
C ALA D 367 -69.83 53.05 22.67
N PHE D 368 -70.66 52.36 21.91
CA PHE D 368 -71.47 52.99 20.87
C PHE D 368 -72.64 52.07 20.56
N ASN D 369 -73.58 52.59 19.77
CA ASN D 369 -74.71 51.80 19.28
C ASN D 369 -74.54 51.54 17.79
N LEU D 370 -74.85 50.31 17.38
CA LEU D 370 -74.86 49.98 15.97
C LEU D 370 -76.16 50.45 15.32
N GLY D 371 -76.13 50.55 14.00
CA GLY D 371 -77.31 50.89 13.23
C GLY D 371 -77.33 52.35 12.84
N SER D 372 -78.14 52.66 11.83
CA SER D 372 -78.21 54.03 11.31
C SER D 372 -78.66 55.02 12.38
N GLN D 373 -79.45 54.55 13.36
CA GLN D 373 -79.87 55.42 14.45
C GLN D 373 -78.86 55.50 15.58
N GLY D 374 -77.81 54.69 15.55
CA GLY D 374 -76.72 54.79 16.47
C GLY D 374 -75.60 55.72 16.03
N LYS D 375 -75.80 56.43 14.92
CA LYS D 375 -74.72 57.20 14.33
C LYS D 375 -74.18 58.25 15.30
N LEU D 376 -75.06 58.87 16.09
CA LEU D 376 -74.62 59.87 17.05
C LEU D 376 -73.65 59.28 18.07
N SER D 377 -73.91 58.05 18.53
CA SER D 377 -73.03 57.42 19.51
C SER D 377 -71.66 57.15 18.94
N GLN D 378 -71.58 56.74 17.67
CA GLN D 378 -70.28 56.49 17.07
C GLN D 378 -69.52 57.79 16.83
N VAL D 379 -70.23 58.86 16.48
CA VAL D 379 -69.60 60.16 16.33
C VAL D 379 -69.06 60.67 17.67
N LEU D 380 -69.77 60.39 18.77
CA LEU D 380 -69.37 60.91 20.07
C LEU D 380 -68.37 60.02 20.80
N ASN D 381 -68.20 58.77 20.36
CA ASN D 381 -67.30 57.86 21.05
C ASN D 381 -65.88 58.41 21.09
N GLY D 382 -65.20 58.20 22.21
CA GLY D 382 -63.91 58.83 22.45
C GLY D 382 -62.69 57.98 22.20
N THR D 383 -62.81 56.65 22.24
CA THR D 383 -61.65 55.76 22.15
C THR D 383 -61.86 54.74 21.04
N PHE D 384 -60.90 54.67 20.11
CA PHE D 384 -60.85 53.66 19.05
C PHE D 384 -62.21 53.49 18.37
N THR D 385 -62.76 54.60 17.90
CA THR D 385 -64.01 54.54 17.15
C THR D 385 -63.84 53.67 15.91
N PRO D 386 -64.62 52.62 15.73
CA PRO D 386 -64.49 51.79 14.53
C PRO D 386 -64.86 52.59 13.29
N ILE D 387 -63.97 52.56 12.29
CA ILE D 387 -64.25 53.18 11.01
C ILE D 387 -64.03 52.16 9.91
N SER D 388 -64.64 52.42 8.77
CA SER D 388 -64.52 51.53 7.63
C SER D 388 -63.95 52.29 6.44
N HIS D 389 -64.05 51.67 5.27
CA HIS D 389 -63.52 52.22 4.04
C HIS D 389 -64.33 51.63 2.89
N LYS D 390 -64.52 52.42 1.84
CA LYS D 390 -65.34 51.97 0.72
C LYS D 390 -64.80 50.70 0.06
N LEU D 391 -63.52 50.39 0.24
CA LEU D 391 -62.94 49.18 -0.35
C LEU D 391 -63.08 47.96 0.55
N LEU D 392 -63.62 48.12 1.75
CA LEU D 392 -63.75 47.01 2.68
C LEU D 392 -65.20 46.58 2.84
N PRO D 393 -65.45 45.29 3.05
CA PRO D 393 -66.77 44.88 3.56
C PRO D 393 -67.09 45.63 4.84
N ASN D 394 -68.34 46.04 4.97
CA ASN D 394 -68.77 46.90 6.07
C ASN D 394 -70.18 46.51 6.49
N ASP D 395 -70.35 45.25 6.92
CA ASP D 395 -71.67 44.76 7.31
C ASP D 395 -72.21 45.51 8.52
N GLU D 396 -71.33 45.85 9.46
CA GLU D 396 -71.76 46.61 10.63
C GLU D 396 -72.11 48.07 10.29
N GLY D 397 -71.77 48.55 9.10
CA GLY D 397 -72.14 49.89 8.69
C GLY D 397 -71.41 51.02 9.39
N PHE D 398 -70.12 50.86 9.67
CA PHE D 398 -69.35 51.92 10.30
C PHE D 398 -69.13 53.08 9.32
N LEU D 399 -68.77 54.23 9.88
CA LEU D 399 -68.51 55.41 9.07
C LEU D 399 -67.08 55.37 8.53
N THR D 400 -66.86 56.06 7.40
CA THR D 400 -65.51 56.35 6.98
C THR D 400 -64.93 57.48 7.81
N ILE D 401 -63.61 57.67 7.74
CA ILE D 401 -63.01 58.80 8.43
C ILE D 401 -63.58 60.11 7.92
N GLY D 402 -63.89 60.17 6.62
CA GLY D 402 -64.45 61.39 6.07
C GLY D 402 -65.85 61.66 6.58
N GLU D 403 -66.69 60.62 6.64
CA GLU D 403 -68.03 60.79 7.18
C GLU D 403 -67.99 61.12 8.67
N LEU D 404 -67.08 60.48 9.41
CA LEU D 404 -67.01 60.73 10.85
C LEU D 404 -66.61 62.16 11.14
N ASN D 405 -65.61 62.68 10.42
CA ASN D 405 -65.17 64.05 10.65
C ASN D 405 -66.15 65.07 10.09
N GLN D 406 -66.89 64.70 9.05
CA GLN D 406 -67.97 65.56 8.57
C GLN D 406 -69.00 65.81 9.66
N THR D 407 -69.53 64.74 10.24
CA THR D 407 -70.59 64.87 11.23
C THR D 407 -70.08 65.53 12.50
N TYR D 408 -68.85 65.24 12.91
CA TYR D 408 -68.30 65.93 14.07
C TYR D 408 -68.24 67.43 13.84
N PHE D 409 -67.78 67.85 12.66
CA PHE D 409 -67.84 69.27 12.31
C PHE D 409 -69.28 69.77 12.28
N ASP D 410 -70.20 68.94 11.78
CA ASP D 410 -71.59 69.36 11.62
C ASP D 410 -72.28 69.61 12.97
N ILE D 411 -71.79 69.01 14.06
CA ILE D 411 -72.34 69.27 15.38
C ILE D 411 -71.46 70.22 16.19
N GLY D 412 -70.49 70.86 15.55
CA GLY D 412 -69.63 71.80 16.23
C GLY D 412 -68.42 71.22 16.91
N GLY D 413 -68.14 69.93 16.72
CA GLY D 413 -66.96 69.34 17.35
C GLY D 413 -65.66 69.91 16.80
N PHE D 414 -65.62 70.15 15.50
CA PHE D 414 -64.53 70.87 14.86
C PHE D 414 -64.96 72.30 14.59
N THR D 415 -63.97 73.19 14.50
CA THR D 415 -64.20 74.58 14.11
C THR D 415 -63.30 74.91 12.93
N ALA D 416 -63.72 75.88 12.12
CA ALA D 416 -62.97 76.29 10.94
C ALA D 416 -61.70 77.03 11.38
N LYS D 417 -60.71 76.27 11.84
CA LYS D 417 -59.49 76.87 12.33
C LYS D 417 -58.57 77.25 11.17
N LYS D 418 -57.75 78.27 11.40
CA LYS D 418 -56.80 78.77 10.42
C LYS D 418 -55.37 78.53 10.91
N PHE D 419 -54.53 78.00 10.03
CA PHE D 419 -53.13 77.77 10.31
C PHE D 419 -52.29 78.54 9.29
N TRP D 420 -51.09 78.95 9.71
CA TRP D 420 -50.28 79.82 8.89
C TRP D 420 -48.81 79.47 9.00
N VAL D 421 -48.09 79.67 7.90
CA VAL D 421 -46.62 79.68 7.90
C VAL D 421 -46.19 81.14 7.83
N ILE D 422 -45.28 81.53 8.72
CA ILE D 422 -44.86 82.92 8.84
C ILE D 422 -43.36 83.02 8.66
N GLY D 423 -42.92 84.17 8.19
CA GLY D 423 -41.51 84.42 7.92
C GLY D 423 -41.38 85.37 6.76
N SER D 424 -40.14 85.51 6.28
CA SER D 424 -39.86 86.35 5.12
C SER D 424 -38.54 85.93 4.49
N PRO D 425 -38.55 85.50 3.22
CA PRO D 425 -39.72 85.40 2.35
C PRO D 425 -40.61 84.22 2.70
N ILE D 426 -41.78 84.13 2.06
CA ILE D 426 -42.78 83.13 2.38
C ILE D 426 -43.51 82.69 1.11
N GLU D 427 -43.24 83.39 0.00
CA GLU D 427 -43.98 83.13 -1.23
C GLU D 427 -43.71 81.74 -1.78
N HIS D 428 -42.53 81.19 -1.52
CA HIS D 428 -42.16 79.87 -2.04
C HIS D 428 -42.33 78.77 -1.02
N SER D 429 -42.96 79.04 0.11
CA SER D 429 -43.16 78.02 1.12
C SER D 429 -44.03 76.90 0.59
N ARG D 430 -43.62 75.66 0.84
CA ARG D 430 -44.40 74.50 0.46
C ARG D 430 -45.29 73.98 1.59
N SER D 431 -45.24 74.62 2.76
CA SER D 431 -46.08 74.17 3.88
C SER D 431 -47.57 74.20 3.56
N PRO D 432 -48.13 75.22 2.91
CA PRO D 432 -49.58 75.18 2.62
C PRO D 432 -50.00 73.96 1.81
N ASN D 433 -49.24 73.59 0.78
CA ASN D 433 -49.61 72.44 -0.03
C ASN D 433 -49.62 71.16 0.80
N LEU D 434 -48.63 70.99 1.67
CA LEU D 434 -48.57 69.80 2.52
C LEU D 434 -49.78 69.73 3.44
N HIS D 435 -50.02 70.81 4.21
CA HIS D 435 -51.05 70.75 5.24
C HIS D 435 -52.45 70.76 4.64
N ASN D 436 -52.66 71.54 3.58
CA ASN D 436 -53.98 71.53 2.96
C ASN D 436 -54.29 70.17 2.34
N ALA D 437 -53.27 69.48 1.82
CA ALA D 437 -53.50 68.13 1.32
C ALA D 437 -53.87 67.17 2.44
N GLY D 438 -53.31 67.37 3.62
CA GLY D 438 -53.68 66.53 4.76
C GLY D 438 -55.09 66.78 5.24
N TYR D 439 -55.50 68.05 5.28
CA TYR D 439 -56.88 68.36 5.69
C TYR D 439 -57.88 67.72 4.75
N LYS D 440 -57.62 67.80 3.44
CA LYS D 440 -58.54 67.26 2.46
C LYS D 440 -58.70 65.76 2.61
N ALA D 441 -57.60 65.04 2.86
CA ALA D 441 -57.69 63.59 2.96
C ALA D 441 -58.45 63.16 4.22
N LEU D 442 -58.34 63.93 5.28
CA LEU D 442 -59.02 63.64 6.54
C LEU D 442 -60.38 64.34 6.67
N ASN D 443 -60.81 65.11 5.66
CA ASN D 443 -62.04 65.89 5.71
C ASN D 443 -62.10 66.77 6.96
N LEU D 444 -60.99 67.46 7.23
CA LEU D 444 -60.93 68.42 8.31
C LEU D 444 -61.26 69.82 7.81
N PRO D 445 -61.99 70.62 8.59
CA PRO D 445 -62.43 71.94 8.10
C PRO D 445 -61.38 73.02 8.32
N TYR D 446 -60.12 72.68 8.09
CA TYR D 446 -59.01 73.59 8.34
C TYR D 446 -58.47 74.15 7.04
N GLN D 447 -57.74 75.27 7.15
CA GLN D 447 -57.06 75.88 6.02
C GLN D 447 -55.68 76.34 6.47
N PHE D 448 -54.71 76.19 5.58
CA PHE D 448 -53.33 76.61 5.84
C PHE D 448 -52.96 77.69 4.84
N GLY D 449 -52.48 78.83 5.35
CA GLY D 449 -52.08 79.95 4.52
C GLY D 449 -50.69 80.43 4.86
N ARG D 450 -50.26 81.46 4.13
CA ARG D 450 -48.97 82.08 4.34
C ARG D 450 -49.15 83.55 4.68
N PHE D 451 -48.27 84.07 5.54
CA PHE D 451 -48.34 85.45 6.00
C PHE D 451 -46.91 85.99 6.14
N GLU D 452 -46.47 86.73 5.13
CA GLU D 452 -45.13 87.30 5.18
C GLU D 452 -45.06 88.38 6.25
N ALA D 453 -44.07 88.26 7.14
CA ALA D 453 -43.93 89.22 8.23
C ALA D 453 -42.51 89.18 8.76
N THR D 454 -42.05 90.32 9.26
CA THR D 454 -40.74 90.40 9.91
C THR D 454 -40.81 90.77 11.38
N ASP D 455 -42.00 91.10 11.91
CA ASP D 455 -42.16 91.40 13.33
C ASP D 455 -43.29 90.55 13.89
N VAL D 456 -42.99 89.80 14.96
CA VAL D 456 -43.96 88.87 15.51
C VAL D 456 -45.17 89.57 16.12
N ASP D 457 -45.04 90.85 16.48
CA ASP D 457 -46.19 91.58 17.00
C ASP D 457 -47.23 91.81 15.91
N VAL D 458 -46.80 91.94 14.65
CA VAL D 458 -47.75 91.98 13.56
C VAL D 458 -48.44 90.63 13.40
N VAL D 459 -47.73 89.54 13.66
CA VAL D 459 -48.33 88.23 13.58
C VAL D 459 -49.35 88.04 14.69
N TYR D 460 -49.06 88.54 15.90
CA TYR D 460 -49.97 88.36 17.02
C TYR D 460 -51.28 89.12 16.79
N ASP D 461 -51.19 90.32 16.21
CA ASP D 461 -52.40 91.12 16.02
C ASP D 461 -53.26 90.58 14.89
N ASN D 462 -52.66 89.98 13.86
CA ASN D 462 -53.41 89.54 12.69
C ASN D 462 -53.78 88.06 12.71
N LEU D 463 -52.95 87.20 13.30
CA LEU D 463 -53.15 85.75 13.22
C LEU D 463 -53.42 85.11 14.57
N ILE D 464 -52.55 85.33 15.56
CA ILE D 464 -52.64 84.58 16.80
C ILE D 464 -53.86 85.01 17.62
N ASN D 465 -54.00 86.31 17.89
CA ASN D 465 -55.10 86.82 18.71
C ASN D 465 -56.37 86.98 17.88
N LYS D 466 -56.85 85.85 17.36
CA LYS D 466 -58.09 85.77 16.61
C LYS D 466 -58.86 84.55 17.10
N PRO D 467 -60.19 84.59 17.04
CA PRO D 467 -60.99 83.48 17.62
C PRO D 467 -60.81 82.15 16.90
N ASP D 468 -60.41 82.15 15.63
CA ASP D 468 -60.27 80.91 14.87
C ASP D 468 -58.80 80.54 14.62
N PHE D 469 -57.88 81.03 15.45
CA PHE D 469 -56.48 80.70 15.29
C PHE D 469 -56.22 79.24 15.65
N GLY D 470 -55.58 78.52 14.74
CA GLY D 470 -55.28 77.12 14.95
C GLY D 470 -53.84 76.83 15.33
N GLY D 471 -52.90 77.48 14.64
CA GLY D 471 -51.49 77.20 14.87
C GLY D 471 -50.62 77.92 13.87
N LEU D 472 -49.32 77.79 14.10
CA LEU D 472 -48.32 78.51 13.30
C LEU D 472 -47.20 77.57 12.92
N ALA D 473 -46.82 77.62 11.65
CA ALA D 473 -45.49 77.18 11.21
C ALA D 473 -44.62 78.42 11.07
N ILE D 474 -43.41 78.36 11.62
CA ILE D 474 -42.53 79.52 11.69
C ILE D 474 -41.23 79.20 10.99
N THR D 475 -40.81 80.10 10.09
CA THR D 475 -39.53 79.95 9.41
C THR D 475 -38.71 81.22 9.57
N MET D 476 -37.58 81.31 8.87
CA MET D 476 -36.71 82.47 9.01
C MET D 476 -37.45 83.75 8.62
N PRO D 477 -37.18 84.88 9.30
CA PRO D 477 -36.26 84.96 10.44
C PRO D 477 -36.99 85.12 11.77
N LEU D 478 -38.06 84.36 11.99
CA LEU D 478 -38.92 84.54 13.16
C LEU D 478 -38.83 83.40 14.15
N LYS D 479 -37.90 82.46 13.96
CA LYS D 479 -37.89 81.24 14.76
C LYS D 479 -37.55 81.50 16.22
N LEU D 480 -36.78 82.56 16.50
CA LEU D 480 -36.44 82.93 17.87
C LEU D 480 -37.34 84.03 18.42
N ASP D 481 -37.71 85.01 17.60
CA ASP D 481 -38.58 86.08 18.06
C ASP D 481 -39.97 85.58 18.41
N ILE D 482 -40.40 84.44 17.85
CA ILE D 482 -41.71 83.90 18.18
C ILE D 482 -41.74 83.24 19.55
N MET D 483 -40.58 82.91 20.11
CA MET D 483 -40.53 82.24 21.41
C MET D 483 -41.03 83.11 22.54
N LYS D 484 -41.16 84.41 22.33
CA LYS D 484 -41.65 85.30 23.38
C LYS D 484 -43.13 85.09 23.65
N PHE D 485 -43.87 84.52 22.72
CA PHE D 485 -45.28 84.24 22.92
C PHE D 485 -45.54 82.85 23.49
N ALA D 486 -44.50 82.02 23.62
CA ALA D 486 -44.67 80.67 24.13
C ALA D 486 -44.65 80.68 25.64
N THR D 487 -45.77 80.29 26.25
CA THR D 487 -45.85 80.12 27.70
C THR D 487 -45.36 78.75 28.16
N LYS D 488 -45.27 77.79 27.24
CA LYS D 488 -44.72 76.46 27.54
C LYS D 488 -43.82 76.08 26.38
N LEU D 489 -42.54 75.87 26.67
CA LEU D 489 -41.55 75.54 25.66
C LEU D 489 -41.19 74.06 25.74
N SER D 490 -41.13 73.41 24.59
CA SER D 490 -40.63 72.05 24.55
C SER D 490 -39.14 72.01 24.90
N ASP D 491 -38.69 70.85 25.37
CA ASP D 491 -37.28 70.72 25.75
C ASP D 491 -36.37 70.96 24.57
N ALA D 492 -36.76 70.47 23.38
CA ALA D 492 -35.95 70.70 22.19
C ALA D 492 -35.93 72.17 21.82
N ALA D 493 -37.06 72.87 21.97
CA ALA D 493 -37.09 74.29 21.65
C ALA D 493 -36.17 75.09 22.56
N GLU D 494 -36.03 74.65 23.82
CA GLU D 494 -35.12 75.35 24.73
C GLU D 494 -33.67 75.11 24.34
N THR D 495 -33.32 73.86 24.04
CA THR D 495 -31.93 73.52 23.76
C THR D 495 -31.48 74.07 22.41
N ILE D 496 -32.27 73.84 21.36
CA ILE D 496 -31.94 74.40 20.06
C ILE D 496 -32.02 75.93 20.12
N GLY D 497 -32.93 76.47 20.91
CA GLY D 497 -33.09 77.91 20.98
C GLY D 497 -33.89 78.49 19.85
N ALA D 498 -34.84 77.73 19.30
CA ALA D 498 -35.67 78.21 18.20
C ALA D 498 -36.98 77.43 18.22
N VAL D 499 -38.05 78.11 17.79
CA VAL D 499 -39.38 77.51 17.73
C VAL D 499 -39.87 77.60 16.29
N ASN D 500 -40.30 76.46 15.75
CA ASN D 500 -40.88 76.45 14.40
C ASN D 500 -42.35 76.05 14.41
N THR D 501 -42.94 75.77 15.57
CA THR D 501 -44.34 75.40 15.69
C THR D 501 -44.92 76.04 16.94
N LEU D 502 -46.09 76.66 16.79
CA LEU D 502 -46.75 77.35 17.90
C LEU D 502 -48.25 77.04 17.83
N ILE D 503 -48.77 76.44 18.89
CA ILE D 503 -50.19 76.10 18.96
C ILE D 503 -50.78 76.64 20.26
N PRO D 504 -52.07 76.97 20.29
CA PRO D 504 -52.68 77.39 21.55
C PRO D 504 -52.94 76.22 22.47
N ILE D 505 -52.83 76.48 23.76
CA ILE D 505 -53.12 75.51 24.80
C ILE D 505 -53.89 76.21 25.91
N GLU D 506 -54.32 75.44 26.91
CA GLU D 506 -55.00 76.02 28.05
C GLU D 506 -54.01 76.88 28.82
N GLY D 507 -54.28 78.19 28.87
CA GLY D 507 -53.42 79.10 29.59
C GLY D 507 -52.32 79.75 28.77
N GLY D 508 -52.31 79.56 27.46
CA GLY D 508 -51.29 80.18 26.64
C GLY D 508 -50.99 79.45 25.33
N TYR D 509 -49.71 79.36 24.99
CA TYR D 509 -49.30 78.75 23.73
C TYR D 509 -48.10 77.84 23.97
N PHE D 510 -48.08 76.72 23.26
CA PHE D 510 -46.98 75.76 23.31
C PHE D 510 -46.10 75.96 22.10
N GLY D 511 -44.81 76.18 22.33
CA GLY D 511 -43.83 76.33 21.26
C GLY D 511 -42.89 75.14 21.22
N ASP D 512 -42.76 74.54 20.04
CA ASP D 512 -41.99 73.33 19.84
C ASP D 512 -41.06 73.50 18.65
N ASN D 513 -40.08 72.60 18.53
CA ASN D 513 -39.19 72.53 17.40
C ASN D 513 -39.34 71.16 16.74
N THR D 514 -39.82 71.14 15.50
CA THR D 514 -39.96 69.91 14.73
C THR D 514 -38.87 69.74 13.69
N ASP D 515 -37.95 70.70 13.56
CA ASP D 515 -36.84 70.56 12.63
C ASP D 515 -36.01 69.31 12.94
N TRP D 516 -35.79 69.03 14.23
CA TRP D 516 -34.98 67.88 14.60
C TRP D 516 -35.74 66.58 14.40
N VAL D 517 -37.07 66.61 14.57
CA VAL D 517 -37.89 65.43 14.30
C VAL D 517 -37.86 65.09 12.81
N GLY D 518 -37.86 66.12 11.95
CA GLY D 518 -37.73 65.86 10.53
C GLY D 518 -36.39 65.21 10.19
N ILE D 519 -35.34 65.63 10.88
CA ILE D 519 -34.02 65.03 10.66
C ILE D 519 -34.02 63.58 11.16
N SER D 520 -34.50 63.37 12.39
CA SER D 520 -34.44 62.04 12.98
C SER D 520 -35.28 61.04 12.18
N ASN D 521 -36.51 61.43 11.82
CA ASN D 521 -37.38 60.53 11.07
C ASN D 521 -36.90 60.32 9.64
N SER D 522 -36.18 61.30 9.07
CA SER D 522 -35.56 61.07 7.77
C SER D 522 -34.56 59.92 7.84
N PHE D 523 -33.78 59.86 8.92
CA PHE D 523 -32.85 58.75 9.09
C PHE D 523 -33.59 57.43 9.28
N ILE D 524 -34.58 57.43 10.17
CA ILE D 524 -35.33 56.20 10.48
C ILE D 524 -36.02 55.68 9.22
N ARG D 525 -36.70 56.55 8.50
CA ARG D 525 -37.40 56.13 7.28
C ARG D 525 -36.44 55.60 6.23
N ALA D 526 -35.14 55.87 6.36
CA ALA D 526 -34.14 55.36 5.45
C ALA D 526 -33.49 54.08 5.93
N GLY D 527 -33.97 53.49 7.03
CA GLY D 527 -33.48 52.22 7.51
C GLY D 527 -32.59 52.29 8.74
N VAL D 528 -32.27 53.48 9.24
CA VAL D 528 -31.49 53.62 10.45
C VAL D 528 -32.39 53.31 11.65
N PRO D 529 -31.93 52.53 12.63
CA PRO D 529 -32.75 52.26 13.80
C PRO D 529 -33.00 53.52 14.60
N PRO D 530 -34.19 53.68 15.18
CA PRO D 530 -34.50 54.92 15.91
C PRO D 530 -33.57 55.18 17.10
N LYS D 531 -32.93 54.16 17.64
CA LYS D 531 -31.89 54.32 18.64
C LYS D 531 -30.66 53.55 18.17
N LEU D 532 -29.48 54.07 18.52
CA LEU D 532 -28.23 53.42 18.16
C LEU D 532 -27.16 53.82 19.17
N SER D 533 -25.99 53.20 19.05
CA SER D 533 -24.85 53.56 19.88
C SER D 533 -23.62 53.88 19.03
N SER D 534 -23.80 54.13 17.73
CA SER D 534 -22.73 54.60 16.87
C SER D 534 -22.57 56.11 17.04
N ASN D 535 -21.72 56.72 16.24
CA ASN D 535 -21.47 58.15 16.31
C ASN D 535 -21.99 58.86 15.06
N GLY D 536 -22.07 60.19 15.15
CA GLY D 536 -22.57 61.00 14.05
C GLY D 536 -21.60 62.13 13.73
N LEU D 537 -21.86 62.77 12.59
CA LEU D 537 -21.05 63.90 12.13
C LEU D 537 -21.96 64.96 11.53
N VAL D 538 -21.75 66.21 11.93
CA VAL D 538 -22.45 67.35 11.37
C VAL D 538 -21.43 68.20 10.63
N VAL D 539 -21.65 68.39 9.32
CA VAL D 539 -20.76 69.18 8.48
C VAL D 539 -21.42 70.54 8.25
N GLY D 540 -20.76 71.60 8.68
CA GLY D 540 -21.21 72.95 8.42
C GLY D 540 -21.91 73.57 9.61
N THR D 541 -22.22 74.86 9.46
CA THR D 541 -22.86 75.65 10.49
C THR D 541 -24.15 76.30 9.98
N GLY D 542 -24.84 75.62 9.07
CA GLY D 542 -26.06 76.15 8.51
C GLY D 542 -27.17 76.28 9.55
N GLY D 543 -28.35 76.64 9.06
CA GLY D 543 -29.48 76.87 9.94
C GLY D 543 -30.05 75.62 10.56
N THR D 544 -29.72 74.45 10.01
CA THR D 544 -30.19 73.18 10.53
C THR D 544 -29.15 72.49 11.40
N SER D 545 -27.95 73.06 11.53
CA SER D 545 -26.89 72.39 12.28
C SER D 545 -27.28 72.17 13.73
N ARG D 546 -27.91 73.17 14.36
CA ARG D 546 -28.32 73.02 15.74
C ARG D 546 -29.34 71.91 15.90
N ALA D 547 -30.33 71.86 15.01
CA ALA D 547 -31.31 70.77 15.06
C ALA D 547 -30.68 69.44 14.67
N ALA D 548 -29.68 69.46 13.80
CA ALA D 548 -28.98 68.23 13.45
C ALA D 548 -28.28 67.64 14.67
N ILE D 549 -27.60 68.48 15.46
CA ILE D 549 -26.93 68.00 16.65
C ILE D 549 -27.95 67.46 17.65
N TYR D 550 -29.07 68.19 17.82
CA TYR D 550 -30.07 67.76 18.79
C TYR D 550 -30.65 66.40 18.39
N ALA D 551 -30.87 66.18 17.10
CA ALA D 551 -31.43 64.91 16.66
C ALA D 551 -30.44 63.76 16.85
N LEU D 552 -29.16 63.98 16.54
CA LEU D 552 -28.18 62.92 16.70
C LEU D 552 -28.02 62.48 18.14
N HIS D 553 -28.16 63.43 19.08
CA HIS D 553 -28.11 63.06 20.49
C HIS D 553 -29.39 62.34 20.94
N GLN D 554 -30.53 62.69 20.35
CA GLN D 554 -31.77 61.99 20.69
C GLN D 554 -31.74 60.55 20.19
N MET D 555 -31.11 60.32 19.04
CA MET D 555 -30.99 58.97 18.51
C MET D 555 -29.96 58.13 19.25
N GLY D 556 -29.19 58.73 20.15
CA GLY D 556 -28.25 57.99 20.98
C GLY D 556 -26.82 57.97 20.50
N CYS D 557 -26.40 58.93 19.69
CA CYS D 557 -25.00 58.99 19.27
C CYS D 557 -24.12 59.28 20.48
N ALA D 558 -23.16 58.38 20.75
CA ALA D 558 -22.26 58.58 21.88
C ALA D 558 -21.39 59.82 21.70
N LYS D 559 -21.01 60.12 20.47
CA LYS D 559 -20.18 61.27 20.15
C LYS D 559 -20.67 61.88 18.85
N ILE D 560 -20.61 63.21 18.75
CA ILE D 560 -21.02 63.93 17.56
C ILE D 560 -19.82 64.74 17.10
N TYR D 561 -19.22 64.34 15.98
CA TYR D 561 -18.08 65.05 15.43
C TYR D 561 -18.54 66.25 14.62
N LEU D 562 -17.69 67.27 14.56
CA LEU D 562 -18.00 68.51 13.87
C LEU D 562 -16.91 68.83 12.87
N VAL D 563 -17.32 69.17 11.64
CA VAL D 563 -16.38 69.51 10.57
C VAL D 563 -16.86 70.81 9.92
N ASN D 564 -15.96 71.78 9.82
CA ASN D 564 -16.22 73.04 9.16
C ASN D 564 -14.90 73.76 8.94
N ARG D 565 -14.90 74.72 8.02
CA ARG D 565 -13.67 75.45 7.71
C ARG D 565 -13.17 76.27 8.90
N THR D 566 -14.06 76.97 9.57
CA THR D 566 -13.71 77.84 10.69
C THR D 566 -13.90 77.09 12.01
N ALA D 567 -12.88 77.13 12.86
CA ALA D 567 -12.98 76.47 14.17
C ALA D 567 -13.69 77.34 15.20
N ALA D 568 -13.63 78.66 15.05
CA ALA D 568 -14.26 79.55 16.03
C ALA D 568 -15.76 79.36 16.06
N LYS D 569 -16.38 79.14 14.91
CA LYS D 569 -17.81 78.85 14.88
C LYS D 569 -18.11 77.52 15.55
N LEU D 570 -17.19 76.57 15.46
CA LEU D 570 -17.42 75.26 16.07
C LEU D 570 -17.16 75.28 17.57
N GLU D 571 -16.21 76.11 18.03
CA GLU D 571 -15.94 76.22 19.45
C GLU D 571 -17.15 76.75 20.21
N GLU D 572 -17.90 77.66 19.59
CA GLU D 572 -19.10 78.18 20.23
C GLU D 572 -20.22 77.16 20.24
N LEU D 573 -20.25 76.26 19.26
CA LEU D 573 -21.26 75.21 19.24
C LEU D 573 -21.10 74.28 20.45
N VAL D 574 -19.86 73.98 20.81
CA VAL D 574 -19.62 73.02 21.90
C VAL D 574 -20.16 73.57 23.22
N LYS D 575 -19.90 74.84 23.51
CA LYS D 575 -20.37 75.42 24.75
C LYS D 575 -21.85 75.79 24.73
N SER D 576 -22.49 75.77 23.57
CA SER D 576 -23.90 76.10 23.46
C SER D 576 -24.81 74.88 23.64
N PHE D 577 -24.24 73.69 23.77
CA PHE D 577 -24.96 72.47 24.06
C PHE D 577 -24.44 71.87 25.35
N PRO D 578 -25.24 71.06 26.05
CA PRO D 578 -24.75 70.42 27.28
C PRO D 578 -23.52 69.57 27.01
N LYS D 579 -22.68 69.43 28.04
CA LYS D 579 -21.42 68.74 27.87
C LYS D 579 -21.61 67.27 27.51
N ASP D 580 -22.64 66.63 28.06
CA ASP D 580 -22.85 65.21 27.80
C ASP D 580 -23.27 64.92 26.36
N TYR D 581 -23.50 65.96 25.54
CA TYR D 581 -23.68 65.75 24.12
C TYR D 581 -22.42 65.25 23.44
N ASN D 582 -21.26 65.47 24.07
CA ASN D 582 -19.97 64.92 23.61
C ASN D 582 -19.63 65.39 22.19
N LEU D 583 -19.73 66.70 21.98
CA LEU D 583 -19.32 67.27 20.70
C LEU D 583 -17.80 67.32 20.62
N GLU D 584 -17.25 66.89 19.50
CA GLU D 584 -15.80 66.91 19.30
C GLU D 584 -15.49 67.54 17.94
N ILE D 585 -14.57 68.48 17.92
CA ILE D 585 -14.18 69.20 16.71
C ILE D 585 -13.13 68.39 15.98
N VAL D 586 -13.40 68.07 14.72
CA VAL D 586 -12.43 67.38 13.86
C VAL D 586 -11.50 68.45 13.30
N GLU D 587 -10.28 68.54 13.87
CA GLU D 587 -9.35 69.61 13.54
C GLU D 587 -8.49 69.30 12.32
N THR D 588 -8.00 68.07 12.21
CA THR D 588 -7.04 67.70 11.18
C THR D 588 -7.57 66.54 10.34
N GLU D 589 -6.84 66.24 9.27
CA GLU D 589 -7.16 65.09 8.42
C GLU D 589 -6.96 63.78 9.17
N GLN D 590 -5.97 63.71 10.05
CA GLN D 590 -5.76 62.50 10.84
C GLN D 590 -6.88 62.31 11.86
N GLN D 591 -7.30 63.40 12.52
CA GLN D 591 -8.45 63.33 13.41
C GLN D 591 -9.68 62.82 12.68
N ALA D 592 -9.82 63.17 11.40
CA ALA D 592 -10.95 62.68 10.62
C ALA D 592 -10.85 61.17 10.39
N ASP D 593 -9.63 60.69 10.08
CA ASP D 593 -9.46 59.27 9.83
C ASP D 593 -9.61 58.44 11.11
N LYS D 594 -9.38 59.03 12.28
CA LYS D 594 -9.53 58.32 13.55
C LYS D 594 -10.89 58.50 14.19
N ALA D 595 -11.77 59.32 13.60
CA ALA D 595 -13.12 59.46 14.12
C ALA D 595 -13.84 58.12 14.10
N SER D 596 -14.45 57.76 15.23
CA SER D 596 -14.86 56.39 15.50
C SER D 596 -16.35 56.19 15.24
N LYS D 597 -16.68 55.11 14.53
CA LYS D 597 -18.05 54.60 14.42
C LYS D 597 -19.00 55.63 13.84
N VAL D 598 -18.52 56.41 12.88
CA VAL D 598 -19.35 57.44 12.25
C VAL D 598 -20.18 56.79 11.16
N LEU D 599 -21.49 56.68 11.38
CA LEU D 599 -22.40 56.10 10.41
C LEU D 599 -23.53 57.03 10.00
N LEU D 600 -23.69 58.17 10.67
CA LEU D 600 -24.70 59.17 10.33
C LEU D 600 -23.99 60.48 10.04
N VAL D 601 -24.32 61.09 8.91
CA VAL D 601 -23.82 62.41 8.56
C VAL D 601 -25.00 63.32 8.19
N VAL D 602 -24.99 64.54 8.70
CA VAL D 602 -25.91 65.58 8.27
C VAL D 602 -25.09 66.69 7.65
N SER D 603 -25.29 66.92 6.35
CA SER D 603 -24.60 67.99 5.64
C SER D 603 -25.37 69.30 5.80
N CYS D 604 -24.74 70.27 6.46
CA CYS D 604 -25.33 71.59 6.64
C CYS D 604 -24.50 72.69 5.99
N ILE D 605 -23.70 72.35 4.99
CA ILE D 605 -22.89 73.32 4.26
C ILE D 605 -23.66 73.83 3.05
N PRO D 606 -23.33 75.01 2.52
CA PRO D 606 -23.97 75.46 1.28
C PRO D 606 -23.65 74.49 0.13
N ALA D 607 -24.70 74.11 -0.59
CA ALA D 607 -24.56 73.25 -1.75
C ALA D 607 -24.38 74.04 -3.05
N ASP D 608 -24.11 75.35 -2.96
CA ASP D 608 -23.86 76.17 -4.13
C ASP D 608 -22.55 75.76 -4.81
N LYS D 609 -21.43 76.02 -4.14
CA LYS D 609 -20.11 75.68 -4.65
C LYS D 609 -19.75 74.25 -4.28
N PRO D 610 -18.80 73.65 -5.00
CA PRO D 610 -18.34 72.31 -4.62
C PRO D 610 -17.54 72.32 -3.34
N LEU D 611 -17.42 71.14 -2.73
CA LEU D 611 -16.54 70.97 -1.59
C LEU D 611 -15.10 71.11 -2.02
N ASP D 612 -14.27 71.72 -1.17
CA ASP D 612 -12.85 71.87 -1.48
C ASP D 612 -12.08 71.99 -0.18
N GLY D 613 -10.75 72.03 -0.32
CA GLY D 613 -9.86 72.31 0.77
C GLY D 613 -9.80 71.20 1.80
N GLU D 614 -9.31 71.56 2.97
CA GLU D 614 -9.14 70.59 4.07
C GLU D 614 -10.47 70.02 4.54
N VAL D 615 -11.58 70.74 4.32
CA VAL D 615 -12.88 70.23 4.74
C VAL D 615 -13.27 69.01 3.92
N LEU D 616 -12.98 69.03 2.62
CA LEU D 616 -13.29 67.88 1.77
C LEU D 616 -12.41 66.68 2.14
N LYS D 617 -11.14 66.93 2.47
CA LYS D 617 -10.25 65.84 2.83
C LYS D 617 -10.65 65.18 4.14
N LYS D 618 -11.20 65.95 5.09
CA LYS D 618 -11.73 65.34 6.30
C LYS D 618 -12.94 64.48 5.99
N ILE D 619 -13.85 64.97 5.14
CA ILE D 619 -15.06 64.23 4.81
C ILE D 619 -14.72 62.94 4.09
N GLU D 620 -13.71 62.99 3.20
CA GLU D 620 -13.34 61.80 2.44
C GLU D 620 -12.91 60.66 3.36
N ARG D 621 -12.12 60.96 4.39
CA ARG D 621 -11.66 59.92 5.30
C ARG D 621 -12.81 59.38 6.15
N ILE D 622 -13.76 60.24 6.54
CA ILE D 622 -14.89 59.77 7.34
C ILE D 622 -15.81 58.90 6.50
N LEU D 623 -16.08 59.32 5.25
CA LEU D 623 -16.90 58.50 4.37
C LEU D 623 -16.23 57.16 4.07
N SER D 624 -14.91 57.18 3.86
CA SER D 624 -14.18 55.97 3.56
C SER D 624 -14.18 54.96 4.71
N ASN D 625 -14.41 55.43 5.95
CA ASN D 625 -14.36 54.57 7.13
C ASN D 625 -15.71 53.99 7.52
N GLY D 626 -16.80 54.40 6.88
CA GLY D 626 -18.08 53.79 7.13
C GLY D 626 -18.35 52.53 6.35
N SER D 627 -17.39 52.08 5.55
CA SER D 627 -17.62 50.99 4.61
C SER D 627 -17.93 49.69 5.34
N GLU D 628 -17.15 49.36 6.36
CA GLU D 628 -17.35 48.11 7.10
C GLU D 628 -17.33 48.42 8.60
N GLN D 629 -18.52 48.54 9.18
CA GLN D 629 -18.68 48.63 10.63
C GLN D 629 -19.68 47.63 11.18
N SER D 630 -20.39 46.90 10.32
CA SER D 630 -21.24 45.77 10.73
C SER D 630 -22.26 46.20 11.78
N ALA D 631 -22.95 47.30 11.51
CA ALA D 631 -23.97 47.82 12.41
C ALA D 631 -25.37 47.38 12.04
N GLY D 632 -25.54 46.62 10.97
CA GLY D 632 -26.85 46.19 10.53
C GLY D 632 -27.56 47.17 9.61
N PHE D 633 -26.98 48.33 9.35
CA PHE D 633 -27.55 49.30 8.43
C PHE D 633 -26.42 50.01 7.71
N LYS D 634 -26.74 50.54 6.53
CA LYS D 634 -25.75 51.26 5.74
C LYS D 634 -25.41 52.60 6.39
N PRO D 635 -24.17 53.06 6.27
CA PRO D 635 -23.87 54.44 6.65
C PRO D 635 -24.71 55.38 5.79
N THR D 636 -25.38 56.32 6.45
CA THR D 636 -26.43 57.11 5.82
C THR D 636 -26.16 58.59 6.04
N LEU D 637 -26.21 59.35 4.94
CA LEU D 637 -25.97 60.79 4.96
C LEU D 637 -27.27 61.50 4.58
N LEU D 638 -27.63 62.49 5.38
CA LEU D 638 -28.80 63.32 5.11
C LEU D 638 -28.34 64.71 4.70
N GLU D 639 -28.84 65.19 3.56
CA GLU D 639 -28.56 66.54 3.10
C GLU D 639 -29.64 67.48 3.64
N ALA D 640 -29.21 68.63 4.14
CA ALA D 640 -30.16 69.58 4.71
C ALA D 640 -30.68 70.58 3.70
N SER D 641 -29.89 70.91 2.68
CA SER D 641 -30.33 71.86 1.68
C SER D 641 -31.42 71.26 0.80
N TYR D 642 -32.48 72.03 0.56
CA TYR D 642 -33.57 71.54 -0.27
C TYR D 642 -33.16 71.47 -1.74
N LYS D 643 -32.35 72.44 -2.19
CA LYS D 643 -31.92 72.52 -3.58
C LYS D 643 -30.41 72.64 -3.65
N PRO D 644 -29.76 72.00 -4.64
CA PRO D 644 -30.36 71.11 -5.63
C PRO D 644 -30.67 69.75 -5.04
N ARG D 645 -31.38 68.91 -5.80
CA ARG D 645 -31.81 67.61 -5.28
C ARG D 645 -30.62 66.75 -4.89
N VAL D 646 -29.59 66.72 -5.73
CA VAL D 646 -28.37 65.96 -5.47
C VAL D 646 -27.22 66.94 -5.32
N THR D 647 -26.65 67.00 -4.13
CA THR D 647 -25.59 67.92 -3.79
C THR D 647 -24.22 67.28 -3.99
N PRO D 648 -23.16 68.08 -4.08
CA PRO D 648 -21.81 67.49 -4.22
C PRO D 648 -21.47 66.48 -3.15
N ILE D 649 -21.81 66.74 -1.89
CA ILE D 649 -21.47 65.79 -0.83
C ILE D 649 -22.31 64.52 -0.97
N MET D 650 -23.51 64.63 -1.53
CA MET D 650 -24.33 63.45 -1.77
C MET D 650 -23.72 62.57 -2.86
N LYS D 651 -23.33 63.20 -3.98
CA LYS D 651 -22.75 62.46 -5.09
C LYS D 651 -21.44 61.80 -4.68
N LEU D 652 -20.64 62.49 -3.86
CA LEU D 652 -19.38 61.91 -3.40
C LEU D 652 -19.62 60.76 -2.44
N ALA D 653 -20.59 60.92 -1.52
CA ALA D 653 -20.82 59.90 -0.51
C ALA D 653 -21.40 58.63 -1.12
N GLU D 654 -22.34 58.78 -2.06
CA GLU D 654 -23.04 57.61 -2.57
C GLU D 654 -22.25 56.89 -3.66
N GLU D 655 -21.61 57.63 -4.56
CA GLU D 655 -20.96 56.98 -5.69
C GLU D 655 -19.57 56.47 -5.34
N GLN D 656 -18.82 57.23 -4.53
CA GLN D 656 -17.45 56.85 -4.22
C GLN D 656 -17.34 55.99 -2.98
N TYR D 657 -18.27 56.12 -2.03
CA TYR D 657 -18.18 55.38 -0.77
C TYR D 657 -19.45 54.60 -0.45
N LYS D 658 -20.38 54.50 -1.39
CA LYS D 658 -21.54 53.62 -1.30
C LYS D 658 -22.37 53.87 -0.04
N TRP D 659 -22.42 55.12 0.41
CA TRP D 659 -23.32 55.48 1.49
C TRP D 659 -24.76 55.54 0.98
N LYS D 660 -25.71 55.38 1.89
CA LYS D 660 -27.10 55.70 1.60
C LYS D 660 -27.30 57.20 1.77
N VAL D 661 -28.04 57.82 0.85
CA VAL D 661 -28.08 59.26 0.70
C VAL D 661 -29.54 59.72 0.72
N ILE D 662 -29.79 60.81 1.45
CA ILE D 662 -31.14 61.33 1.63
C ILE D 662 -31.18 62.78 1.15
N PRO D 663 -32.01 63.11 0.17
CA PRO D 663 -32.12 64.51 -0.27
C PRO D 663 -32.84 65.38 0.75
N GLY D 664 -32.53 66.68 0.70
CA GLY D 664 -33.07 67.61 1.69
C GLY D 664 -34.58 67.70 1.69
N VAL D 665 -35.21 67.39 0.56
CA VAL D 665 -36.67 67.48 0.47
C VAL D 665 -37.33 66.48 1.42
N GLU D 666 -36.65 65.39 1.73
CA GLU D 666 -37.21 64.44 2.69
C GLU D 666 -37.28 65.05 4.08
N MET D 667 -36.24 65.78 4.47
CA MET D 667 -36.26 66.48 5.75
C MET D 667 -37.44 67.43 5.86
N LEU D 668 -37.78 68.11 4.76
CA LEU D 668 -38.89 69.06 4.79
C LEU D 668 -40.22 68.36 5.01
N VAL D 669 -40.44 67.21 4.37
CA VAL D 669 -41.69 66.48 4.55
C VAL D 669 -41.81 66.00 5.98
N ASN D 670 -40.71 65.55 6.57
CA ASN D 670 -40.78 64.96 7.90
C ASN D 670 -40.90 66.02 9.01
N GLN D 671 -40.41 67.25 8.79
CA GLN D 671 -40.76 68.34 9.70
C GLN D 671 -42.24 68.68 9.63
N GLY D 672 -42.80 68.75 8.42
CA GLY D 672 -44.21 69.06 8.28
C GLY D 672 -45.11 67.93 8.78
N ASP D 673 -44.67 66.69 8.63
CA ASP D 673 -45.40 65.55 9.17
C ASP D 673 -45.64 65.72 10.67
N ARG D 674 -44.57 65.98 11.42
CA ARG D 674 -44.71 66.19 12.86
C ARG D 674 -45.49 67.45 13.17
N GLN D 675 -45.32 68.50 12.35
CA GLN D 675 -46.08 69.73 12.52
C GLN D 675 -47.58 69.48 12.32
N PHE D 676 -47.93 68.64 11.35
CA PHE D 676 -49.34 68.33 11.12
C PHE D 676 -49.97 67.67 12.34
N LYS D 677 -49.24 66.77 13.01
CA LYS D 677 -49.77 66.11 14.19
C LYS D 677 -49.98 67.11 15.33
N LEU D 678 -48.99 67.98 15.56
CA LEU D 678 -49.15 68.99 16.61
C LEU D 678 -50.26 69.98 16.30
N HIS D 679 -50.48 70.29 15.03
CA HIS D 679 -51.50 71.28 14.68
C HIS D 679 -52.90 70.69 14.83
N THR D 680 -53.11 69.46 14.34
CA THR D 680 -54.45 68.91 14.21
C THR D 680 -54.73 67.76 15.15
N GLY D 681 -53.71 67.13 15.74
CA GLY D 681 -53.92 65.95 16.53
C GLY D 681 -54.04 64.67 15.74
N PHE D 682 -54.06 64.74 14.41
CA PHE D 682 -54.17 63.57 13.56
C PHE D 682 -52.81 63.17 12.99
N ILE D 683 -52.62 61.88 12.75
CA ILE D 683 -51.50 61.40 11.96
C ILE D 683 -51.71 61.80 10.50
N ALA D 684 -50.71 62.44 9.90
CA ALA D 684 -50.85 62.87 8.51
C ALA D 684 -50.86 61.67 7.57
N PRO D 685 -51.69 61.68 6.52
CA PRO D 685 -51.59 60.65 5.48
C PRO D 685 -50.31 60.85 4.70
N TYR D 686 -49.30 60.02 4.99
CA TYR D 686 -47.93 60.37 4.62
C TYR D 686 -47.74 60.42 3.10
N GLU D 687 -48.22 59.39 2.39
CA GLU D 687 -48.03 59.36 0.94
C GLU D 687 -48.66 60.58 0.28
N ILE D 688 -49.77 61.08 0.84
CA ILE D 688 -50.45 62.24 0.27
C ILE D 688 -49.69 63.53 0.56
N ILE D 689 -49.22 63.72 1.80
CA ILE D 689 -48.51 64.96 2.11
C ILE D 689 -47.11 64.95 1.52
N HIS D 690 -46.48 63.78 1.41
CA HIS D 690 -45.20 63.70 0.71
C HIS D 690 -45.35 64.15 -0.73
N ARG D 691 -46.40 63.67 -1.40
CA ARG D 691 -46.64 64.05 -2.78
C ARG D 691 -46.89 65.55 -2.92
N ALA D 692 -47.65 66.13 -1.98
CA ALA D 692 -48.05 67.52 -2.09
C ALA D 692 -46.85 68.45 -1.95
N LEU D 693 -45.90 68.12 -1.07
CA LEU D 693 -44.74 68.98 -0.91
C LEU D 693 -43.84 68.94 -2.14
N LEU D 694 -43.60 67.74 -2.69
CA LEU D 694 -42.71 67.60 -3.83
C LEU D 694 -43.29 68.17 -5.11
N GLU D 695 -44.62 68.35 -5.17
CA GLU D 695 -45.29 68.73 -6.40
C GLU D 695 -45.07 70.21 -6.72
N GLU D 696 -44.93 70.51 -8.01
CA GLU D 696 -44.82 71.88 -8.47
C GLU D 696 -45.91 72.23 -9.50
#